data_6VYV
#
_entry.id   6VYV
#
_cell.length_a   1.00
_cell.length_b   1.00
_cell.length_c   1.00
_cell.angle_alpha   90.00
_cell.angle_beta   90.00
_cell.angle_gamma   90.00
#
_symmetry.space_group_name_H-M   'P 1'
#
loop_
_entity.id
_entity.type
_entity.pdbx_description
1 polymer 'E1 glycoprotein'
2 polymer 'E2 glycoprotein'
3 polymer 'Fab CHK-265 heavy chain'
4 polymer 'Fab CHK-265 light chain'
#
loop_
_entity_poly.entity_id
_entity_poly.type
_entity_poly.pdbx_seq_one_letter_code
_entity_poly.pdbx_strand_id
1 'polypeptide(L)'
;YEHTATIPNVVGFPYKAHIERNGFSPMTLQLEVVETSWEPTLNLEYITCEYKTVVPSPFIKCCGTSECSSKEQPDYQCKV
YTGVYPFMWGGAYCFCDSENTQLSEAYVDRSDVCKHDHASAYKAHTASLKATIRISYGTINQTTEAFVNGEHAVNVGGSK
FIFGPISTAWSPFDNKIVVYKDDVYNQDFPPYGSGQPGRFGDIQSRTVESKDLYANTALKLSRPSPGVVHVPYTPTPSGF
KYWLKEKGSSLNTKAPFGCKIKTNPVRAMDCAVGSIPVSMDIPDSAFTRVVDAPAVTDLSCQVVVCTHSSDFGGVATLSY
KTDKPGKCAVHSHSNVATLQEATVDVKEDGKVTVHFSTASASPAFKVSVCDAKTTCTAACEPPKDHIVPYGAS
;
A,B,C,D
2 'polypeptide(L)'
;SVTEHFNVYKATRPYLAYCADCGDGYFCYSPVAIEKIRDEAPDGMLKIQVSAQIGLDKAGTHAHTKIRYMAGHDVQESKR
DSLRVYTSAACSIHGTMGHFIVAHCPPGDYLKVSFEDADSHVKACKVQYKHDPLPVGREKFVVRPHFGVELPCTSYQLTT
APTDEEIDMHTPPDIPDRTLLSQTAGNVKITAGGRTIRYNCTCGRDNVGTTSTDKTINTCKIDQCHAAVTSHDKWQFTSP
FVPRADQTARRGKVHVPFPLTNVTCRVPLARAPDVTYGKKEVTLRLHPDHPTLFSYRSLGAEPHPYEEWVDKFSERIIPV
TEEGIEYQWGNNPPVRLWAQL
;
E,F,G,H
3 'polypeptide(L)'
;QIQLVQSGREVKNPGETVKISCKASGYTFTEYPMLWVKQAPGKGFRWMGLIYTNTGEPTYAEEFKGRFVFSLEISASTAY
LQINNLTNEDTATYFCVRDYFISLDYWGQGTTLTVSSAKTTAPSVYPLAPVCGGTTGSSVTLGCLVKGYFPEPVTLTWNS
GSLSSGVHTFPALLQSGLYTLSSSVTVTSNTWPSQTITCNVAHPASSTKVDKKIESRR
;
I,J,K,L
4 'polypeptide(L)'
;QAVVTQESALTTSPGETVTLTCRSNIGAVTSSNCANWVQEKPDHFFTGLIGDTNNRRSGVPARFSGSLIGDKAALTITGA
QTEDEAIYFCALWYNNLWVFGGGTKLTVLGQPKSSPSVTLFPPSSEELETNKATLVCTITDFYPGVVTVDWKVDGTPVTQ
GMETTQPSKQSNNKYMASSYLTLTARAWERHSSYSCQVTHEGHTVEKSLSR
;
M,N,O,P
#
# COMPACT_ATOMS: atom_id res chain seq x y z
N TYR A 1 50.17 -31.43 -75.81
CA TYR A 1 50.29 -30.10 -75.24
C TYR A 1 49.25 -29.81 -74.16
N GLU A 2 47.99 -29.61 -74.56
CA GLU A 2 46.93 -29.15 -73.67
C GLU A 2 46.12 -30.33 -73.16
N HIS A 3 46.27 -30.64 -71.87
CA HIS A 3 45.46 -31.67 -71.24
C HIS A 3 44.25 -31.03 -70.57
N THR A 4 43.07 -31.22 -71.16
CA THR A 4 41.86 -30.67 -70.59
C THR A 4 41.14 -31.81 -69.89
N ALA A 5 40.88 -31.66 -68.58
CA ALA A 5 40.21 -32.70 -67.83
C ALA A 5 39.25 -32.09 -66.81
N THR A 6 38.72 -32.95 -65.94
CA THR A 6 37.87 -32.53 -64.83
C THR A 6 38.60 -32.75 -63.53
N ILE A 7 37.89 -32.56 -62.42
CA ILE A 7 38.42 -32.82 -61.09
C ILE A 7 37.26 -32.68 -60.10
N PRO A 8 37.46 -32.99 -58.83
CA PRO A 8 36.35 -32.93 -57.88
C PRO A 8 36.07 -31.51 -57.42
N ASN A 9 34.98 -31.36 -56.67
CA ASN A 9 34.67 -30.08 -56.05
C ASN A 9 34.79 -30.12 -54.54
N VAL A 10 35.03 -31.30 -53.96
CA VAL A 10 35.45 -31.36 -52.58
C VAL A 10 36.95 -31.14 -52.56
N VAL A 11 37.49 -30.84 -51.38
CA VAL A 11 38.94 -30.72 -51.25
C VAL A 11 39.56 -32.11 -51.22
N GLY A 12 40.88 -32.17 -51.39
CA GLY A 12 41.62 -33.35 -50.98
C GLY A 12 41.79 -34.45 -52.01
N PHE A 13 41.10 -34.40 -53.14
CA PHE A 13 41.27 -35.46 -54.10
C PHE A 13 42.35 -35.00 -55.06
N PRO A 14 43.62 -35.27 -54.78
CA PRO A 14 44.68 -34.78 -55.66
C PRO A 14 44.76 -35.60 -56.92
N TYR A 15 44.19 -35.06 -58.00
CA TYR A 15 44.15 -35.75 -59.28
C TYR A 15 45.55 -35.84 -59.86
N LYS A 16 45.84 -36.98 -60.47
CA LYS A 16 47.14 -37.24 -61.04
C LYS A 16 46.92 -38.03 -62.32
N ALA A 17 47.14 -37.41 -63.47
CA ALA A 17 47.00 -38.06 -64.75
C ALA A 17 48.30 -37.85 -65.51
N HIS A 18 48.77 -38.89 -66.18
CA HIS A 18 49.96 -38.75 -66.99
C HIS A 18 49.54 -38.19 -68.34
N ILE A 19 49.91 -36.94 -68.57
CA ILE A 19 49.79 -36.29 -69.86
C ILE A 19 51.09 -36.65 -70.56
N GLU A 20 51.00 -37.46 -71.61
CA GLU A 20 52.17 -37.78 -72.40
C GLU A 20 51.89 -37.44 -73.86
N ARG A 21 52.94 -37.42 -74.68
CA ARG A 21 52.76 -37.06 -76.07
C ARG A 21 52.66 -38.36 -76.87
N ASN A 22 52.24 -38.26 -78.13
CA ASN A 22 52.16 -39.43 -78.98
C ASN A 22 53.57 -39.85 -79.39
N GLY A 23 54.20 -40.64 -78.51
CA GLY A 23 55.63 -40.88 -78.53
C GLY A 23 56.44 -39.98 -77.61
N PHE A 24 55.89 -38.84 -77.20
CA PHE A 24 56.55 -37.99 -76.20
C PHE A 24 56.26 -38.57 -74.83
N SER A 25 57.34 -38.77 -74.02
CA SER A 25 57.36 -39.61 -72.82
C SER A 25 56.43 -39.07 -71.74
N PRO A 26 55.76 -39.97 -70.99
CA PRO A 26 54.61 -39.56 -70.17
C PRO A 26 55.00 -38.81 -68.91
N MET A 27 54.34 -37.68 -68.68
CA MET A 27 54.63 -36.88 -67.50
C MET A 27 53.40 -36.80 -66.61
N THR A 28 53.55 -37.08 -65.34
CA THR A 28 52.40 -37.16 -64.45
C THR A 28 52.12 -35.79 -63.87
N LEU A 29 51.06 -35.13 -64.35
CA LEU A 29 50.63 -33.86 -63.82
C LEU A 29 49.45 -34.12 -62.90
N GLN A 30 49.39 -33.39 -61.78
CA GLN A 30 48.30 -33.57 -60.84
C GLN A 30 48.10 -32.29 -60.03
N LEU A 31 46.97 -32.21 -59.34
CA LEU A 31 46.69 -31.08 -58.47
C LEU A 31 45.52 -31.43 -57.57
N GLU A 32 45.51 -30.82 -56.39
CA GLU A 32 44.40 -30.89 -55.45
C GLU A 32 43.95 -29.47 -55.20
N VAL A 33 42.72 -29.32 -54.69
CA VAL A 33 42.13 -28.01 -54.50
C VAL A 33 42.52 -27.48 -53.13
N VAL A 34 42.52 -26.16 -52.97
CA VAL A 34 42.65 -25.53 -51.66
C VAL A 34 41.74 -24.31 -51.66
N GLU A 35 41.32 -23.90 -50.45
CA GLU A 35 40.05 -23.26 -50.08
C GLU A 35 39.42 -22.29 -51.07
N THR A 36 38.15 -22.49 -51.39
CA THR A 36 37.54 -22.09 -52.65
C THR A 36 36.34 -21.16 -52.57
N SER A 37 36.45 -20.06 -51.78
CA SER A 37 35.38 -19.11 -51.46
C SER A 37 34.56 -18.54 -52.63
N TRP A 38 33.27 -18.87 -52.64
CA TRP A 38 32.41 -18.67 -53.79
C TRP A 38 31.96 -17.24 -53.92
N GLU A 39 32.03 -16.48 -52.82
CA GLU A 39 31.99 -15.03 -52.73
C GLU A 39 30.83 -14.34 -53.41
N PRO A 40 29.62 -14.43 -52.85
CA PRO A 40 28.48 -13.74 -53.48
C PRO A 40 28.58 -12.23 -53.29
N THR A 41 28.89 -11.55 -54.39
CA THR A 41 28.96 -10.09 -54.40
C THR A 41 27.55 -9.56 -54.62
N LEU A 42 26.83 -9.28 -53.54
CA LEU A 42 25.42 -8.94 -53.66
C LEU A 42 25.16 -7.47 -53.39
N ASN A 43 23.95 -7.03 -53.70
CA ASN A 43 23.62 -5.61 -53.74
C ASN A 43 22.85 -5.28 -52.48
N LEU A 44 23.49 -4.57 -51.55
CA LEU A 44 22.98 -4.38 -50.20
C LEU A 44 21.92 -3.30 -50.11
N GLU A 45 20.80 -3.62 -49.49
CA GLU A 45 19.83 -2.65 -49.01
C GLU A 45 20.13 -2.36 -47.55
N TYR A 46 19.13 -1.75 -46.88
CA TYR A 46 19.18 -1.06 -45.60
C TYR A 46 20.00 -1.65 -44.47
N ILE A 47 20.84 -0.81 -43.86
CA ILE A 47 21.84 -1.32 -42.93
C ILE A 47 21.67 -0.72 -41.54
N THR A 48 20.44 -0.42 -41.14
CA THR A 48 20.26 0.19 -39.83
C THR A 48 19.93 -0.82 -38.75
N CYS A 49 20.47 -0.60 -37.55
CA CYS A 49 19.95 -1.23 -36.36
C CYS A 49 18.71 -0.45 -35.95
N GLU A 50 17.83 -1.10 -35.18
CA GLU A 50 16.65 -0.42 -34.68
C GLU A 50 17.05 0.51 -33.55
N TYR A 51 16.98 1.81 -33.81
CA TYR A 51 17.70 2.79 -33.00
C TYR A 51 16.88 3.25 -31.80
N LYS A 52 17.26 4.42 -31.27
CA LYS A 52 16.63 4.94 -30.05
C LYS A 52 15.69 6.11 -30.44
N THR A 53 14.65 6.31 -29.65
CA THR A 53 13.66 7.33 -29.96
C THR A 53 14.10 8.67 -29.38
N VAL A 54 14.57 9.59 -30.24
CA VAL A 54 14.86 10.95 -29.81
C VAL A 54 13.54 11.69 -29.67
N VAL A 55 13.05 11.77 -28.44
CA VAL A 55 11.70 12.24 -28.19
C VAL A 55 11.76 13.59 -27.49
N PRO A 56 10.91 14.54 -27.87
CA PRO A 56 10.86 15.82 -27.16
C PRO A 56 9.81 15.80 -26.07
N SER A 57 10.18 16.41 -24.94
CA SER A 57 9.37 16.37 -23.74
C SER A 57 8.19 17.32 -23.88
N PRO A 58 7.11 17.11 -23.14
CA PRO A 58 5.88 17.87 -23.40
C PRO A 58 5.97 19.28 -22.85
N PHE A 59 5.98 20.24 -23.75
CA PHE A 59 5.66 21.62 -23.42
C PHE A 59 4.22 21.59 -22.97
N ILE A 60 4.03 21.67 -21.67
CA ILE A 60 2.75 22.05 -21.08
C ILE A 60 2.80 23.56 -20.95
N LYS A 61 2.41 24.23 -22.02
CA LYS A 61 2.19 25.67 -21.98
C LYS A 61 0.94 25.93 -21.16
N CYS A 62 1.14 26.40 -19.93
CA CYS A 62 0.03 26.70 -19.04
C CYS A 62 -0.17 28.21 -19.03
N CYS A 63 -1.45 28.61 -19.06
CA CYS A 63 -1.79 29.98 -19.37
C CYS A 63 -1.37 30.33 -20.80
N GLY A 64 -1.95 29.66 -21.78
CA GLY A 64 -1.62 29.94 -23.16
C GLY A 64 -2.10 28.81 -24.03
N THR A 65 -1.78 28.94 -25.31
CA THR A 65 -1.99 27.83 -26.23
C THR A 65 -0.65 27.17 -26.53
N SER A 66 -0.68 26.05 -27.22
CA SER A 66 0.55 25.35 -27.60
C SER A 66 0.55 25.13 -29.10
N GLU A 67 1.72 25.28 -29.72
CA GLU A 67 1.84 25.20 -31.17
C GLU A 67 2.90 24.15 -31.51
N CYS A 68 2.47 22.91 -31.71
CA CYS A 68 3.36 21.88 -32.20
C CYS A 68 3.70 22.14 -33.65
N SER A 69 4.86 21.66 -34.09
CA SER A 69 5.37 21.91 -35.43
C SER A 69 5.64 20.60 -36.15
N SER A 70 6.21 20.72 -37.35
CA SER A 70 6.50 19.56 -38.17
C SER A 70 7.62 18.74 -37.54
N LYS A 71 7.59 17.44 -37.79
CA LYS A 71 8.45 16.54 -37.05
C LYS A 71 9.89 16.53 -37.55
N GLU A 72 10.11 16.29 -38.85
CA GLU A 72 11.46 16.21 -39.41
C GLU A 72 12.22 14.98 -38.91
N GLN A 73 11.47 13.98 -38.47
CA GLN A 73 11.97 12.74 -37.94
C GLN A 73 11.15 11.60 -38.51
N PRO A 74 11.76 10.43 -38.71
CA PRO A 74 11.00 9.28 -39.23
C PRO A 74 10.07 8.66 -38.21
N ASP A 75 10.22 9.01 -36.93
CA ASP A 75 9.26 8.70 -35.90
C ASP A 75 8.69 10.00 -35.39
N TYR A 76 8.40 10.91 -36.33
CA TYR A 76 7.92 12.24 -35.98
C TYR A 76 6.49 12.18 -35.46
N GLN A 77 6.37 12.22 -34.15
CA GLN A 77 5.07 12.08 -33.51
C GLN A 77 4.88 13.24 -32.55
N CYS A 78 3.85 14.04 -32.80
CA CYS A 78 3.60 15.24 -32.01
C CYS A 78 2.34 15.03 -31.20
N LYS A 79 2.50 14.73 -29.92
CA LYS A 79 1.37 14.49 -29.04
C LYS A 79 0.95 15.81 -28.42
N VAL A 80 -0.19 16.31 -28.87
CA VAL A 80 -0.83 17.44 -28.20
C VAL A 80 -1.89 16.89 -27.26
N TYR A 81 -1.91 17.40 -26.03
CA TYR A 81 -2.94 17.05 -25.07
C TYR A 81 -3.33 18.34 -24.35
N THR A 82 -4.32 19.04 -24.89
CA THR A 82 -4.82 20.29 -24.31
C THR A 82 -5.49 20.04 -22.98
N GLY A 83 -5.55 21.07 -22.15
CA GLY A 83 -6.11 20.92 -20.82
C GLY A 83 -5.11 20.28 -19.89
N VAL A 84 -3.83 20.44 -20.21
CA VAL A 84 -2.74 19.85 -19.44
C VAL A 84 -2.37 20.80 -18.32
N TYR A 85 -2.88 20.52 -17.12
CA TYR A 85 -2.49 21.25 -15.90
C TYR A 85 -1.62 20.36 -15.03
N PRO A 86 -0.34 20.20 -15.38
CA PRO A 86 0.51 19.23 -14.66
C PRO A 86 1.03 19.83 -13.38
N PHE A 87 0.17 19.91 -12.38
CA PHE A 87 0.54 20.34 -11.05
C PHE A 87 1.38 19.27 -10.41
N MET A 88 2.68 19.31 -10.69
CA MET A 88 3.65 18.36 -10.20
C MET A 88 4.07 18.70 -8.76
N TRP A 89 5.18 18.10 -8.35
CA TRP A 89 5.63 18.19 -6.95
C TRP A 89 6.31 19.51 -6.61
N GLY A 90 6.32 20.47 -7.54
CA GLY A 90 6.47 21.87 -7.23
C GLY A 90 5.40 22.72 -7.89
N GLY A 91 4.75 22.16 -8.90
CA GLY A 91 3.64 22.88 -9.51
C GLY A 91 3.88 23.45 -10.90
N ALA A 92 2.84 23.43 -11.74
CA ALA A 92 2.87 24.11 -13.03
C ALA A 92 2.72 25.61 -12.75
N TYR A 93 3.23 26.41 -13.68
CA TYR A 93 3.20 27.86 -13.56
C TYR A 93 1.78 28.41 -13.69
N CYS A 94 1.02 27.92 -14.67
CA CYS A 94 -0.41 28.16 -14.74
C CYS A 94 -1.07 26.98 -14.06
N PHE A 95 -1.65 27.21 -12.87
CA PHE A 95 -2.28 26.14 -12.12
C PHE A 95 -3.55 25.66 -12.81
N CYS A 96 -4.44 26.57 -13.16
CA CYS A 96 -5.52 26.21 -14.06
C CYS A 96 -4.98 26.10 -15.48
N ASP A 97 -4.51 24.89 -15.82
CA ASP A 97 -3.94 24.61 -17.13
C ASP A 97 -4.98 24.11 -18.11
N SER A 98 -6.24 24.51 -17.92
CA SER A 98 -7.31 24.23 -18.88
C SER A 98 -7.07 24.93 -20.21
N GLU A 99 -6.62 26.18 -20.16
CA GLU A 99 -5.91 26.80 -21.27
C GLU A 99 -4.41 26.58 -21.07
N ASN A 100 -4.02 25.30 -21.15
CA ASN A 100 -2.64 24.85 -21.08
C ASN A 100 -2.56 23.49 -21.76
N THR A 101 -1.65 23.36 -22.71
CA THR A 101 -1.57 22.14 -23.49
C THR A 101 -0.27 21.44 -23.16
N GLN A 102 -0.28 20.12 -23.19
CA GLN A 102 0.91 19.28 -23.05
C GLN A 102 1.17 18.63 -24.41
N LEU A 103 2.00 19.26 -25.22
CA LEU A 103 2.29 18.75 -26.54
C LEU A 103 3.79 18.55 -26.68
N SER A 104 4.20 17.74 -27.64
CA SER A 104 5.61 17.50 -27.90
C SER A 104 5.79 16.66 -29.14
N GLU A 105 6.73 17.04 -29.98
CA GLU A 105 7.11 16.28 -31.16
C GLU A 105 8.12 15.23 -30.74
N ALA A 106 8.37 14.28 -31.63
CA ALA A 106 9.35 13.22 -31.39
C ALA A 106 9.84 12.68 -32.72
N TYR A 107 10.94 11.93 -32.65
CA TYR A 107 11.61 11.39 -33.82
C TYR A 107 12.47 10.18 -33.42
N VAL A 108 12.04 9.01 -33.83
CA VAL A 108 12.82 7.80 -33.60
C VAL A 108 14.00 7.79 -34.55
N ASP A 109 15.21 7.79 -33.98
CA ASP A 109 16.44 7.87 -34.76
C ASP A 109 17.19 6.55 -34.68
N ARG A 110 18.21 6.44 -35.52
CA ARG A 110 18.99 5.21 -35.63
C ARG A 110 19.95 5.06 -34.47
N SER A 111 20.62 3.92 -34.41
CA SER A 111 21.69 3.73 -33.46
C SER A 111 22.90 4.54 -33.91
N ASP A 112 23.52 5.24 -32.96
CA ASP A 112 24.88 5.71 -33.15
C ASP A 112 25.89 4.55 -33.12
N VAL A 113 25.51 3.42 -32.51
CA VAL A 113 26.37 2.26 -32.46
C VAL A 113 26.03 1.29 -33.57
N CYS A 114 25.50 1.79 -34.69
CA CYS A 114 25.18 0.94 -35.83
C CYS A 114 26.39 0.59 -36.70
N LYS A 115 27.60 0.97 -36.25
CA LYS A 115 28.86 0.43 -36.76
C LYS A 115 29.16 -0.99 -36.26
N HIS A 116 28.23 -1.62 -35.56
CA HIS A 116 28.15 -3.07 -35.40
C HIS A 116 26.72 -3.51 -35.67
N ASP A 117 25.79 -2.56 -35.59
CA ASP A 117 24.36 -2.84 -35.77
C ASP A 117 24.02 -2.53 -37.22
N HIS A 118 24.16 -3.51 -38.09
CA HIS A 118 23.91 -3.25 -39.50
C HIS A 118 23.92 -4.58 -40.24
N ALA A 119 23.30 -4.58 -41.41
CA ALA A 119 23.23 -5.75 -42.27
C ALA A 119 23.14 -5.27 -43.71
N SER A 120 23.97 -5.85 -44.57
CA SER A 120 23.82 -5.65 -45.99
C SER A 120 22.58 -6.39 -46.47
N ALA A 121 21.69 -5.68 -47.13
CA ALA A 121 20.45 -6.28 -47.60
C ALA A 121 20.71 -6.87 -48.97
N TYR A 122 21.48 -7.96 -49.02
CA TYR A 122 22.07 -8.41 -50.28
C TYR A 122 21.03 -9.09 -51.16
N LYS A 123 20.65 -8.39 -52.22
CA LYS A 123 20.02 -9.03 -53.35
C LYS A 123 21.09 -9.79 -54.12
N ALA A 124 20.66 -10.86 -54.78
CA ALA A 124 21.57 -11.91 -55.26
C ALA A 124 22.34 -11.46 -56.48
N HIS A 125 23.58 -11.05 -56.25
CA HIS A 125 24.50 -10.76 -57.34
C HIS A 125 25.24 -12.04 -57.70
N THR A 126 26.31 -11.92 -58.48
CA THR A 126 27.04 -13.10 -58.92
C THR A 126 27.97 -13.61 -57.82
N ALA A 127 28.73 -14.65 -58.15
CA ALA A 127 29.74 -15.19 -57.26
C ALA A 127 30.75 -15.99 -58.07
N SER A 128 31.82 -16.46 -57.43
CA SER A 128 32.82 -17.27 -58.10
C SER A 128 33.79 -17.85 -57.09
N LEU A 129 34.24 -19.09 -57.33
CA LEU A 129 35.02 -19.87 -56.38
C LEU A 129 36.41 -19.28 -56.17
N LYS A 130 37.07 -19.70 -55.09
CA LYS A 130 38.38 -19.14 -54.73
C LYS A 130 39.36 -20.31 -54.65
N ALA A 131 40.25 -20.38 -55.64
CA ALA A 131 41.12 -21.53 -55.81
C ALA A 131 42.52 -21.23 -55.31
N THR A 132 43.09 -22.18 -54.59
CA THR A 132 44.51 -22.28 -54.27
C THR A 132 44.91 -23.66 -54.77
N ILE A 133 45.42 -23.71 -55.99
CA ILE A 133 45.68 -24.98 -56.66
C ILE A 133 46.98 -25.54 -56.11
N ARG A 134 46.86 -26.57 -55.29
CA ARG A 134 48.03 -27.30 -54.85
C ARG A 134 48.39 -28.29 -55.94
N ILE A 135 49.14 -27.83 -56.92
CA ILE A 135 49.55 -28.63 -58.07
C ILE A 135 50.90 -29.26 -57.80
N SER A 136 51.04 -30.49 -58.29
CA SER A 136 52.31 -31.17 -58.44
C SER A 136 52.39 -31.45 -59.92
N TYR A 137 53.03 -30.55 -60.65
CA TYR A 137 53.24 -30.69 -62.08
C TYR A 137 54.66 -31.17 -62.26
N GLY A 138 54.80 -32.47 -62.52
CA GLY A 138 56.09 -33.11 -62.42
C GLY A 138 56.52 -33.08 -60.98
N THR A 139 57.50 -32.23 -60.68
CA THR A 139 57.87 -31.97 -59.30
C THR A 139 57.77 -30.49 -58.98
N ILE A 140 57.27 -29.67 -59.89
CA ILE A 140 56.87 -28.33 -59.51
C ILE A 140 55.62 -28.41 -58.64
N ASN A 141 55.82 -28.21 -57.34
CA ASN A 141 54.73 -28.37 -56.39
C ASN A 141 54.47 -27.02 -55.74
N GLN A 142 53.37 -26.39 -56.13
CA GLN A 142 53.04 -25.06 -55.64
C GLN A 142 51.55 -24.97 -55.41
N THR A 143 51.13 -23.83 -54.91
CA THR A 143 49.70 -23.51 -54.77
C THR A 143 49.47 -22.17 -55.44
N THR A 144 48.41 -22.08 -56.24
CA THR A 144 48.19 -20.92 -57.11
C THR A 144 46.81 -20.34 -56.86
N GLU A 145 46.74 -19.02 -56.68
CA GLU A 145 45.48 -18.33 -56.42
C GLU A 145 44.72 -18.16 -57.74
N ALA A 146 43.39 -18.17 -57.66
CA ALA A 146 42.55 -17.93 -58.82
C ALA A 146 41.11 -17.68 -58.43
N PHE A 147 40.34 -17.06 -59.33
CA PHE A 147 38.89 -17.07 -59.23
C PHE A 147 38.35 -18.31 -59.92
N VAL A 148 37.27 -18.88 -59.37
CA VAL A 148 36.97 -20.29 -59.64
C VAL A 148 35.99 -20.46 -60.80
N ASN A 149 35.84 -19.45 -61.63
CA ASN A 149 34.99 -19.60 -62.80
C ASN A 149 35.79 -20.19 -63.94
N GLY A 150 35.09 -20.56 -65.01
CA GLY A 150 35.72 -21.00 -66.23
C GLY A 150 36.07 -19.87 -67.17
N GLU A 151 36.64 -18.79 -66.64
CA GLU A 151 37.10 -17.69 -67.47
C GLU A 151 38.49 -17.20 -67.11
N HIS A 152 39.05 -17.61 -65.99
CA HIS A 152 40.40 -17.18 -65.63
C HIS A 152 41.42 -17.95 -66.46
N ALA A 153 42.64 -17.40 -66.51
CA ALA A 153 43.73 -18.09 -67.21
C ALA A 153 44.69 -18.58 -66.12
N VAL A 154 44.77 -19.89 -65.95
CA VAL A 154 45.41 -20.40 -64.75
C VAL A 154 46.91 -20.51 -64.98
N ASN A 155 47.60 -19.37 -64.95
CA ASN A 155 49.03 -19.35 -65.23
C ASN A 155 49.77 -19.57 -63.92
N VAL A 156 50.50 -20.66 -63.82
CA VAL A 156 51.34 -20.92 -62.67
C VAL A 156 52.64 -21.53 -63.18
N GLY A 157 53.69 -20.71 -63.26
CA GLY A 157 55.07 -21.11 -63.47
C GLY A 157 55.36 -21.92 -64.70
N GLY A 158 54.59 -21.74 -65.76
CA GLY A 158 54.80 -22.55 -66.94
C GLY A 158 53.61 -23.42 -67.25
N SER A 159 52.65 -23.46 -66.33
CA SER A 159 51.52 -24.35 -66.52
C SER A 159 50.23 -23.57 -66.38
N LYS A 160 49.49 -23.48 -67.49
CA LYS A 160 48.27 -22.70 -67.53
C LYS A 160 47.07 -23.63 -67.49
N PHE A 161 46.55 -23.84 -66.30
CA PHE A 161 45.26 -24.46 -66.08
C PHE A 161 44.29 -23.31 -65.87
N ILE A 162 43.46 -23.09 -66.85
CA ILE A 162 42.20 -22.40 -66.64
C ILE A 162 41.38 -23.36 -65.79
N PHE A 163 41.11 -22.96 -64.54
CA PHE A 163 40.19 -23.66 -63.66
C PHE A 163 38.83 -23.69 -64.33
N GLY A 164 38.19 -24.85 -64.30
CA GLY A 164 37.12 -25.18 -65.20
C GLY A 164 35.82 -24.42 -65.01
N PRO A 165 34.83 -24.72 -65.84
CA PRO A 165 33.55 -24.00 -65.79
C PRO A 165 32.71 -24.31 -64.56
N ILE A 166 31.50 -23.74 -64.52
CA ILE A 166 30.69 -23.85 -63.31
C ILE A 166 30.09 -25.23 -63.25
N SER A 167 30.79 -26.13 -62.58
CA SER A 167 30.37 -27.50 -62.34
C SER A 167 29.27 -27.61 -61.30
N THR A 168 29.03 -26.57 -60.50
CA THR A 168 28.02 -26.63 -59.44
C THR A 168 27.29 -25.29 -59.41
N ALA A 169 26.04 -25.31 -59.89
CA ALA A 169 25.21 -24.11 -59.96
C ALA A 169 24.41 -23.97 -58.68
N TRP A 170 25.10 -23.96 -57.55
CA TRP A 170 24.46 -23.63 -56.30
C TRP A 170 24.83 -22.21 -55.91
N SER A 171 24.19 -21.74 -54.85
CA SER A 171 24.59 -20.54 -54.18
C SER A 171 24.39 -21.00 -52.75
N PRO A 172 25.26 -20.61 -51.84
CA PRO A 172 25.01 -20.91 -50.44
C PRO A 172 23.92 -20.00 -49.92
N PHE A 173 23.92 -18.76 -50.38
CA PHE A 173 23.01 -17.73 -49.90
C PHE A 173 21.97 -17.46 -50.98
N ASP A 174 20.75 -17.16 -50.55
CA ASP A 174 19.63 -17.05 -51.45
C ASP A 174 19.54 -15.64 -52.05
N ASN A 175 18.40 -15.37 -52.69
CA ASN A 175 18.21 -14.11 -53.40
C ASN A 175 17.99 -12.92 -52.47
N LYS A 176 17.65 -13.16 -51.21
CA LYS A 176 17.56 -12.10 -50.21
C LYS A 176 18.37 -12.55 -49.01
N ILE A 177 19.47 -11.85 -48.72
CA ILE A 177 20.36 -12.28 -47.65
C ILE A 177 20.54 -11.12 -46.69
N VAL A 178 19.93 -11.22 -45.53
CA VAL A 178 20.20 -10.22 -44.50
C VAL A 178 21.55 -10.54 -43.91
N VAL A 179 22.58 -9.90 -44.44
CA VAL A 179 23.93 -10.12 -43.94
C VAL A 179 24.10 -9.18 -42.76
N TYR A 180 23.70 -9.64 -41.58
CA TYR A 180 23.97 -8.91 -40.34
C TYR A 180 25.36 -9.37 -39.93
N LYS A 181 26.31 -8.43 -39.91
CA LYS A 181 27.68 -8.55 -40.41
C LYS A 181 28.36 -9.92 -40.34
N ASP A 182 28.29 -10.60 -39.20
CA ASP A 182 29.01 -11.85 -39.04
C ASP A 182 28.18 -13.06 -39.45
N ASP A 183 27.02 -12.83 -40.07
CA ASP A 183 26.07 -13.89 -40.35
C ASP A 183 25.13 -13.44 -41.46
N VAL A 184 25.25 -14.07 -42.61
CA VAL A 184 24.22 -13.90 -43.62
C VAL A 184 23.06 -14.79 -43.22
N TYR A 185 22.13 -14.23 -42.45
CA TYR A 185 20.89 -14.91 -42.17
C TYR A 185 20.09 -14.79 -43.45
N ASN A 186 19.72 -15.93 -44.03
CA ASN A 186 19.08 -15.94 -45.34
C ASN A 186 17.64 -15.47 -45.21
N GLN A 187 17.47 -14.16 -45.07
CA GLN A 187 16.19 -13.57 -44.72
C GLN A 187 15.92 -12.43 -45.66
N ASP A 188 14.83 -12.53 -46.41
CA ASP A 188 14.39 -11.46 -47.27
C ASP A 188 13.81 -10.34 -46.43
N PHE A 189 14.64 -9.35 -46.15
CA PHE A 189 14.13 -8.12 -45.57
C PHE A 189 13.30 -7.37 -46.61
N PRO A 190 12.47 -6.42 -46.18
CA PRO A 190 11.64 -5.69 -47.14
C PRO A 190 12.43 -4.62 -47.85
N PRO A 191 11.77 -3.79 -48.66
CA PRO A 191 12.49 -2.74 -49.41
C PRO A 191 13.01 -1.62 -48.54
N TYR A 192 13.87 -0.77 -49.10
CA TYR A 192 14.37 0.39 -48.38
C TYR A 192 13.21 1.35 -48.24
N GLY A 193 12.49 1.21 -47.13
CA GLY A 193 11.14 1.70 -47.04
C GLY A 193 10.09 0.67 -47.41
N SER A 194 10.32 -0.61 -47.11
CA SER A 194 9.30 -1.63 -47.28
C SER A 194 8.81 -2.09 -45.92
N GLY A 195 8.64 -1.15 -44.99
CA GLY A 195 8.70 -1.46 -43.57
C GLY A 195 7.43 -2.07 -43.02
N GLN A 196 7.63 -3.08 -42.20
CA GLN A 196 6.59 -3.80 -41.47
C GLN A 196 6.63 -3.22 -40.06
N PRO A 197 5.51 -3.28 -39.34
CA PRO A 197 5.47 -2.64 -38.01
C PRO A 197 6.22 -3.49 -36.99
N GLY A 198 7.40 -3.02 -36.60
CA GLY A 198 8.24 -3.76 -35.69
C GLY A 198 8.89 -4.98 -36.28
N ARG A 199 8.91 -5.11 -37.60
CA ARG A 199 9.46 -6.26 -38.29
C ARG A 199 10.97 -6.12 -38.39
N PHE A 200 11.59 -7.13 -39.00
CA PHE A 200 13.04 -7.18 -39.18
C PHE A 200 13.45 -6.17 -40.23
N GLY A 201 13.89 -5.01 -39.77
CA GLY A 201 14.05 -3.86 -40.63
C GLY A 201 12.99 -2.81 -40.50
N ASP A 202 12.32 -2.74 -39.34
CA ASP A 202 11.40 -1.65 -39.08
C ASP A 202 12.12 -0.32 -38.97
N ILE A 203 13.35 -0.34 -38.45
CA ILE A 203 14.24 0.80 -38.56
C ILE A 203 14.68 0.83 -40.00
N GLN A 204 14.04 1.68 -40.78
CA GLN A 204 14.38 1.79 -42.18
C GLN A 204 15.58 2.70 -42.26
N SER A 205 16.50 2.37 -43.15
CA SER A 205 17.73 3.14 -43.31
C SER A 205 18.06 3.11 -44.79
N ARG A 206 18.17 4.30 -45.39
CA ARG A 206 18.41 4.35 -46.82
C ARG A 206 19.82 3.92 -47.18
N THR A 207 20.80 4.77 -46.93
CA THR A 207 22.19 4.40 -47.12
C THR A 207 22.83 4.39 -45.75
N VAL A 208 23.87 3.57 -45.60
CA VAL A 208 24.53 3.44 -44.32
C VAL A 208 25.34 4.66 -43.99
N GLU A 209 25.84 5.34 -45.01
CA GLU A 209 26.38 6.68 -44.81
C GLU A 209 25.30 7.74 -44.87
N SER A 210 24.13 7.40 -45.42
CA SER A 210 23.09 8.39 -45.65
C SER A 210 22.25 8.57 -44.39
N LYS A 211 21.54 9.70 -44.33
CA LYS A 211 20.81 10.06 -43.14
C LYS A 211 19.35 9.62 -43.13
N ASP A 212 18.62 9.86 -44.20
CA ASP A 212 17.19 9.60 -44.26
C ASP A 212 16.91 8.10 -44.34
N LEU A 213 15.62 7.76 -44.21
CA LEU A 213 15.21 6.36 -44.21
C LEU A 213 13.71 6.29 -43.98
N TYR A 214 13.17 5.09 -44.16
CA TYR A 214 11.82 4.80 -43.72
C TYR A 214 11.81 4.54 -42.22
N ALA A 215 10.64 4.22 -41.69
CA ALA A 215 10.57 3.76 -40.31
C ALA A 215 9.15 3.30 -40.01
N ASN A 216 9.03 2.06 -39.54
CA ASN A 216 7.74 1.63 -39.01
C ASN A 216 7.94 1.01 -37.63
N THR A 217 8.14 1.89 -36.65
CA THR A 217 7.92 1.55 -35.26
C THR A 217 6.81 2.42 -34.73
N ALA A 218 5.93 1.83 -33.93
CA ALA A 218 4.64 2.45 -33.60
C ALA A 218 4.86 3.51 -32.52
N LEU A 219 5.37 4.66 -32.94
CA LEU A 219 5.69 5.73 -32.02
C LEU A 219 4.41 6.42 -31.56
N LYS A 220 3.76 5.82 -30.58
CA LYS A 220 2.45 6.28 -30.11
C LYS A 220 2.65 6.83 -28.70
N LEU A 221 2.72 8.15 -28.58
CA LEU A 221 2.76 8.76 -27.27
C LEU A 221 1.35 8.88 -26.74
N SER A 222 1.23 9.13 -25.45
CA SER A 222 -0.08 9.37 -24.85
C SER A 222 -0.13 10.80 -24.30
N ARG A 223 -1.31 11.41 -24.38
CA ARG A 223 -1.57 12.65 -23.67
C ARG A 223 -1.53 12.34 -22.17
N PRO A 224 -0.78 13.10 -21.38
CA PRO A 224 -0.13 12.53 -20.20
C PRO A 224 -1.03 12.30 -19.00
N SER A 225 -0.41 11.87 -17.91
CA SER A 225 -1.14 11.35 -16.76
C SER A 225 -1.61 12.48 -15.86
N PRO A 226 -2.24 12.15 -14.70
CA PRO A 226 -3.03 13.12 -13.93
C PRO A 226 -2.31 14.35 -13.37
N GLY A 227 -1.32 14.15 -12.53
CA GLY A 227 -0.53 15.26 -12.03
C GLY A 227 0.85 15.34 -12.61
N VAL A 228 1.51 14.19 -12.77
CA VAL A 228 2.82 14.12 -13.39
C VAL A 228 2.59 14.33 -14.87
N VAL A 229 3.20 15.38 -15.44
CA VAL A 229 2.95 15.69 -16.83
C VAL A 229 3.86 14.79 -17.65
N HIS A 230 3.41 13.57 -17.86
CA HIS A 230 4.27 12.47 -18.24
C HIS A 230 4.56 12.57 -19.73
N VAL A 231 5.77 12.19 -20.10
CA VAL A 231 6.04 11.83 -21.47
C VAL A 231 5.22 10.56 -21.66
N PRO A 232 4.18 10.58 -22.48
CA PRO A 232 3.38 9.35 -22.66
C PRO A 232 3.92 8.42 -23.72
N TYR A 233 5.18 8.60 -24.12
CA TYR A 233 5.84 7.96 -25.25
C TYR A 233 5.87 6.43 -25.21
N THR A 234 5.57 5.83 -26.35
CA THR A 234 5.53 4.43 -26.50
C THR A 234 5.93 4.26 -27.96
N PRO A 235 7.10 3.71 -28.22
CA PRO A 235 7.41 3.30 -29.60
C PRO A 235 6.94 1.88 -29.85
N THR A 236 7.26 1.33 -31.02
CA THR A 236 7.12 -0.09 -31.24
C THR A 236 8.23 -0.80 -30.50
N PRO A 237 8.10 -2.11 -30.25
CA PRO A 237 9.23 -2.88 -29.71
C PRO A 237 10.37 -2.92 -30.71
N SER A 238 11.59 -2.82 -30.18
CA SER A 238 12.78 -2.53 -30.97
C SER A 238 13.15 -3.61 -31.97
N GLY A 239 13.11 -3.24 -33.26
CA GLY A 239 13.41 -4.19 -34.31
C GLY A 239 14.88 -4.53 -34.42
N PHE A 240 15.75 -3.69 -33.86
CA PHE A 240 17.12 -4.13 -33.61
C PHE A 240 17.11 -5.25 -32.57
N LYS A 241 16.34 -5.06 -31.50
CA LYS A 241 16.28 -6.07 -30.45
C LYS A 241 15.39 -7.24 -30.87
N TYR A 242 14.40 -6.96 -31.72
CA TYR A 242 13.58 -8.05 -32.25
C TYR A 242 14.36 -8.87 -33.27
N TRP A 243 15.18 -8.20 -34.08
CA TRP A 243 15.99 -8.91 -35.06
C TRP A 243 17.13 -9.65 -34.38
N LEU A 244 17.59 -9.13 -33.26
CA LEU A 244 18.46 -9.88 -32.38
C LEU A 244 17.75 -11.08 -31.77
N LYS A 245 16.46 -10.97 -31.48
CA LYS A 245 15.69 -12.12 -31.01
C LYS A 245 15.54 -13.15 -32.11
N GLU A 246 15.40 -12.71 -33.35
CA GLU A 246 15.39 -13.60 -34.49
C GLU A 246 16.77 -13.68 -35.12
N LYS A 247 17.83 -13.42 -34.35
CA LYS A 247 19.19 -13.66 -34.80
C LYS A 247 19.39 -15.16 -34.94
N GLY A 248 19.51 -15.64 -36.18
CA GLY A 248 19.58 -17.07 -36.40
C GLY A 248 20.92 -17.69 -36.10
N SER A 249 21.01 -19.01 -36.20
CA SER A 249 22.24 -19.76 -36.05
C SER A 249 23.13 -19.65 -37.29
N SER A 250 24.22 -20.43 -37.30
CA SER A 250 25.10 -20.53 -38.45
C SER A 250 24.34 -21.10 -39.64
N LEU A 251 24.04 -20.23 -40.60
CA LEU A 251 23.21 -20.64 -41.72
C LEU A 251 24.00 -21.51 -42.68
N ASN A 252 25.33 -21.34 -42.66
CA ASN A 252 26.22 -22.25 -43.38
C ASN A 252 26.19 -23.62 -42.78
N THR A 253 25.96 -23.73 -41.48
CA THR A 253 25.68 -25.01 -40.87
C THR A 253 24.32 -25.57 -41.26
N LYS A 254 23.42 -24.74 -41.78
CA LYS A 254 22.18 -25.26 -42.33
C LYS A 254 22.17 -25.18 -43.85
N ALA A 255 23.17 -24.56 -44.47
CA ALA A 255 23.23 -24.49 -45.92
C ALA A 255 23.62 -25.86 -46.48
N PRO A 256 22.68 -26.65 -46.96
CA PRO A 256 22.98 -28.00 -47.41
C PRO A 256 23.64 -28.02 -48.78
N PHE A 257 23.88 -29.23 -49.30
CA PHE A 257 24.81 -29.39 -50.41
C PHE A 257 26.22 -29.04 -49.96
N GLY A 258 26.54 -29.42 -48.73
CA GLY A 258 27.89 -29.33 -48.18
C GLY A 258 28.43 -27.95 -48.00
N CYS A 259 27.65 -27.03 -47.41
CA CYS A 259 28.03 -25.63 -47.41
C CYS A 259 28.81 -25.27 -46.15
N LYS A 260 29.83 -24.42 -46.31
CA LYS A 260 30.45 -23.70 -45.20
C LYS A 260 30.33 -22.20 -45.49
N ILE A 261 30.10 -21.41 -44.44
CA ILE A 261 29.91 -19.98 -44.64
C ILE A 261 31.24 -19.26 -44.72
N LYS A 262 31.20 -17.98 -45.08
CA LYS A 262 32.40 -17.15 -45.07
C LYS A 262 32.02 -15.70 -44.91
N THR A 263 32.60 -15.06 -43.90
CA THR A 263 32.29 -13.70 -43.48
C THR A 263 32.98 -12.70 -44.39
N ASN A 264 33.01 -11.41 -44.00
CA ASN A 264 32.68 -10.20 -44.75
C ASN A 264 32.84 -10.26 -46.26
N PRO A 265 34.00 -10.64 -46.80
CA PRO A 265 34.01 -11.11 -48.18
C PRO A 265 33.33 -12.47 -48.28
N VAL A 266 31.99 -12.46 -48.37
CA VAL A 266 31.16 -13.57 -47.88
C VAL A 266 31.27 -14.76 -48.81
N ARG A 267 32.18 -15.67 -48.48
CA ARG A 267 32.63 -16.72 -49.39
C ARG A 267 32.15 -18.07 -48.92
N ALA A 268 32.42 -19.08 -49.73
CA ALA A 268 32.02 -20.46 -49.48
C ALA A 268 33.14 -21.21 -48.75
N MET A 269 33.07 -21.17 -47.42
CA MET A 269 33.98 -21.90 -46.56
C MET A 269 33.67 -23.39 -46.71
N ASP A 270 34.46 -24.02 -47.59
CA ASP A 270 34.26 -25.40 -48.01
C ASP A 270 32.92 -25.57 -48.72
N CYS A 271 32.68 -24.80 -49.77
CA CYS A 271 31.39 -24.85 -50.46
C CYS A 271 31.33 -26.12 -51.30
N ALA A 272 30.88 -27.21 -50.69
CA ALA A 272 31.07 -28.54 -51.25
C ALA A 272 30.03 -28.82 -52.32
N VAL A 273 30.16 -28.15 -53.46
CA VAL A 273 29.18 -28.30 -54.53
C VAL A 273 29.91 -28.47 -55.86
N GLY A 274 29.41 -29.37 -56.68
CA GLY A 274 29.90 -29.55 -58.01
C GLY A 274 31.22 -30.28 -58.07
N SER A 275 31.85 -30.16 -59.24
CA SER A 275 33.16 -30.73 -59.50
C SER A 275 33.97 -29.70 -60.27
N ILE A 276 35.24 -29.57 -59.92
CA ILE A 276 36.04 -28.49 -60.48
C ILE A 276 36.73 -29.02 -61.74
N PRO A 277 36.43 -28.50 -62.93
CA PRO A 277 37.20 -28.89 -64.12
C PRO A 277 38.57 -28.22 -64.10
N VAL A 278 39.47 -28.69 -64.95
CA VAL A 278 40.78 -28.09 -65.08
C VAL A 278 41.27 -28.23 -66.52
N SER A 279 41.40 -27.11 -67.21
CA SER A 279 42.07 -27.09 -68.51
C SER A 279 43.53 -26.80 -68.24
N MET A 280 44.35 -27.84 -68.14
CA MET A 280 45.78 -27.70 -67.90
C MET A 280 46.49 -27.75 -69.25
N ASP A 281 46.59 -26.61 -69.91
CA ASP A 281 47.62 -26.45 -70.93
C ASP A 281 48.96 -26.46 -70.19
N ILE A 282 49.73 -27.53 -70.34
CA ILE A 282 50.97 -27.65 -69.59
C ILE A 282 52.12 -27.17 -70.47
N PRO A 283 53.17 -26.58 -69.89
CA PRO A 283 54.40 -26.33 -70.66
C PRO A 283 55.25 -27.59 -70.72
N ASP A 284 56.40 -27.51 -71.38
CA ASP A 284 56.99 -28.69 -71.99
C ASP A 284 57.98 -29.40 -71.08
N SER A 285 57.73 -29.40 -69.76
CA SER A 285 58.72 -29.84 -68.79
C SER A 285 58.90 -31.35 -68.72
N ALA A 286 58.01 -32.14 -69.32
CA ALA A 286 58.06 -33.58 -69.09
C ALA A 286 58.24 -34.45 -70.33
N PHE A 287 58.53 -33.88 -71.49
CA PHE A 287 58.59 -34.67 -72.72
C PHE A 287 59.93 -35.38 -72.84
N THR A 288 59.95 -36.67 -72.49
CA THR A 288 61.12 -37.51 -72.74
C THR A 288 60.96 -38.24 -74.08
N ARG A 289 62.08 -38.76 -74.57
CA ARG A 289 62.17 -39.28 -75.94
C ARG A 289 62.15 -40.80 -75.97
N VAL A 290 62.43 -41.35 -77.16
CA VAL A 290 62.34 -42.80 -77.39
C VAL A 290 63.62 -43.53 -76.94
N VAL A 291 64.59 -42.77 -76.44
CA VAL A 291 65.53 -43.26 -75.44
C VAL A 291 65.64 -42.30 -74.26
N ASP A 292 64.58 -41.56 -73.93
CA ASP A 292 64.74 -40.39 -73.08
C ASP A 292 64.49 -40.66 -71.61
N ALA A 293 63.32 -41.20 -71.26
CA ALA A 293 62.99 -41.39 -69.85
C ALA A 293 63.54 -42.71 -69.33
N PRO A 294 63.24 -43.06 -68.08
CA PRO A 294 63.61 -44.39 -67.58
C PRO A 294 62.82 -45.49 -68.28
N ALA A 295 63.54 -46.49 -68.76
CA ALA A 295 63.00 -47.45 -69.72
C ALA A 295 62.23 -48.56 -68.99
N VAL A 296 61.07 -48.20 -68.43
CA VAL A 296 60.29 -49.09 -67.59
C VAL A 296 59.59 -50.14 -68.43
N THR A 297 59.20 -51.25 -67.79
CA THR A 297 58.49 -52.32 -68.49
C THR A 297 58.01 -53.37 -67.50
N ASP A 298 57.19 -54.30 -68.01
CA ASP A 298 56.83 -55.53 -67.29
C ASP A 298 55.95 -55.23 -66.08
N LEU A 299 54.85 -54.52 -66.32
CA LEU A 299 54.04 -54.01 -65.23
C LEU A 299 53.24 -55.13 -64.59
N SER A 300 53.81 -55.73 -63.55
CA SER A 300 53.21 -56.88 -62.91
C SER A 300 52.48 -56.39 -61.67
N CYS A 301 51.39 -55.66 -61.88
CA CYS A 301 50.59 -55.07 -60.82
C CYS A 301 49.79 -56.14 -60.10
N GLN A 302 49.91 -56.17 -58.78
CA GLN A 302 49.11 -57.09 -57.98
C GLN A 302 48.63 -56.30 -56.77
N VAL A 303 47.34 -56.37 -56.49
CA VAL A 303 46.83 -55.68 -55.31
C VAL A 303 47.12 -56.53 -54.08
N VAL A 304 48.35 -56.39 -53.58
CA VAL A 304 48.88 -57.25 -52.53
C VAL A 304 48.30 -56.91 -51.18
N VAL A 305 47.64 -55.76 -51.05
CA VAL A 305 46.73 -55.50 -49.95
C VAL A 305 45.36 -55.37 -50.56
N CYS A 306 44.33 -55.65 -49.73
CA CYS A 306 42.98 -55.88 -50.23
C CYS A 306 42.22 -54.56 -50.30
N THR A 307 41.43 -54.40 -51.36
CA THR A 307 40.61 -53.20 -51.50
C THR A 307 39.23 -53.46 -50.94
N HIS A 308 38.91 -52.81 -49.82
CA HIS A 308 37.59 -52.95 -49.20
C HIS A 308 36.57 -51.91 -49.68
N SER A 309 36.72 -50.61 -49.39
CA SER A 309 37.69 -50.06 -48.43
C SER A 309 37.50 -48.62 -47.93
N SER A 310 38.44 -48.24 -47.06
CA SER A 310 38.64 -46.90 -46.53
C SER A 310 39.46 -46.07 -47.51
N ASP A 311 40.12 -45.04 -46.97
CA ASP A 311 41.23 -44.36 -47.64
C ASP A 311 42.30 -45.36 -48.11
N PHE A 312 43.07 -44.98 -49.13
CA PHE A 312 43.31 -45.77 -50.35
C PHE A 312 43.38 -47.28 -50.19
N GLY A 313 44.35 -47.81 -49.47
CA GLY A 313 44.18 -49.19 -49.03
C GLY A 313 44.45 -50.33 -49.98
N GLY A 314 44.13 -50.19 -51.27
CA GLY A 314 44.45 -51.22 -52.24
C GLY A 314 45.96 -51.29 -52.44
N VAL A 315 46.56 -52.34 -51.89
CA VAL A 315 48.00 -52.40 -51.69
C VAL A 315 48.60 -52.83 -53.03
N ALA A 316 48.86 -51.88 -53.90
CA ALA A 316 49.39 -52.14 -55.22
C ALA A 316 50.86 -52.51 -55.11
N THR A 317 51.21 -53.64 -55.74
CA THR A 317 52.57 -54.11 -55.93
C THR A 317 52.77 -54.43 -57.41
N LEU A 318 53.48 -53.54 -58.09
CA LEU A 318 53.81 -53.70 -59.50
C LEU A 318 55.30 -53.99 -59.62
N SER A 319 55.67 -55.27 -59.60
CA SER A 319 57.05 -55.66 -59.83
C SER A 319 57.41 -55.40 -61.28
N TYR A 320 58.22 -54.36 -61.50
CA TYR A 320 58.33 -53.78 -62.82
C TYR A 320 59.78 -53.76 -63.23
N LYS A 321 60.01 -54.04 -64.51
CA LYS A 321 61.33 -54.12 -65.12
C LYS A 321 61.72 -52.77 -65.70
N THR A 322 63.01 -52.53 -65.84
CA THR A 322 63.46 -51.20 -66.20
C THR A 322 64.88 -51.23 -66.73
N ASP A 323 65.23 -50.24 -67.54
CA ASP A 323 66.63 -50.05 -67.88
C ASP A 323 67.42 -49.53 -66.69
N LYS A 324 66.89 -48.56 -65.97
CA LYS A 324 67.49 -48.05 -64.76
C LYS A 324 66.34 -47.67 -63.84
N PRO A 325 66.65 -47.08 -62.69
CA PRO A 325 65.58 -46.63 -61.80
C PRO A 325 64.93 -45.38 -62.35
N GLY A 326 63.78 -45.04 -61.79
CA GLY A 326 63.08 -43.87 -62.26
C GLY A 326 62.05 -43.40 -61.28
N LYS A 327 61.11 -42.60 -61.80
CA LYS A 327 59.92 -42.15 -61.09
C LYS A 327 58.81 -42.35 -62.11
N CYS A 328 58.23 -43.54 -62.10
CA CYS A 328 57.25 -43.90 -63.09
C CYS A 328 55.90 -43.29 -62.74
N ALA A 329 55.02 -43.27 -63.72
CA ALA A 329 53.70 -42.73 -63.49
C ALA A 329 52.88 -43.71 -62.68
N VAL A 330 51.88 -43.17 -62.01
CA VAL A 330 50.96 -43.96 -61.21
C VAL A 330 49.58 -43.55 -61.69
N HIS A 331 49.56 -42.73 -62.76
CA HIS A 331 48.36 -42.16 -63.38
C HIS A 331 47.42 -43.25 -63.85
N SER A 332 46.15 -43.13 -63.48
CA SER A 332 45.26 -44.27 -63.33
C SER A 332 44.84 -44.81 -64.70
N HIS A 333 45.12 -46.09 -64.91
CA HIS A 333 44.41 -46.92 -65.89
C HIS A 333 43.27 -47.69 -65.23
N SER A 334 42.84 -47.21 -64.07
CA SER A 334 41.58 -47.57 -63.45
C SER A 334 40.87 -46.29 -63.01
N ASN A 335 39.93 -45.79 -63.82
CA ASN A 335 39.25 -44.54 -63.49
C ASN A 335 38.17 -44.70 -62.43
N VAL A 336 37.88 -45.93 -61.98
CA VAL A 336 36.95 -46.12 -60.89
C VAL A 336 37.66 -45.97 -59.55
N ALA A 337 38.95 -46.30 -59.51
CA ALA A 337 39.71 -46.30 -58.27
C ALA A 337 40.52 -45.01 -58.16
N THR A 338 41.05 -44.75 -56.95
CA THR A 338 41.89 -43.60 -56.69
C THR A 338 43.27 -44.03 -56.20
N LEU A 339 44.21 -44.22 -57.13
CA LEU A 339 45.55 -44.67 -56.76
C LEU A 339 46.34 -43.54 -56.11
N GLN A 340 46.90 -43.82 -54.94
CA GLN A 340 47.45 -42.81 -54.04
C GLN A 340 48.67 -42.04 -54.52
N GLU A 341 49.67 -42.73 -55.09
CA GLU A 341 50.91 -42.06 -55.45
C GLU A 341 50.95 -41.76 -56.95
N ALA A 342 51.78 -40.79 -57.32
CA ALA A 342 51.80 -40.36 -58.73
C ALA A 342 53.14 -40.65 -59.41
N THR A 343 54.23 -40.10 -58.89
CA THR A 343 55.54 -40.35 -59.48
C THR A 343 56.28 -41.30 -58.55
N VAL A 344 56.08 -42.60 -58.76
CA VAL A 344 56.55 -43.60 -57.82
C VAL A 344 57.95 -43.99 -58.24
N ASP A 345 58.91 -43.88 -57.32
CA ASP A 345 60.29 -44.15 -57.64
C ASP A 345 60.51 -45.64 -57.78
N VAL A 346 61.53 -46.02 -58.54
CA VAL A 346 61.70 -47.41 -58.92
C VAL A 346 63.18 -47.73 -59.01
N LYS A 347 63.63 -48.66 -58.16
CA LYS A 347 64.73 -49.54 -58.52
C LYS A 347 64.14 -50.53 -59.50
N GLU A 348 64.94 -50.95 -60.47
CA GLU A 348 64.42 -51.76 -61.57
C GLU A 348 64.12 -53.18 -61.11
N ASP A 349 63.06 -53.75 -61.69
CA ASP A 349 62.62 -55.10 -61.40
C ASP A 349 62.04 -55.21 -59.99
N GLY A 350 61.34 -54.18 -59.54
CA GLY A 350 60.91 -54.18 -58.16
C GLY A 350 59.49 -53.70 -58.06
N LYS A 351 58.94 -53.77 -56.84
CA LYS A 351 57.51 -53.63 -56.66
C LYS A 351 57.15 -52.17 -56.42
N VAL A 352 56.40 -51.60 -57.35
CA VAL A 352 55.74 -50.30 -57.16
C VAL A 352 54.64 -50.52 -56.13
N THR A 353 54.78 -49.87 -54.97
CA THR A 353 53.91 -50.15 -53.83
C THR A 353 53.10 -48.92 -53.43
N VAL A 354 51.79 -49.02 -53.58
CA VAL A 354 50.89 -47.90 -53.34
C VAL A 354 49.57 -48.38 -52.73
N HIS A 355 48.65 -47.43 -52.53
CA HIS A 355 47.26 -47.77 -52.23
C HIS A 355 46.30 -47.12 -53.22
N PHE A 356 45.29 -47.88 -53.59
CA PHE A 356 44.27 -47.41 -54.51
C PHE A 356 42.91 -47.73 -53.93
N SER A 357 41.99 -46.77 -54.01
CA SER A 357 40.81 -46.74 -53.17
C SER A 357 39.52 -46.50 -53.93
N THR A 358 38.70 -47.54 -53.98
CA THR A 358 37.42 -47.52 -54.69
C THR A 358 36.68 -48.80 -54.28
N ALA A 359 35.41 -48.91 -54.64
CA ALA A 359 34.58 -50.03 -54.16
C ALA A 359 34.43 -51.18 -55.15
N SER A 360 35.52 -51.88 -55.49
CA SER A 360 35.50 -52.93 -56.51
C SER A 360 35.14 -54.25 -55.86
N ALA A 361 34.33 -55.06 -56.54
CA ALA A 361 33.80 -56.25 -55.89
C ALA A 361 34.22 -57.57 -56.53
N SER A 362 33.87 -57.84 -57.79
CA SER A 362 34.45 -58.98 -58.51
C SER A 362 34.88 -58.50 -59.88
N PRO A 363 35.25 -57.23 -59.98
CA PRO A 363 36.38 -56.84 -60.82
C PRO A 363 37.56 -56.53 -59.92
N ALA A 364 38.71 -56.30 -60.56
CA ALA A 364 39.86 -55.69 -59.90
C ALA A 364 40.04 -54.37 -60.63
N PHE A 365 41.21 -53.75 -60.47
CA PHE A 365 41.50 -52.55 -61.24
C PHE A 365 42.70 -52.82 -62.13
N LYS A 366 42.61 -52.39 -63.38
CA LYS A 366 43.78 -52.20 -64.20
C LYS A 366 44.49 -50.98 -63.65
N VAL A 367 45.81 -50.99 -63.65
CA VAL A 367 46.61 -49.97 -62.99
C VAL A 367 47.60 -49.40 -63.99
N SER A 368 47.74 -48.09 -63.99
CA SER A 368 48.54 -47.37 -64.98
C SER A 368 49.90 -47.02 -64.40
N VAL A 369 50.87 -47.92 -64.59
CA VAL A 369 52.27 -47.64 -64.35
C VAL A 369 52.82 -46.94 -65.58
N CYS A 370 54.05 -46.40 -65.45
CA CYS A 370 54.74 -45.44 -66.31
C CYS A 370 54.68 -45.68 -67.82
N ASP A 371 54.64 -46.94 -68.20
CA ASP A 371 54.28 -47.28 -69.57
C ASP A 371 52.80 -47.64 -69.70
N ALA A 372 52.32 -48.67 -69.00
CA ALA A 372 51.04 -49.27 -69.31
C ALA A 372 50.28 -49.72 -68.08
N LYS A 373 49.21 -50.46 -68.29
CA LYS A 373 48.30 -50.88 -67.23
C LYS A 373 48.35 -52.39 -67.07
N THR A 374 48.04 -52.84 -65.86
CA THR A 374 48.10 -54.25 -65.47
C THR A 374 47.03 -54.48 -64.40
N THR A 375 46.46 -55.68 -64.39
CA THR A 375 45.20 -55.91 -63.69
C THR A 375 45.39 -56.41 -62.27
N CYS A 376 45.57 -55.51 -61.32
CA CYS A 376 45.55 -55.84 -59.89
C CYS A 376 44.14 -56.23 -59.47
N THR A 377 44.01 -56.95 -58.35
CA THR A 377 42.80 -57.66 -57.98
C THR A 377 41.89 -56.81 -57.12
N ALA A 378 40.81 -57.43 -56.62
CA ALA A 378 39.83 -56.78 -55.74
C ALA A 378 39.34 -57.82 -54.73
N ALA A 379 38.32 -57.44 -53.96
CA ALA A 379 37.78 -58.31 -52.92
C ALA A 379 36.27 -58.43 -53.03
N CYS A 380 35.74 -59.64 -52.75
CA CYS A 380 34.34 -59.98 -52.97
C CYS A 380 33.61 -60.13 -51.65
N GLU A 381 34.26 -59.71 -50.56
CA GLU A 381 33.57 -59.53 -49.30
C GLU A 381 33.84 -58.11 -48.80
N PRO A 382 32.84 -57.45 -48.22
CA PRO A 382 32.89 -55.97 -48.09
C PRO A 382 33.75 -55.54 -46.91
N PRO A 383 33.78 -54.23 -46.62
CA PRO A 383 34.68 -53.75 -45.56
C PRO A 383 34.10 -53.79 -44.17
N LYS A 384 34.87 -53.34 -43.18
CA LYS A 384 34.56 -53.58 -41.79
C LYS A 384 34.43 -52.30 -40.97
N ASP A 385 34.09 -51.19 -41.60
CA ASP A 385 34.03 -49.93 -40.88
C ASP A 385 32.61 -49.61 -40.40
N HIS A 386 32.53 -48.63 -39.48
CA HIS A 386 31.26 -48.05 -39.08
C HIS A 386 31.22 -46.52 -39.16
N ILE A 387 32.34 -45.82 -38.97
CA ILE A 387 32.37 -44.36 -38.99
C ILE A 387 33.80 -43.90 -39.16
N VAL A 388 34.01 -42.90 -40.02
CA VAL A 388 35.32 -42.27 -40.20
C VAL A 388 35.07 -40.83 -40.65
N PRO A 389 36.11 -39.99 -40.74
CA PRO A 389 35.85 -38.61 -41.22
C PRO A 389 35.48 -38.48 -42.69
N TYR A 390 36.40 -38.85 -43.58
CA TYR A 390 36.17 -38.63 -45.00
C TYR A 390 37.34 -39.20 -45.81
N GLY A 391 37.11 -39.48 -47.09
CA GLY A 391 38.07 -40.17 -47.93
C GLY A 391 37.88 -40.00 -49.43
N ALA A 392 38.18 -41.05 -50.20
CA ALA A 392 38.34 -40.94 -51.64
C ALA A 392 37.31 -41.73 -52.44
N SER A 393 36.15 -42.01 -51.88
CA SER A 393 35.10 -42.71 -52.61
C SER A 393 34.50 -41.89 -53.75
N TYR B 1 -0.57 -86.17 16.28
CA TYR B 1 0.34 -86.59 15.21
C TYR B 1 1.51 -85.64 14.96
N GLU B 2 1.94 -85.55 13.72
CA GLU B 2 2.91 -84.57 13.25
C GLU B 2 2.24 -83.87 12.06
N HIS B 3 1.82 -82.63 12.27
CA HIS B 3 0.99 -81.92 11.31
C HIS B 3 1.80 -81.45 10.11
N THR B 4 1.44 -81.93 8.93
CA THR B 4 2.06 -81.53 7.68
C THR B 4 1.04 -80.81 6.83
N ALA B 5 1.32 -79.54 6.52
CA ALA B 5 0.46 -78.68 5.72
C ALA B 5 1.34 -77.67 5.01
N THR B 6 0.74 -76.59 4.53
CA THR B 6 1.50 -75.50 3.94
C THR B 6 0.71 -74.21 4.15
N ILE B 7 1.34 -73.25 4.83
CA ILE B 7 0.62 -72.07 5.28
C ILE B 7 1.05 -70.94 4.37
N PRO B 8 0.13 -70.08 3.92
CA PRO B 8 0.47 -69.11 2.88
C PRO B 8 1.30 -67.96 3.41
N ASN B 9 2.01 -67.29 2.51
CA ASN B 9 2.98 -66.28 2.92
C ASN B 9 2.36 -64.98 3.40
N VAL B 10 1.06 -64.74 3.16
CA VAL B 10 0.45 -63.47 3.51
C VAL B 10 0.26 -63.41 5.02
N VAL B 11 1.18 -62.71 5.69
CA VAL B 11 1.45 -62.95 7.10
C VAL B 11 0.36 -62.34 7.98
N GLY B 12 0.33 -62.77 9.23
CA GLY B 12 -0.65 -62.28 10.18
C GLY B 12 -1.96 -63.02 10.19
N PHE B 13 -2.19 -63.93 9.25
CA PHE B 13 -3.45 -64.64 9.20
C PHE B 13 -3.21 -66.04 9.72
N PRO B 14 -3.90 -66.47 10.77
CA PRO B 14 -3.65 -67.83 11.27
C PRO B 14 -4.34 -68.88 10.43
N TYR B 15 -3.58 -69.58 9.61
CA TYR B 15 -4.06 -70.83 9.04
C TYR B 15 -4.17 -71.86 10.15
N LYS B 16 -5.41 -72.21 10.48
CA LYS B 16 -5.69 -73.01 11.67
C LYS B 16 -6.02 -74.42 11.22
N ALA B 17 -5.21 -75.38 11.65
CA ALA B 17 -5.37 -76.78 11.30
C ALA B 17 -5.83 -77.53 12.53
N HIS B 18 -6.99 -78.17 12.42
CA HIS B 18 -7.51 -79.04 13.46
C HIS B 18 -6.87 -80.41 13.32
N ILE B 19 -5.71 -80.56 13.96
CA ILE B 19 -4.89 -81.77 13.88
C ILE B 19 -5.59 -82.84 14.70
N GLU B 20 -5.97 -83.93 14.03
CA GLU B 20 -6.69 -85.05 14.65
C GLU B 20 -5.71 -85.99 15.35
N ARG B 21 -6.20 -86.69 16.37
CA ARG B 21 -5.36 -87.59 17.16
C ARG B 21 -6.21 -88.77 17.59
N ASN B 22 -5.56 -89.90 17.85
CA ASN B 22 -6.26 -91.08 18.33
C ASN B 22 -6.68 -90.88 19.78
N GLY B 23 -7.91 -90.37 19.97
CA GLY B 23 -8.43 -90.05 21.27
C GLY B 23 -8.16 -88.65 21.74
N PHE B 24 -7.01 -88.09 21.38
CA PHE B 24 -6.73 -86.67 21.51
C PHE B 24 -7.70 -85.91 20.63
N SER B 25 -8.26 -84.83 21.15
CA SER B 25 -9.21 -84.07 20.36
C SER B 25 -8.46 -83.25 19.31
N PRO B 26 -9.00 -83.16 18.09
CA PRO B 26 -8.22 -82.52 17.01
C PRO B 26 -8.11 -81.02 17.15
N MET B 27 -6.94 -80.60 17.65
CA MET B 27 -6.82 -79.27 18.23
C MET B 27 -6.51 -78.28 17.12
N THR B 28 -6.84 -77.02 17.36
CA THR B 28 -6.60 -75.98 16.37
C THR B 28 -5.20 -75.41 16.54
N LEU B 29 -4.45 -75.35 15.45
CA LEU B 29 -3.18 -74.65 15.42
C LEU B 29 -3.27 -73.57 14.35
N GLN B 30 -3.34 -72.33 14.78
CA GLN B 30 -3.28 -71.18 13.90
C GLN B 30 -1.82 -70.82 13.69
N LEU B 31 -1.33 -71.02 12.49
CA LEU B 31 -0.03 -70.48 12.12
C LEU B 31 -0.28 -69.12 11.52
N GLU B 32 0.27 -68.09 12.14
CA GLU B 32 0.23 -66.73 11.60
C GLU B 32 1.65 -66.47 11.11
N VAL B 33 1.78 -65.52 10.18
CA VAL B 33 3.10 -65.24 9.62
C VAL B 33 3.63 -63.88 10.08
N VAL B 34 4.91 -63.85 10.45
CA VAL B 34 5.69 -62.63 10.50
C VAL B 34 6.94 -62.88 9.68
N GLU B 35 7.53 -61.78 9.20
CA GLU B 35 8.45 -61.66 8.05
C GLU B 35 9.60 -62.65 7.98
N THR B 36 10.05 -62.94 6.76
CA THR B 36 10.84 -64.11 6.38
C THR B 36 12.04 -63.69 5.54
N SER B 37 12.79 -62.72 6.06
CA SER B 37 13.51 -61.63 5.37
C SER B 37 14.10 -61.95 4.02
N TRP B 38 13.81 -61.09 3.03
CA TRP B 38 13.96 -61.34 1.59
C TRP B 38 15.38 -61.63 1.17
N GLU B 39 16.33 -61.08 1.92
CA GLU B 39 17.68 -61.59 2.18
C GLU B 39 18.54 -61.85 0.96
N PRO B 40 18.68 -60.88 0.05
CA PRO B 40 19.39 -61.16 -1.21
C PRO B 40 20.89 -61.29 -1.01
N THR B 41 21.42 -62.44 -1.45
CA THR B 41 22.82 -62.77 -1.23
C THR B 41 23.67 -62.19 -2.36
N LEU B 42 23.73 -60.88 -2.45
CA LEU B 42 24.43 -60.26 -3.56
C LEU B 42 25.92 -60.20 -3.28
N ASN B 43 26.71 -60.47 -4.30
CA ASN B 43 28.15 -60.38 -4.20
C ASN B 43 28.48 -59.00 -4.73
N LEU B 44 29.08 -58.18 -3.89
CA LEU B 44 29.24 -56.77 -4.21
C LEU B 44 30.32 -56.58 -5.26
N GLU B 45 29.92 -56.68 -6.54
CA GLU B 45 30.78 -56.32 -7.64
C GLU B 45 30.76 -54.82 -7.76
N TYR B 46 31.61 -54.30 -8.66
CA TYR B 46 32.52 -53.18 -8.43
C TYR B 46 32.02 -52.09 -7.49
N ILE B 47 32.76 -51.88 -6.41
CA ILE B 47 32.22 -51.11 -5.29
C ILE B 47 32.70 -49.68 -5.43
N THR B 48 33.46 -49.42 -6.50
CA THR B 48 33.99 -48.09 -6.80
C THR B 48 32.89 -47.11 -7.15
N CYS B 49 33.22 -45.82 -7.07
CA CYS B 49 32.31 -44.74 -7.43
C CYS B 49 33.09 -43.78 -8.29
N GLU B 50 32.53 -42.59 -8.50
CA GLU B 50 33.27 -41.53 -9.17
C GLU B 50 34.39 -41.02 -8.28
N TYR B 51 35.54 -40.73 -8.89
CA TYR B 51 36.71 -40.31 -8.16
C TYR B 51 36.91 -38.81 -8.30
N LYS B 52 38.00 -38.31 -7.73
CA LYS B 52 38.31 -36.88 -7.76
C LYS B 52 39.66 -36.74 -8.45
N THR B 53 39.82 -35.68 -9.25
CA THR B 53 41.02 -35.54 -10.05
C THR B 53 41.92 -34.47 -9.45
N VAL B 54 43.04 -34.89 -8.85
CA VAL B 54 44.10 -33.97 -8.48
C VAL B 54 44.83 -33.52 -9.74
N VAL B 55 45.37 -32.30 -9.71
CA VAL B 55 46.03 -31.68 -10.86
C VAL B 55 47.48 -31.29 -10.57
N PRO B 56 48.44 -31.75 -11.37
CA PRO B 56 49.84 -31.41 -11.11
C PRO B 56 50.24 -30.16 -11.86
N SER B 57 51.36 -29.57 -11.42
CA SER B 57 51.83 -28.30 -11.96
C SER B 57 52.37 -28.49 -13.37
N PRO B 58 52.01 -27.62 -14.32
CA PRO B 58 52.40 -27.85 -15.73
C PRO B 58 53.86 -27.52 -15.93
N PHE B 59 54.64 -28.56 -16.23
CA PHE B 59 56.05 -28.64 -15.86
C PHE B 59 56.85 -27.65 -16.68
N ILE B 60 57.56 -26.77 -15.99
CA ILE B 60 58.04 -25.51 -16.55
C ILE B 60 59.26 -25.90 -17.35
N LYS B 61 59.01 -26.17 -18.62
CA LYS B 61 59.86 -27.03 -19.41
C LYS B 61 61.13 -26.29 -19.76
N CYS B 62 62.09 -26.31 -18.85
CA CYS B 62 63.43 -25.82 -19.09
C CYS B 62 64.26 -26.97 -19.61
N CYS B 63 65.29 -26.62 -20.38
CA CYS B 63 65.95 -27.56 -21.26
C CYS B 63 65.05 -27.91 -22.44
N GLY B 64 64.09 -27.04 -22.73
CA GLY B 64 63.08 -27.35 -23.71
C GLY B 64 62.19 -28.44 -23.17
N THR B 65 62.47 -29.64 -23.68
CA THR B 65 61.69 -30.83 -23.35
C THR B 65 62.05 -31.43 -22.01
N SER B 66 61.48 -32.61 -21.75
CA SER B 66 61.65 -33.30 -20.49
C SER B 66 60.98 -34.64 -20.66
N GLU B 67 61.15 -35.54 -19.70
CA GLU B 67 60.51 -36.85 -19.75
C GLU B 67 59.12 -36.69 -19.15
N CYS B 68 58.10 -36.61 -20.01
CA CYS B 68 56.74 -36.76 -19.52
C CYS B 68 56.49 -38.24 -19.19
N SER B 69 56.17 -38.51 -17.92
CA SER B 69 56.22 -39.87 -17.40
C SER B 69 54.86 -40.32 -16.85
N SER B 70 54.43 -41.49 -17.31
CA SER B 70 53.13 -42.06 -16.94
C SER B 70 53.20 -42.66 -15.55
N LYS B 71 52.42 -42.11 -14.63
CA LYS B 71 52.60 -42.36 -13.21
C LYS B 71 51.94 -43.64 -12.71
N GLU B 72 51.36 -44.45 -13.58
CA GLU B 72 50.83 -45.76 -13.19
C GLU B 72 49.49 -45.63 -12.46
N GLN B 73 48.72 -44.63 -12.82
CA GLN B 73 47.39 -44.45 -12.29
C GLN B 73 46.37 -44.54 -13.42
N PRO B 74 45.15 -44.99 -13.13
CA PRO B 74 44.11 -45.00 -14.16
C PRO B 74 43.56 -43.62 -14.46
N ASP B 75 43.72 -42.68 -13.54
CA ASP B 75 43.54 -41.27 -13.80
C ASP B 75 44.90 -40.58 -13.78
N TYR B 76 45.96 -41.37 -13.90
CA TYR B 76 47.30 -40.82 -13.97
C TYR B 76 47.70 -40.60 -15.42
N GLN B 77 47.36 -39.42 -15.96
CA GLN B 77 47.59 -39.11 -17.37
C GLN B 77 48.36 -37.81 -17.46
N CYS B 78 49.46 -37.84 -18.21
CA CYS B 78 50.31 -36.67 -18.37
C CYS B 78 50.29 -36.20 -19.82
N LYS B 79 50.47 -34.90 -20.01
CA LYS B 79 50.65 -34.31 -21.34
C LYS B 79 51.81 -33.33 -21.27
N VAL B 80 52.86 -33.60 -22.02
CA VAL B 80 53.93 -32.63 -22.13
C VAL B 80 53.52 -31.61 -23.17
N TYR B 81 52.84 -30.55 -22.72
CA TYR B 81 52.28 -29.50 -23.57
C TYR B 81 53.43 -28.69 -24.16
N THR B 82 53.80 -29.04 -25.38
CA THR B 82 54.86 -28.39 -26.12
C THR B 82 54.34 -27.12 -26.77
N GLY B 83 55.27 -26.38 -27.38
CA GLY B 83 55.01 -25.02 -27.82
C GLY B 83 54.89 -24.14 -26.61
N VAL B 84 55.55 -24.54 -25.52
CA VAL B 84 55.12 -24.17 -24.18
C VAL B 84 55.87 -22.91 -23.81
N TYR B 85 55.29 -21.77 -24.18
CA TYR B 85 55.84 -20.45 -23.86
C TYR B 85 54.90 -19.85 -22.82
N PRO B 86 54.96 -20.35 -21.59
CA PRO B 86 54.17 -19.77 -20.51
C PRO B 86 54.82 -18.47 -20.08
N PHE B 87 54.21 -17.37 -20.50
CA PHE B 87 54.70 -16.03 -20.25
C PHE B 87 54.23 -15.53 -18.90
N MET B 88 54.61 -16.23 -17.84
CA MET B 88 54.25 -15.80 -16.51
C MET B 88 55.08 -14.59 -16.12
N TRP B 89 54.70 -13.99 -15.00
CA TRP B 89 55.21 -12.67 -14.65
C TRP B 89 56.59 -12.73 -14.02
N GLY B 90 57.06 -13.94 -13.72
CA GLY B 90 58.33 -14.10 -13.08
C GLY B 90 59.31 -14.92 -13.88
N GLY B 91 59.25 -14.81 -15.20
CA GLY B 91 60.24 -15.50 -16.00
C GLY B 91 59.91 -16.95 -16.23
N ALA B 92 60.50 -17.51 -17.28
CA ALA B 92 60.27 -18.91 -17.58
C ALA B 92 61.18 -19.78 -16.73
N TYR B 93 60.61 -20.89 -16.23
CA TYR B 93 61.42 -22.06 -15.92
C TYR B 93 61.93 -22.57 -17.25
N CYS B 94 61.07 -22.50 -18.28
CA CYS B 94 61.45 -22.66 -19.67
C CYS B 94 62.38 -21.52 -20.07
N PHE B 95 63.63 -21.87 -20.39
CA PHE B 95 64.65 -20.88 -20.73
C PHE B 95 64.32 -20.15 -22.03
N CYS B 96 64.14 -20.87 -23.13
CA CYS B 96 63.54 -20.30 -24.33
C CYS B 96 62.03 -20.26 -24.16
N ASP B 97 61.34 -19.57 -25.07
CA ASP B 97 59.88 -19.66 -25.05
C ASP B 97 59.41 -20.97 -25.67
N SER B 98 59.82 -21.23 -26.90
CA SER B 98 59.72 -22.55 -27.52
C SER B 98 60.66 -23.56 -26.88
N GLU B 99 61.74 -23.08 -26.26
CA GLU B 99 62.59 -23.89 -25.39
C GLU B 99 62.03 -23.89 -23.96
N ASN B 100 60.79 -24.33 -23.86
CA ASN B 100 60.01 -24.33 -22.64
C ASN B 100 58.98 -25.44 -22.80
N THR B 101 58.28 -25.74 -21.74
CA THR B 101 57.05 -26.52 -21.90
C THR B 101 56.09 -26.24 -20.76
N GLN B 102 54.85 -26.68 -20.92
CA GLN B 102 53.96 -27.03 -19.84
C GLN B 102 53.89 -28.56 -19.78
N LEU B 103 54.92 -29.18 -19.25
CA LEU B 103 54.92 -30.64 -19.09
C LEU B 103 54.00 -31.01 -17.94
N SER B 104 52.69 -31.01 -18.19
CA SER B 104 51.69 -31.20 -17.15
C SER B 104 51.48 -32.68 -16.93
N GLU B 105 51.19 -33.04 -15.69
CA GLU B 105 50.69 -34.36 -15.36
C GLU B 105 49.19 -34.22 -15.15
N ALA B 106 48.60 -35.25 -14.60
CA ALA B 106 47.26 -35.16 -14.03
C ALA B 106 47.01 -36.45 -13.27
N TYR B 107 46.50 -36.30 -12.06
CA TYR B 107 46.37 -37.46 -11.18
C TYR B 107 44.93 -37.61 -10.75
N VAL B 108 44.16 -38.33 -11.54
CA VAL B 108 42.81 -38.67 -11.13
C VAL B 108 42.89 -39.86 -10.18
N ASP B 109 42.36 -39.69 -8.97
CA ASP B 109 42.32 -40.77 -8.01
C ASP B 109 40.88 -41.02 -7.59
N ARG B 110 40.70 -42.01 -6.72
CA ARG B 110 39.44 -42.16 -6.02
C ARG B 110 39.35 -41.05 -5.00
N SER B 111 38.44 -40.09 -5.24
CA SER B 111 38.24 -38.96 -4.35
C SER B 111 37.62 -39.43 -3.04
N ASP B 112 38.28 -39.08 -1.92
CA ASP B 112 38.14 -39.70 -0.60
C ASP B 112 36.79 -39.52 0.06
N VAL B 113 35.87 -38.74 -0.54
CA VAL B 113 34.47 -38.73 -0.13
C VAL B 113 33.77 -40.04 -0.52
N CYS B 114 34.39 -40.83 -1.40
CA CYS B 114 34.17 -42.26 -1.39
C CYS B 114 35.12 -42.94 -0.41
N LYS B 115 35.16 -42.48 0.84
CA LYS B 115 35.56 -43.30 1.96
C LYS B 115 34.31 -43.77 2.68
N HIS B 116 33.15 -43.25 2.31
CA HIS B 116 31.87 -43.82 2.70
C HIS B 116 30.96 -43.82 1.49
N ASP B 117 31.35 -43.07 0.46
CA ASP B 117 30.46 -42.82 -0.68
C ASP B 117 30.78 -43.85 -1.76
N HIS B 118 30.34 -45.08 -1.54
CA HIS B 118 30.52 -46.13 -2.52
C HIS B 118 29.15 -46.55 -3.03
N ALA B 119 29.14 -47.35 -4.08
CA ALA B 119 27.90 -47.90 -4.62
C ALA B 119 28.16 -49.37 -4.89
N SER B 120 27.28 -50.23 -4.40
CA SER B 120 27.49 -51.66 -4.62
C SER B 120 26.64 -52.14 -5.79
N ALA B 121 27.11 -53.20 -6.45
CA ALA B 121 26.31 -53.88 -7.46
C ALA B 121 26.31 -55.38 -7.13
N TYR B 122 25.28 -55.81 -6.42
CA TYR B 122 25.16 -57.21 -6.02
C TYR B 122 24.90 -58.07 -7.24
N LYS B 123 25.91 -58.82 -7.64
CA LYS B 123 25.69 -59.96 -8.49
C LYS B 123 24.92 -61.01 -7.71
N ALA B 124 23.82 -61.46 -8.29
CA ALA B 124 22.72 -62.08 -7.55
C ALA B 124 23.05 -63.48 -7.06
N HIS B 125 22.75 -63.70 -5.78
CA HIS B 125 22.81 -65.00 -5.12
C HIS B 125 21.48 -65.22 -4.41
N THR B 126 21.44 -66.19 -3.50
CA THR B 126 20.18 -66.69 -2.94
C THR B 126 19.51 -65.68 -2.00
N ALA B 127 18.18 -65.72 -2.00
CA ALA B 127 17.37 -64.90 -1.12
C ALA B 127 17.00 -65.73 0.09
N SER B 128 16.91 -65.05 1.24
CA SER B 128 16.83 -65.75 2.51
C SER B 128 15.37 -65.89 2.92
N LEU B 129 15.15 -66.58 4.03
CA LEU B 129 13.82 -66.71 4.60
C LEU B 129 13.96 -66.79 6.11
N LYS B 130 13.88 -65.64 6.76
CA LYS B 130 13.93 -65.61 8.22
C LYS B 130 12.48 -65.40 8.60
N ALA B 131 11.84 -66.45 9.11
CA ALA B 131 10.41 -66.44 9.37
C ALA B 131 10.13 -66.41 10.87
N THR B 132 9.36 -65.41 11.29
CA THR B 132 8.82 -65.33 12.64
C THR B 132 7.35 -65.73 12.54
N ILE B 133 7.10 -67.02 12.40
CA ILE B 133 5.74 -67.53 12.36
C ILE B 133 5.18 -67.51 13.78
N ARG B 134 4.10 -66.77 13.98
CA ARG B 134 3.38 -66.85 15.23
C ARG B 134 2.70 -68.21 15.32
N ILE B 135 3.23 -69.08 16.16
CA ILE B 135 2.73 -70.44 16.26
C ILE B 135 1.69 -70.49 17.37
N SER B 136 0.46 -70.85 17.01
CA SER B 136 -0.60 -71.01 17.99
C SER B 136 -1.05 -72.45 17.84
N TYR B 137 -0.33 -73.37 18.46
CA TYR B 137 -0.73 -74.76 18.51
C TYR B 137 -1.56 -74.95 19.76
N GLY B 138 -2.80 -74.48 19.70
CA GLY B 138 -3.73 -74.60 20.80
C GLY B 138 -3.34 -73.75 22.00
N THR B 139 -2.94 -74.43 23.07
CA THR B 139 -2.42 -73.74 24.23
C THR B 139 -0.95 -73.39 24.05
N ILE B 140 -0.31 -73.86 23.00
CA ILE B 140 1.03 -73.38 22.70
C ILE B 140 0.93 -72.14 21.82
N ASN B 141 0.68 -71.00 22.47
CA ASN B 141 0.49 -69.73 21.79
C ASN B 141 1.73 -68.89 22.01
N GLN B 142 2.58 -68.82 21.00
CA GLN B 142 3.82 -68.07 21.12
C GLN B 142 4.34 -67.74 19.73
N THR B 143 5.59 -67.36 19.65
CA THR B 143 6.25 -67.12 18.39
C THR B 143 7.31 -68.19 18.15
N THR B 144 7.63 -68.42 16.88
CA THR B 144 8.75 -69.27 16.50
C THR B 144 9.36 -68.68 15.23
N GLU B 145 10.64 -68.33 15.31
CA GLU B 145 11.34 -67.75 14.17
C GLU B 145 12.60 -68.55 13.90
N ALA B 146 12.93 -68.72 12.62
CA ALA B 146 14.13 -69.42 12.18
C ALA B 146 14.29 -69.33 10.66
N PHE B 147 15.26 -70.06 10.12
CA PHE B 147 15.47 -70.12 8.69
C PHE B 147 14.32 -70.86 8.00
N VAL B 148 13.96 -70.41 6.81
CA VAL B 148 12.70 -70.86 6.22
C VAL B 148 12.88 -72.09 5.34
N ASN B 149 14.07 -72.69 5.34
CA ASN B 149 14.26 -73.90 4.56
C ASN B 149 13.70 -75.10 5.31
N GLY B 150 13.78 -76.27 4.69
CA GLY B 150 13.34 -77.51 5.32
C GLY B 150 14.19 -77.96 6.50
N GLU B 151 15.45 -77.52 6.56
CA GLU B 151 16.25 -77.71 7.74
C GLU B 151 15.86 -76.78 8.88
N HIS B 152 15.13 -75.71 8.59
CA HIS B 152 14.41 -75.03 9.64
C HIS B 152 13.32 -75.93 10.18
N ALA B 153 13.55 -76.43 11.38
CA ALA B 153 12.52 -77.11 12.16
C ALA B 153 12.76 -76.66 13.59
N VAL B 154 12.18 -75.52 13.95
CA VAL B 154 12.41 -74.93 15.27
C VAL B 154 11.62 -75.74 16.28
N ASN B 155 12.31 -76.31 17.27
CA ASN B 155 11.66 -77.10 18.31
C ASN B 155 11.13 -76.17 19.39
N VAL B 156 10.11 -75.39 19.04
CA VAL B 156 9.62 -74.32 19.89
C VAL B 156 8.60 -74.95 20.83
N GLY B 157 8.97 -75.05 22.10
CA GLY B 157 8.09 -75.54 23.14
C GLY B 157 7.69 -76.99 23.00
N GLY B 158 8.52 -77.81 22.38
CA GLY B 158 8.13 -79.16 22.07
C GLY B 158 7.61 -79.31 20.66
N SER B 159 7.06 -78.23 20.11
CA SER B 159 6.55 -78.29 18.75
C SER B 159 7.70 -78.02 17.77
N LYS B 160 8.16 -79.07 17.11
CA LYS B 160 9.21 -78.94 16.11
C LYS B 160 8.60 -78.50 14.79
N PHE B 161 8.36 -77.19 14.66
CA PHE B 161 7.71 -76.60 13.49
C PHE B 161 8.73 -76.60 12.35
N ILE B 162 8.51 -77.46 11.36
CA ILE B 162 9.35 -77.54 10.17
C ILE B 162 8.65 -76.85 9.01
N PHE B 163 8.88 -75.54 8.88
CA PHE B 163 8.40 -74.77 7.75
C PHE B 163 9.35 -74.99 6.58
N GLY B 164 8.98 -75.92 5.69
CA GLY B 164 9.85 -76.42 4.65
C GLY B 164 10.16 -75.47 3.52
N PRO B 165 10.74 -75.99 2.42
CA PRO B 165 11.46 -75.16 1.44
C PRO B 165 10.66 -74.12 0.65
N ILE B 166 11.39 -73.27 -0.08
CA ILE B 166 10.77 -72.18 -0.83
C ILE B 166 10.14 -72.72 -2.11
N SER B 167 8.92 -72.26 -2.41
CA SER B 167 8.23 -72.80 -3.57
C SER B 167 8.52 -72.06 -4.86
N THR B 168 9.13 -70.88 -4.83
CA THR B 168 9.23 -70.07 -6.04
C THR B 168 10.22 -68.95 -5.80
N ALA B 169 11.09 -68.70 -6.78
CA ALA B 169 12.04 -67.60 -6.67
C ALA B 169 11.49 -66.30 -7.25
N TRP B 170 10.26 -65.95 -6.91
CA TRP B 170 9.77 -64.60 -7.18
C TRP B 170 10.55 -63.63 -6.32
N SER B 171 11.55 -63.01 -6.94
CA SER B 171 12.76 -62.55 -6.29
C SER B 171 12.55 -61.33 -5.42
N PRO B 172 13.30 -61.21 -4.34
CA PRO B 172 13.39 -59.93 -3.63
C PRO B 172 14.62 -59.21 -4.13
N PHE B 173 15.43 -59.93 -4.88
CA PHE B 173 16.60 -59.38 -5.53
C PHE B 173 16.48 -59.71 -7.01
N ASP B 174 17.38 -59.16 -7.80
CA ASP B 174 17.62 -59.58 -9.17
C ASP B 174 18.99 -60.23 -9.28
N ASN B 175 19.39 -60.53 -10.51
CA ASN B 175 20.76 -61.01 -10.74
C ASN B 175 21.79 -59.91 -10.58
N LYS B 176 21.38 -58.66 -10.71
CA LYS B 176 22.24 -57.52 -10.40
C LYS B 176 21.37 -56.52 -9.68
N ILE B 177 21.89 -55.93 -8.60
CA ILE B 177 21.16 -54.92 -7.85
C ILE B 177 22.16 -53.94 -7.26
N VAL B 178 22.14 -52.72 -7.74
CA VAL B 178 22.99 -51.68 -7.16
C VAL B 178 22.35 -51.19 -5.87
N VAL B 179 23.19 -50.58 -5.03
CA VAL B 179 22.78 -50.04 -3.74
C VAL B 179 23.55 -48.74 -3.53
N TYR B 180 22.81 -47.68 -3.21
CA TYR B 180 23.32 -46.34 -2.97
C TYR B 180 22.62 -45.84 -1.71
N LYS B 181 23.40 -45.32 -0.76
CA LYS B 181 23.51 -45.85 0.59
C LYS B 181 22.32 -46.62 1.15
N ASP B 182 21.13 -46.04 1.15
CA ASP B 182 19.97 -46.67 1.78
C ASP B 182 19.07 -47.35 0.77
N ASP B 183 19.55 -47.52 -0.46
CA ASP B 183 18.70 -47.84 -1.60
C ASP B 183 19.25 -49.07 -2.32
N VAL B 184 18.36 -49.98 -2.63
CA VAL B 184 18.69 -51.11 -3.46
C VAL B 184 17.73 -51.14 -4.63
N TYR B 185 18.29 -51.15 -5.84
CA TYR B 185 17.49 -51.21 -7.05
C TYR B 185 18.34 -51.90 -8.11
N ASN B 186 17.69 -52.62 -9.01
CA ASN B 186 18.41 -53.41 -10.02
C ASN B 186 18.97 -52.50 -11.09
N GLN B 187 20.28 -52.31 -11.09
CA GLN B 187 20.96 -51.50 -12.09
C GLN B 187 22.11 -52.31 -12.67
N ASP B 188 22.48 -52.03 -13.91
CA ASP B 188 23.55 -52.75 -14.59
C ASP B 188 24.91 -52.36 -14.02
N PHE B 189 25.60 -53.34 -13.44
CA PHE B 189 26.90 -53.14 -12.83
C PHE B 189 27.99 -52.96 -13.89
N PRO B 190 29.12 -52.37 -13.52
CA PRO B 190 30.23 -52.27 -14.46
C PRO B 190 30.86 -53.63 -14.71
N PRO B 191 31.57 -53.80 -15.82
CA PRO B 191 31.83 -55.15 -16.34
C PRO B 191 32.80 -56.04 -15.58
N TYR B 192 32.97 -57.26 -16.07
CA TYR B 192 33.80 -58.26 -15.42
C TYR B 192 35.26 -57.88 -15.55
N GLY B 193 35.78 -57.21 -14.52
CA GLY B 193 36.99 -56.43 -14.69
C GLY B 193 36.88 -55.35 -15.72
N SER B 194 35.72 -54.67 -15.79
CA SER B 194 35.37 -53.84 -16.93
C SER B 194 35.22 -52.39 -16.54
N GLY B 195 36.20 -51.56 -16.92
CA GLY B 195 36.00 -50.13 -16.88
C GLY B 195 34.94 -49.69 -17.87
N GLN B 196 34.19 -48.67 -17.47
CA GLN B 196 32.99 -48.27 -18.19
C GLN B 196 33.02 -46.78 -18.46
N PRO B 197 32.69 -46.36 -19.68
CA PRO B 197 32.83 -44.95 -20.04
C PRO B 197 31.52 -44.19 -19.89
N GLY B 198 31.63 -42.96 -19.41
CA GLY B 198 30.62 -41.95 -19.62
C GLY B 198 29.35 -42.08 -18.81
N ARG B 199 29.29 -43.02 -17.89
CA ARG B 199 28.09 -43.22 -17.09
C ARG B 199 28.51 -43.75 -15.73
N PHE B 200 27.53 -44.29 -15.00
CA PHE B 200 27.73 -44.87 -13.68
C PHE B 200 28.65 -46.08 -13.73
N GLY B 201 29.45 -46.26 -12.69
CA GLY B 201 30.50 -47.24 -12.72
C GLY B 201 31.78 -46.77 -13.35
N ASP B 202 32.06 -45.47 -13.27
CA ASP B 202 33.20 -44.93 -14.00
C ASP B 202 34.52 -45.31 -13.36
N ILE B 203 34.75 -44.88 -12.13
CA ILE B 203 35.90 -45.35 -11.37
C ILE B 203 35.56 -46.75 -10.91
N GLN B 204 36.04 -47.76 -11.65
CA GLN B 204 35.65 -49.13 -11.42
C GLN B 204 36.60 -49.72 -10.41
N SER B 205 36.04 -50.34 -9.38
CA SER B 205 36.86 -50.98 -8.36
C SER B 205 36.02 -52.06 -7.70
N ARG B 206 36.35 -53.32 -8.01
CA ARG B 206 35.86 -54.45 -7.21
C ARG B 206 36.36 -54.38 -5.78
N THR B 207 37.61 -53.96 -5.59
CA THR B 207 37.96 -53.40 -4.30
C THR B 207 37.33 -52.03 -4.24
N VAL B 208 36.23 -51.95 -3.51
CA VAL B 208 35.51 -50.69 -3.37
C VAL B 208 35.98 -49.95 -2.14
N GLU B 209 36.60 -50.66 -1.20
CA GLU B 209 37.45 -50.06 -0.20
C GLU B 209 38.91 -50.13 -0.62
N SER B 210 39.15 -50.52 -1.87
CA SER B 210 40.48 -50.90 -2.30
C SER B 210 41.25 -49.71 -2.85
N LYS B 211 42.57 -49.75 -2.68
CA LYS B 211 43.47 -48.88 -3.42
C LYS B 211 43.87 -49.45 -4.77
N ASP B 212 43.95 -50.76 -4.92
CA ASP B 212 44.02 -51.37 -6.24
C ASP B 212 42.65 -51.36 -6.88
N LEU B 213 42.47 -50.45 -7.83
CA LEU B 213 41.16 -50.25 -8.45
C LEU B 213 41.34 -49.42 -9.70
N TYR B 214 40.64 -49.81 -10.76
CA TYR B 214 40.79 -49.17 -12.05
C TYR B 214 39.91 -47.93 -12.17
N ALA B 215 39.65 -47.55 -13.41
CA ALA B 215 38.62 -46.58 -13.73
C ALA B 215 38.08 -46.94 -15.09
N ASN B 216 37.15 -46.12 -15.59
CA ASN B 216 36.70 -46.19 -16.99
C ASN B 216 36.41 -44.75 -17.45
N THR B 217 36.98 -43.79 -16.74
CA THR B 217 36.57 -42.41 -16.90
C THR B 217 37.44 -41.72 -17.96
N ALA B 218 36.88 -40.66 -18.54
CA ALA B 218 37.53 -39.89 -19.58
C ALA B 218 38.03 -38.57 -19.00
N LEU B 219 39.19 -38.65 -18.36
CA LEU B 219 39.87 -37.45 -17.91
C LEU B 219 40.52 -36.78 -19.11
N LYS B 220 39.81 -35.84 -19.72
CA LYS B 220 40.27 -35.18 -20.94
C LYS B 220 41.16 -34.00 -20.54
N LEU B 221 42.47 -34.22 -20.59
CA LEU B 221 43.43 -33.14 -20.42
C LEU B 221 43.53 -32.34 -21.72
N SER B 222 43.83 -31.05 -21.59
CA SER B 222 43.86 -30.16 -22.74
C SER B 222 45.23 -29.53 -22.91
N ARG B 223 45.41 -28.87 -24.05
CA ARG B 223 46.62 -28.10 -24.31
C ARG B 223 46.61 -26.86 -23.42
N PRO B 224 47.77 -26.24 -23.18
CA PRO B 224 47.81 -25.16 -22.19
C PRO B 224 47.27 -23.85 -22.75
N SER B 225 46.67 -23.07 -21.86
CA SER B 225 46.27 -21.72 -22.21
C SER B 225 47.52 -20.84 -22.27
N PRO B 226 47.48 -19.73 -23.03
CA PRO B 226 48.71 -19.16 -23.60
C PRO B 226 49.76 -18.59 -22.68
N GLY B 227 49.44 -17.54 -21.93
CA GLY B 227 50.48 -16.83 -21.20
C GLY B 227 50.48 -17.06 -19.72
N VAL B 228 49.32 -17.37 -19.15
CA VAL B 228 49.20 -17.83 -17.78
C VAL B 228 49.01 -19.34 -17.84
N VAL B 229 49.03 -19.99 -16.68
CA VAL B 229 48.80 -21.43 -16.58
C VAL B 229 47.38 -21.77 -17.02
N HIS B 230 47.28 -22.59 -18.05
CA HIS B 230 45.99 -23.10 -18.47
C HIS B 230 46.02 -24.62 -18.30
N VAL B 231 45.18 -25.11 -17.41
CA VAL B 231 45.16 -26.53 -17.04
C VAL B 231 43.94 -27.15 -17.70
N PRO B 232 44.05 -27.64 -18.94
CA PRO B 232 42.84 -28.09 -19.67
C PRO B 232 42.24 -29.43 -19.27
N TYR B 233 42.50 -29.91 -18.06
CA TYR B 233 41.88 -31.13 -17.57
C TYR B 233 40.40 -30.92 -17.35
N THR B 234 39.60 -31.36 -18.33
CA THR B 234 38.18 -31.39 -18.21
C THR B 234 37.90 -32.89 -18.21
N PRO B 235 37.59 -33.47 -17.08
CA PRO B 235 37.29 -34.90 -17.05
C PRO B 235 35.88 -35.21 -17.55
N THR B 236 35.53 -36.48 -17.52
CA THR B 236 34.15 -36.88 -17.82
C THR B 236 33.28 -36.52 -16.62
N PRO B 237 31.96 -36.52 -16.79
CA PRO B 237 31.08 -36.07 -15.71
C PRO B 237 30.95 -37.08 -14.57
N SER B 238 30.03 -36.78 -13.66
CA SER B 238 29.82 -37.61 -12.48
C SER B 238 29.18 -38.95 -12.82
N GLY B 239 29.97 -40.02 -12.75
CA GLY B 239 29.38 -41.33 -12.67
C GLY B 239 28.66 -41.57 -11.36
N PHE B 240 29.20 -41.04 -10.27
CA PHE B 240 28.42 -40.89 -9.05
C PHE B 240 27.30 -39.87 -9.24
N LYS B 241 27.58 -38.85 -10.04
CA LYS B 241 26.57 -37.86 -10.37
C LYS B 241 25.50 -38.45 -11.28
N TYR B 242 25.86 -39.47 -12.06
CA TYR B 242 24.84 -40.17 -12.84
C TYR B 242 24.02 -41.11 -11.97
N TRP B 243 24.68 -41.85 -11.08
CA TRP B 243 24.01 -42.89 -10.31
C TRP B 243 23.16 -42.30 -9.20
N LEU B 244 23.59 -41.17 -8.64
CA LEU B 244 22.78 -40.44 -7.68
C LEU B 244 21.93 -39.37 -8.34
N LYS B 245 22.30 -38.89 -9.52
CA LYS B 245 21.44 -38.01 -10.29
C LYS B 245 20.31 -38.79 -10.92
N GLU B 246 20.50 -40.09 -11.11
CA GLU B 246 19.44 -41.00 -11.47
C GLU B 246 19.20 -42.06 -10.41
N LYS B 247 19.16 -41.69 -9.13
CA LYS B 247 18.79 -42.64 -8.09
C LYS B 247 17.29 -42.90 -8.13
N GLY B 248 16.87 -43.84 -8.97
CA GLY B 248 15.47 -44.12 -9.22
C GLY B 248 14.79 -44.95 -8.15
N SER B 249 14.18 -46.06 -8.58
CA SER B 249 13.38 -46.94 -7.73
C SER B 249 14.09 -47.57 -6.53
N SER B 250 13.68 -47.15 -5.33
CA SER B 250 13.86 -47.97 -4.15
C SER B 250 13.01 -49.19 -4.43
N LEU B 251 13.61 -50.37 -4.27
CA LEU B 251 13.07 -51.59 -4.87
C LEU B 251 11.80 -52.05 -4.17
N ASN B 252 11.67 -51.75 -2.88
CA ASN B 252 10.40 -51.97 -2.22
C ASN B 252 9.36 -50.98 -2.67
N THR B 253 9.74 -49.71 -2.87
CA THR B 253 8.84 -48.73 -3.44
C THR B 253 8.66 -48.94 -4.93
N LYS B 254 9.55 -49.69 -5.58
CA LYS B 254 9.30 -50.17 -6.92
C LYS B 254 8.91 -51.63 -6.91
N ALA B 255 7.96 -52.02 -6.08
CA ALA B 255 7.80 -53.42 -5.71
C ALA B 255 7.04 -54.20 -6.78
N PRO B 256 7.72 -55.00 -7.61
CA PRO B 256 7.01 -56.05 -8.35
C PRO B 256 6.65 -57.18 -7.41
N PHE B 257 5.37 -57.27 -7.03
CA PHE B 257 4.93 -58.20 -5.99
C PHE B 257 5.14 -57.65 -4.57
N GLY B 258 5.71 -56.45 -4.48
CA GLY B 258 5.69 -55.66 -3.28
C GLY B 258 6.51 -56.18 -2.13
N CYS B 259 7.57 -56.93 -2.40
CA CYS B 259 8.50 -57.32 -1.37
C CYS B 259 9.31 -56.09 -0.97
N LYS B 260 9.02 -55.55 0.21
CA LYS B 260 9.60 -54.29 0.68
C LYS B 260 11.08 -54.51 0.96
N ILE B 261 11.92 -53.65 0.41
CA ILE B 261 13.36 -53.81 0.55
C ILE B 261 13.80 -53.43 1.96
N LYS B 262 15.01 -53.84 2.30
CA LYS B 262 15.60 -53.49 3.58
C LYS B 262 17.09 -53.38 3.38
N THR B 263 17.69 -52.44 4.11
CA THR B 263 19.06 -51.99 3.97
C THR B 263 20.04 -52.98 4.58
N ASN B 264 21.28 -52.53 4.85
CA ASN B 264 22.60 -53.18 4.85
C ASN B 264 22.67 -54.66 5.18
N PRO B 265 22.04 -55.15 6.24
CA PRO B 265 21.77 -56.59 6.30
C PRO B 265 20.70 -56.91 5.29
N VAL B 266 21.11 -57.13 4.02
CA VAL B 266 20.34 -56.68 2.87
C VAL B 266 19.14 -57.59 2.65
N ARG B 267 17.94 -57.10 2.97
CA ARG B 267 16.80 -57.97 3.17
C ARG B 267 15.57 -57.42 2.47
N ALA B 268 14.43 -57.98 2.83
CA ALA B 268 13.13 -57.55 2.33
C ALA B 268 12.04 -58.19 3.17
N MET B 269 11.08 -57.40 3.60
CA MET B 269 9.94 -57.91 4.35
C MET B 269 8.68 -57.78 3.52
N ASP B 270 7.76 -58.73 3.70
CA ASP B 270 6.48 -58.64 3.05
C ASP B 270 6.55 -58.98 1.56
N CYS B 271 7.26 -60.04 1.22
CA CYS B 271 7.18 -60.62 -0.11
C CYS B 271 5.89 -61.43 -0.24
N ALA B 272 5.08 -61.12 -1.24
CA ALA B 272 3.77 -61.74 -1.40
C ALA B 272 3.88 -62.87 -2.41
N VAL B 273 4.64 -63.91 -2.06
CA VAL B 273 4.86 -65.03 -2.97
C VAL B 273 4.90 -66.35 -2.21
N GLY B 274 3.99 -67.27 -2.57
CA GLY B 274 4.02 -68.62 -2.08
C GLY B 274 3.62 -68.79 -0.63
N SER B 275 3.98 -69.96 -0.09
CA SER B 275 3.72 -70.29 1.30
C SER B 275 4.67 -71.39 1.74
N ILE B 276 4.83 -71.52 3.05
CA ILE B 276 5.84 -72.40 3.65
C ILE B 276 5.21 -73.76 3.96
N PRO B 277 5.80 -74.86 3.49
CA PRO B 277 5.27 -76.18 3.86
C PRO B 277 5.64 -76.52 5.30
N VAL B 278 4.64 -76.41 6.17
CA VAL B 278 4.87 -76.51 7.60
C VAL B 278 4.65 -77.95 8.04
N SER B 279 5.36 -78.35 9.09
CA SER B 279 5.17 -79.65 9.69
C SER B 279 5.52 -79.53 11.16
N MET B 280 4.50 -79.28 11.96
CA MET B 280 4.67 -79.14 13.40
C MET B 280 4.82 -80.56 13.96
N ASP B 281 5.98 -80.86 14.52
CA ASP B 281 6.12 -82.07 15.31
C ASP B 281 5.62 -81.74 16.70
N ILE B 282 4.32 -81.86 16.88
CA ILE B 282 3.70 -81.67 18.19
C ILE B 282 3.65 -83.07 18.78
N PRO B 283 3.50 -83.22 20.08
CA PRO B 283 3.64 -84.55 20.67
C PRO B 283 2.33 -85.33 20.63
N ASP B 284 2.38 -86.54 21.18
CA ASP B 284 1.18 -87.16 21.72
C ASP B 284 0.77 -86.48 23.01
N SER B 285 1.73 -85.82 23.69
CA SER B 285 1.43 -84.97 24.83
C SER B 285 0.63 -83.73 24.43
N ALA B 286 0.75 -83.31 23.19
CA ALA B 286 -0.17 -82.31 22.65
C ALA B 286 -1.56 -82.86 22.35
N PHE B 287 -1.72 -84.18 22.34
CA PHE B 287 -3.01 -84.79 22.06
C PHE B 287 -3.93 -84.58 23.26
N THR B 288 -4.82 -83.59 23.14
CA THR B 288 -5.78 -83.31 24.21
C THR B 288 -6.86 -84.38 24.24
N ARG B 289 -6.64 -85.37 25.10
CA ARG B 289 -7.44 -86.60 25.20
C ARG B 289 -8.88 -86.32 25.58
N VAL B 290 -9.77 -87.24 25.20
CA VAL B 290 -11.19 -86.93 25.06
C VAL B 290 -11.88 -86.81 26.41
N VAL B 291 -11.24 -87.28 27.48
CA VAL B 291 -11.75 -87.06 28.82
C VAL B 291 -11.66 -85.60 29.24
N ASP B 292 -10.66 -84.88 28.72
CA ASP B 292 -10.58 -83.44 28.93
C ASP B 292 -11.30 -82.64 27.86
N ALA B 293 -11.75 -83.29 26.79
CA ALA B 293 -12.42 -82.59 25.72
C ALA B 293 -13.84 -82.20 26.13
N PRO B 294 -14.47 -81.33 25.36
CA PRO B 294 -15.86 -80.97 25.66
C PRO B 294 -16.80 -82.09 25.26
N ALA B 295 -17.53 -82.59 26.25
CA ALA B 295 -18.50 -83.66 26.04
C ALA B 295 -19.81 -83.02 25.63
N VAL B 296 -19.88 -82.59 24.38
CA VAL B 296 -21.05 -81.89 23.87
C VAL B 296 -21.49 -82.51 22.55
N THR B 297 -22.70 -82.20 22.14
CA THR B 297 -23.17 -82.54 20.81
C THR B 297 -24.18 -81.48 20.37
N ASP B 298 -24.95 -81.80 19.33
CA ASP B 298 -26.00 -80.96 18.78
C ASP B 298 -25.46 -79.63 18.27
N LEU B 299 -24.61 -79.70 17.25
CA LEU B 299 -23.84 -78.54 16.82
C LEU B 299 -24.71 -77.54 16.07
N SER B 300 -25.40 -76.70 16.83
CA SER B 300 -26.42 -75.82 16.26
C SER B 300 -25.82 -74.43 16.17
N CYS B 301 -25.46 -74.04 14.95
CA CYS B 301 -24.69 -72.83 14.71
C CYS B 301 -25.63 -71.66 14.46
N GLN B 302 -25.47 -70.61 15.25
CA GLN B 302 -26.38 -69.48 15.15
C GLN B 302 -25.56 -68.35 14.53
N VAL B 303 -25.53 -68.34 13.20
CA VAL B 303 -24.74 -67.35 12.48
C VAL B 303 -25.50 -66.04 12.46
N VAL B 304 -25.11 -65.13 13.35
CA VAL B 304 -25.87 -63.92 13.63
C VAL B 304 -25.83 -62.94 12.47
N VAL B 305 -24.66 -62.69 11.90
CA VAL B 305 -24.57 -61.85 10.72
C VAL B 305 -23.69 -62.55 9.70
N CYS B 306 -24.13 -62.49 8.44
CA CYS B 306 -23.32 -62.86 7.30
C CYS B 306 -22.91 -61.57 6.60
N THR B 307 -21.70 -61.09 6.93
CA THR B 307 -21.23 -59.76 6.56
C THR B 307 -20.76 -59.69 5.11
N HIS B 308 -20.13 -58.58 4.75
CA HIS B 308 -19.66 -58.34 3.37
C HIS B 308 -18.62 -59.31 2.80
N SER B 309 -17.36 -59.28 3.25
CA SER B 309 -16.88 -58.31 4.23
C SER B 309 -15.42 -58.07 4.49
N SER B 310 -15.22 -57.31 5.55
CA SER B 310 -13.94 -56.82 6.01
C SER B 310 -13.21 -57.91 6.77
N ASP B 311 -12.29 -57.46 7.64
CA ASP B 311 -11.73 -58.27 8.72
C ASP B 311 -12.84 -59.02 9.43
N PHE B 312 -12.62 -60.34 9.61
CA PHE B 312 -13.62 -61.40 9.50
C PHE B 312 -14.87 -61.24 10.35
N GLY B 313 -14.73 -61.23 11.67
CA GLY B 313 -15.74 -60.64 12.51
C GLY B 313 -17.06 -61.34 12.76
N GLY B 314 -17.63 -61.94 11.72
CA GLY B 314 -19.09 -62.08 11.59
C GLY B 314 -19.72 -63.09 12.55
N VAL B 315 -21.05 -63.15 12.52
CA VAL B 315 -21.83 -63.86 13.52
C VAL B 315 -21.68 -65.37 13.34
N ALA B 316 -21.42 -66.08 14.44
CA ALA B 316 -21.60 -67.51 14.59
C ALA B 316 -21.88 -67.81 16.05
N THR B 317 -22.63 -68.87 16.31
CA THR B 317 -22.91 -69.27 17.69
C THR B 317 -23.31 -70.73 17.74
N LEU B 318 -22.36 -71.57 18.13
CA LEU B 318 -22.58 -73.01 18.25
C LEU B 318 -23.39 -73.26 19.51
N SER B 319 -24.64 -73.70 19.35
CA SER B 319 -25.45 -74.05 20.51
C SER B 319 -25.05 -75.43 21.00
N TYR B 320 -23.92 -75.49 21.71
CA TYR B 320 -23.32 -76.76 22.04
C TYR B 320 -24.06 -77.36 23.22
N LYS B 321 -24.75 -78.46 22.95
CA LYS B 321 -25.47 -79.19 23.96
C LYS B 321 -24.47 -79.97 24.80
N THR B 322 -23.87 -79.30 25.77
CA THR B 322 -22.72 -79.82 26.48
C THR B 322 -23.01 -79.83 27.98
N ASP B 323 -22.33 -80.73 28.70
CA ASP B 323 -22.47 -80.78 30.14
C ASP B 323 -21.37 -80.02 30.87
N LYS B 324 -20.24 -79.78 30.22
CA LYS B 324 -19.14 -79.10 30.87
C LYS B 324 -18.53 -78.13 29.87
N PRO B 325 -18.84 -76.84 30.00
CA PRO B 325 -18.19 -75.84 29.14
C PRO B 325 -16.74 -75.64 29.56
N GLY B 326 -15.94 -75.10 28.64
CA GLY B 326 -14.53 -74.91 28.95
C GLY B 326 -13.74 -74.56 27.72
N LYS B 327 -12.66 -75.31 27.50
CA LYS B 327 -11.81 -75.16 26.31
C LYS B 327 -12.33 -76.19 25.30
N CYS B 328 -12.92 -75.70 24.23
CA CYS B 328 -13.44 -76.56 23.18
C CYS B 328 -12.73 -76.28 21.86
N ALA B 329 -12.76 -77.27 20.97
CA ALA B 329 -12.10 -77.15 19.69
C ALA B 329 -12.91 -76.23 18.76
N VAL B 330 -12.22 -75.23 18.23
CA VAL B 330 -12.87 -74.07 17.64
C VAL B 330 -12.71 -73.99 16.13
N HIS B 331 -11.46 -74.06 15.64
CA HIS B 331 -11.07 -73.88 14.24
C HIS B 331 -11.77 -74.83 13.27
N SER B 332 -12.52 -74.26 12.33
CA SER B 332 -13.67 -74.91 11.72
C SER B 332 -13.27 -75.53 10.39
N HIS B 333 -13.87 -76.66 10.06
CA HIS B 333 -13.41 -77.48 8.94
C HIS B 333 -13.95 -77.03 7.60
N SER B 334 -13.72 -75.77 7.22
CA SER B 334 -14.14 -75.29 5.90
C SER B 334 -13.41 -74.00 5.52
N ASN B 335 -12.71 -74.02 4.38
CA ASN B 335 -11.89 -72.89 3.97
C ASN B 335 -12.67 -71.84 3.20
N VAL B 336 -13.97 -72.05 3.00
CA VAL B 336 -14.79 -71.11 2.21
C VAL B 336 -15.03 -69.81 2.96
N ALA B 337 -15.05 -69.86 4.28
CA ALA B 337 -15.17 -68.65 5.09
C ALA B 337 -14.20 -68.73 6.25
N THR B 338 -13.41 -67.67 6.43
CA THR B 338 -12.35 -67.64 7.44
C THR B 338 -12.97 -67.49 8.82
N LEU B 339 -12.53 -68.31 9.76
CA LEU B 339 -13.07 -68.27 11.11
C LEU B 339 -12.53 -67.06 11.84
N GLN B 340 -13.28 -66.60 12.84
CA GLN B 340 -12.82 -65.48 13.62
C GLN B 340 -11.84 -65.95 14.69
N GLU B 341 -12.33 -66.74 15.63
CA GLU B 341 -11.54 -67.11 16.80
C GLU B 341 -10.95 -68.50 16.61
N ALA B 342 -10.14 -68.93 17.58
CA ALA B 342 -9.38 -70.17 17.41
C ALA B 342 -9.79 -71.23 18.41
N THR B 343 -9.94 -70.87 19.68
CA THR B 343 -10.46 -71.78 20.67
C THR B 343 -11.93 -71.45 20.88
N VAL B 344 -12.64 -72.35 21.56
CA VAL B 344 -14.05 -72.14 21.83
C VAL B 344 -14.24 -72.07 23.33
N ASP B 345 -14.61 -70.89 23.83
CA ASP B 345 -15.13 -70.82 25.18
C ASP B 345 -16.49 -71.50 25.17
N VAL B 346 -16.53 -72.70 25.73
CA VAL B 346 -17.70 -73.55 25.61
C VAL B 346 -18.61 -73.22 26.77
N LYS B 347 -19.76 -72.61 26.47
CA LYS B 347 -20.84 -72.47 27.42
C LYS B 347 -21.53 -73.83 27.49
N GLU B 348 -21.64 -74.36 28.71
CA GLU B 348 -22.14 -75.70 28.90
C GLU B 348 -23.63 -75.73 28.59
N ASP B 349 -23.98 -76.45 27.52
CA ASP B 349 -25.32 -76.42 26.93
C ASP B 349 -25.65 -75.04 26.38
N GLY B 350 -24.66 -74.34 25.86
CA GLY B 350 -24.83 -72.93 25.61
C GLY B 350 -24.45 -72.59 24.20
N LYS B 351 -24.99 -71.48 23.72
CA LYS B 351 -24.55 -70.95 22.45
C LYS B 351 -23.22 -70.27 22.74
N VAL B 352 -22.14 -71.02 22.55
CA VAL B 352 -20.81 -70.42 22.53
C VAL B 352 -20.74 -69.61 21.25
N THR B 353 -20.61 -68.30 21.39
CA THR B 353 -20.51 -67.41 20.26
C THR B 353 -19.16 -67.56 19.59
N VAL B 354 -19.04 -67.04 18.38
CA VAL B 354 -17.81 -67.14 17.61
C VAL B 354 -17.89 -66.13 16.47
N HIS B 355 -16.72 -65.68 16.04
CA HIS B 355 -16.63 -64.87 14.85
C HIS B 355 -16.39 -65.78 13.66
N PHE B 356 -16.78 -65.30 12.48
CA PHE B 356 -16.60 -66.04 11.24
C PHE B 356 -16.77 -65.06 10.10
N SER B 357 -15.80 -65.03 9.20
CA SER B 357 -15.84 -64.08 8.09
C SER B 357 -15.62 -64.76 6.75
N THR B 358 -16.60 -64.64 5.88
CA THR B 358 -16.48 -65.14 4.51
C THR B 358 -17.07 -64.06 3.62
N ALA B 359 -16.42 -63.77 2.51
CA ALA B 359 -16.93 -62.73 1.62
C ALA B 359 -17.82 -63.27 0.54
N SER B 360 -17.89 -64.60 0.42
CA SER B 360 -18.64 -65.28 -0.63
C SER B 360 -20.12 -65.17 -0.31
N ALA B 361 -20.87 -64.52 -1.21
CA ALA B 361 -22.27 -64.17 -1.03
C ALA B 361 -23.20 -65.38 -0.93
N SER B 362 -22.76 -66.56 -1.36
CA SER B 362 -23.49 -67.81 -1.16
C SER B 362 -22.73 -68.62 -0.12
N PRO B 363 -22.73 -68.16 1.13
CA PRO B 363 -21.87 -68.79 2.14
C PRO B 363 -22.50 -70.04 2.71
N ALA B 364 -21.63 -70.97 3.12
CA ALA B 364 -22.02 -72.16 3.87
C ALA B 364 -20.90 -72.44 4.88
N PHE B 365 -21.21 -72.30 6.16
CA PHE B 365 -20.21 -72.39 7.20
C PHE B 365 -20.34 -73.73 7.90
N LYS B 366 -19.32 -74.56 7.71
CA LYS B 366 -19.27 -75.91 8.26
C LYS B 366 -18.10 -75.96 9.22
N VAL B 367 -18.39 -75.89 10.50
CA VAL B 367 -17.36 -75.73 11.52
C VAL B 367 -17.04 -77.09 12.11
N SER B 368 -15.94 -77.14 12.85
CA SER B 368 -15.53 -78.34 13.58
C SER B 368 -15.60 -77.92 15.04
N VAL B 369 -16.79 -78.01 15.60
CA VAL B 369 -17.07 -77.59 16.97
C VAL B 369 -16.84 -78.81 17.83
N CYS B 370 -15.79 -78.73 18.66
CA CYS B 370 -14.83 -79.80 18.99
C CYS B 370 -15.32 -81.24 19.01
N ASP B 371 -16.49 -81.48 19.58
CA ASP B 371 -17.04 -82.83 19.61
C ASP B 371 -17.78 -83.23 18.34
N ALA B 372 -17.68 -82.47 17.25
CA ALA B 372 -18.40 -82.76 16.02
C ALA B 372 -18.11 -81.68 14.98
N LYS B 373 -18.78 -81.81 13.82
CA LYS B 373 -18.95 -80.71 12.88
C LYS B 373 -20.23 -79.94 13.22
N THR B 374 -20.43 -78.81 12.54
CA THR B 374 -21.61 -77.97 12.70
C THR B 374 -21.96 -77.34 11.36
N THR B 375 -23.21 -77.54 10.95
CA THR B 375 -23.68 -77.08 9.66
C THR B 375 -24.44 -75.77 9.81
N CYS B 376 -24.19 -74.84 8.88
CA CYS B 376 -24.99 -73.63 8.79
C CYS B 376 -24.77 -73.04 7.41
N THR B 377 -25.71 -72.21 6.97
CA THR B 377 -25.58 -71.48 5.72
C THR B 377 -26.34 -70.18 5.83
N ALA B 378 -25.65 -69.07 5.57
CA ALA B 378 -26.28 -67.77 5.53
C ALA B 378 -25.69 -67.01 4.35
N ALA B 379 -26.48 -66.12 3.77
CA ALA B 379 -26.04 -65.25 2.68
C ALA B 379 -25.13 -64.17 3.26
N CYS B 380 -23.90 -64.12 2.79
CA CYS B 380 -22.90 -63.16 3.25
C CYS B 380 -23.18 -61.87 2.48
N GLU B 381 -24.05 -61.03 3.03
CA GLU B 381 -24.58 -59.90 2.30
C GLU B 381 -23.53 -58.80 2.18
N PRO B 382 -23.35 -58.23 0.98
CA PRO B 382 -22.12 -57.47 0.68
C PRO B 382 -22.12 -56.11 1.34
N PRO B 383 -20.96 -55.59 1.68
CA PRO B 383 -20.90 -54.42 2.56
C PRO B 383 -21.11 -53.10 1.87
N LYS B 384 -20.91 -52.00 2.59
CA LYS B 384 -21.21 -50.67 2.10
C LYS B 384 -20.04 -49.96 1.43
N ASP B 385 -18.86 -50.01 2.04
CA ASP B 385 -17.75 -49.19 1.57
C ASP B 385 -17.06 -49.85 0.38
N HIS B 386 -15.91 -49.29 0.02
CA HIS B 386 -15.19 -49.86 -1.11
C HIS B 386 -13.77 -50.30 -0.83
N ILE B 387 -13.01 -49.60 0.01
CA ILE B 387 -11.61 -49.92 0.24
C ILE B 387 -11.31 -49.73 1.72
N VAL B 388 -10.49 -50.62 2.28
CA VAL B 388 -10.45 -50.78 3.74
C VAL B 388 -9.16 -51.45 4.18
N PRO B 389 -9.00 -51.71 5.48
CA PRO B 389 -7.77 -52.36 5.96
C PRO B 389 -7.55 -53.79 5.46
N TYR B 390 -8.50 -54.69 5.69
CA TYR B 390 -8.29 -56.07 5.26
C TYR B 390 -9.51 -56.96 5.40
N GLY B 391 -9.49 -58.11 4.71
CA GLY B 391 -10.48 -59.17 4.80
C GLY B 391 -9.90 -60.42 4.17
N ALA B 392 -10.51 -61.59 4.32
CA ALA B 392 -9.87 -62.79 3.80
C ALA B 392 -10.80 -63.74 3.06
N SER B 393 -12.08 -63.73 3.37
CA SER B 393 -12.97 -64.77 2.88
C SER B 393 -13.48 -64.58 1.47
N TYR C 1 -51.95 7.54 -31.23
CA TYR C 1 -50.67 8.06 -30.76
C TYR C 1 -49.87 6.91 -30.19
N GLU C 2 -50.05 5.75 -30.80
CA GLU C 2 -49.46 4.49 -30.33
C GLU C 2 -48.90 3.72 -31.52
N HIS C 3 -47.58 3.63 -31.59
CA HIS C 3 -46.92 2.76 -32.55
C HIS C 3 -46.37 1.52 -31.85
N THR C 4 -46.10 0.48 -32.63
CA THR C 4 -45.53 -0.74 -32.10
C THR C 4 -44.27 -1.10 -32.89
N ALA C 5 -43.11 -1.05 -32.23
CA ALA C 5 -41.83 -1.16 -32.92
C ALA C 5 -40.96 -2.20 -32.23
N THR C 6 -39.80 -2.48 -32.84
CA THR C 6 -38.87 -3.49 -32.35
C THR C 6 -37.46 -2.93 -32.37
N ILE C 7 -36.89 -2.78 -31.18
CA ILE C 7 -35.51 -2.39 -31.01
C ILE C 7 -34.71 -3.63 -30.64
N PRO C 8 -33.76 -4.05 -31.45
CA PRO C 8 -33.03 -5.28 -31.15
C PRO C 8 -31.98 -5.07 -30.07
N ASN C 9 -31.23 -6.13 -29.76
CA ASN C 9 -30.23 -6.08 -28.70
C ASN C 9 -28.99 -5.26 -29.04
N VAL C 10 -28.80 -4.83 -30.30
CA VAL C 10 -27.72 -3.92 -30.63
C VAL C 10 -28.19 -2.49 -30.41
N VAL C 11 -27.58 -1.81 -29.44
CA VAL C 11 -28.05 -0.49 -29.03
C VAL C 11 -27.08 0.58 -29.54
N GLY C 12 -27.64 1.71 -29.98
CA GLY C 12 -26.84 2.78 -30.53
C GLY C 12 -26.93 2.95 -32.03
N PHE C 13 -27.51 1.99 -32.74
CA PHE C 13 -27.87 2.23 -34.13
C PHE C 13 -29.17 2.99 -34.06
N PRO C 14 -29.35 4.07 -34.83
CA PRO C 14 -30.54 4.90 -34.67
C PRO C 14 -31.81 4.24 -35.18
N TYR C 15 -32.64 3.78 -34.25
CA TYR C 15 -33.86 3.08 -34.61
C TYR C 15 -34.89 4.09 -35.11
N LYS C 16 -34.82 4.34 -36.41
CA LYS C 16 -35.51 5.50 -36.98
C LYS C 16 -36.64 4.98 -37.85
N ALA C 17 -37.84 5.45 -37.60
CA ALA C 17 -39.01 4.98 -38.30
C ALA C 17 -40.00 6.12 -38.47
N HIS C 18 -40.51 6.28 -39.68
CA HIS C 18 -41.57 7.21 -39.96
C HIS C 18 -42.87 6.65 -39.44
N ILE C 19 -43.44 7.35 -38.47
CA ILE C 19 -44.74 7.03 -37.92
C ILE C 19 -45.73 7.72 -38.85
N GLU C 20 -46.49 6.93 -39.59
CA GLU C 20 -47.53 7.47 -40.45
C GLU C 20 -48.76 7.81 -39.62
N ARG C 21 -48.80 9.04 -39.12
CA ARG C 21 -49.97 9.55 -38.41
C ARG C 21 -50.79 10.27 -39.46
N ASN C 22 -52.00 9.77 -39.70
CA ASN C 22 -52.83 10.24 -40.80
C ASN C 22 -53.29 11.67 -40.56
N GLY C 23 -53.24 12.47 -41.62
CA GLY C 23 -53.31 13.91 -41.51
C GLY C 23 -51.95 14.57 -41.42
N PHE C 24 -50.90 13.81 -41.14
CA PHE C 24 -49.56 14.34 -41.04
C PHE C 24 -48.59 13.53 -41.88
N SER C 25 -47.33 13.94 -41.88
CA SER C 25 -46.36 13.19 -42.64
C SER C 25 -45.81 12.06 -41.77
N PRO C 26 -45.03 11.15 -42.33
CA PRO C 26 -44.46 10.06 -41.52
C PRO C 26 -43.27 10.53 -40.69
N MET C 27 -43.50 10.69 -39.40
CA MET C 27 -42.52 11.35 -38.54
C MET C 27 -41.47 10.34 -38.09
N THR C 28 -40.23 10.57 -38.50
CA THR C 28 -39.15 9.66 -38.15
C THR C 28 -38.76 9.86 -36.70
N LEU C 29 -39.06 8.87 -35.88
CA LEU C 29 -38.53 8.79 -34.53
C LEU C 29 -37.23 8.01 -34.64
N GLN C 30 -36.16 8.60 -34.14
CA GLN C 30 -34.85 7.97 -34.14
C GLN C 30 -34.52 7.67 -32.69
N LEU C 31 -34.34 6.39 -32.38
CA LEU C 31 -34.20 5.97 -31.00
C LEU C 31 -32.77 5.54 -30.74
N GLU C 32 -32.31 5.76 -29.52
CA GLU C 32 -30.93 5.53 -29.10
C GLU C 32 -31.00 4.51 -27.96
N VAL C 33 -30.09 3.56 -27.96
CA VAL C 33 -30.08 2.49 -26.98
C VAL C 33 -28.95 2.69 -25.99
N VAL C 34 -29.30 2.97 -24.76
CA VAL C 34 -28.41 2.77 -23.62
C VAL C 34 -29.05 1.65 -22.82
N GLU C 35 -28.41 1.27 -21.70
CA GLU C 35 -28.15 -0.08 -21.18
C GLU C 35 -29.24 -1.17 -21.08
N THR C 36 -28.88 -2.32 -20.55
CA THR C 36 -29.69 -3.53 -20.73
C THR C 36 -29.90 -4.37 -19.48
N SER C 37 -29.22 -3.99 -18.38
CA SER C 37 -28.62 -4.86 -17.35
C SER C 37 -29.28 -6.18 -16.99
N TRP C 38 -28.50 -7.26 -16.98
CA TRP C 38 -29.00 -8.62 -16.92
C TRP C 38 -29.58 -8.99 -15.57
N GLU C 39 -28.88 -8.64 -14.49
CA GLU C 39 -29.34 -8.50 -13.11
C GLU C 39 -30.08 -9.68 -12.50
N PRO C 40 -29.45 -10.84 -12.39
CA PRO C 40 -30.18 -12.03 -11.94
C PRO C 40 -30.47 -12.01 -10.44
N THR C 41 -31.41 -12.86 -10.05
CA THR C 41 -31.90 -12.87 -8.67
C THR C 41 -30.89 -13.59 -7.79
N LEU C 42 -29.85 -12.88 -7.38
CA LEU C 42 -28.80 -13.49 -6.58
C LEU C 42 -29.08 -13.36 -5.08
N ASN C 43 -28.49 -14.26 -4.32
CA ASN C 43 -28.65 -14.27 -2.87
C ASN C 43 -27.46 -15.05 -2.33
N LEU C 44 -26.62 -14.39 -1.55
CA LEU C 44 -25.31 -14.96 -1.27
C LEU C 44 -25.27 -16.08 -0.24
N GLU C 45 -24.72 -17.23 -0.64
CA GLU C 45 -24.02 -18.11 0.27
C GLU C 45 -22.57 -17.66 0.31
N TYR C 46 -21.75 -18.47 0.98
CA TYR C 46 -20.44 -18.16 1.59
C TYR C 46 -19.47 -17.27 0.84
N ILE C 47 -18.77 -16.42 1.59
CA ILE C 47 -17.87 -15.40 1.01
C ILE C 47 -16.44 -15.90 1.00
N THR C 48 -16.29 -17.23 1.00
CA THR C 48 -15.25 -18.03 1.67
C THR C 48 -13.80 -17.57 1.58
N CYS C 49 -13.27 -17.22 2.74
CA CYS C 49 -11.93 -16.70 2.90
C CYS C 49 -11.14 -17.76 3.66
N GLU C 50 -9.91 -17.42 4.01
CA GLU C 50 -9.02 -18.42 4.61
C GLU C 50 -9.40 -18.63 6.07
N TYR C 51 -9.41 -19.87 6.51
CA TYR C 51 -9.84 -20.19 7.86
C TYR C 51 -8.73 -19.87 8.85
N LYS C 52 -9.02 -20.03 10.14
CA LYS C 52 -8.07 -19.61 11.16
C LYS C 52 -8.01 -20.72 12.21
N THR C 53 -6.80 -21.20 12.48
CA THR C 53 -6.56 -22.18 13.53
C THR C 53 -5.96 -21.48 14.73
N VAL C 54 -6.81 -21.15 15.71
CA VAL C 54 -6.34 -20.57 16.95
C VAL C 54 -5.91 -21.69 17.88
N VAL C 55 -4.63 -21.73 18.22
CA VAL C 55 -4.13 -22.76 19.11
C VAL C 55 -2.96 -22.21 19.91
N PRO C 56 -3.14 -21.94 21.21
CA PRO C 56 -1.99 -21.61 22.06
C PRO C 56 -1.26 -22.88 22.47
N SER C 57 -0.30 -22.72 23.37
CA SER C 57 0.53 -23.83 23.77
C SER C 57 -0.27 -24.76 24.69
N PRO C 58 0.12 -26.03 24.82
CA PRO C 58 -0.74 -26.99 25.53
C PRO C 58 -0.34 -27.11 26.99
N PHE C 59 -1.09 -27.92 27.71
CA PHE C 59 -0.82 -28.23 29.11
C PHE C 59 0.28 -29.30 29.16
N ILE C 60 1.37 -28.97 29.84
CA ILE C 60 2.33 -29.95 30.29
C ILE C 60 1.86 -30.41 31.66
N LYS C 61 0.92 -31.34 31.68
CA LYS C 61 0.39 -31.86 32.93
C LYS C 61 1.46 -32.75 33.54
N CYS C 62 2.29 -32.15 34.39
CA CYS C 62 3.44 -32.82 34.96
C CYS C 62 3.08 -33.36 36.33
N CYS C 63 3.75 -34.43 36.73
CA CYS C 63 3.37 -35.20 37.90
C CYS C 63 2.08 -35.92 37.59
N GLY C 64 1.97 -36.47 36.39
CA GLY C 64 0.74 -37.12 35.95
C GLY C 64 0.47 -36.83 34.49
N THR C 65 -0.81 -36.73 34.19
CA THR C 65 -1.26 -36.24 32.88
C THR C 65 -1.86 -34.83 32.98
N SER C 66 -2.47 -34.37 31.90
CA SER C 66 -3.25 -33.14 31.93
C SER C 66 -4.65 -33.44 31.40
N GLU C 67 -5.69 -32.97 32.08
CA GLU C 67 -7.08 -33.33 31.76
C GLU C 67 -7.59 -32.42 30.67
N CYS C 68 -7.58 -32.90 29.42
CA CYS C 68 -7.99 -32.09 28.28
C CYS C 68 -9.51 -32.09 28.18
N SER C 69 -10.05 -31.25 27.31
CA SER C 69 -11.49 -31.06 27.21
C SER C 69 -11.92 -31.02 25.75
N SER C 70 -13.20 -31.28 25.54
CA SER C 70 -13.80 -31.06 24.22
C SER C 70 -14.97 -30.10 24.33
N LYS C 71 -14.67 -28.80 24.22
CA LYS C 71 -15.68 -27.77 24.41
C LYS C 71 -16.43 -27.44 23.13
N GLU C 72 -16.21 -28.18 22.05
CA GLU C 72 -16.74 -27.80 20.76
C GLU C 72 -16.04 -26.57 20.21
N GLN C 73 -14.71 -26.63 20.13
CA GLN C 73 -13.97 -25.77 19.24
C GLN C 73 -14.32 -26.16 17.81
N PRO C 74 -14.43 -25.20 16.89
CA PRO C 74 -14.89 -25.54 15.53
C PRO C 74 -13.84 -26.25 14.71
N ASP C 75 -12.57 -25.98 14.97
CA ASP C 75 -11.48 -26.81 14.52
C ASP C 75 -10.85 -27.46 15.74
N TYR C 76 -11.72 -27.82 16.68
CA TYR C 76 -11.27 -28.32 17.96
C TYR C 76 -10.80 -29.75 17.81
N GLN C 77 -9.49 -29.92 17.85
CA GLN C 77 -8.86 -31.22 17.94
C GLN C 77 -7.91 -31.18 19.13
N CYS C 78 -7.96 -32.22 19.95
CA CYS C 78 -7.15 -32.27 21.16
C CYS C 78 -5.99 -33.21 20.90
N LYS C 79 -4.78 -32.66 20.95
CA LYS C 79 -3.57 -33.47 20.77
C LYS C 79 -3.14 -33.86 22.17
N VAL C 80 -3.82 -34.81 22.71
CA VAL C 80 -3.50 -35.28 24.04
C VAL C 80 -2.45 -36.36 23.88
N TYR C 81 -1.17 -35.97 23.87
CA TYR C 81 -0.08 -36.92 24.02
C TYR C 81 0.05 -37.21 25.51
N THR C 82 -0.88 -37.98 26.05
CA THR C 82 -0.79 -38.48 27.41
C THR C 82 0.05 -39.72 27.38
N GLY C 83 0.98 -39.81 28.31
CA GLY C 83 2.05 -40.77 28.18
C GLY C 83 3.06 -40.16 27.25
N VAL C 84 3.14 -38.85 27.27
CA VAL C 84 4.13 -38.10 26.54
C VAL C 84 4.76 -37.15 27.55
N TYR C 85 5.99 -37.46 27.96
CA TYR C 85 6.74 -36.59 28.87
C TYR C 85 7.43 -35.59 27.96
N PRO C 86 6.85 -34.39 27.79
CA PRO C 86 7.43 -33.42 26.86
C PRO C 86 8.58 -32.67 27.52
N PHE C 87 9.79 -32.96 27.06
CA PHE C 87 11.04 -32.48 27.65
C PHE C 87 11.31 -31.03 27.31
N MET C 88 10.90 -30.12 28.19
CA MET C 88 10.71 -28.70 27.97
C MET C 88 12.01 -27.98 27.59
N TRP C 89 11.84 -26.79 27.02
CA TRP C 89 12.90 -26.17 26.22
C TRP C 89 14.05 -25.63 27.06
N GLY C 90 13.87 -25.53 28.37
CA GLY C 90 14.95 -25.13 29.25
C GLY C 90 15.13 -26.05 30.43
N GLY C 91 14.56 -27.25 30.35
CA GLY C 91 14.68 -28.18 31.45
C GLY C 91 13.62 -29.28 31.41
N ALA C 92 13.74 -30.27 32.29
CA ALA C 92 12.70 -31.28 32.44
C ALA C 92 11.73 -30.81 33.52
N TYR C 93 10.89 -29.84 33.14
CA TYR C 93 9.95 -29.17 34.03
C TYR C 93 8.87 -30.16 34.41
N CYS C 94 8.52 -31.01 33.45
CA CYS C 94 7.85 -32.28 33.75
C CYS C 94 8.91 -33.17 34.34
N PHE C 95 9.13 -33.05 35.67
CA PHE C 95 10.05 -33.92 36.36
C PHE C 95 9.53 -35.34 36.41
N CYS C 96 8.22 -35.51 36.38
CA CYS C 96 7.69 -36.77 35.91
C CYS C 96 7.99 -36.90 34.43
N ASP C 97 8.98 -37.75 34.11
CA ASP C 97 9.22 -38.17 32.74
C ASP C 97 8.13 -39.15 32.31
N SER C 98 7.79 -40.10 33.19
CA SER C 98 6.58 -40.89 33.05
C SER C 98 5.36 -40.16 33.59
N GLU C 99 5.55 -39.27 34.56
CA GLU C 99 4.45 -38.44 35.04
C GLU C 99 4.44 -37.11 34.29
N ASN C 100 4.35 -37.21 32.98
CA ASN C 100 4.33 -36.05 32.11
C ASN C 100 3.27 -36.30 31.05
N THR C 101 2.47 -35.28 30.78
CA THR C 101 1.45 -35.37 29.75
C THR C 101 1.56 -34.12 28.88
N GLN C 102 1.78 -34.32 27.58
CA GLN C 102 1.76 -33.25 26.61
C GLN C 102 0.35 -33.17 26.02
N LEU C 103 -0.59 -32.60 26.76
CA LEU C 103 -1.97 -32.60 26.32
C LEU C 103 -2.33 -31.20 25.88
N SER C 104 -2.57 -31.02 24.59
CA SER C 104 -2.91 -29.71 24.03
C SER C 104 -4.26 -29.81 23.34
N GLU C 105 -4.80 -28.66 22.95
CA GLU C 105 -6.04 -28.58 22.20
C GLU C 105 -5.94 -27.42 21.23
N ALA C 106 -6.70 -27.50 20.14
CA ALA C 106 -6.69 -26.45 19.13
C ALA C 106 -8.12 -26.22 18.65
N TYR C 107 -8.41 -24.97 18.28
CA TYR C 107 -9.73 -24.57 17.84
C TYR C 107 -9.61 -23.81 16.53
N VAL C 108 -10.73 -23.70 15.83
CA VAL C 108 -10.70 -23.07 14.52
C VAL C 108 -11.97 -22.27 14.33
N ASP C 109 -11.88 -21.26 13.48
CA ASP C 109 -13.02 -20.43 13.13
C ASP C 109 -12.82 -19.82 11.76
N ARG C 110 -13.82 -19.05 11.32
CA ARG C 110 -13.73 -18.31 10.06
C ARG C 110 -12.80 -17.12 10.24
N SER C 111 -11.78 -17.03 9.39
CA SER C 111 -10.71 -16.06 9.55
C SER C 111 -11.24 -14.66 9.23
N ASP C 112 -10.78 -13.69 10.03
CA ASP C 112 -11.37 -12.37 10.12
C ASP C 112 -10.95 -11.41 9.02
N VAL C 113 -10.50 -11.91 7.87
CA VAL C 113 -10.21 -11.03 6.74
C VAL C 113 -11.49 -10.60 6.04
N CYS C 114 -12.59 -11.29 6.30
CA CYS C 114 -13.86 -10.95 5.68
C CYS C 114 -14.55 -9.78 6.39
N LYS C 115 -13.91 -8.62 6.38
CA LYS C 115 -14.59 -7.36 6.63
C LYS C 115 -14.51 -6.49 5.39
N HIS C 116 -13.52 -6.71 4.54
CA HIS C 116 -13.52 -6.19 3.19
C HIS C 116 -13.44 -7.40 2.28
N ASP C 117 -12.84 -8.48 2.77
CA ASP C 117 -12.48 -9.61 1.91
C ASP C 117 -13.55 -10.71 1.95
N HIS C 118 -14.72 -10.41 1.39
CA HIS C 118 -15.70 -11.46 1.12
C HIS C 118 -15.60 -11.83 -0.34
N ALA C 119 -16.24 -12.93 -0.73
CA ALA C 119 -16.46 -13.25 -2.15
C ALA C 119 -17.79 -13.95 -2.28
N SER C 120 -18.85 -13.17 -2.48
CA SER C 120 -20.21 -13.65 -2.18
C SER C 120 -20.77 -14.50 -3.32
N ALA C 121 -21.11 -15.74 -2.99
CA ALA C 121 -21.66 -16.66 -3.98
C ALA C 121 -23.17 -16.44 -4.06
N TYR C 122 -23.58 -15.46 -4.85
CA TYR C 122 -25.00 -15.19 -5.03
C TYR C 122 -25.64 -16.32 -5.83
N LYS C 123 -26.51 -17.06 -5.15
CA LYS C 123 -27.35 -18.04 -5.81
C LYS C 123 -28.30 -17.30 -6.74
N ALA C 124 -28.57 -17.90 -7.88
CA ALA C 124 -29.10 -17.17 -9.02
C ALA C 124 -30.59 -17.40 -9.17
N HIS C 125 -31.27 -16.36 -9.59
CA HIS C 125 -32.69 -16.37 -9.92
C HIS C 125 -32.85 -15.78 -11.31
N THR C 126 -34.08 -15.45 -11.69
CA THR C 126 -34.30 -14.75 -12.95
C THR C 126 -33.77 -13.31 -12.88
N ALA C 127 -33.64 -12.70 -14.06
CA ALA C 127 -33.12 -11.35 -14.19
C ALA C 127 -33.94 -10.59 -15.22
N SER C 128 -33.51 -9.36 -15.51
CA SER C 128 -34.33 -8.41 -16.24
C SER C 128 -33.48 -7.62 -17.22
N LEU C 129 -33.97 -6.45 -17.62
CA LEU C 129 -33.21 -5.51 -18.42
C LEU C 129 -33.19 -4.16 -17.72
N LYS C 130 -32.48 -3.19 -18.29
CA LYS C 130 -32.57 -1.79 -17.82
C LYS C 130 -32.24 -0.88 -19.00
N ALA C 131 -33.26 -0.20 -19.54
CA ALA C 131 -33.19 0.49 -20.82
C ALA C 131 -32.95 1.99 -20.64
N THR C 132 -32.32 2.62 -21.64
CA THR C 132 -32.06 4.06 -21.64
C THR C 132 -32.35 4.57 -23.05
N ILE C 133 -33.60 4.94 -23.28
CA ILE C 133 -34.06 5.28 -24.62
C ILE C 133 -33.74 6.74 -24.90
N ARG C 134 -32.91 6.98 -25.90
CA ARG C 134 -32.92 8.28 -26.54
C ARG C 134 -34.10 8.30 -27.49
N ILE C 135 -34.93 9.30 -27.39
CA ILE C 135 -35.99 9.51 -28.35
C ILE C 135 -35.65 10.74 -29.16
N SER C 136 -35.88 10.65 -30.47
CA SER C 136 -35.92 11.81 -31.34
C SER C 136 -37.23 11.67 -32.11
N TYR C 137 -38.28 12.25 -31.57
CA TYR C 137 -39.61 12.13 -32.13
C TYR C 137 -40.15 13.53 -32.34
N GLY C 138 -40.32 13.91 -33.60
CA GLY C 138 -40.72 15.26 -33.96
C GLY C 138 -39.65 16.26 -33.61
N THR C 139 -40.02 17.33 -32.93
CA THR C 139 -39.03 18.23 -32.36
C THR C 139 -38.59 17.75 -30.99
N ILE C 140 -39.21 16.69 -30.47
CA ILE C 140 -38.79 16.11 -29.21
C ILE C 140 -37.50 15.34 -29.42
N ASN C 141 -36.61 15.48 -28.45
CA ASN C 141 -35.37 14.72 -28.36
C ASN C 141 -34.96 14.72 -26.91
N GLN C 142 -34.54 13.55 -26.43
CA GLN C 142 -34.12 13.38 -25.04
C GLN C 142 -33.53 11.99 -24.88
N THR C 143 -32.98 11.72 -23.71
CA THR C 143 -32.36 10.42 -23.44
C THR C 143 -32.60 10.01 -22.00
N THR C 144 -33.56 9.12 -21.78
CA THR C 144 -34.06 8.83 -20.44
C THR C 144 -33.94 7.34 -20.17
N GLU C 145 -34.40 6.92 -19.00
CA GLU C 145 -34.32 5.52 -18.60
C GLU C 145 -35.72 4.93 -18.56
N ALA C 146 -35.79 3.61 -18.74
CA ALA C 146 -37.02 2.84 -18.73
C ALA C 146 -36.71 1.44 -18.23
N PHE C 147 -37.75 0.72 -17.82
CA PHE C 147 -37.57 -0.63 -17.31
C PHE C 147 -37.30 -1.59 -18.47
N VAL C 148 -36.78 -2.78 -18.13
CA VAL C 148 -36.45 -3.75 -19.16
C VAL C 148 -37.67 -4.53 -19.61
N ASN C 149 -38.62 -4.77 -18.71
CA ASN C 149 -39.79 -5.56 -19.06
C ASN C 149 -40.85 -4.70 -19.71
N GLY C 150 -41.91 -5.35 -20.19
CA GLY C 150 -43.00 -4.66 -20.86
C GLY C 150 -43.84 -3.81 -19.95
N GLU C 151 -43.83 -4.15 -18.67
CA GLU C 151 -44.66 -3.51 -17.65
C GLU C 151 -44.27 -2.09 -17.31
N HIS C 152 -43.11 -1.61 -17.74
CA HIS C 152 -42.86 -0.20 -17.59
C HIS C 152 -43.65 0.55 -18.65
N ALA C 153 -44.59 1.38 -18.19
CA ALA C 153 -45.16 2.41 -19.05
C ALA C 153 -44.10 3.51 -19.03
N VAL C 154 -43.21 3.48 -20.02
CA VAL C 154 -41.92 4.18 -19.91
C VAL C 154 -42.12 5.66 -20.22
N ASN C 155 -42.42 6.45 -19.19
CA ASN C 155 -43.08 7.73 -19.39
C ASN C 155 -42.16 8.88 -18.99
N VAL C 156 -41.87 9.74 -19.96
CA VAL C 156 -41.23 11.03 -19.72
C VAL C 156 -41.32 11.86 -21.00
N GLY C 157 -41.55 13.17 -20.84
CA GLY C 157 -41.37 14.15 -21.89
C GLY C 157 -42.29 14.02 -23.06
N GLY C 158 -43.54 13.64 -22.84
CA GLY C 158 -44.44 13.39 -23.93
C GLY C 158 -44.50 11.92 -24.28
N SER C 159 -43.50 11.15 -23.85
CA SER C 159 -43.25 9.87 -24.48
C SER C 159 -43.29 8.72 -23.49
N LYS C 160 -44.16 7.75 -23.76
CA LYS C 160 -44.17 6.49 -23.04
C LYS C 160 -43.67 5.37 -23.95
N PHE C 161 -42.93 4.44 -23.36
CA PHE C 161 -42.39 3.27 -24.06
C PHE C 161 -42.73 2.04 -23.23
N ILE C 162 -43.70 1.25 -23.70
CA ILE C 162 -44.06 -0.03 -23.10
C ILE C 162 -43.37 -1.15 -23.87
N PHE C 163 -42.17 -1.51 -23.45
CA PHE C 163 -41.26 -2.29 -24.28
C PHE C 163 -41.10 -3.70 -23.75
N GLY C 164 -41.67 -4.67 -24.49
CA GLY C 164 -41.77 -6.06 -24.10
C GLY C 164 -40.42 -6.72 -23.94
N PRO C 165 -40.33 -7.67 -22.97
CA PRO C 165 -39.03 -8.05 -22.39
C PRO C 165 -38.12 -8.81 -23.32
N ILE C 166 -36.83 -8.92 -22.95
CA ILE C 166 -35.84 -9.67 -23.72
C ILE C 166 -36.25 -11.13 -23.63
N SER C 167 -36.86 -11.63 -24.70
CA SER C 167 -37.69 -12.83 -24.69
C SER C 167 -36.92 -14.12 -24.49
N THR C 168 -35.59 -14.09 -24.47
CA THR C 168 -34.83 -15.30 -24.23
C THR C 168 -33.94 -14.98 -23.04
N ALA C 169 -33.37 -16.02 -22.43
CA ALA C 169 -32.47 -15.86 -21.32
C ALA C 169 -31.15 -15.33 -21.86
N TRP C 170 -31.05 -14.00 -21.98
CA TRP C 170 -29.76 -13.40 -22.27
C TRP C 170 -28.90 -13.58 -21.04
N SER C 171 -28.11 -14.65 -21.08
CA SER C 171 -27.70 -15.24 -19.84
C SER C 171 -26.39 -14.57 -19.48
N PRO C 172 -26.40 -13.71 -18.50
CA PRO C 172 -25.13 -13.26 -17.93
C PRO C 172 -24.89 -14.00 -16.64
N PHE C 173 -25.71 -15.01 -16.37
CA PHE C 173 -25.78 -15.63 -15.06
C PHE C 173 -25.43 -17.10 -15.15
N ASP C 174 -24.68 -17.58 -14.16
CA ASP C 174 -24.49 -18.99 -13.88
C ASP C 174 -25.32 -19.37 -12.66
N ASN C 175 -25.47 -20.68 -12.44
CA ASN C 175 -26.35 -21.19 -11.38
C ASN C 175 -25.82 -20.88 -9.99
N LYS C 176 -24.50 -20.76 -9.84
CA LYS C 176 -23.87 -20.22 -8.64
C LYS C 176 -23.01 -19.02 -9.04
N ILE C 177 -23.61 -17.84 -9.11
CA ILE C 177 -22.89 -16.64 -9.56
C ILE C 177 -22.03 -16.19 -8.39
N VAL C 178 -20.83 -16.70 -8.31
CA VAL C 178 -19.92 -16.24 -7.28
C VAL C 178 -19.36 -14.91 -7.72
N VAL C 179 -19.91 -13.84 -7.14
CA VAL C 179 -19.35 -12.51 -7.30
C VAL C 179 -18.13 -12.48 -6.42
N TYR C 180 -16.97 -12.79 -7.00
CA TYR C 180 -15.68 -12.59 -6.34
C TYR C 180 -15.37 -11.14 -6.63
N LYS C 181 -15.28 -10.34 -5.55
CA LYS C 181 -15.98 -9.06 -5.40
C LYS C 181 -16.20 -8.21 -6.64
N ASP C 182 -15.15 -7.98 -7.40
CA ASP C 182 -15.23 -7.19 -8.62
C ASP C 182 -15.20 -8.06 -9.86
N ASP C 183 -15.99 -9.12 -9.88
CA ASP C 183 -16.01 -10.03 -11.02
C ASP C 183 -16.96 -11.19 -10.75
N VAL C 184 -17.45 -11.80 -11.82
CA VAL C 184 -18.33 -12.95 -11.73
C VAL C 184 -17.50 -14.22 -11.71
N TYR C 185 -18.13 -15.33 -11.32
CA TYR C 185 -17.56 -16.66 -11.45
C TYR C 185 -18.72 -17.65 -11.44
N ASN C 186 -19.02 -18.20 -12.59
CA ASN C 186 -20.01 -19.26 -12.66
C ASN C 186 -19.37 -20.53 -12.11
N GLN C 187 -19.91 -21.05 -11.01
CA GLN C 187 -19.40 -22.28 -10.42
C GLN C 187 -20.43 -22.81 -9.43
N ASP C 188 -20.60 -24.13 -9.41
CA ASP C 188 -21.47 -24.75 -8.42
C ASP C 188 -20.78 -24.79 -7.07
N PHE C 189 -21.36 -24.16 -6.09
CA PHE C 189 -20.76 -24.28 -4.78
C PHE C 189 -21.35 -25.48 -4.04
N PRO C 190 -20.84 -25.79 -2.86
CA PRO C 190 -21.59 -26.66 -1.96
C PRO C 190 -22.58 -25.84 -1.18
N PRO C 191 -23.31 -26.46 -0.25
CA PRO C 191 -24.35 -25.71 0.48
C PRO C 191 -23.82 -24.75 1.54
N TYR C 192 -24.72 -24.17 2.32
CA TYR C 192 -24.33 -23.35 3.46
C TYR C 192 -23.74 -24.23 4.53
N GLY C 193 -22.41 -24.29 4.57
CA GLY C 193 -21.71 -25.30 5.33
C GLY C 193 -21.62 -26.63 4.63
N SER C 194 -22.12 -26.74 3.41
CA SER C 194 -22.27 -27.99 2.69
C SER C 194 -21.08 -28.22 1.78
N GLY C 195 -19.89 -27.88 2.26
CA GLY C 195 -18.69 -28.06 1.48
C GLY C 195 -17.78 -29.15 2.04
N GLN C 196 -16.70 -29.39 1.31
CA GLN C 196 -15.75 -30.44 1.61
C GLN C 196 -14.41 -29.76 1.81
N PRO C 197 -13.37 -30.53 2.13
CA PRO C 197 -12.03 -29.94 2.21
C PRO C 197 -11.53 -29.59 0.82
N GLY C 198 -11.06 -28.36 0.68
CA GLY C 198 -10.66 -27.86 -0.62
C GLY C 198 -11.81 -27.53 -1.54
N ARG C 199 -13.02 -27.41 -1.01
CA ARG C 199 -14.16 -26.94 -1.78
C ARG C 199 -13.99 -25.44 -1.93
N PHE C 200 -14.49 -24.91 -3.05
CA PHE C 200 -14.33 -23.50 -3.40
C PHE C 200 -15.15 -22.62 -2.47
N GLY C 201 -14.48 -21.99 -1.51
CA GLY C 201 -15.17 -21.54 -0.33
C GLY C 201 -15.37 -22.62 0.72
N ASP C 202 -14.28 -23.09 1.36
CA ASP C 202 -14.35 -24.20 2.30
C ASP C 202 -15.13 -23.85 3.55
N ILE C 203 -15.09 -22.60 3.98
CA ILE C 203 -15.99 -22.11 5.02
C ILE C 203 -17.32 -21.88 4.33
N GLN C 204 -18.41 -22.08 5.05
CA GLN C 204 -19.73 -21.94 4.45
C GLN C 204 -20.48 -20.87 5.24
N SER C 205 -21.00 -19.87 4.53
CA SER C 205 -21.52 -18.70 5.21
C SER C 205 -22.80 -18.22 4.55
N ARG C 206 -23.91 -18.87 4.93
CA ARG C 206 -25.21 -18.36 4.57
C ARG C 206 -25.52 -17.06 5.30
N THR C 207 -24.94 -16.89 6.48
CA THR C 207 -24.78 -15.56 7.07
C THR C 207 -23.49 -14.99 6.53
N VAL C 208 -23.55 -13.71 6.12
CA VAL C 208 -22.37 -13.09 5.59
C VAL C 208 -21.40 -12.73 6.68
N GLU C 209 -21.79 -11.86 7.60
CA GLU C 209 -20.96 -11.51 8.73
C GLU C 209 -21.48 -12.08 10.04
N SER C 210 -22.51 -12.93 9.98
CA SER C 210 -23.13 -13.47 11.18
C SER C 210 -22.19 -14.47 11.82
N LYS C 211 -22.32 -14.62 13.16
CA LYS C 211 -21.29 -15.18 14.02
C LYS C 211 -20.88 -16.61 13.73
N ASP C 212 -21.77 -17.59 13.92
CA ASP C 212 -21.47 -18.98 13.58
C ASP C 212 -21.55 -19.15 12.06
N LEU C 213 -20.87 -20.18 11.57
CA LEU C 213 -20.76 -20.37 10.13
C LEU C 213 -20.16 -21.73 9.84
N TYR C 214 -20.59 -22.33 8.73
CA TYR C 214 -20.18 -23.68 8.38
C TYR C 214 -18.75 -23.69 7.84
N ALA C 215 -18.20 -24.89 7.70
CA ALA C 215 -16.84 -25.05 7.25
C ALA C 215 -16.52 -26.52 7.03
N ASN C 216 -15.57 -26.78 6.12
CA ASN C 216 -15.08 -28.14 5.84
C ASN C 216 -13.56 -28.07 5.71
N THR C 217 -12.88 -28.30 6.82
CA THR C 217 -11.48 -27.89 6.94
C THR C 217 -10.54 -29.08 6.75
N ALA C 218 -9.27 -28.84 7.06
CA ALA C 218 -8.25 -29.87 7.04
C ALA C 218 -7.59 -29.90 8.42
N LEU C 219 -8.44 -29.93 9.45
CA LEU C 219 -7.94 -29.93 10.81
C LEU C 219 -7.39 -31.30 11.19
N LYS C 220 -6.07 -31.36 11.35
CA LYS C 220 -5.38 -32.60 11.74
C LYS C 220 -4.20 -32.20 12.62
N LEU C 221 -4.22 -32.64 13.87
CA LEU C 221 -3.20 -32.22 14.83
C LEU C 221 -1.94 -33.07 14.70
N SER C 222 -1.04 -32.90 15.66
CA SER C 222 0.17 -33.71 15.73
C SER C 222 0.66 -33.82 17.16
N ARG C 223 1.33 -34.93 17.44
CA ARG C 223 2.05 -35.07 18.69
C ARG C 223 3.30 -34.19 18.62
N PRO C 224 3.87 -33.79 19.75
CA PRO C 224 4.89 -32.73 19.73
C PRO C 224 6.25 -33.24 19.27
N SER C 225 7.20 -32.31 19.19
CA SER C 225 8.54 -32.65 18.75
C SER C 225 9.31 -33.35 19.87
N PRO C 226 10.57 -33.81 19.60
CA PRO C 226 11.19 -34.97 20.30
C PRO C 226 11.29 -34.89 21.81
N GLY C 227 11.81 -33.79 22.33
CA GLY C 227 11.41 -33.37 23.65
C GLY C 227 10.81 -32.00 23.68
N VAL C 228 11.23 -31.12 22.76
CA VAL C 228 10.83 -29.71 22.73
C VAL C 228 9.45 -29.64 22.11
N VAL C 229 8.64 -28.68 22.55
CA VAL C 229 7.25 -28.58 22.17
C VAL C 229 7.10 -28.07 20.74
N HIS C 230 6.31 -28.78 19.94
CA HIS C 230 5.95 -28.33 18.61
C HIS C 230 4.44 -28.46 18.47
N VAL C 231 3.79 -27.36 18.11
CA VAL C 231 2.35 -27.35 17.89
C VAL C 231 2.09 -28.10 16.59
N PRO C 232 1.57 -29.33 16.66
CA PRO C 232 1.62 -30.19 15.48
C PRO C 232 0.41 -30.11 14.56
N TYR C 233 -0.41 -29.08 14.69
CA TYR C 233 -1.60 -28.95 13.86
C TYR C 233 -1.23 -28.65 12.41
N THR C 234 -1.26 -29.68 11.57
CA THR C 234 -0.80 -29.59 10.21
C THR C 234 -2.08 -29.48 9.38
N PRO C 235 -2.30 -28.35 8.71
CA PRO C 235 -3.61 -28.10 8.10
C PRO C 235 -3.85 -28.75 6.75
N THR C 236 -5.03 -28.50 6.19
CA THR C 236 -5.33 -28.85 4.82
C THR C 236 -4.89 -27.70 3.93
N PRO C 237 -4.85 -27.91 2.61
CA PRO C 237 -4.58 -26.77 1.72
C PRO C 237 -5.78 -25.84 1.71
N SER C 238 -5.52 -24.58 2.11
CA SER C 238 -6.55 -23.61 2.41
C SER C 238 -7.34 -23.20 1.18
N GLY C 239 -8.59 -23.68 1.08
CA GLY C 239 -9.39 -23.51 -0.12
C GLY C 239 -9.89 -22.10 -0.35
N PHE C 240 -9.76 -21.21 0.62
CA PHE C 240 -9.95 -19.79 0.36
C PHE C 240 -8.79 -19.30 -0.47
N LYS C 241 -7.58 -19.76 -0.15
CA LYS C 241 -6.43 -19.44 -0.97
C LYS C 241 -6.46 -20.27 -2.24
N TYR C 242 -7.15 -21.40 -2.20
CA TYR C 242 -7.42 -22.15 -3.42
C TYR C 242 -8.37 -21.38 -4.32
N TRP C 243 -9.32 -20.66 -3.73
CA TRP C 243 -10.20 -19.83 -4.54
C TRP C 243 -9.49 -18.57 -5.00
N LEU C 244 -8.49 -18.14 -4.23
CA LEU C 244 -7.50 -17.19 -4.71
C LEU C 244 -6.77 -17.74 -5.93
N LYS C 245 -6.40 -19.02 -5.91
CA LYS C 245 -5.88 -19.69 -7.09
C LYS C 245 -7.00 -19.99 -8.07
N GLU C 246 -8.24 -20.04 -7.59
CA GLU C 246 -9.38 -20.33 -8.44
C GLU C 246 -10.07 -19.09 -8.94
N LYS C 247 -9.32 -17.99 -9.11
CA LYS C 247 -9.90 -16.80 -9.72
C LYS C 247 -9.58 -16.75 -11.21
N GLY C 248 -10.29 -17.54 -12.01
CA GLY C 248 -10.08 -17.59 -13.44
C GLY C 248 -10.66 -16.39 -14.16
N SER C 249 -10.48 -16.33 -15.48
CA SER C 249 -11.06 -15.28 -16.32
C SER C 249 -12.58 -15.32 -16.29
N SER C 250 -13.19 -14.32 -15.65
CA SER C 250 -14.59 -14.35 -15.22
C SER C 250 -15.59 -14.30 -16.37
N LEU C 251 -16.88 -14.32 -16.04
CA LEU C 251 -17.91 -14.31 -17.04
C LEU C 251 -17.97 -12.96 -17.75
N ASN C 252 -17.59 -11.89 -17.05
CA ASN C 252 -17.41 -10.58 -17.68
C ASN C 252 -16.29 -10.59 -18.70
N THR C 253 -15.23 -11.35 -18.46
CA THR C 253 -14.26 -11.64 -19.50
C THR C 253 -14.69 -12.79 -20.39
N LYS C 254 -15.63 -13.61 -19.95
CA LYS C 254 -15.97 -14.79 -20.73
C LYS C 254 -17.34 -14.70 -21.38
N ALA C 255 -17.85 -13.50 -21.61
CA ALA C 255 -19.22 -13.39 -22.07
C ALA C 255 -19.32 -13.62 -23.57
N PRO C 256 -19.73 -14.80 -24.00
CA PRO C 256 -20.25 -14.91 -25.36
C PRO C 256 -21.66 -14.35 -25.40
N PHE C 257 -22.19 -14.11 -26.58
CA PHE C 257 -23.47 -13.41 -26.65
C PHE C 257 -23.29 -11.92 -26.39
N GLY C 258 -22.09 -11.42 -26.64
CA GLY C 258 -21.78 -10.00 -26.55
C GLY C 258 -21.90 -9.41 -25.17
N CYS C 259 -21.73 -10.22 -24.13
CA CYS C 259 -22.13 -9.89 -22.78
C CYS C 259 -21.22 -8.83 -22.17
N LYS C 260 -21.78 -7.98 -21.31
CA LYS C 260 -21.00 -7.00 -20.57
C LYS C 260 -21.30 -7.17 -19.09
N ILE C 261 -20.24 -7.41 -18.30
CA ILE C 261 -20.43 -7.49 -16.86
C ILE C 261 -20.45 -6.07 -16.30
N LYS C 262 -21.58 -5.70 -15.70
CA LYS C 262 -21.76 -4.38 -15.11
C LYS C 262 -21.87 -4.56 -13.60
N THR C 263 -21.70 -3.44 -12.90
CA THR C 263 -21.21 -3.39 -11.52
C THR C 263 -22.13 -3.96 -10.45
N ASN C 264 -21.69 -3.85 -9.19
CA ASN C 264 -21.95 -4.59 -7.95
C ASN C 264 -23.36 -5.15 -7.78
N PRO C 265 -24.39 -4.37 -8.01
CA PRO C 265 -25.73 -4.96 -8.18
C PRO C 265 -25.75 -5.62 -9.54
N VAL C 266 -25.32 -6.90 -9.59
CA VAL C 266 -24.52 -7.43 -10.69
C VAL C 266 -25.31 -7.50 -11.98
N ARG C 267 -24.99 -6.59 -12.90
CA ARG C 267 -25.84 -6.31 -14.05
C ARG C 267 -25.08 -6.62 -15.32
N ALA C 268 -25.67 -6.22 -16.43
CA ALA C 268 -25.18 -6.59 -17.76
C ALA C 268 -25.07 -5.35 -18.63
N MET C 269 -23.93 -4.69 -18.53
CA MET C 269 -23.54 -3.63 -19.44
C MET C 269 -23.11 -4.28 -20.74
N ASP C 270 -23.71 -3.85 -21.83
CA ASP C 270 -23.58 -4.59 -23.07
C ASP C 270 -24.34 -5.90 -22.96
N CYS C 271 -25.65 -5.84 -22.77
CA CYS C 271 -26.48 -7.03 -22.98
C CYS C 271 -26.54 -7.28 -24.48
N ALA C 272 -25.56 -8.01 -25.01
CA ALA C 272 -25.19 -7.92 -26.43
C ALA C 272 -25.96 -8.95 -27.25
N VAL C 273 -27.26 -9.00 -27.05
CA VAL C 273 -28.15 -9.84 -27.83
C VAL C 273 -29.60 -9.48 -27.55
N GLY C 274 -30.48 -9.76 -28.51
CA GLY C 274 -31.88 -9.77 -28.23
C GLY C 274 -32.72 -9.00 -29.24
N SER C 275 -34.03 -9.12 -29.05
CA SER C 275 -35.04 -8.36 -29.77
C SER C 275 -36.03 -7.83 -28.74
N ILE C 276 -36.43 -6.57 -28.90
CA ILE C 276 -37.20 -5.92 -27.86
C ILE C 276 -38.39 -5.21 -28.47
N PRO C 277 -39.54 -5.24 -27.81
CA PRO C 277 -40.68 -4.47 -28.32
C PRO C 277 -40.54 -3.02 -27.88
N VAL C 278 -41.45 -2.21 -28.39
CA VAL C 278 -41.64 -0.86 -27.90
C VAL C 278 -43.08 -0.51 -28.22
N SER C 279 -43.81 -0.07 -27.21
CA SER C 279 -45.10 0.58 -27.41
C SER C 279 -44.83 2.06 -27.28
N MET C 280 -44.91 2.76 -28.40
CA MET C 280 -44.62 4.19 -28.45
C MET C 280 -45.95 4.89 -28.20
N ASP C 281 -46.18 5.29 -26.95
CA ASP C 281 -47.30 6.14 -26.60
C ASP C 281 -46.79 7.57 -26.55
N ILE C 282 -46.69 8.20 -27.72
CA ILE C 282 -46.20 9.58 -27.82
C ILE C 282 -47.35 10.41 -28.36
N PRO C 283 -47.42 11.70 -28.04
CA PRO C 283 -48.53 12.52 -28.54
C PRO C 283 -48.35 12.85 -30.01
N ASP C 284 -49.37 12.49 -30.81
CA ASP C 284 -49.31 12.71 -32.25
C ASP C 284 -49.50 14.18 -32.62
N SER C 285 -49.99 14.99 -31.68
CA SER C 285 -50.14 16.43 -31.92
C SER C 285 -48.81 17.14 -31.96
N ALA C 286 -47.73 16.51 -31.51
CA ALA C 286 -46.41 16.99 -31.85
C ALA C 286 -46.08 16.81 -33.32
N PHE C 287 -46.66 15.80 -33.97
CA PHE C 287 -46.35 15.49 -35.36
C PHE C 287 -46.99 16.53 -36.26
N THR C 288 -46.24 17.02 -37.23
CA THR C 288 -46.71 18.11 -38.06
C THR C 288 -47.69 17.58 -39.08
N ARG C 289 -48.69 18.40 -39.36
CA ARG C 289 -49.80 18.02 -40.23
C ARG C 289 -49.35 17.97 -41.68
N VAL C 290 -50.21 17.38 -42.52
CA VAL C 290 -49.94 17.36 -43.96
C VAL C 290 -50.11 18.76 -44.53
N VAL C 291 -51.28 19.35 -44.30
CA VAL C 291 -51.49 20.77 -44.57
C VAL C 291 -50.87 21.66 -43.51
N ASP C 292 -50.33 21.08 -42.43
CA ASP C 292 -49.38 21.77 -41.60
C ASP C 292 -47.94 21.57 -42.07
N ALA C 293 -47.71 20.96 -43.24
CA ALA C 293 -46.36 20.61 -43.65
C ALA C 293 -45.97 21.26 -44.97
N PRO C 294 -44.74 21.01 -45.43
CA PRO C 294 -44.30 21.49 -46.74
C PRO C 294 -44.53 20.44 -47.83
N ALA C 295 -45.11 20.92 -48.94
CA ALA C 295 -45.68 20.06 -49.96
C ALA C 295 -44.60 19.60 -50.92
N VAL C 296 -43.73 18.73 -50.46
CA VAL C 296 -42.75 18.12 -51.34
C VAL C 296 -43.44 17.06 -52.19
N THR C 297 -43.27 17.15 -53.50
CA THR C 297 -43.80 16.15 -54.41
C THR C 297 -42.71 15.82 -55.42
N ASP C 298 -43.12 15.19 -56.51
CA ASP C 298 -42.22 14.87 -57.63
C ASP C 298 -41.15 13.85 -57.24
N LEU C 299 -41.61 12.71 -56.72
CA LEU C 299 -40.71 11.70 -56.16
C LEU C 299 -40.08 10.86 -57.26
N SER C 300 -38.75 10.92 -57.35
CA SER C 300 -37.98 10.12 -58.29
C SER C 300 -36.71 9.71 -57.58
N CYS C 301 -36.08 8.64 -58.06
CA CYS C 301 -34.87 8.10 -57.44
C CYS C 301 -33.67 8.36 -58.33
N GLN C 302 -32.55 8.74 -57.71
CA GLN C 302 -31.33 9.02 -58.48
C GLN C 302 -30.14 8.82 -57.55
N VAL C 303 -29.66 7.58 -57.46
CA VAL C 303 -28.56 7.26 -56.56
C VAL C 303 -27.23 7.65 -57.20
N VAL C 304 -26.19 7.71 -56.38
CA VAL C 304 -24.85 8.06 -56.84
C VAL C 304 -23.84 6.96 -56.55
N VAL C 305 -23.57 6.66 -55.29
CA VAL C 305 -22.53 5.70 -54.94
C VAL C 305 -22.70 5.25 -53.50
N CYS C 306 -22.69 3.94 -53.30
CA CYS C 306 -22.82 3.34 -51.98
C CYS C 306 -21.90 2.11 -51.95
N THR C 307 -21.27 1.90 -50.79
CA THR C 307 -20.22 0.90 -50.64
C THR C 307 -20.68 -0.45 -50.12
N HIS C 308 -19.70 -1.29 -49.79
CA HIS C 308 -19.82 -2.64 -49.24
C HIS C 308 -20.87 -3.04 -48.19
N SER C 309 -21.01 -2.40 -47.02
CA SER C 309 -20.40 -1.14 -46.59
C SER C 309 -20.56 -0.83 -45.11
N SER C 310 -20.10 0.36 -44.74
CA SER C 310 -20.15 0.85 -43.37
C SER C 310 -21.52 1.43 -43.03
N ASP C 311 -21.53 2.32 -42.03
CA ASP C 311 -22.70 3.09 -41.61
C ASP C 311 -23.19 3.95 -42.76
N PHE C 312 -24.51 4.04 -42.92
CA PHE C 312 -25.24 4.00 -44.19
C PHE C 312 -24.66 4.82 -45.34
N GLY C 313 -24.62 6.14 -45.20
CA GLY C 313 -23.62 6.93 -45.89
C GLY C 313 -23.68 7.13 -47.39
N GLY C 314 -24.39 6.25 -48.12
CA GLY C 314 -24.27 6.18 -49.57
C GLY C 314 -24.93 7.37 -50.24
N VAL C 315 -24.11 8.14 -50.96
CA VAL C 315 -24.47 9.49 -51.36
C VAL C 315 -25.26 9.40 -52.66
N ALA C 316 -26.58 9.46 -52.57
CA ALA C 316 -27.47 9.46 -53.72
C ALA C 316 -28.40 10.66 -53.61
N THR C 317 -29.43 10.68 -54.45
CA THR C 317 -30.37 11.80 -54.43
C THR C 317 -31.77 11.37 -54.83
N LEU C 318 -32.70 12.28 -54.62
CA LEU C 318 -34.11 12.07 -54.94
C LEU C 318 -34.73 13.39 -55.42
N SER C 319 -35.64 13.32 -56.39
CA SER C 319 -36.28 14.50 -56.95
C SER C 319 -37.31 15.03 -55.97
N TYR C 320 -37.46 16.36 -55.94
CA TYR C 320 -38.29 16.99 -54.92
C TYR C 320 -38.93 18.23 -55.53
N LYS C 321 -40.26 18.19 -55.58
CA LYS C 321 -41.08 19.31 -56.03
C LYS C 321 -41.81 19.87 -54.82
N THR C 322 -41.22 20.90 -54.22
CA THR C 322 -41.58 21.36 -52.89
C THR C 322 -42.55 22.52 -52.97
N ASP C 323 -43.61 22.45 -52.15
CA ASP C 323 -44.56 23.56 -52.06
C ASP C 323 -43.99 24.72 -51.25
N LYS C 324 -42.94 24.49 -50.50
CA LYS C 324 -42.06 25.49 -49.93
C LYS C 324 -40.79 24.77 -49.56
N PRO C 325 -39.79 25.47 -49.04
CA PRO C 325 -38.73 24.79 -48.32
C PRO C 325 -39.28 24.21 -47.03
N GLY C 326 -38.60 23.18 -46.54
CA GLY C 326 -39.10 22.47 -45.38
C GLY C 326 -38.08 21.52 -44.83
N LYS C 327 -38.45 20.82 -43.77
CA LYS C 327 -37.59 19.81 -43.15
C LYS C 327 -38.45 18.56 -43.00
N CYS C 328 -38.51 17.78 -44.05
CA CYS C 328 -39.44 16.66 -44.09
C CYS C 328 -38.73 15.37 -43.74
N ALA C 329 -39.49 14.27 -43.77
CA ALA C 329 -38.92 12.97 -43.56
C ALA C 329 -38.20 12.51 -44.83
N VAL C 330 -37.37 11.49 -44.69
CA VAL C 330 -36.71 10.94 -45.86
C VAL C 330 -36.78 9.42 -45.82
N HIS C 331 -36.97 8.88 -44.62
CA HIS C 331 -36.56 7.52 -44.24
C HIS C 331 -37.26 6.43 -45.01
N SER C 332 -36.64 5.27 -45.11
CA SER C 332 -37.16 4.20 -45.94
C SER C 332 -38.32 3.56 -45.22
N HIS C 333 -39.24 2.99 -45.99
CA HIS C 333 -40.07 1.91 -45.49
C HIS C 333 -39.51 0.54 -45.86
N SER C 334 -38.24 0.25 -45.57
CA SER C 334 -37.65 -0.99 -46.06
C SER C 334 -36.31 -1.33 -45.43
N ASN C 335 -36.11 -2.62 -45.11
CA ASN C 335 -34.91 -3.05 -44.39
C ASN C 335 -33.72 -3.32 -45.31
N VAL C 336 -33.92 -3.24 -46.63
CA VAL C 336 -32.82 -3.46 -47.57
C VAL C 336 -31.80 -2.34 -47.51
N ALA C 337 -32.23 -1.12 -47.15
CA ALA C 337 -31.36 0.04 -47.13
C ALA C 337 -31.31 0.60 -45.72
N THR C 338 -30.22 1.33 -45.43
CA THR C 338 -30.03 1.96 -44.13
C THR C 338 -29.62 3.41 -44.33
N LEU C 339 -30.49 4.32 -43.93
CA LEU C 339 -30.17 5.72 -44.08
C LEU C 339 -29.18 6.14 -43.01
N GLN C 340 -28.06 6.71 -43.45
CA GLN C 340 -27.08 7.30 -42.55
C GLN C 340 -27.71 8.56 -41.97
N GLU C 341 -28.43 9.30 -42.79
CA GLU C 341 -29.32 10.33 -42.28
C GLU C 341 -30.74 9.81 -42.29
N ALA C 342 -31.60 10.43 -41.47
CA ALA C 342 -32.99 10.03 -41.46
C ALA C 342 -33.91 11.14 -41.96
N THR C 343 -33.86 12.32 -41.33
CA THR C 343 -34.76 13.41 -41.66
C THR C 343 -34.01 14.41 -42.53
N VAL C 344 -34.68 14.91 -43.58
CA VAL C 344 -34.01 15.71 -44.59
C VAL C 344 -34.64 17.09 -44.64
N ASP C 345 -33.83 18.13 -44.40
CA ASP C 345 -34.21 19.46 -44.78
C ASP C 345 -34.03 19.63 -46.28
N VAL C 346 -35.06 20.14 -46.93
CA VAL C 346 -35.06 20.36 -48.37
C VAL C 346 -35.66 21.73 -48.62
N LYS C 347 -34.80 22.69 -48.97
CA LYS C 347 -35.22 23.95 -49.56
C LYS C 347 -35.81 23.61 -50.91
N GLU C 348 -36.90 24.29 -51.26
CA GLU C 348 -37.82 23.80 -52.27
C GLU C 348 -37.25 23.90 -53.67
N ASP C 349 -37.92 23.22 -54.61
CA ASP C 349 -37.50 23.21 -56.01
C ASP C 349 -36.15 22.55 -56.24
N GLY C 350 -36.06 21.22 -56.07
CA GLY C 350 -34.78 20.59 -56.33
C GLY C 350 -34.80 19.09 -56.17
N LYS C 351 -33.81 18.62 -55.42
CA LYS C 351 -33.74 17.22 -55.01
C LYS C 351 -33.09 17.22 -53.64
N VAL C 352 -33.09 16.08 -53.01
CA VAL C 352 -32.38 15.86 -51.75
C VAL C 352 -31.15 15.04 -52.05
N THR C 353 -30.03 15.42 -51.46
CA THR C 353 -28.88 14.56 -51.36
C THR C 353 -29.01 13.76 -50.07
N VAL C 354 -29.12 12.45 -50.21
CA VAL C 354 -29.28 11.57 -49.06
C VAL C 354 -28.12 10.58 -49.03
N HIS C 355 -27.38 10.61 -47.94
CA HIS C 355 -26.34 9.62 -47.70
C HIS C 355 -26.91 8.49 -46.86
N PHE C 356 -27.18 7.36 -47.51
CA PHE C 356 -27.65 6.15 -46.86
C PHE C 356 -27.22 4.94 -47.69
N SER C 357 -27.14 3.78 -47.05
CA SER C 357 -26.68 2.58 -47.74
C SER C 357 -26.79 1.32 -46.90
N THR C 358 -26.34 0.21 -47.47
CA THR C 358 -26.42 -1.11 -46.83
C THR C 358 -25.57 -2.00 -47.74
N ALA C 359 -25.58 -3.31 -47.49
CA ALA C 359 -24.96 -4.25 -48.42
C ALA C 359 -25.78 -4.45 -49.67
N SER C 360 -25.49 -3.71 -50.75
CA SER C 360 -26.40 -3.57 -51.87
C SER C 360 -26.18 -4.71 -52.84
N ALA C 361 -26.68 -5.90 -52.49
CA ALA C 361 -26.49 -7.06 -53.33
C ALA C 361 -27.65 -7.30 -54.29
N SER C 362 -28.84 -7.53 -53.78
CA SER C 362 -30.05 -7.52 -54.61
C SER C 362 -30.87 -6.36 -54.09
N PRO C 363 -30.23 -5.21 -53.91
CA PRO C 363 -30.80 -4.15 -53.09
C PRO C 363 -31.60 -3.17 -53.91
N ALA C 364 -32.63 -2.59 -53.27
CA ALA C 364 -33.39 -1.48 -53.81
C ALA C 364 -33.75 -0.58 -52.64
N PHE C 365 -33.60 0.73 -52.81
CA PHE C 365 -33.96 1.65 -51.75
C PHE C 365 -35.46 1.87 -51.81
N LYS C 366 -36.14 1.55 -50.72
CA LYS C 366 -37.57 1.80 -50.59
C LYS C 366 -37.74 3.08 -49.78
N VAL C 367 -37.15 4.16 -50.28
CA VAL C 367 -36.98 5.37 -49.50
C VAL C 367 -38.27 6.19 -49.52
N SER C 368 -38.99 6.19 -48.41
CA SER C 368 -40.20 7.00 -48.29
C SER C 368 -39.73 8.42 -47.99
N VAL C 369 -39.40 9.17 -49.02
CA VAL C 369 -38.91 10.54 -48.89
C VAL C 369 -40.10 11.39 -48.49
N CYS C 370 -40.18 11.72 -47.20
CA CYS C 370 -41.37 11.72 -46.34
C CYS C 370 -42.72 12.02 -46.98
N ASP C 371 -42.78 13.00 -47.88
CA ASP C 371 -43.99 13.31 -48.63
C ASP C 371 -44.46 12.19 -49.55
N ALA C 372 -43.55 11.42 -50.16
CA ALA C 372 -43.94 10.36 -51.07
C ALA C 372 -42.92 9.23 -51.02
N LYS C 373 -43.31 8.05 -51.46
CA LYS C 373 -42.42 6.90 -51.45
C LYS C 373 -41.63 6.89 -52.75
N THR C 374 -40.38 6.43 -52.67
CA THR C 374 -39.55 6.27 -53.86
C THR C 374 -38.94 4.88 -53.85
N THR C 375 -39.29 4.11 -54.88
CA THR C 375 -38.73 2.78 -55.08
C THR C 375 -37.52 2.88 -56.01
N CYS C 376 -36.39 3.25 -55.46
CA CYS C 376 -35.13 3.34 -56.19
C CYS C 376 -34.40 2.02 -56.06
N THR C 377 -33.29 1.89 -56.78
CA THR C 377 -32.50 0.67 -56.82
C THR C 377 -31.03 1.01 -56.57
N ALA C 378 -30.26 0.01 -56.14
CA ALA C 378 -28.85 0.19 -55.86
C ALA C 378 -28.13 -1.15 -55.91
N ALA C 379 -27.12 -1.22 -56.77
CA ALA C 379 -26.21 -2.36 -56.85
C ALA C 379 -24.93 -1.96 -56.13
N CYS C 380 -24.95 -2.05 -54.80
CA CYS C 380 -23.93 -1.48 -53.93
C CYS C 380 -22.65 -2.30 -54.09
N GLU C 381 -21.59 -1.65 -54.56
CA GLU C 381 -20.36 -2.37 -54.87
C GLU C 381 -19.62 -2.71 -53.58
N PRO C 382 -18.87 -3.80 -53.55
CA PRO C 382 -18.21 -4.22 -52.31
C PRO C 382 -16.99 -3.36 -52.02
N PRO C 383 -16.80 -2.96 -50.77
CA PRO C 383 -15.55 -2.27 -50.37
C PRO C 383 -14.45 -3.26 -50.03
N LYS C 384 -13.42 -2.79 -49.34
CA LYS C 384 -12.29 -3.67 -49.05
C LYS C 384 -12.29 -4.29 -47.66
N ASP C 385 -12.23 -3.47 -46.61
CA ASP C 385 -11.63 -3.86 -45.33
C ASP C 385 -12.54 -4.76 -44.51
N HIS C 386 -12.00 -5.19 -43.35
CA HIS C 386 -12.74 -6.02 -42.42
C HIS C 386 -12.59 -5.58 -40.97
N ILE C 387 -12.35 -4.32 -40.69
CA ILE C 387 -12.20 -3.85 -39.31
C ILE C 387 -12.98 -2.55 -39.16
N VAL C 388 -14.01 -2.57 -38.32
CA VAL C 388 -14.80 -1.40 -37.98
C VAL C 388 -15.85 -1.84 -36.97
N PRO C 389 -16.52 -0.91 -36.29
CA PRO C 389 -17.57 -1.32 -35.35
C PRO C 389 -18.92 -1.73 -35.94
N TYR C 390 -19.43 -1.00 -36.92
CA TYR C 390 -20.87 -1.05 -37.19
C TYR C 390 -21.28 -1.70 -38.51
N GLY C 391 -22.58 -1.69 -38.80
CA GLY C 391 -23.09 -2.47 -39.93
C GLY C 391 -24.14 -1.84 -40.80
N ALA C 392 -24.72 -2.64 -41.69
CA ALA C 392 -25.62 -2.17 -42.72
C ALA C 392 -27.02 -2.76 -42.63
N SER C 393 -27.16 -4.07 -42.41
CA SER C 393 -28.47 -4.71 -42.37
C SER C 393 -28.44 -6.20 -42.73
N TYR D 1 -25.65 -46.77 4.40
CA TYR D 1 -25.23 -45.79 5.38
C TYR D 1 -25.74 -44.43 4.97
N GLU D 2 -26.52 -44.42 3.90
CA GLU D 2 -27.18 -43.22 3.37
C GLU D 2 -28.46 -43.65 2.68
N HIS D 3 -29.58 -43.50 3.38
CA HIS D 3 -30.89 -43.79 2.82
C HIS D 3 -31.47 -42.51 2.24
N THR D 4 -32.70 -42.60 1.74
CA THR D 4 -33.37 -41.44 1.16
C THR D 4 -34.86 -41.66 1.24
N ALA D 5 -35.62 -40.58 1.35
CA ALA D 5 -37.07 -40.66 1.43
C ALA D 5 -37.69 -39.35 0.98
N THR D 6 -39.01 -39.26 1.12
CA THR D 6 -39.77 -38.05 0.87
C THR D 6 -41.11 -38.21 1.56
N ILE D 7 -41.35 -37.36 2.54
CA ILE D 7 -42.49 -37.51 3.45
C ILE D 7 -43.56 -36.50 3.11
N PRO D 8 -44.71 -36.54 3.76
CA PRO D 8 -45.72 -35.49 3.57
C PRO D 8 -45.26 -34.18 4.17
N ASN D 9 -45.07 -33.19 3.32
CA ASN D 9 -44.36 -31.97 3.68
C ASN D 9 -45.23 -30.94 4.38
N VAL D 10 -46.48 -31.27 4.72
CA VAL D 10 -47.22 -30.42 5.65
C VAL D 10 -46.60 -30.58 7.02
N VAL D 11 -46.58 -29.50 7.80
CA VAL D 11 -46.26 -29.60 9.20
C VAL D 11 -47.42 -30.32 9.89
N GLY D 12 -47.11 -31.04 10.95
CA GLY D 12 -48.13 -31.90 11.53
C GLY D 12 -48.07 -33.32 11.02
N PHE D 13 -46.87 -33.87 10.83
CA PHE D 13 -46.73 -35.27 10.46
C PHE D 13 -45.47 -35.80 11.11
N PRO D 14 -45.53 -36.92 11.81
CA PRO D 14 -44.28 -37.57 12.18
C PRO D 14 -43.74 -38.45 11.07
N TYR D 15 -42.66 -38.05 10.41
CA TYR D 15 -41.97 -38.99 9.55
C TYR D 15 -41.15 -39.93 10.44
N LYS D 16 -40.88 -41.13 9.94
CA LYS D 16 -40.04 -42.08 10.65
C LYS D 16 -39.55 -43.07 9.63
N ALA D 17 -38.33 -43.59 9.84
CA ALA D 17 -37.72 -44.57 8.96
C ALA D 17 -36.97 -45.59 9.78
N HIS D 18 -37.35 -46.86 9.67
CA HIS D 18 -36.70 -47.95 10.38
C HIS D 18 -35.74 -48.68 9.45
N ILE D 19 -34.64 -48.02 9.13
CA ILE D 19 -33.67 -48.51 8.17
C ILE D 19 -32.46 -48.98 8.96
N GLU D 20 -32.08 -50.23 8.78
CA GLU D 20 -30.80 -50.74 9.24
C GLU D 20 -30.19 -51.58 8.12
N ARG D 21 -28.86 -51.62 8.08
CA ARG D 21 -28.14 -52.44 7.12
C ARG D 21 -27.76 -53.75 7.80
N ASN D 22 -26.97 -54.57 7.13
CA ASN D 22 -26.49 -55.80 7.73
C ASN D 22 -25.45 -55.49 8.80
N GLY D 23 -25.74 -55.92 10.03
CA GLY D 23 -24.82 -55.81 11.13
C GLY D 23 -24.96 -54.55 11.94
N PHE D 24 -25.37 -53.47 11.33
CA PHE D 24 -25.92 -52.33 12.04
C PHE D 24 -27.31 -52.74 12.47
N SER D 25 -27.72 -52.32 13.66
CA SER D 25 -29.03 -52.71 14.18
C SER D 25 -30.12 -51.90 13.47
N PRO D 26 -31.42 -52.22 13.73
CA PRO D 26 -32.51 -51.58 12.97
C PRO D 26 -32.68 -50.12 13.33
N MET D 27 -32.22 -49.28 12.41
CA MET D 27 -32.09 -47.86 12.71
C MET D 27 -33.43 -47.18 12.53
N THR D 28 -34.24 -47.20 13.58
CA THR D 28 -35.45 -46.39 13.61
C THR D 28 -35.04 -44.93 13.76
N LEU D 29 -35.82 -44.05 13.14
CA LEU D 29 -35.66 -42.61 13.27
C LEU D 29 -37.03 -41.98 13.12
N GLN D 30 -37.23 -40.81 13.74
CA GLN D 30 -38.47 -40.07 13.65
C GLN D 30 -38.15 -38.61 13.43
N LEU D 31 -38.42 -38.12 12.23
CA LEU D 31 -38.20 -36.72 11.91
C LEU D 31 -39.55 -36.03 11.89
N GLU D 32 -39.55 -34.71 12.09
CA GLU D 32 -40.76 -33.90 12.01
C GLU D 32 -40.42 -32.66 11.18
N VAL D 33 -41.46 -31.98 10.70
CA VAL D 33 -41.25 -30.73 9.98
C VAL D 33 -42.05 -29.60 10.61
N VAL D 34 -41.44 -28.43 10.66
CA VAL D 34 -42.10 -27.20 11.04
C VAL D 34 -41.91 -26.20 9.91
N GLU D 35 -42.51 -25.01 10.09
CA GLU D 35 -42.86 -24.00 9.08
C GLU D 35 -41.81 -23.62 8.05
N THR D 36 -42.26 -23.29 6.84
CA THR D 36 -41.48 -23.20 5.63
C THR D 36 -41.77 -22.08 4.64
N SER D 37 -41.90 -20.83 5.15
CA SER D 37 -42.37 -19.60 4.50
C SER D 37 -41.98 -19.36 3.04
N TRP D 38 -42.95 -18.92 2.23
CA TRP D 38 -42.84 -19.03 0.78
C TRP D 38 -41.97 -17.94 0.15
N GLU D 39 -42.43 -16.69 0.24
CA GLU D 39 -41.68 -15.44 -0.02
C GLU D 39 -40.91 -15.40 -1.32
N PRO D 40 -41.57 -15.31 -2.47
CA PRO D 40 -40.86 -15.44 -3.75
C PRO D 40 -40.03 -14.22 -4.12
N THR D 41 -39.43 -14.29 -5.31
CA THR D 41 -38.47 -13.28 -5.75
C THR D 41 -39.25 -12.03 -6.12
N LEU D 42 -39.58 -11.23 -5.12
CA LEU D 42 -40.55 -10.17 -5.32
C LEU D 42 -39.85 -8.83 -5.52
N ASN D 43 -40.46 -7.99 -6.35
CA ASN D 43 -39.91 -6.67 -6.64
C ASN D 43 -41.05 -5.69 -6.42
N LEU D 44 -40.84 -4.73 -5.53
CA LEU D 44 -41.88 -3.79 -5.16
C LEU D 44 -42.22 -2.81 -6.27
N GLU D 45 -43.51 -2.63 -6.49
CA GLU D 45 -44.07 -1.52 -7.22
C GLU D 45 -44.84 -0.65 -6.25
N TYR D 46 -45.53 0.35 -6.81
CA TYR D 46 -45.88 1.66 -6.25
C TYR D 46 -46.30 1.79 -4.80
N ILE D 47 -45.99 2.94 -4.21
CA ILE D 47 -45.98 3.14 -2.76
C ILE D 47 -47.18 4.00 -2.40
N THR D 48 -48.30 3.74 -3.07
CA THR D 48 -49.56 4.51 -3.06
C THR D 48 -50.11 5.02 -1.73
N CYS D 49 -50.46 6.30 -1.74
CA CYS D 49 -51.14 7.00 -0.66
C CYS D 49 -51.96 8.12 -1.29
N GLU D 50 -52.39 9.06 -0.45
CA GLU D 50 -53.19 10.19 -0.94
C GLU D 50 -52.28 11.35 -1.30
N TYR D 51 -52.88 12.44 -1.77
CA TYR D 51 -52.10 13.60 -2.15
C TYR D 51 -52.25 14.72 -1.12
N LYS D 52 -51.66 15.88 -1.44
CA LYS D 52 -51.88 17.11 -0.69
C LYS D 52 -51.52 18.25 -1.63
N THR D 53 -52.53 18.95 -2.13
CA THR D 53 -52.32 19.96 -3.17
C THR D 53 -51.85 21.27 -2.54
N VAL D 54 -50.62 21.67 -2.86
CA VAL D 54 -50.07 22.92 -2.32
C VAL D 54 -50.71 24.08 -3.05
N VAL D 55 -51.72 24.67 -2.41
CA VAL D 55 -52.47 25.78 -2.99
C VAL D 55 -52.10 27.03 -2.22
N PRO D 56 -51.36 27.96 -2.82
CA PRO D 56 -50.92 29.13 -2.08
C PRO D 56 -51.99 30.21 -2.06
N SER D 57 -51.78 31.20 -1.19
CA SER D 57 -52.60 32.39 -1.22
C SER D 57 -52.27 33.18 -2.48
N PRO D 58 -53.11 33.14 -3.49
CA PRO D 58 -52.63 33.42 -4.85
C PRO D 58 -52.58 34.92 -5.12
N PHE D 59 -51.71 35.31 -6.04
CA PHE D 59 -51.50 36.71 -6.35
C PHE D 59 -52.64 37.19 -7.23
N ILE D 60 -53.52 37.99 -6.67
CA ILE D 60 -54.44 38.81 -7.44
C ILE D 60 -53.66 40.07 -7.79
N LYS D 61 -53.21 40.16 -9.04
CA LYS D 61 -52.57 41.37 -9.54
C LYS D 61 -53.62 42.46 -9.64
N CYS D 62 -53.30 43.63 -9.06
CA CYS D 62 -54.15 44.80 -9.12
C CYS D 62 -53.54 45.82 -10.06
N CYS D 63 -54.36 46.36 -10.96
CA CYS D 63 -53.87 47.30 -11.97
C CYS D 63 -53.23 46.57 -13.15
N GLY D 64 -53.47 45.28 -13.23
CA GLY D 64 -52.85 44.44 -14.24
C GLY D 64 -53.09 43.00 -13.88
N THR D 65 -52.73 42.13 -14.83
CA THR D 65 -52.88 40.68 -14.65
C THR D 65 -51.75 40.05 -13.85
N SER D 66 -51.62 38.74 -13.93
CA SER D 66 -50.47 38.08 -13.35
C SER D 66 -49.77 37.26 -14.42
N GLU D 67 -48.44 37.23 -14.38
CA GLU D 67 -47.63 36.53 -15.38
C GLU D 67 -47.74 35.04 -15.13
N CYS D 68 -47.98 34.27 -16.19
CA CYS D 68 -48.08 32.83 -16.08
C CYS D 68 -46.68 32.20 -16.05
N SER D 69 -46.63 30.88 -15.89
CA SER D 69 -45.36 30.19 -15.88
C SER D 69 -45.55 28.69 -15.84
N SER D 70 -44.41 27.98 -15.97
CA SER D 70 -44.37 26.57 -15.66
C SER D 70 -44.32 26.38 -14.15
N LYS D 71 -44.98 25.32 -13.67
CA LYS D 71 -44.97 25.02 -12.24
C LYS D 71 -43.91 24.01 -11.84
N GLU D 72 -43.92 22.82 -12.45
CA GLU D 72 -43.08 21.71 -12.00
C GLU D 72 -43.45 21.26 -10.59
N GLN D 73 -44.70 20.86 -10.43
CA GLN D 73 -45.21 20.31 -9.18
C GLN D 73 -45.28 18.79 -9.26
N PRO D 74 -45.73 18.14 -8.19
CA PRO D 74 -46.05 16.72 -8.32
C PRO D 74 -47.25 16.45 -9.21
N ASP D 75 -48.29 17.26 -9.10
CA ASP D 75 -49.37 17.30 -10.08
C ASP D 75 -49.69 18.76 -10.38
N TYR D 76 -48.65 19.55 -10.59
CA TYR D 76 -48.71 21.00 -10.38
C TYR D 76 -49.45 21.71 -11.50
N GLN D 77 -50.33 22.61 -11.10
CA GLN D 77 -51.06 23.46 -12.01
C GLN D 77 -50.96 24.88 -11.49
N CYS D 78 -51.15 25.85 -12.37
CA CYS D 78 -51.15 27.25 -12.00
C CYS D 78 -52.19 27.94 -12.86
N LYS D 79 -53.38 28.12 -12.31
CA LYS D 79 -54.48 28.73 -13.06
C LYS D 79 -54.48 30.21 -12.79
N VAL D 80 -54.13 30.98 -13.79
CA VAL D 80 -54.36 32.40 -13.75
C VAL D 80 -55.81 32.64 -14.10
N TYR D 81 -56.61 33.02 -13.10
CA TYR D 81 -57.95 33.50 -13.35
C TYR D 81 -57.79 34.88 -13.97
N THR D 82 -57.78 34.91 -15.30
CA THR D 82 -57.63 36.15 -16.04
C THR D 82 -58.92 36.96 -15.95
N GLY D 83 -58.77 38.21 -15.54
CA GLY D 83 -59.93 38.94 -15.13
C GLY D 83 -60.38 38.42 -13.78
N VAL D 84 -59.42 38.20 -12.89
CA VAL D 84 -59.73 37.88 -11.51
C VAL D 84 -60.08 39.19 -10.85
N TYR D 85 -61.35 39.56 -10.90
CA TYR D 85 -61.83 40.84 -10.39
C TYR D 85 -61.94 40.71 -8.88
N PRO D 86 -60.97 41.23 -8.14
CA PRO D 86 -60.93 41.00 -6.69
C PRO D 86 -61.87 41.93 -5.95
N PHE D 87 -62.68 41.35 -5.07
CA PHE D 87 -63.51 42.08 -4.13
C PHE D 87 -63.36 41.51 -2.72
N MET D 88 -62.11 41.42 -2.25
CA MET D 88 -61.66 40.67 -1.06
C MET D 88 -62.37 41.13 0.21
N TRP D 89 -62.30 40.25 1.24
CA TRP D 89 -63.20 40.29 2.40
C TRP D 89 -63.01 41.55 3.25
N GLY D 90 -61.81 42.10 3.27
CA GLY D 90 -61.63 43.49 3.65
C GLY D 90 -60.70 44.14 2.65
N GLY D 91 -60.79 43.71 1.40
CA GLY D 91 -59.96 44.26 0.36
C GLY D 91 -59.10 43.22 -0.32
N ALA D 92 -59.20 43.14 -1.63
CA ALA D 92 -58.27 42.35 -2.42
C ALA D 92 -57.52 43.37 -3.27
N TYR D 93 -56.88 42.88 -4.32
CA TYR D 93 -56.14 43.76 -5.22
C TYR D 93 -57.01 44.61 -6.13
N CYS D 94 -58.34 44.43 -6.08
CA CYS D 94 -59.26 44.94 -7.10
C CYS D 94 -59.66 46.38 -6.81
N PHE D 95 -58.68 47.26 -6.66
CA PHE D 95 -58.92 48.65 -7.03
C PHE D 95 -59.18 48.73 -8.52
N CYS D 96 -58.43 47.97 -9.30
CA CYS D 96 -58.83 47.58 -10.64
C CYS D 96 -59.24 46.11 -10.64
N ASP D 97 -60.53 45.87 -10.72
CA ASP D 97 -60.98 44.52 -11.02
C ASP D 97 -60.76 44.21 -12.49
N SER D 98 -60.84 45.24 -13.33
CA SER D 98 -60.49 45.16 -14.73
C SER D 98 -59.02 44.90 -14.95
N GLU D 99 -58.15 45.52 -14.16
CA GLU D 99 -56.75 45.10 -14.08
C GLU D 99 -56.54 44.22 -12.85
N ASN D 100 -57.22 43.10 -12.82
CA ASN D 100 -57.08 42.15 -11.71
C ASN D 100 -56.88 40.77 -12.29
N THR D 101 -55.73 40.16 -12.02
CA THR D 101 -55.43 38.84 -12.53
C THR D 101 -55.15 37.91 -11.37
N GLN D 102 -56.05 36.97 -11.13
CA GLN D 102 -56.05 36.16 -9.92
C GLN D 102 -55.30 34.87 -10.20
N LEU D 103 -53.99 34.95 -10.19
CA LEU D 103 -53.17 33.77 -10.40
C LEU D 103 -53.16 32.99 -9.09
N SER D 104 -53.55 31.71 -9.17
CA SER D 104 -53.47 30.80 -8.05
C SER D 104 -52.93 29.48 -8.56
N GLU D 105 -51.98 28.91 -7.82
CA GLU D 105 -51.36 27.65 -8.22
C GLU D 105 -51.67 26.59 -7.18
N ALA D 106 -51.29 25.34 -7.49
CA ALA D 106 -51.40 24.22 -6.56
C ALA D 106 -50.61 23.04 -7.10
N TYR D 107 -49.74 22.51 -6.24
CA TYR D 107 -48.83 21.43 -6.64
C TYR D 107 -49.05 20.25 -5.72
N VAL D 108 -49.57 19.18 -6.29
CA VAL D 108 -50.04 18.03 -5.51
C VAL D 108 -48.84 17.25 -5.02
N ASP D 109 -48.51 17.43 -3.75
CA ASP D 109 -47.42 16.74 -3.09
C ASP D 109 -48.00 15.53 -2.36
N ARG D 110 -47.15 14.90 -1.55
CA ARG D 110 -47.42 13.53 -1.14
C ARG D 110 -48.20 13.48 0.17
N SER D 111 -48.64 12.27 0.52
CA SER D 111 -49.09 11.99 1.88
C SER D 111 -47.88 11.98 2.82
N ASP D 112 -47.95 12.84 3.83
CA ASP D 112 -46.83 13.08 4.74
C ASP D 112 -46.59 11.93 5.70
N VAL D 113 -47.56 11.02 5.88
CA VAL D 113 -47.37 9.88 6.77
C VAL D 113 -46.52 8.78 6.11
N CYS D 114 -46.17 8.93 4.83
CA CYS D 114 -45.40 7.95 4.09
C CYS D 114 -43.96 7.93 4.55
N LYS D 115 -43.73 7.30 5.68
CA LYS D 115 -42.39 6.84 6.03
C LYS D 115 -42.46 5.40 6.49
N HIS D 116 -43.54 5.03 7.18
CA HIS D 116 -43.87 3.64 7.40
C HIS D 116 -45.29 3.49 6.88
N ASP D 117 -45.96 4.63 6.70
CA ASP D 117 -47.34 4.65 6.22
C ASP D 117 -47.31 4.51 4.71
N HIS D 118 -47.01 3.31 4.22
CA HIS D 118 -46.85 3.08 2.79
C HIS D 118 -47.75 1.92 2.43
N ALA D 119 -47.56 1.40 1.23
CA ALA D 119 -48.12 0.11 0.83
C ALA D 119 -47.37 -0.28 -0.43
N SER D 120 -46.72 -1.44 -0.41
CA SER D 120 -45.98 -1.87 -1.59
C SER D 120 -46.78 -2.93 -2.34
N ALA D 121 -46.47 -3.10 -3.62
CA ALA D 121 -47.07 -4.15 -4.44
C ALA D 121 -45.95 -5.02 -5.03
N TYR D 122 -45.57 -6.06 -4.30
CA TYR D 122 -44.47 -6.90 -4.76
C TYR D 122 -44.93 -7.77 -5.92
N LYS D 123 -44.42 -7.46 -7.10
CA LYS D 123 -44.53 -8.38 -8.23
C LYS D 123 -43.70 -9.62 -7.92
N ALA D 124 -44.39 -10.76 -7.84
CA ALA D 124 -43.84 -11.97 -7.25
C ALA D 124 -43.15 -12.78 -8.32
N HIS D 125 -41.97 -13.29 -7.98
CA HIS D 125 -41.24 -14.24 -8.80
C HIS D 125 -41.09 -15.49 -7.95
N THR D 126 -40.19 -16.40 -8.35
CA THR D 126 -40.10 -17.69 -7.70
C THR D 126 -39.43 -17.60 -6.33
N ALA D 127 -39.68 -18.61 -5.51
CA ALA D 127 -39.10 -18.74 -4.19
C ALA D 127 -39.16 -20.21 -3.79
N SER D 128 -38.90 -20.49 -2.51
CA SER D 128 -38.83 -21.86 -2.02
C SER D 128 -39.51 -21.96 -0.66
N LEU D 129 -39.36 -23.12 -0.02
CA LEU D 129 -39.86 -23.33 1.33
C LEU D 129 -38.68 -23.25 2.29
N LYS D 130 -38.97 -23.09 3.58
CA LYS D 130 -37.93 -23.09 4.61
C LYS D 130 -38.39 -24.08 5.68
N ALA D 131 -37.64 -25.17 5.85
CA ALA D 131 -38.10 -26.31 6.63
C ALA D 131 -37.45 -26.34 8.00
N THR D 132 -38.28 -26.38 9.05
CA THR D 132 -37.82 -26.57 10.41
C THR D 132 -37.79 -28.08 10.62
N ILE D 133 -36.71 -28.72 10.19
CA ILE D 133 -36.56 -30.16 10.33
C ILE D 133 -36.27 -30.47 11.78
N ARG D 134 -37.29 -30.87 12.52
CA ARG D 134 -37.05 -31.49 13.80
C ARG D 134 -36.54 -32.89 13.51
N ILE D 135 -35.62 -33.38 14.32
CA ILE D 135 -35.05 -34.70 14.10
C ILE D 135 -35.03 -35.47 15.41
N SER D 136 -35.24 -36.78 15.29
CA SER D 136 -34.83 -37.73 16.33
C SER D 136 -34.25 -38.89 15.53
N TYR D 137 -32.96 -38.81 15.25
CA TYR D 137 -32.27 -39.81 14.47
C TYR D 137 -31.71 -40.84 15.43
N GLY D 138 -32.30 -42.03 15.43
CA GLY D 138 -31.99 -42.98 16.48
C GLY D 138 -32.55 -42.48 17.79
N THR D 139 -31.67 -41.93 18.61
CA THR D 139 -32.10 -41.17 19.77
C THR D 139 -31.46 -39.79 19.82
N ILE D 140 -30.70 -39.40 18.80
CA ILE D 140 -30.19 -38.04 18.73
C ILE D 140 -31.32 -37.09 18.31
N ASN D 141 -31.83 -36.35 19.29
CA ASN D 141 -33.05 -35.57 19.11
C ASN D 141 -32.72 -34.08 19.24
N GLN D 142 -33.24 -33.30 18.29
CA GLN D 142 -33.11 -31.86 18.29
C GLN D 142 -34.06 -31.30 17.24
N THR D 143 -33.92 -30.02 16.96
CA THR D 143 -34.62 -29.39 15.85
C THR D 143 -33.70 -28.36 15.21
N THR D 144 -33.66 -28.36 13.87
CA THR D 144 -32.89 -27.37 13.14
C THR D 144 -33.81 -26.84 12.04
N GLU D 145 -33.40 -25.76 11.39
CA GLU D 145 -34.12 -25.26 10.23
C GLU D 145 -33.16 -25.16 9.06
N ALA D 146 -33.72 -25.03 7.86
CA ALA D 146 -32.92 -24.87 6.66
C ALA D 146 -33.69 -24.09 5.60
N PHE D 147 -32.96 -23.36 4.76
CA PHE D 147 -33.47 -22.97 3.47
C PHE D 147 -33.73 -24.25 2.70
N VAL D 148 -35.01 -24.53 2.44
CA VAL D 148 -35.46 -25.90 2.24
C VAL D 148 -35.31 -26.36 0.79
N ASN D 149 -34.55 -25.64 -0.03
CA ASN D 149 -34.25 -26.07 -1.38
C ASN D 149 -33.35 -27.31 -1.33
N GLY D 150 -33.40 -28.10 -2.40
CA GLY D 150 -32.92 -29.47 -2.44
C GLY D 150 -31.47 -29.79 -2.09
N GLU D 151 -30.61 -28.77 -2.07
CA GLU D 151 -29.19 -28.98 -1.80
C GLU D 151 -28.71 -28.40 -0.48
N HIS D 152 -29.60 -27.86 0.34
CA HIS D 152 -29.27 -27.27 1.63
C HIS D 152 -28.74 -28.34 2.58
N ALA D 153 -27.72 -27.96 3.33
CA ALA D 153 -26.92 -28.89 4.10
C ALA D 153 -27.74 -29.25 5.33
N VAL D 154 -27.51 -30.45 5.86
CA VAL D 154 -28.20 -30.90 7.07
C VAL D 154 -27.19 -31.58 7.97
N ASN D 155 -26.68 -30.84 8.95
CA ASN D 155 -25.76 -31.40 9.93
C ASN D 155 -26.56 -31.94 11.10
N VAL D 156 -27.37 -32.96 10.85
CA VAL D 156 -28.33 -33.48 11.81
C VAL D 156 -27.58 -34.39 12.77
N GLY D 157 -26.99 -33.79 13.80
CA GLY D 157 -26.21 -34.50 14.80
C GLY D 157 -24.83 -34.88 14.37
N GLY D 158 -24.41 -34.52 13.18
CA GLY D 158 -23.23 -35.10 12.58
C GLY D 158 -23.69 -36.03 11.48
N SER D 159 -24.95 -36.43 11.56
CA SER D 159 -25.56 -37.20 10.49
C SER D 159 -25.83 -36.26 9.31
N LYS D 160 -25.77 -36.80 8.10
CA LYS D 160 -26.03 -35.99 6.94
C LYS D 160 -27.51 -36.05 6.61
N PHE D 161 -28.09 -34.88 6.32
CA PHE D 161 -29.50 -34.82 5.94
C PHE D 161 -29.60 -33.72 4.90
N ILE D 162 -29.92 -34.11 3.68
CA ILE D 162 -30.25 -33.17 2.62
C ILE D 162 -31.76 -33.14 2.45
N PHE D 163 -32.36 -31.97 2.64
CA PHE D 163 -33.79 -31.78 2.50
C PHE D 163 -34.10 -31.45 1.05
N GLY D 164 -34.62 -32.44 0.34
CA GLY D 164 -34.73 -32.42 -1.10
C GLY D 164 -35.77 -31.46 -1.64
N PRO D 165 -35.77 -31.25 -2.95
CA PRO D 165 -36.71 -30.29 -3.54
C PRO D 165 -38.08 -30.89 -3.77
N ILE D 166 -39.08 -30.30 -3.13
CA ILE D 166 -40.46 -30.75 -3.33
C ILE D 166 -40.98 -30.21 -4.65
N SER D 167 -41.92 -30.93 -5.25
CA SER D 167 -42.49 -30.56 -6.53
C SER D 167 -43.74 -29.70 -6.41
N THR D 168 -43.83 -28.85 -5.39
CA THR D 168 -45.00 -28.00 -5.20
C THR D 168 -44.56 -26.56 -5.40
N ALA D 169 -44.94 -25.97 -6.53
CA ALA D 169 -44.79 -24.54 -6.70
C ALA D 169 -46.15 -23.92 -6.46
N TRP D 170 -47.12 -24.75 -6.11
CA TRP D 170 -48.43 -24.22 -5.78
C TRP D 170 -48.36 -23.60 -4.39
N SER D 171 -48.23 -22.27 -4.38
CA SER D 171 -47.99 -21.59 -3.14
C SER D 171 -48.71 -20.26 -3.27
N PRO D 172 -48.80 -19.49 -2.19
CA PRO D 172 -49.56 -18.24 -2.23
C PRO D 172 -48.87 -17.11 -2.95
N PHE D 173 -47.61 -17.31 -3.35
CA PHE D 173 -46.92 -16.38 -4.22
C PHE D 173 -47.56 -16.49 -5.59
N ASP D 174 -48.43 -15.55 -5.90
CA ASP D 174 -49.08 -15.40 -7.19
C ASP D 174 -48.25 -14.51 -8.11
N ASN D 175 -48.87 -14.02 -9.17
CA ASN D 175 -48.19 -13.11 -10.08
C ASN D 175 -47.94 -11.72 -9.49
N LYS D 176 -48.69 -11.33 -8.45
CA LYS D 176 -48.49 -10.04 -7.78
C LYS D 176 -49.16 -10.12 -6.42
N ILE D 177 -48.52 -9.53 -5.40
CA ILE D 177 -49.03 -9.58 -4.02
C ILE D 177 -48.73 -8.24 -3.37
N VAL D 178 -49.77 -7.50 -3.07
CA VAL D 178 -49.61 -6.22 -2.39
C VAL D 178 -49.56 -6.45 -0.89
N VAL D 179 -48.55 -5.83 -0.28
CA VAL D 179 -48.35 -5.81 1.16
C VAL D 179 -48.61 -4.40 1.65
N TYR D 180 -49.68 -4.23 2.43
CA TYR D 180 -49.89 -3.08 3.30
C TYR D 180 -49.31 -3.45 4.66
N LYS D 181 -49.67 -2.67 5.70
CA LYS D 181 -49.12 -2.64 7.05
C LYS D 181 -48.87 -3.99 7.70
N ASP D 182 -49.93 -4.75 7.92
CA ASP D 182 -49.81 -6.19 8.06
C ASP D 182 -50.52 -6.87 6.90
N ASP D 183 -50.68 -6.12 5.81
CA ASP D 183 -51.69 -6.41 4.81
C ASP D 183 -51.13 -7.35 3.76
N VAL D 184 -51.49 -8.61 3.83
CA VAL D 184 -51.33 -9.48 2.68
C VAL D 184 -52.59 -9.36 1.83
N TYR D 185 -52.41 -9.20 0.53
CA TYR D 185 -53.51 -9.39 -0.40
C TYR D 185 -52.91 -9.42 -1.78
N ASN D 186 -53.26 -10.44 -2.58
CA ASN D 186 -52.67 -10.61 -3.91
C ASN D 186 -53.24 -9.55 -4.85
N GLN D 187 -52.61 -8.38 -4.89
CA GLN D 187 -53.13 -7.21 -5.61
C GLN D 187 -52.21 -6.84 -6.76
N ASP D 188 -52.82 -6.47 -7.90
CA ASP D 188 -52.09 -6.11 -9.11
C ASP D 188 -51.89 -4.60 -9.28
N PHE D 189 -50.76 -4.19 -9.86
CA PHE D 189 -50.45 -2.76 -9.96
C PHE D 189 -50.70 -2.24 -11.37
N PRO D 190 -50.77 -0.92 -11.54
CA PRO D 190 -50.95 -0.35 -12.86
C PRO D 190 -49.61 -0.19 -13.55
N PRO D 191 -49.57 0.54 -14.68
CA PRO D 191 -48.29 0.99 -15.23
C PRO D 191 -47.63 2.00 -14.30
N TYR D 192 -46.49 1.62 -13.74
CA TYR D 192 -45.94 2.28 -12.55
C TYR D 192 -45.38 3.65 -12.92
N GLY D 193 -46.27 4.62 -12.96
CA GLY D 193 -46.03 5.94 -13.51
C GLY D 193 -47.11 6.43 -14.43
N SER D 194 -48.00 5.54 -14.88
CA SER D 194 -49.14 5.91 -15.72
C SER D 194 -50.46 5.58 -15.01
N GLY D 195 -50.64 6.11 -13.80
CA GLY D 195 -51.64 5.58 -12.90
C GLY D 195 -53.04 6.04 -13.25
N GLN D 196 -53.95 5.07 -13.21
CA GLN D 196 -55.33 5.27 -13.60
C GLN D 196 -56.03 5.99 -12.47
N PRO D 197 -56.91 6.94 -12.79
CA PRO D 197 -57.67 7.62 -11.74
C PRO D 197 -58.70 6.66 -11.17
N GLY D 198 -58.67 6.52 -9.85
CA GLY D 198 -59.37 5.45 -9.17
C GLY D 198 -58.57 4.18 -9.03
N ARG D 199 -57.24 4.29 -8.90
CA ARG D 199 -56.38 3.13 -8.82
C ARG D 199 -55.88 2.98 -7.39
N PHE D 200 -56.05 1.78 -6.84
CA PHE D 200 -55.42 1.42 -5.57
C PHE D 200 -53.92 1.29 -5.83
N GLY D 201 -53.21 2.39 -5.61
CA GLY D 201 -51.92 2.62 -6.25
C GLY D 201 -51.95 3.63 -7.37
N ASP D 202 -52.64 4.77 -7.18
CA ASP D 202 -52.82 5.72 -8.27
C ASP D 202 -51.58 6.57 -8.49
N ILE D 203 -51.00 7.10 -7.43
CA ILE D 203 -49.75 7.85 -7.52
C ILE D 203 -48.63 6.85 -7.30
N GLN D 204 -47.70 6.79 -8.25
CA GLN D 204 -46.71 5.71 -8.33
C GLN D 204 -45.67 5.85 -7.22
N SER D 205 -44.84 4.83 -7.07
CA SER D 205 -43.81 4.83 -6.04
C SER D 205 -42.66 3.95 -6.47
N ARG D 206 -41.56 4.57 -6.91
CA ARG D 206 -40.36 3.81 -7.21
C ARG D 206 -39.70 3.23 -5.97
N THR D 207 -39.74 3.96 -4.85
CA THR D 207 -39.08 3.51 -3.63
C THR D 207 -39.74 4.16 -2.43
N VAL D 208 -39.41 3.63 -1.25
CA VAL D 208 -40.01 4.10 0.01
C VAL D 208 -39.51 5.48 0.38
N GLU D 209 -38.32 5.84 -0.09
CA GLU D 209 -37.91 7.23 -0.19
C GLU D 209 -37.68 7.62 -1.64
N SER D 210 -38.59 7.21 -2.54
CA SER D 210 -38.35 7.23 -3.97
C SER D 210 -38.30 8.65 -4.52
N LYS D 211 -37.75 8.78 -5.72
CA LYS D 211 -37.47 10.08 -6.29
C LYS D 211 -38.68 10.79 -6.86
N ASP D 212 -39.49 10.11 -7.67
CA ASP D 212 -40.68 10.72 -8.21
C ASP D 212 -41.88 9.81 -8.02
N LEU D 213 -43.04 10.42 -7.81
CA LEU D 213 -44.26 9.66 -7.67
C LEU D 213 -45.29 10.28 -8.60
N TYR D 214 -45.33 9.78 -9.83
CA TYR D 214 -46.29 10.24 -10.81
C TYR D 214 -47.61 9.53 -10.63
N ALA D 215 -48.70 10.18 -11.05
CA ALA D 215 -50.02 9.61 -10.87
C ALA D 215 -51.08 10.44 -11.59
N ASN D 216 -52.31 9.88 -11.64
CA ASN D 216 -53.44 10.49 -12.33
C ASN D 216 -54.53 10.83 -11.30
N THR D 217 -54.33 11.96 -10.63
CA THR D 217 -55.34 12.63 -9.84
C THR D 217 -55.66 13.97 -10.49
N ALA D 218 -56.95 14.25 -10.63
CA ALA D 218 -57.40 15.33 -11.50
C ALA D 218 -57.72 16.56 -10.65
N LEU D 219 -56.71 17.36 -10.40
CA LEU D 219 -56.91 18.63 -9.70
C LEU D 219 -57.52 19.66 -10.65
N LYS D 220 -58.81 19.91 -10.49
CA LYS D 220 -59.58 20.69 -11.46
C LYS D 220 -59.68 22.12 -10.97
N LEU D 221 -58.86 23.00 -11.55
CA LEU D 221 -58.92 24.40 -11.20
C LEU D 221 -59.80 25.17 -12.19
N SER D 222 -60.53 26.15 -11.68
CA SER D 222 -61.37 27.01 -12.49
C SER D 222 -61.30 28.45 -12.00
N ARG D 223 -62.02 29.32 -12.71
CA ARG D 223 -62.23 30.68 -12.25
C ARG D 223 -63.10 30.65 -11.00
N PRO D 224 -62.59 31.08 -9.85
CA PRO D 224 -63.31 30.88 -8.59
C PRO D 224 -64.41 31.90 -8.37
N SER D 225 -64.93 31.92 -7.14
CA SER D 225 -66.00 32.84 -6.74
C SER D 225 -65.49 34.28 -6.75
N PRO D 226 -66.40 35.28 -6.86
CA PRO D 226 -65.99 36.62 -7.31
C PRO D 226 -65.08 37.46 -6.43
N GLY D 227 -65.48 37.71 -5.20
CA GLY D 227 -64.72 38.60 -4.37
C GLY D 227 -64.02 37.93 -3.24
N VAL D 228 -64.70 37.01 -2.56
CA VAL D 228 -64.06 36.03 -1.69
C VAL D 228 -63.65 34.90 -2.63
N VAL D 229 -62.45 35.03 -3.21
CA VAL D 229 -61.98 34.12 -4.24
C VAL D 229 -61.59 32.83 -3.55
N HIS D 230 -62.21 31.72 -3.96
CA HIS D 230 -62.06 30.47 -3.22
C HIS D 230 -60.80 29.78 -3.69
N VAL D 231 -60.60 28.56 -3.23
CA VAL D 231 -59.47 27.78 -3.69
C VAL D 231 -60.08 26.83 -4.71
N PRO D 232 -60.36 27.31 -5.92
CA PRO D 232 -61.19 26.51 -6.85
C PRO D 232 -60.49 25.37 -7.56
N TYR D 233 -59.36 24.90 -7.05
CA TYR D 233 -58.80 23.62 -7.48
C TYR D 233 -59.64 22.50 -6.89
N THR D 234 -60.18 21.64 -7.76
CA THR D 234 -61.02 20.58 -7.29
C THR D 234 -60.30 19.27 -7.59
N PRO D 235 -59.83 18.56 -6.57
CA PRO D 235 -59.02 17.36 -6.83
C PRO D 235 -59.84 16.16 -7.28
N THR D 236 -59.22 15.30 -8.08
CA THR D 236 -59.79 14.00 -8.36
C THR D 236 -59.62 13.21 -7.07
N PRO D 237 -60.60 12.39 -6.71
CA PRO D 237 -60.45 11.54 -5.53
C PRO D 237 -59.42 10.46 -5.80
N SER D 238 -58.69 10.11 -4.75
CA SER D 238 -57.71 9.03 -4.85
C SER D 238 -58.35 7.71 -4.47
N GLY D 239 -57.91 6.63 -5.10
CA GLY D 239 -58.19 5.31 -4.61
C GLY D 239 -57.11 4.75 -3.71
N PHE D 240 -56.27 5.62 -3.14
CA PHE D 240 -55.31 5.18 -2.14
C PHE D 240 -56.02 4.83 -0.85
N LYS D 241 -56.81 5.77 -0.34
CA LYS D 241 -57.67 5.47 0.80
C LYS D 241 -58.82 4.57 0.40
N TYR D 242 -59.23 4.62 -0.86
CA TYR D 242 -60.33 3.78 -1.31
C TYR D 242 -59.87 2.34 -1.51
N TRP D 243 -58.58 2.14 -1.73
CA TRP D 243 -58.04 0.80 -1.91
C TRP D 243 -57.47 0.30 -0.61
N LEU D 244 -57.27 1.21 0.34
CA LEU D 244 -57.35 0.78 1.72
C LEU D 244 -58.74 0.26 2.03
N LYS D 245 -59.78 0.97 1.61
CA LYS D 245 -61.14 0.47 1.74
C LYS D 245 -61.40 -0.69 0.80
N GLU D 246 -60.69 -0.72 -0.33
CA GLU D 246 -60.67 -1.88 -1.20
C GLU D 246 -59.60 -2.89 -0.82
N LYS D 247 -58.91 -2.70 0.31
CA LYS D 247 -58.13 -3.80 0.86
C LYS D 247 -59.13 -4.78 1.45
N GLY D 248 -59.59 -5.73 0.64
CA GLY D 248 -60.61 -6.68 1.06
C GLY D 248 -60.02 -7.89 1.76
N SER D 249 -60.46 -9.09 1.33
CA SER D 249 -60.08 -10.39 1.88
C SER D 249 -58.58 -10.64 1.85
N SER D 250 -58.06 -11.24 2.93
CA SER D 250 -56.63 -11.28 3.21
C SER D 250 -55.87 -12.16 2.25
N LEU D 251 -54.56 -11.93 2.13
CA LEU D 251 -53.73 -12.76 1.27
C LEU D 251 -53.60 -14.16 1.86
N ASN D 252 -53.07 -14.25 3.08
CA ASN D 252 -53.10 -15.51 3.79
C ASN D 252 -54.50 -15.91 4.21
N THR D 253 -55.35 -14.93 4.54
CA THR D 253 -56.70 -15.18 4.98
C THR D 253 -57.59 -15.72 3.89
N LYS D 254 -57.45 -15.23 2.66
CA LYS D 254 -58.08 -15.89 1.54
C LYS D 254 -57.11 -16.84 0.86
N ALA D 255 -56.15 -17.37 1.59
CA ALA D 255 -55.14 -18.25 1.02
C ALA D 255 -55.74 -19.63 0.78
N PRO D 256 -55.68 -20.16 -0.44
CA PRO D 256 -55.87 -21.59 -0.64
C PRO D 256 -54.53 -22.28 -0.54
N PHE D 257 -54.50 -23.61 -0.55
CA PHE D 257 -53.24 -24.34 -0.36
C PHE D 257 -52.86 -24.44 1.12
N GLY D 258 -53.72 -23.95 2.00
CA GLY D 258 -53.60 -24.07 3.44
C GLY D 258 -52.38 -23.41 4.07
N CYS D 259 -51.80 -22.44 3.40
CA CYS D 259 -50.53 -21.88 3.84
C CYS D 259 -50.78 -20.86 4.94
N LYS D 260 -49.85 -20.74 5.87
CA LYS D 260 -49.86 -19.67 6.84
C LYS D 260 -49.17 -18.50 6.17
N ILE D 261 -49.95 -17.52 5.71
CA ILE D 261 -49.37 -16.33 5.11
C ILE D 261 -49.21 -15.28 6.18
N LYS D 262 -48.30 -14.34 5.96
CA LYS D 262 -47.92 -13.36 6.97
C LYS D 262 -46.89 -12.38 6.42
N THR D 263 -46.61 -11.35 7.23
CA THR D 263 -45.95 -10.11 6.81
C THR D 263 -44.44 -10.26 6.57
N ASN D 264 -43.73 -9.12 6.48
CA ASN D 264 -42.55 -8.77 5.69
C ASN D 264 -41.56 -9.86 5.33
N PRO D 265 -41.07 -10.63 6.28
CA PRO D 265 -40.39 -11.89 5.92
C PRO D 265 -41.47 -12.86 5.47
N VAL D 266 -41.79 -12.83 4.17
CA VAL D 266 -43.17 -12.95 3.72
C VAL D 266 -43.62 -14.39 3.82
N ARG D 267 -44.21 -14.72 4.95
CA ARG D 267 -44.36 -16.11 5.37
C ARG D 267 -45.54 -16.72 4.67
N ALA D 268 -45.26 -17.74 3.88
CA ALA D 268 -46.27 -18.65 3.37
C ALA D 268 -45.82 -20.06 3.71
N MET D 269 -46.09 -20.49 4.92
CA MET D 269 -45.41 -21.64 5.48
C MET D 269 -46.38 -22.61 6.13
N ASP D 270 -45.94 -23.87 6.19
CA ASP D 270 -46.78 -24.98 6.61
C ASP D 270 -47.93 -25.16 5.64
N CYS D 271 -47.64 -25.07 4.35
CA CYS D 271 -48.68 -25.11 3.33
C CYS D 271 -49.10 -26.55 3.13
N ALA D 272 -50.26 -26.75 2.49
CA ALA D 272 -50.70 -28.06 2.02
C ALA D 272 -50.18 -28.22 0.59
N VAL D 273 -48.86 -28.19 0.45
CA VAL D 273 -48.25 -28.21 -0.85
C VAL D 273 -46.91 -28.89 -0.70
N GLY D 274 -46.66 -29.89 -1.53
CA GLY D 274 -45.37 -30.51 -1.60
C GLY D 274 -45.06 -31.45 -0.45
N SER D 275 -44.06 -32.29 -0.71
CA SER D 275 -43.56 -33.25 0.25
C SER D 275 -42.17 -32.82 0.67
N ILE D 276 -41.51 -33.66 1.44
CA ILE D 276 -40.14 -33.39 1.86
C ILE D 276 -39.24 -34.50 1.35
N PRO D 277 -38.52 -34.29 0.25
CA PRO D 277 -37.46 -35.23 -0.12
C PRO D 277 -36.30 -35.10 0.87
N VAL D 278 -35.51 -36.15 0.96
CA VAL D 278 -34.41 -36.18 1.92
C VAL D 278 -33.45 -37.29 1.56
N SER D 279 -32.18 -37.05 1.87
CA SER D 279 -31.12 -38.06 1.76
C SER D 279 -30.40 -38.03 3.09
N MET D 280 -30.40 -39.16 3.79
CA MET D 280 -29.91 -39.25 5.15
C MET D 280 -28.67 -40.11 5.16
N ASP D 281 -27.51 -39.47 5.18
CA ASP D 281 -26.25 -40.15 5.41
C ASP D 281 -26.21 -40.58 6.86
N ILE D 282 -26.56 -41.83 7.10
CA ILE D 282 -26.77 -42.36 8.44
C ILE D 282 -25.41 -42.63 9.06
N PRO D 283 -25.26 -42.45 10.36
CA PRO D 283 -23.97 -42.72 10.99
C PRO D 283 -23.81 -44.21 11.21
N ASP D 284 -22.59 -44.61 11.59
CA ASP D 284 -22.38 -45.96 12.06
C ASP D 284 -23.03 -46.15 13.41
N SER D 285 -23.06 -45.10 14.22
CA SER D 285 -23.53 -45.20 15.60
C SER D 285 -25.05 -45.24 15.72
N ALA D 286 -25.77 -45.08 14.61
CA ALA D 286 -27.22 -45.06 14.66
C ALA D 286 -27.85 -46.44 14.80
N PHE D 287 -27.29 -47.47 14.16
CA PHE D 287 -27.74 -48.83 14.36
C PHE D 287 -26.95 -49.44 15.52
N THR D 288 -27.55 -50.41 16.20
CA THR D 288 -26.83 -51.16 17.22
C THR D 288 -25.96 -52.23 16.58
N ARG D 289 -25.33 -53.05 17.43
CA ARG D 289 -24.39 -54.06 16.96
C ARG D 289 -25.12 -55.25 16.32
N VAL D 290 -24.32 -56.20 15.84
CA VAL D 290 -24.90 -57.37 15.17
C VAL D 290 -25.23 -58.45 16.18
N VAL D 291 -24.27 -58.75 17.06
CA VAL D 291 -24.60 -59.42 18.31
C VAL D 291 -24.89 -58.42 19.43
N ASP D 292 -24.89 -57.12 19.11
CA ASP D 292 -25.13 -56.09 20.10
C ASP D 292 -26.59 -56.01 20.51
N ALA D 293 -27.49 -56.62 19.76
CA ALA D 293 -28.90 -56.56 20.08
C ALA D 293 -29.21 -57.48 21.26
N PRO D 294 -30.33 -57.26 21.93
CA PRO D 294 -30.85 -58.27 22.86
C PRO D 294 -31.35 -59.46 22.08
N ALA D 295 -31.39 -60.61 22.75
CA ALA D 295 -31.77 -61.86 22.11
C ALA D 295 -33.28 -61.95 22.07
N VAL D 296 -33.90 -61.24 21.14
CA VAL D 296 -35.35 -61.16 21.06
C VAL D 296 -35.87 -62.26 20.14
N THR D 297 -36.57 -63.23 20.72
CA THR D 297 -36.90 -64.44 19.97
C THR D 297 -38.34 -64.85 20.25
N ASP D 298 -38.96 -65.42 19.23
CA ASP D 298 -40.35 -65.89 19.34
C ASP D 298 -41.35 -64.75 19.49
N LEU D 299 -41.23 -63.77 18.61
CA LEU D 299 -42.22 -62.71 18.59
C LEU D 299 -43.48 -63.19 17.90
N SER D 300 -44.58 -62.48 18.13
CA SER D 300 -45.82 -62.73 17.42
C SER D 300 -46.72 -61.55 17.76
N CYS D 301 -47.16 -60.84 16.73
CA CYS D 301 -48.00 -59.67 16.93
C CYS D 301 -49.47 -60.05 16.84
N GLN D 302 -50.27 -59.45 17.72
CA GLN D 302 -51.72 -59.65 17.70
C GLN D 302 -52.37 -58.31 18.02
N VAL D 303 -53.32 -57.88 17.18
CA VAL D 303 -54.00 -56.62 17.40
C VAL D 303 -55.00 -56.77 18.54
N VAL D 304 -55.05 -55.77 19.42
CA VAL D 304 -55.97 -55.77 20.54
C VAL D 304 -57.27 -55.02 20.22
N VAL D 305 -57.16 -53.78 19.74
CA VAL D 305 -58.32 -53.01 19.31
C VAL D 305 -57.86 -52.10 18.17
N CYS D 306 -58.81 -51.67 17.34
CA CYS D 306 -58.45 -50.93 16.14
C CYS D 306 -59.22 -49.62 16.10
N THR D 307 -58.62 -48.61 15.47
CA THR D 307 -59.19 -47.27 15.48
C THR D 307 -59.95 -46.99 14.19
N HIS D 308 -60.51 -45.78 14.10
CA HIS D 308 -61.23 -45.31 12.91
C HIS D 308 -60.33 -44.98 11.72
N SER D 309 -59.45 -43.96 11.80
CA SER D 309 -59.47 -42.91 12.83
C SER D 309 -58.45 -41.76 12.72
N SER D 310 -58.41 -40.99 13.80
CA SER D 310 -57.34 -40.06 14.11
C SER D 310 -56.14 -40.80 14.69
N ASP D 311 -55.31 -40.04 15.41
CA ASP D 311 -54.03 -40.45 16.00
C ASP D 311 -54.05 -41.73 16.84
N PHE D 312 -52.86 -42.31 17.07
CA PHE D 312 -52.55 -43.73 16.90
C PHE D 312 -53.58 -44.73 17.42
N GLY D 313 -53.71 -44.89 18.73
CA GLY D 313 -54.84 -45.63 19.25
C GLY D 313 -54.90 -47.15 19.09
N GLY D 314 -54.68 -47.65 17.88
CA GLY D 314 -54.87 -49.07 17.60
C GLY D 314 -53.78 -49.90 18.25
N VAL D 315 -54.21 -50.81 19.12
CA VAL D 315 -53.31 -51.44 20.07
C VAL D 315 -52.99 -52.80 19.51
N ALA D 316 -51.71 -53.10 19.37
CA ALA D 316 -51.25 -54.44 19.04
C ALA D 316 -50.50 -55.01 20.23
N THR D 317 -50.74 -56.28 20.54
CA THR D 317 -49.92 -57.00 21.51
C THR D 317 -48.92 -57.82 20.72
N LEU D 318 -47.64 -57.64 21.04
CA LEU D 318 -46.57 -58.31 20.30
C LEU D 318 -45.73 -59.05 21.32
N SER D 319 -45.92 -60.35 21.43
CA SER D 319 -45.32 -61.13 22.50
C SER D 319 -43.83 -61.32 22.23
N TYR D 320 -43.05 -60.31 22.60
CA TYR D 320 -41.61 -60.39 22.45
C TYR D 320 -41.05 -61.17 23.63
N LYS D 321 -40.58 -62.36 23.34
CA LYS D 321 -39.65 -63.07 24.21
C LYS D 321 -38.29 -62.51 23.89
N THR D 322 -37.52 -62.17 24.92
CA THR D 322 -36.34 -61.34 24.71
C THR D 322 -35.22 -61.72 25.67
N ASP D 323 -33.98 -61.60 25.18
CA ASP D 323 -32.80 -61.79 26.02
C ASP D 323 -32.43 -60.54 26.80
N LYS D 324 -32.81 -59.37 26.32
CA LYS D 324 -32.55 -58.12 27.04
C LYS D 324 -33.47 -57.04 26.48
N PRO D 325 -33.61 -55.93 27.20
CA PRO D 325 -34.46 -54.84 26.72
C PRO D 325 -33.76 -54.04 25.64
N GLY D 326 -34.57 -53.33 24.87
CA GLY D 326 -34.02 -52.60 23.75
C GLY D 326 -35.06 -51.68 23.14
N LYS D 327 -34.91 -51.40 21.87
CA LYS D 327 -35.83 -50.50 21.17
C LYS D 327 -36.35 -51.22 19.95
N CYS D 328 -37.56 -51.77 20.07
CA CYS D 328 -38.28 -52.24 18.90
C CYS D 328 -38.77 -51.05 18.08
N ALA D 329 -38.11 -50.83 16.95
CA ALA D 329 -38.60 -49.85 15.99
C ALA D 329 -39.56 -50.53 15.02
N VAL D 330 -40.73 -49.92 14.85
CA VAL D 330 -41.90 -50.63 14.34
C VAL D 330 -42.16 -50.43 12.85
N HIS D 331 -41.44 -49.51 12.21
CA HIS D 331 -41.80 -49.03 10.89
C HIS D 331 -41.57 -50.01 9.74
N SER D 332 -42.42 -51.02 9.65
CA SER D 332 -42.54 -51.82 8.45
C SER D 332 -43.63 -51.13 7.63
N HIS D 333 -43.87 -51.62 6.42
CA HIS D 333 -44.61 -50.85 5.42
C HIS D 333 -46.12 -50.78 5.65
N SER D 334 -46.56 -50.09 6.70
CA SER D 334 -48.00 -49.94 6.89
C SER D 334 -48.42 -48.68 6.16
N ASN D 335 -48.61 -48.79 4.83
CA ASN D 335 -48.94 -47.64 4.02
C ASN D 335 -50.39 -47.21 4.17
N VAL D 336 -51.24 -48.09 4.71
CA VAL D 336 -52.55 -47.66 5.16
C VAL D 336 -52.53 -47.40 6.65
N ALA D 337 -51.40 -47.72 7.31
CA ALA D 337 -51.30 -47.69 8.76
C ALA D 337 -50.39 -46.55 9.21
N THR D 338 -50.08 -46.54 10.51
CA THR D 338 -49.18 -45.54 11.10
C THR D 338 -48.68 -46.07 12.45
N LEU D 339 -47.77 -45.32 13.07
CA LEU D 339 -47.30 -45.68 14.40
C LEU D 339 -47.82 -44.70 15.45
N GLN D 340 -48.26 -45.23 16.58
CA GLN D 340 -48.62 -44.41 17.73
C GLN D 340 -47.35 -44.21 18.56
N GLU D 341 -46.60 -45.27 18.73
CA GLU D 341 -45.26 -45.17 19.33
C GLU D 341 -44.21 -45.43 18.26
N ALA D 342 -42.95 -45.15 18.60
CA ALA D 342 -41.90 -45.30 17.61
C ALA D 342 -40.85 -46.31 18.05
N THR D 343 -40.27 -46.11 19.22
CA THR D 343 -39.34 -47.08 19.77
C THR D 343 -39.98 -47.66 21.02
N VAL D 344 -40.30 -48.94 20.97
CA VAL D 344 -40.92 -49.64 22.10
C VAL D 344 -39.80 -50.34 22.86
N ASP D 345 -40.05 -50.60 24.14
CA ASP D 345 -39.11 -51.39 24.94
C ASP D 345 -39.14 -52.83 24.46
N VAL D 346 -38.01 -53.27 23.91
CA VAL D 346 -37.83 -54.64 23.47
C VAL D 346 -37.61 -55.43 24.75
N LYS D 347 -38.70 -55.90 25.35
CA LYS D 347 -38.71 -56.36 26.72
C LYS D 347 -38.72 -57.87 26.72
N GLU D 348 -37.92 -58.44 27.64
CA GLU D 348 -37.88 -59.88 27.83
C GLU D 348 -39.19 -60.34 28.45
N ASP D 349 -39.90 -61.18 27.71
CA ASP D 349 -41.19 -61.73 28.11
C ASP D 349 -42.24 -60.65 28.30
N GLY D 350 -42.64 -59.98 27.22
CA GLY D 350 -43.67 -58.98 27.33
C GLY D 350 -44.48 -58.90 26.06
N LYS D 351 -45.79 -58.79 26.22
CA LYS D 351 -46.68 -58.75 25.07
C LYS D 351 -46.91 -57.30 24.70
N VAL D 352 -45.93 -56.70 24.02
CA VAL D 352 -45.70 -55.27 23.92
C VAL D 352 -46.85 -54.62 23.16
N THR D 353 -47.59 -53.78 23.87
CA THR D 353 -48.68 -53.02 23.30
C THR D 353 -48.10 -51.86 22.52
N VAL D 354 -48.46 -51.79 21.26
CA VAL D 354 -48.03 -50.72 20.38
C VAL D 354 -49.26 -49.99 19.89
N HIS D 355 -49.28 -48.69 20.11
CA HIS D 355 -50.30 -47.85 19.52
C HIS D 355 -49.97 -47.70 18.05
N PHE D 356 -51.00 -47.54 17.23
CA PHE D 356 -50.79 -47.42 15.81
C PHE D 356 -52.09 -46.98 15.15
N SER D 357 -51.97 -45.96 14.32
CA SER D 357 -53.08 -45.43 13.56
C SER D 357 -53.20 -46.18 12.24
N THR D 358 -54.40 -46.14 11.68
CA THR D 358 -54.66 -46.69 10.36
C THR D 358 -56.11 -46.36 10.06
N ALA D 359 -56.40 -45.95 8.84
CA ALA D 359 -57.76 -45.49 8.53
C ALA D 359 -58.59 -46.52 7.77
N SER D 360 -57.94 -47.48 7.09
CA SER D 360 -58.62 -48.47 6.28
C SER D 360 -59.09 -49.57 7.21
N ALA D 361 -60.40 -49.84 7.20
CA ALA D 361 -61.07 -50.71 8.17
C ALA D 361 -60.62 -52.17 8.10
N SER D 362 -60.06 -52.61 6.98
CA SER D 362 -59.46 -53.94 6.89
C SER D 362 -57.96 -53.73 6.75
N PRO D 363 -57.36 -53.02 7.69
CA PRO D 363 -55.94 -52.66 7.54
C PRO D 363 -55.04 -53.82 7.96
N ALA D 364 -54.12 -54.17 7.07
CA ALA D 364 -53.14 -55.22 7.34
C ALA D 364 -51.76 -54.59 7.42
N PHE D 365 -51.37 -54.15 8.62
CA PHE D 365 -50.08 -53.50 8.81
C PHE D 365 -49.00 -54.55 8.74
N LYS D 366 -48.07 -54.33 7.81
CA LYS D 366 -46.84 -55.11 7.74
C LYS D 366 -45.99 -54.67 8.93
N VAL D 367 -46.17 -55.35 10.06
CA VAL D 367 -45.57 -54.94 11.31
C VAL D 367 -44.12 -55.41 11.32
N SER D 368 -43.21 -54.49 11.02
CA SER D 368 -41.79 -54.77 11.15
C SER D 368 -41.30 -54.12 12.43
N VAL D 369 -41.50 -54.79 13.57
CA VAL D 369 -41.12 -54.27 14.88
C VAL D 369 -39.75 -54.82 15.22
N CYS D 370 -38.88 -53.96 15.77
CA CYS D 370 -37.41 -53.99 15.68
C CYS D 370 -36.64 -55.31 15.59
N ASP D 371 -37.18 -56.38 16.17
CA ASP D 371 -36.61 -57.70 15.97
C ASP D 371 -36.87 -58.25 14.56
N ALA D 372 -38.09 -58.15 14.04
CA ALA D 372 -38.43 -58.70 12.73
C ALA D 372 -39.83 -58.27 12.29
N LYS D 373 -40.33 -58.89 11.22
CA LYS D 373 -41.57 -58.46 10.61
C LYS D 373 -42.56 -59.60 10.48
N THR D 374 -43.84 -59.29 10.69
CA THR D 374 -44.96 -60.17 10.40
C THR D 374 -46.03 -59.33 9.73
N THR D 375 -47.11 -59.99 9.33
CA THR D 375 -48.26 -59.27 8.77
C THR D 375 -49.40 -59.29 9.77
N CYS D 376 -49.59 -58.19 10.50
CA CYS D 376 -50.63 -58.09 11.51
C CYS D 376 -51.80 -57.28 10.97
N THR D 377 -52.97 -57.90 10.93
CA THR D 377 -54.13 -57.26 10.33
C THR D 377 -55.39 -57.69 11.05
N ALA D 378 -56.35 -56.78 11.14
CA ALA D 378 -57.64 -57.07 11.76
C ALA D 378 -58.62 -55.96 11.39
N ALA D 379 -59.76 -55.96 12.05
CA ALA D 379 -60.78 -54.95 11.86
C ALA D 379 -60.44 -53.73 12.71
N CYS D 380 -60.41 -52.56 12.07
CA CYS D 380 -60.31 -51.29 12.78
C CYS D 380 -61.73 -51.06 13.28
N GLU D 381 -61.85 -50.41 14.44
CA GLU D 381 -63.17 -50.00 14.91
C GLU D 381 -63.70 -48.89 14.00
N PRO D 382 -64.99 -48.85 13.74
CA PRO D 382 -65.56 -47.77 12.91
C PRO D 382 -65.48 -46.46 13.66
N PRO D 383 -65.17 -45.34 12.97
CA PRO D 383 -64.84 -44.08 13.66
C PRO D 383 -65.98 -43.43 14.42
N LYS D 384 -65.71 -42.32 15.11
CA LYS D 384 -66.78 -41.66 15.84
C LYS D 384 -67.06 -40.26 15.34
N ASP D 385 -66.09 -39.36 15.47
CA ASP D 385 -66.37 -37.96 15.22
C ASP D 385 -65.94 -37.55 13.81
N HIS D 386 -66.56 -36.46 13.35
CA HIS D 386 -66.24 -35.85 12.07
C HIS D 386 -65.40 -34.60 12.23
N ILE D 387 -65.12 -34.17 13.44
CA ILE D 387 -64.10 -33.16 13.70
C ILE D 387 -63.10 -33.79 14.66
N VAL D 388 -61.82 -33.63 14.36
CA VAL D 388 -60.74 -34.06 15.24
C VAL D 388 -59.54 -33.18 14.92
N PRO D 389 -58.42 -33.32 15.62
CA PRO D 389 -57.21 -32.59 15.21
C PRO D 389 -56.62 -33.06 13.89
N TYR D 390 -56.20 -34.33 13.80
CA TYR D 390 -55.50 -34.78 12.60
C TYR D 390 -55.85 -36.21 12.20
N GLY D 391 -55.07 -36.79 11.30
CA GLY D 391 -55.33 -38.11 10.76
C GLY D 391 -54.09 -38.90 10.45
N ALA D 392 -54.23 -40.14 10.00
CA ALA D 392 -53.09 -41.03 9.77
C ALA D 392 -53.22 -41.90 8.53
N SER D 393 -53.84 -41.39 7.47
CA SER D 393 -53.99 -42.17 6.25
C SER D 393 -54.25 -41.23 5.07
N SER E 1 33.86 14.87 -29.10
CA SER E 1 35.04 14.49 -28.34
C SER E 1 35.02 15.08 -26.93
N VAL E 2 35.14 14.23 -25.92
CA VAL E 2 35.00 14.64 -24.53
C VAL E 2 36.15 14.17 -23.65
N THR E 3 37.39 14.18 -24.15
CA THR E 3 38.53 13.55 -23.47
C THR E 3 39.08 14.23 -22.21
N GLU E 4 38.39 15.25 -21.69
CA GLU E 4 38.73 15.84 -20.39
C GLU E 4 37.40 15.98 -19.64
N HIS E 5 37.45 15.78 -18.32
CA HIS E 5 36.22 15.72 -17.56
C HIS E 5 35.72 17.10 -17.13
N PHE E 6 36.54 18.14 -17.36
CA PHE E 6 36.53 19.33 -16.51
C PHE E 6 35.29 20.19 -16.73
N ASN E 7 35.07 20.66 -17.96
CA ASN E 7 33.95 21.57 -18.21
C ASN E 7 32.62 20.81 -18.25
N VAL E 8 32.67 19.54 -18.67
CA VAL E 8 31.46 18.75 -18.77
C VAL E 8 30.97 18.34 -17.39
N TYR E 9 31.87 18.38 -16.40
CA TYR E 9 31.44 18.22 -15.01
C TYR E 9 31.15 19.57 -14.36
N LYS E 10 31.87 20.63 -14.78
CA LYS E 10 31.68 21.94 -14.20
C LYS E 10 30.38 22.59 -14.63
N ALA E 11 29.72 22.08 -15.67
CA ALA E 11 28.43 22.62 -16.08
C ALA E 11 27.27 22.07 -15.25
N THR E 12 27.34 20.79 -14.88
CA THR E 12 26.15 20.02 -14.56
C THR E 12 25.81 20.05 -13.06
N ARG E 13 25.02 21.06 -12.68
CA ARG E 13 24.24 20.99 -11.47
C ARG E 13 22.90 20.31 -11.77
N PRO E 14 22.75 19.04 -11.41
CA PRO E 14 21.60 18.28 -11.90
C PRO E 14 20.39 18.31 -10.99
N TYR E 15 19.30 17.70 -11.48
CA TYR E 15 18.02 17.72 -10.82
C TYR E 15 17.42 16.32 -10.76
N LEU E 16 16.54 16.11 -9.79
CA LEU E 16 15.92 14.82 -9.56
C LEU E 16 14.68 14.64 -10.43
N ALA E 17 14.53 13.43 -10.98
CA ALA E 17 13.53 13.14 -12.00
C ALA E 17 12.32 12.49 -11.36
N TYR E 18 11.19 12.54 -12.06
CA TYR E 18 9.93 12.08 -11.49
C TYR E 18 9.88 10.56 -11.51
N CYS E 19 9.97 9.97 -10.32
CA CYS E 19 10.15 8.53 -10.19
C CYS E 19 8.98 7.98 -9.40
N ALA E 20 8.15 7.18 -10.07
CA ALA E 20 6.95 6.60 -9.53
C ALA E 20 7.17 5.25 -8.91
N ASP E 21 8.41 4.81 -8.83
CA ASP E 21 8.77 3.64 -8.04
C ASP E 21 10.17 3.85 -7.51
N CYS E 22 10.27 4.44 -6.33
CA CYS E 22 11.57 4.54 -5.69
C CYS E 22 11.49 3.61 -4.50
N GLY E 23 10.41 3.75 -3.72
CA GLY E 23 10.22 2.96 -2.53
C GLY E 23 9.17 1.88 -2.73
N ASP E 24 8.15 1.94 -1.87
CA ASP E 24 6.98 1.08 -1.98
C ASP E 24 6.23 1.32 -3.28
N GLY E 25 5.66 2.50 -3.48
CA GLY E 25 5.23 2.94 -4.79
C GLY E 25 5.38 4.42 -4.94
N TYR E 26 6.16 5.04 -4.05
CA TYR E 26 6.19 6.49 -3.89
C TYR E 26 6.91 7.13 -5.06
N PHE E 27 6.49 8.35 -5.39
CA PHE E 27 6.87 8.97 -6.64
C PHE E 27 7.19 10.43 -6.39
N CYS E 28 8.33 10.88 -6.88
CA CYS E 28 8.74 12.27 -6.68
C CYS E 28 10.06 12.46 -7.41
N TYR E 29 10.59 13.67 -7.33
CA TYR E 29 11.85 14.01 -8.00
C TYR E 29 12.99 13.37 -7.21
N SER E 30 13.29 12.10 -7.53
CA SER E 30 14.39 11.37 -6.93
C SER E 30 15.71 11.96 -7.43
N PRO E 31 16.70 12.10 -6.55
CA PRO E 31 17.89 12.91 -6.92
C PRO E 31 18.85 12.20 -7.84
N VAL E 32 18.77 10.88 -7.93
CA VAL E 32 19.55 10.10 -8.89
C VAL E 32 18.54 9.62 -9.91
N ALA E 33 18.77 9.96 -11.17
CA ALA E 33 17.79 9.65 -12.19
C ALA E 33 18.22 8.44 -13.01
N ILE E 34 17.26 7.70 -13.53
CA ILE E 34 17.52 6.54 -14.38
C ILE E 34 16.93 6.88 -15.73
N GLU E 35 17.77 7.39 -16.63
CA GLU E 35 17.26 7.90 -17.90
C GLU E 35 17.03 6.76 -18.89
N LYS E 36 18.07 5.99 -19.16
CA LYS E 36 17.92 4.90 -20.11
C LYS E 36 18.87 3.78 -19.70
N ILE E 37 18.88 2.73 -20.51
CA ILE E 37 19.92 1.73 -20.45
C ILE E 37 20.62 1.76 -21.80
N ARG E 38 21.80 1.17 -21.87
CA ARG E 38 22.51 1.06 -23.12
C ARG E 38 23.10 -0.33 -23.23
N ASP E 39 22.93 -0.93 -24.41
CA ASP E 39 23.50 -2.24 -24.70
C ASP E 39 24.84 -2.00 -25.38
N GLU E 40 25.90 -2.01 -24.58
CA GLU E 40 27.26 -2.08 -25.08
C GLU E 40 28.02 -3.25 -24.44
N ALA E 41 27.86 -4.45 -25.00
CA ALA E 41 28.38 -5.68 -24.42
C ALA E 41 28.27 -6.74 -25.50
N PRO E 42 29.08 -7.74 -25.46
CA PRO E 42 28.77 -8.94 -26.23
C PRO E 42 27.98 -9.79 -25.28
N ASP E 43 28.31 -9.59 -24.02
CA ASP E 43 27.64 -10.25 -22.92
C ASP E 43 26.67 -9.34 -22.18
N GLY E 44 26.86 -8.03 -22.25
CA GLY E 44 26.03 -7.16 -21.45
C GLY E 44 26.67 -6.42 -20.29
N MET E 45 27.82 -5.79 -20.53
CA MET E 45 28.33 -4.76 -19.62
C MET E 45 27.50 -3.53 -19.91
N LEU E 46 26.35 -3.41 -19.24
CA LEU E 46 25.33 -2.47 -19.68
C LEU E 46 25.64 -1.10 -19.11
N LYS E 47 25.29 -0.07 -19.88
CA LYS E 47 25.68 1.30 -19.57
C LYS E 47 24.40 2.12 -19.48
N ILE E 48 23.91 2.31 -18.28
CA ILE E 48 22.66 2.99 -18.04
C ILE E 48 22.91 4.48 -18.08
N GLN E 49 22.03 5.20 -18.77
CA GLN E 49 22.09 6.66 -18.88
C GLN E 49 21.45 7.25 -17.62
N VAL E 50 22.30 7.79 -16.74
CA VAL E 50 21.93 8.07 -15.35
C VAL E 50 21.83 9.58 -15.14
N SER E 51 21.40 9.97 -13.92
CA SER E 51 20.84 11.31 -13.67
C SER E 51 21.87 12.42 -13.37
N ALA E 52 23.06 12.19 -12.83
CA ALA E 52 24.00 13.25 -12.53
C ALA E 52 25.22 13.08 -13.41
N GLN E 53 26.28 13.83 -13.12
CA GLN E 53 27.62 13.43 -13.52
C GLN E 53 27.96 12.21 -12.68
N ILE E 54 27.85 11.03 -13.29
CA ILE E 54 27.81 9.75 -12.58
C ILE E 54 29.23 9.45 -12.13
N GLY E 55 29.54 9.84 -10.90
CA GLY E 55 30.89 9.94 -10.42
C GLY E 55 31.51 11.29 -10.65
N LEU E 56 31.03 12.05 -11.63
CA LEU E 56 31.56 13.35 -11.99
C LEU E 56 31.18 14.33 -10.89
N ASP E 57 32.10 14.55 -9.96
CA ASP E 57 31.79 15.30 -8.75
C ASP E 57 31.98 16.79 -8.99
N LYS E 58 32.02 17.55 -7.89
CA LYS E 58 32.40 18.96 -7.95
C LYS E 58 33.91 19.15 -7.99
N ALA E 59 34.66 18.04 -7.92
CA ALA E 59 36.12 18.08 -7.95
C ALA E 59 36.69 17.98 -9.37
N GLY E 60 35.87 18.21 -10.39
CA GLY E 60 36.34 18.30 -11.77
C GLY E 60 36.62 16.96 -12.41
N THR E 61 37.62 16.24 -11.95
CA THR E 61 37.60 14.81 -12.14
C THR E 61 36.82 14.22 -10.98
N HIS E 62 36.49 12.95 -11.11
CA HIS E 62 35.68 12.29 -10.10
C HIS E 62 36.53 11.89 -8.91
N ALA E 63 35.99 12.10 -7.72
CA ALA E 63 36.53 11.46 -6.54
C ALA E 63 35.76 10.15 -6.50
N HIS E 64 36.47 9.04 -6.32
CA HIS E 64 35.85 7.72 -6.40
C HIS E 64 34.91 7.45 -5.23
N THR E 65 35.15 8.09 -4.10
CA THR E 65 34.20 8.12 -3.01
C THR E 65 33.43 9.41 -2.98
N LYS E 66 33.52 10.23 -4.02
CA LYS E 66 32.72 11.43 -4.15
C LYS E 66 31.83 11.26 -5.37
N ILE E 67 30.75 10.52 -5.20
CA ILE E 67 29.75 10.33 -6.23
C ILE E 67 28.90 11.59 -6.26
N ARG E 68 28.83 12.23 -7.42
CA ARG E 68 28.20 13.53 -7.57
C ARG E 68 26.69 13.37 -7.51
N TYR E 69 26.16 13.24 -6.30
CA TYR E 69 24.72 13.21 -6.09
C TYR E 69 24.25 14.64 -6.24
N MET E 70 23.37 14.86 -7.22
CA MET E 70 23.07 16.21 -7.69
C MET E 70 21.58 16.49 -7.59
N ALA E 71 21.15 16.99 -6.44
CA ALA E 71 19.77 17.46 -6.33
C ALA E 71 19.80 18.87 -5.74
N GLY E 72 18.62 19.53 -5.68
CA GLY E 72 18.45 20.79 -5.00
C GLY E 72 18.81 20.72 -3.54
N HIS E 73 18.53 19.59 -2.91
CA HIS E 73 19.43 19.04 -1.90
C HIS E 73 20.70 18.58 -2.62
N ASP E 74 21.75 19.39 -2.49
CA ASP E 74 22.65 19.91 -3.51
C ASP E 74 23.44 18.99 -4.43
N VAL E 75 24.20 19.61 -5.33
CA VAL E 75 25.20 18.91 -6.11
C VAL E 75 26.41 18.74 -5.19
N GLN E 76 26.46 17.61 -4.50
CA GLN E 76 27.53 17.31 -3.57
C GLN E 76 28.06 15.92 -3.83
N GLU E 77 29.06 15.55 -3.05
CA GLU E 77 29.74 14.26 -3.18
C GLU E 77 29.25 13.36 -2.06
N SER E 78 28.30 12.48 -2.37
CA SER E 78 28.02 11.39 -1.44
C SER E 78 29.12 10.35 -1.55
N LYS E 79 29.10 9.40 -0.62
CA LYS E 79 30.06 8.30 -0.58
C LYS E 79 29.87 7.43 -1.80
N ARG E 80 30.80 7.55 -2.75
CA ARG E 80 30.68 7.03 -4.11
C ARG E 80 30.59 5.52 -4.19
N ASP E 81 31.08 4.81 -3.17
CA ASP E 81 30.84 3.37 -3.05
C ASP E 81 29.38 3.03 -2.73
N SER E 82 28.57 4.00 -2.28
CA SER E 82 27.14 3.82 -2.02
C SER E 82 26.30 3.62 -3.28
N LEU E 83 26.86 3.87 -4.45
CA LEU E 83 26.22 3.54 -5.70
C LEU E 83 26.38 2.04 -5.98
N ARG E 84 25.27 1.38 -6.25
CA ARG E 84 25.22 -0.02 -6.58
C ARG E 84 24.05 -0.21 -7.55
N VAL E 85 23.83 -1.46 -7.94
CA VAL E 85 22.76 -1.78 -8.87
C VAL E 85 21.92 -2.89 -8.27
N TYR E 86 20.65 -2.91 -8.61
CA TYR E 86 19.78 -4.07 -8.46
C TYR E 86 19.33 -4.45 -9.86
N THR E 87 19.83 -5.57 -10.37
CA THR E 87 19.32 -6.12 -11.62
C THR E 87 18.20 -7.14 -11.40
N SER E 88 17.58 -7.12 -10.23
CA SER E 88 17.02 -8.32 -9.66
C SER E 88 18.14 -9.04 -8.92
N ALA E 89 19.26 -8.34 -8.72
CA ALA E 89 20.45 -8.90 -8.13
C ALA E 89 21.51 -7.82 -8.12
N ALA E 90 22.48 -7.96 -7.22
CA ALA E 90 23.52 -6.97 -7.03
C ALA E 90 24.44 -6.95 -8.25
N CYS E 91 24.31 -5.92 -9.07
CA CYS E 91 24.97 -5.81 -10.35
C CYS E 91 26.46 -5.52 -10.17
N SER E 92 27.21 -5.68 -11.26
CA SER E 92 28.66 -5.54 -11.22
C SER E 92 29.03 -4.39 -12.15
N ILE E 93 28.90 -3.18 -11.63
CA ILE E 93 29.30 -1.99 -12.37
C ILE E 93 30.81 -1.92 -12.37
N HIS E 94 31.41 -2.21 -13.52
CA HIS E 94 32.84 -2.05 -13.74
C HIS E 94 33.29 -0.60 -13.68
N GLY E 95 32.42 0.33 -14.03
CA GLY E 95 32.77 1.73 -14.01
C GLY E 95 31.51 2.56 -14.10
N THR E 96 31.71 3.88 -13.99
CA THR E 96 30.61 4.82 -14.11
C THR E 96 31.22 6.11 -14.61
N MET E 97 30.63 6.69 -15.65
CA MET E 97 31.25 7.87 -16.24
C MET E 97 30.20 8.69 -16.96
N GLY E 98 30.36 10.01 -16.90
CA GLY E 98 29.48 10.92 -17.59
C GLY E 98 28.12 10.92 -16.93
N HIS E 99 27.08 10.95 -17.74
CA HIS E 99 25.75 10.65 -17.25
C HIS E 99 25.38 9.19 -17.44
N PHE E 100 26.34 8.26 -17.33
CA PHE E 100 26.10 6.84 -17.52
C PHE E 100 26.85 6.02 -16.46
N ILE E 101 26.51 4.74 -16.37
CA ILE E 101 27.22 3.78 -15.53
C ILE E 101 27.31 2.48 -16.30
N VAL E 102 28.51 1.93 -16.44
CA VAL E 102 28.75 0.81 -17.35
C VAL E 102 29.36 -0.36 -16.60
N ALA E 103 28.65 -1.48 -16.56
CA ALA E 103 29.18 -2.73 -16.05
C ALA E 103 28.10 -3.81 -16.09
N HIS E 104 28.50 -5.03 -15.72
CA HIS E 104 27.62 -6.19 -15.89
C HIS E 104 26.59 -6.25 -14.76
N CYS E 105 25.68 -7.20 -14.87
CA CYS E 105 24.67 -7.46 -13.85
C CYS E 105 24.07 -8.81 -14.15
N PRO E 106 23.19 -9.31 -13.28
CA PRO E 106 22.42 -10.51 -13.61
C PRO E 106 21.45 -10.22 -14.73
N PRO E 107 21.70 -10.74 -15.94
CA PRO E 107 21.00 -10.24 -17.13
C PRO E 107 19.53 -10.61 -17.23
N GLY E 108 18.66 -9.62 -17.06
CA GLY E 108 17.25 -9.90 -16.84
C GLY E 108 16.37 -8.69 -17.01
N ASP E 109 15.30 -8.64 -16.21
CA ASP E 109 14.16 -7.78 -16.44
C ASP E 109 13.78 -6.81 -15.31
N TYR E 110 14.57 -6.67 -14.26
CA TYR E 110 14.13 -5.88 -13.11
C TYR E 110 15.13 -4.80 -12.72
N LEU E 111 15.02 -3.63 -13.35
CA LEU E 111 16.02 -2.58 -13.21
C LEU E 111 15.91 -1.87 -11.86
N LYS E 112 17.07 -1.50 -11.32
CA LYS E 112 17.20 -0.73 -10.08
C LYS E 112 18.62 -0.20 -9.96
N VAL E 113 18.76 1.02 -9.46
CA VAL E 113 20.06 1.69 -9.28
C VAL E 113 20.00 2.45 -7.96
N SER E 114 21.09 2.39 -7.20
CA SER E 114 21.06 2.75 -5.79
C SER E 114 22.21 3.66 -5.39
N PHE E 115 21.87 4.77 -4.79
CA PHE E 115 22.82 5.59 -4.05
C PHE E 115 22.65 5.27 -2.57
N GLU E 116 23.77 5.21 -1.85
CA GLU E 116 23.69 4.79 -0.46
C GLU E 116 24.12 5.83 0.55
N ASP E 117 25.30 6.43 0.44
CA ASP E 117 25.82 7.33 1.47
C ASP E 117 25.22 8.73 1.32
N ALA E 118 23.94 8.83 1.67
CA ALA E 118 23.18 10.04 1.37
C ALA E 118 22.69 10.05 -0.08
N ASP E 119 22.89 8.96 -0.81
CA ASP E 119 22.23 8.75 -2.09
C ASP E 119 20.86 8.11 -1.90
N SER E 120 20.55 7.73 -0.67
CA SER E 120 19.21 7.47 -0.22
C SER E 120 19.32 7.20 1.27
N HIS E 121 18.18 7.02 1.93
CA HIS E 121 18.16 6.14 3.09
C HIS E 121 18.50 4.78 2.49
N VAL E 122 17.79 4.43 1.43
CA VAL E 122 18.32 3.62 0.34
C VAL E 122 17.73 4.18 -0.95
N LYS E 123 18.58 4.57 -1.90
CA LYS E 123 18.08 5.28 -3.07
C LYS E 123 18.07 4.34 -4.26
N ALA E 124 16.91 3.72 -4.50
CA ALA E 124 16.78 2.71 -5.53
C ALA E 124 15.70 3.10 -6.52
N CYS E 125 16.11 3.86 -7.53
CA CYS E 125 15.24 4.16 -8.66
C CYS E 125 15.29 2.99 -9.61
N LYS E 126 14.14 2.46 -9.98
CA LYS E 126 14.08 1.21 -10.72
C LYS E 126 13.24 1.34 -11.98
N VAL E 127 13.17 0.24 -12.72
CA VAL E 127 12.24 0.04 -13.83
C VAL E 127 11.97 -1.47 -13.95
N GLN E 128 11.10 -1.84 -14.88
CA GLN E 128 11.14 -3.20 -15.39
C GLN E 128 12.21 -3.26 -16.48
N TYR E 129 13.46 -3.43 -16.09
CA TYR E 129 14.56 -3.12 -17.00
C TYR E 129 14.94 -4.41 -17.72
N LYS E 130 14.26 -4.68 -18.84
CA LYS E 130 14.52 -5.87 -19.63
C LYS E 130 15.86 -5.73 -20.36
N HIS E 131 16.87 -6.43 -19.85
CA HIS E 131 18.18 -6.54 -20.51
C HIS E 131 18.57 -8.01 -20.44
N ASP E 132 18.34 -8.74 -21.54
CA ASP E 132 18.41 -10.20 -21.58
C ASP E 132 19.86 -10.65 -21.69
N PRO E 133 20.14 -11.94 -21.41
CA PRO E 133 21.51 -12.46 -21.50
C PRO E 133 22.08 -12.46 -22.90
N LEU E 134 21.41 -13.14 -23.84
CA LEU E 134 21.70 -13.22 -25.27
C LEU E 134 23.13 -13.69 -25.53
N PRO E 135 23.51 -14.86 -25.07
CA PRO E 135 24.95 -15.18 -25.01
C PRO E 135 25.51 -15.59 -26.35
N VAL E 136 26.76 -15.20 -26.59
CA VAL E 136 27.49 -15.64 -27.77
C VAL E 136 27.86 -17.10 -27.56
N GLY E 137 27.49 -17.94 -28.50
CA GLY E 137 27.78 -19.36 -28.38
C GLY E 137 26.55 -20.16 -27.96
N ARG E 138 26.55 -21.42 -28.37
CA ARG E 138 25.38 -22.28 -28.19
C ARG E 138 25.21 -22.69 -26.74
N GLU E 139 26.32 -22.83 -26.01
CA GLU E 139 26.30 -23.14 -24.57
C GLU E 139 25.84 -21.93 -23.76
N LYS E 140 24.89 -22.14 -22.86
CA LYS E 140 24.14 -21.05 -22.22
C LYS E 140 24.76 -20.62 -20.90
N PHE E 141 26.06 -20.86 -20.71
CA PHE E 141 26.77 -20.44 -19.51
C PHE E 141 27.61 -19.23 -19.84
N VAL E 142 28.11 -18.59 -18.80
CA VAL E 142 29.15 -17.57 -18.95
C VAL E 142 30.44 -18.14 -18.39
N VAL E 143 31.34 -18.58 -19.28
CA VAL E 143 32.58 -19.24 -18.84
C VAL E 143 33.56 -18.18 -18.35
N ARG E 144 33.57 -17.96 -17.04
CA ARG E 144 34.39 -16.90 -16.47
C ARG E 144 35.88 -17.20 -16.48
N PRO E 145 36.39 -18.20 -15.76
CA PRO E 145 37.84 -18.30 -15.55
C PRO E 145 38.59 -19.22 -16.49
N HIS E 146 37.88 -20.02 -17.26
CA HIS E 146 38.47 -20.84 -18.31
C HIS E 146 37.30 -21.39 -19.08
N PHE E 147 37.35 -21.24 -20.39
CA PHE E 147 36.22 -21.63 -21.24
C PHE E 147 36.79 -22.30 -22.47
N GLY E 148 35.92 -22.92 -23.26
CA GLY E 148 36.39 -23.58 -24.46
C GLY E 148 36.51 -22.69 -25.69
N VAL E 149 36.74 -21.40 -25.48
CA VAL E 149 37.09 -20.45 -26.54
C VAL E 149 37.84 -19.29 -25.90
N GLU E 150 38.35 -18.41 -26.75
CA GLU E 150 38.66 -17.05 -26.35
C GLU E 150 38.22 -16.16 -27.51
N LEU E 151 36.93 -16.18 -27.80
CA LEU E 151 36.37 -15.79 -29.09
C LEU E 151 35.96 -14.33 -29.08
N PRO E 152 36.33 -13.59 -30.12
CA PRO E 152 36.04 -12.15 -30.13
C PRO E 152 34.59 -11.88 -30.49
N CYS E 153 33.94 -11.06 -29.66
CA CYS E 153 32.57 -10.64 -29.89
C CYS E 153 32.48 -9.17 -29.55
N THR E 154 31.49 -8.48 -30.13
CA THR E 154 31.38 -7.03 -30.01
C THR E 154 30.95 -6.66 -28.60
N SER E 155 31.92 -6.52 -27.71
CA SER E 155 31.69 -5.94 -26.42
C SER E 155 31.72 -4.43 -26.53
N TYR E 156 31.31 -3.76 -25.47
CA TYR E 156 31.46 -2.31 -25.40
C TYR E 156 32.87 -1.98 -24.91
N GLN E 157 33.10 -0.72 -24.59
CA GLN E 157 34.32 -0.34 -23.90
C GLN E 157 34.03 -0.15 -22.42
N LEU E 158 34.93 -0.66 -21.58
CA LEU E 158 34.85 -0.45 -20.15
C LEU E 158 35.57 0.81 -19.71
N THR E 159 36.67 1.16 -20.37
CA THR E 159 37.13 2.54 -20.35
C THR E 159 36.07 3.35 -21.05
N THR E 160 35.41 4.21 -20.28
CA THR E 160 34.37 5.10 -20.77
C THR E 160 35.05 6.11 -21.67
N ALA E 161 34.77 6.01 -22.97
CA ALA E 161 35.41 6.86 -23.97
C ALA E 161 34.97 8.32 -23.78
N PRO E 162 35.82 9.27 -24.20
CA PRO E 162 35.50 10.69 -23.97
C PRO E 162 34.32 11.18 -24.78
N THR E 163 34.37 10.99 -26.10
CA THR E 163 33.26 11.46 -26.90
C THR E 163 33.46 11.02 -28.34
N ASP E 164 32.44 10.39 -28.89
CA ASP E 164 32.35 10.21 -30.32
C ASP E 164 30.97 10.70 -30.69
N GLU E 165 30.05 10.62 -29.73
CA GLU E 165 28.70 11.09 -29.88
C GLU E 165 28.52 12.24 -28.89
N GLU E 166 27.27 12.67 -28.73
CA GLU E 166 27.00 13.84 -27.91
C GLU E 166 25.64 13.67 -27.22
N ILE E 167 25.71 13.48 -25.90
CA ILE E 167 24.52 13.61 -25.09
C ILE E 167 24.22 15.09 -24.95
N ASP E 168 23.30 15.56 -25.78
CA ASP E 168 22.99 16.99 -25.88
C ASP E 168 21.56 17.20 -25.41
N MET E 169 21.41 17.55 -24.15
CA MET E 169 20.10 17.83 -23.57
C MET E 169 19.72 19.26 -23.89
N HIS E 170 18.47 19.61 -23.61
CA HIS E 170 17.95 20.96 -23.86
C HIS E 170 16.95 21.30 -22.77
N THR E 171 16.31 22.50 -22.92
CA THR E 171 15.24 22.98 -22.04
C THR E 171 15.69 23.18 -20.60
N PRO E 172 16.46 24.23 -20.30
CA PRO E 172 16.96 24.47 -18.92
C PRO E 172 15.83 24.80 -17.95
N PRO E 173 16.14 24.88 -16.65
CA PRO E 173 15.29 24.34 -15.58
C PRO E 173 13.79 24.67 -15.56
N ASP E 174 13.01 23.60 -15.40
CA ASP E 174 11.56 23.62 -15.23
C ASP E 174 11.18 22.30 -14.60
N ILE E 175 10.93 22.29 -13.30
CA ILE E 175 10.86 21.02 -12.55
C ILE E 175 10.21 21.26 -11.18
N PRO E 176 10.07 20.17 -10.39
CA PRO E 176 9.34 20.24 -9.12
C PRO E 176 10.16 20.65 -7.90
N ASP E 177 10.44 21.96 -7.79
CA ASP E 177 10.89 22.59 -6.56
C ASP E 177 10.36 24.02 -6.46
N ARG E 178 9.21 24.20 -5.80
CA ARG E 178 8.53 25.48 -5.86
C ARG E 178 8.10 25.99 -4.48
N THR E 179 8.60 25.37 -3.42
CA THR E 179 8.15 25.70 -2.08
C THR E 179 8.94 26.83 -1.46
N LEU E 180 9.78 27.53 -2.23
CA LEU E 180 10.58 28.63 -1.74
C LEU E 180 9.77 29.92 -1.50
N LEU E 181 8.50 29.93 -1.87
CA LEU E 181 7.57 30.98 -1.49
C LEU E 181 7.09 30.74 -0.07
N SER E 182 6.34 31.71 0.44
CA SER E 182 5.84 31.69 1.82
C SER E 182 4.66 32.65 1.93
N GLN E 183 3.87 32.47 2.99
CA GLN E 183 2.59 33.15 3.08
C GLN E 183 2.63 34.35 4.01
N THR E 184 2.22 35.50 3.49
CA THR E 184 1.60 36.54 4.29
C THR E 184 0.12 36.45 3.98
N ALA E 185 -0.69 37.39 4.47
CA ALA E 185 -2.11 37.38 4.12
C ALA E 185 -2.41 38.40 3.03
N GLY E 186 -2.13 39.67 3.28
CA GLY E 186 -2.37 40.68 2.29
C GLY E 186 -1.08 41.12 1.63
N ASN E 187 0.03 40.95 2.34
CA ASN E 187 1.35 41.12 1.77
C ASN E 187 2.19 39.90 2.13
N VAL E 188 2.54 39.14 1.13
CA VAL E 188 3.42 38.00 1.32
C VAL E 188 4.86 38.50 1.31
N LYS E 189 5.71 37.84 2.07
CA LYS E 189 7.13 38.14 2.12
C LYS E 189 7.88 37.07 1.32
N ILE E 190 9.15 37.34 1.01
CA ILE E 190 9.96 36.42 0.21
C ILE E 190 11.30 36.21 0.90
N THR E 191 11.71 34.95 0.97
CA THR E 191 13.05 34.56 1.43
C THR E 191 13.25 33.12 0.96
N ALA E 192 14.28 32.88 0.14
CA ALA E 192 14.44 31.58 -0.48
C ALA E 192 15.91 31.24 -0.71
N GLY E 193 16.22 29.94 -0.76
CA GLY E 193 17.51 29.39 -1.15
C GLY E 193 17.45 27.89 -1.36
N GLY E 194 17.95 27.41 -2.51
CA GLY E 194 17.86 26.00 -2.80
C GLY E 194 17.22 25.69 -4.14
N ARG E 195 16.69 26.71 -4.81
CA ARG E 195 16.09 26.58 -6.12
C ARG E 195 16.23 27.90 -6.87
N THR E 196 15.67 27.97 -8.06
CA THR E 196 15.50 29.23 -8.77
C THR E 196 14.03 29.58 -8.76
N ILE E 197 13.57 30.16 -7.68
CA ILE E 197 12.16 30.44 -7.49
C ILE E 197 11.77 31.65 -8.33
N ARG E 198 11.19 31.40 -9.49
CA ARG E 198 10.60 32.45 -10.29
C ARG E 198 9.24 32.75 -9.67
N TYR E 199 9.05 33.98 -9.22
CA TYR E 199 7.85 34.34 -8.50
C TYR E 199 6.67 34.59 -9.45
N ASN E 200 5.53 34.92 -8.86
CA ASN E 200 4.40 35.48 -9.60
C ASN E 200 3.37 35.98 -8.59
N CYS E 201 3.11 37.28 -8.60
CA CYS E 201 2.23 37.90 -7.63
C CYS E 201 0.80 37.77 -8.16
N THR E 202 -0.18 37.69 -7.24
CA THR E 202 -1.57 37.70 -7.70
C THR E 202 -2.18 39.09 -7.71
N CYS E 203 -2.02 39.88 -6.66
CA CYS E 203 -2.39 41.28 -6.71
C CYS E 203 -1.11 42.06 -7.00
N GLY E 204 -0.67 42.00 -8.24
CA GLY E 204 0.58 42.64 -8.58
C GLY E 204 1.20 42.24 -9.90
N ARG E 205 1.58 43.24 -10.68
CA ARG E 205 2.12 43.05 -12.02
C ARG E 205 3.63 43.19 -12.02
N ASP E 206 4.27 42.79 -10.93
CA ASP E 206 5.73 42.81 -10.87
C ASP E 206 6.21 41.59 -10.11
N ASN E 207 5.30 40.67 -9.83
CA ASN E 207 5.59 39.57 -8.92
C ASN E 207 6.43 38.46 -9.55
N VAL E 208 6.60 38.49 -10.86
CA VAL E 208 7.41 37.50 -11.57
C VAL E 208 8.87 37.85 -11.34
N GLY E 209 9.48 37.23 -10.36
CA GLY E 209 10.88 37.49 -10.06
C GLY E 209 11.60 36.22 -9.70
N THR E 210 12.71 35.97 -10.41
CA THR E 210 13.59 34.85 -10.14
C THR E 210 14.32 35.11 -8.84
N THR E 211 14.23 34.18 -7.91
CA THR E 211 14.58 34.46 -6.52
C THR E 211 16.02 34.03 -6.29
N SER E 212 16.76 34.85 -5.53
CA SER E 212 18.02 34.45 -4.94
C SER E 212 18.16 35.05 -3.55
N THR E 213 17.09 35.71 -3.07
CA THR E 213 17.14 36.53 -1.87
C THR E 213 15.74 36.73 -1.33
N ASP E 214 15.57 37.75 -0.49
CA ASP E 214 14.25 38.11 -0.01
C ASP E 214 13.46 38.90 -1.06
N LYS E 215 12.19 39.15 -0.77
CA LYS E 215 11.35 39.97 -1.65
C LYS E 215 10.05 40.27 -0.93
N THR E 216 9.10 40.83 -1.67
CA THR E 216 7.76 41.05 -1.15
C THR E 216 6.76 41.13 -2.29
N ILE E 217 5.52 40.73 -1.99
CA ILE E 217 4.40 40.89 -2.90
C ILE E 217 3.23 41.37 -2.06
N ASN E 218 2.97 42.66 -2.07
CA ASN E 218 1.78 43.21 -1.42
C ASN E 218 0.60 42.91 -2.32
N THR E 219 -0.59 42.88 -1.72
CA THR E 219 -1.87 42.82 -2.45
C THR E 219 -2.24 41.42 -2.96
N CYS E 220 -1.30 40.49 -2.88
CA CYS E 220 -1.52 39.09 -3.19
C CYS E 220 -0.27 38.36 -2.74
N LYS E 221 -0.44 37.28 -2.01
CA LYS E 221 0.66 36.54 -1.44
C LYS E 221 0.70 35.16 -2.07
N ILE E 222 1.53 34.28 -1.50
CA ILE E 222 1.48 32.85 -1.84
C ILE E 222 0.10 32.31 -1.49
N ASP E 223 -0.41 31.39 -2.30
CA ASP E 223 -1.83 31.45 -2.59
C ASP E 223 -2.11 32.63 -3.52
N GLN E 224 -1.77 32.46 -4.81
CA GLN E 224 -1.68 33.47 -5.85
C GLN E 224 -0.30 34.09 -6.03
N CYS E 225 0.66 33.71 -5.19
CA CYS E 225 2.05 33.97 -5.51
C CYS E 225 2.72 32.67 -5.95
N HIS E 226 2.71 32.45 -7.25
CA HIS E 226 3.20 31.22 -7.88
C HIS E 226 4.68 31.37 -8.20
N ALA E 227 5.50 30.69 -7.41
CA ALA E 227 6.94 30.73 -7.57
C ALA E 227 7.40 29.30 -7.79
N ALA E 228 8.10 29.06 -8.89
CA ALA E 228 8.36 27.70 -9.33
C ALA E 228 9.81 27.55 -9.75
N VAL E 229 10.16 26.34 -10.14
CA VAL E 229 11.56 25.94 -10.37
C VAL E 229 11.95 26.41 -11.77
N THR E 230 12.72 27.48 -11.84
CA THR E 230 13.43 27.84 -13.06
C THR E 230 14.92 27.66 -12.87
N SER E 231 15.63 27.40 -13.96
CA SER E 231 17.08 27.25 -13.89
C SER E 231 17.70 27.34 -15.28
N HIS E 232 18.99 27.07 -15.31
CA HIS E 232 19.80 27.04 -16.53
C HIS E 232 21.00 26.12 -16.28
N ASP E 233 22.02 26.28 -17.12
CA ASP E 233 23.31 25.67 -16.89
C ASP E 233 23.38 24.23 -17.37
N LYS E 234 22.35 23.76 -18.06
CA LYS E 234 22.43 22.46 -18.70
C LYS E 234 21.20 22.16 -19.52
N TRP E 235 21.19 20.93 -20.03
CA TRP E 235 19.99 20.23 -20.40
C TRP E 235 20.05 18.86 -19.75
N GLN E 236 19.42 18.73 -18.58
CA GLN E 236 19.25 17.46 -17.91
C GLN E 236 18.20 16.67 -18.68
N PHE E 237 18.69 15.96 -19.70
CA PHE E 237 18.11 15.86 -21.03
C PHE E 237 16.60 15.70 -21.19
N THR E 238 16.03 14.63 -20.65
CA THR E 238 14.68 14.31 -21.05
C THR E 238 13.80 13.84 -19.90
N SER E 239 13.82 14.58 -18.79
CA SER E 239 13.08 14.19 -17.59
C SER E 239 11.58 14.15 -17.83
N PRO E 240 11.01 12.95 -17.90
CA PRO E 240 9.57 12.81 -18.12
C PRO E 240 8.81 13.01 -16.83
N PHE E 241 7.53 13.38 -16.92
CA PHE E 241 6.73 13.79 -15.76
C PHE E 241 6.97 15.24 -15.35
N VAL E 242 7.92 15.90 -16.02
CA VAL E 242 8.43 17.22 -15.65
C VAL E 242 8.91 17.90 -16.93
N PRO E 243 9.41 19.13 -16.88
CA PRO E 243 9.66 19.88 -18.12
C PRO E 243 10.90 19.42 -18.87
N ARG E 244 10.67 18.59 -19.88
CA ARG E 244 11.59 18.40 -20.99
C ARG E 244 10.97 19.17 -22.15
N ALA E 245 9.84 19.82 -21.85
CA ALA E 245 9.25 20.81 -22.72
C ALA E 245 9.36 22.18 -22.06
N ASP E 246 10.53 22.48 -21.51
CA ASP E 246 10.90 23.86 -21.22
C ASP E 246 10.97 24.56 -22.56
N GLN E 247 10.39 25.76 -22.66
CA GLN E 247 10.23 26.43 -23.94
C GLN E 247 11.47 27.16 -24.41
N THR E 248 12.59 27.04 -23.70
CA THR E 248 13.83 27.64 -24.15
C THR E 248 14.74 26.57 -24.71
N ALA E 249 14.96 26.58 -26.02
CA ALA E 249 15.84 25.59 -26.63
C ALA E 249 17.29 25.95 -26.36
N ARG E 250 17.81 25.48 -25.24
CA ARG E 250 19.19 25.77 -24.84
C ARG E 250 19.76 24.51 -24.23
N ARG E 251 20.80 23.98 -24.87
CA ARG E 251 21.22 22.60 -24.67
C ARG E 251 22.65 22.52 -24.18
N GLY E 252 22.97 21.35 -23.62
CA GLY E 252 24.35 20.99 -23.32
C GLY E 252 24.73 19.69 -24.00
N LYS E 253 25.88 19.73 -24.67
CA LYS E 253 26.41 18.59 -25.40
C LYS E 253 27.66 18.05 -24.72
N VAL E 254 27.55 16.83 -24.18
CA VAL E 254 28.66 16.14 -23.53
C VAL E 254 28.92 14.87 -24.33
N HIS E 255 29.89 14.07 -23.89
CA HIS E 255 30.25 12.85 -24.61
C HIS E 255 29.38 11.68 -24.16
N VAL E 256 29.78 10.49 -24.59
CA VAL E 256 29.21 9.22 -24.15
C VAL E 256 30.37 8.23 -24.02
N PRO E 257 30.25 7.19 -23.19
CA PRO E 257 31.36 6.25 -23.04
C PRO E 257 31.29 5.08 -24.01
N PHE E 258 32.22 4.13 -23.82
CA PHE E 258 32.17 2.73 -24.28
C PHE E 258 32.23 2.45 -25.78
N PRO E 259 33.37 2.70 -26.44
CA PRO E 259 33.51 2.24 -27.83
C PRO E 259 33.65 0.72 -27.91
N LEU E 260 32.81 0.12 -28.74
CA LEU E 260 32.74 -1.34 -28.82
C LEU E 260 33.94 -1.95 -29.54
N THR E 261 34.51 -2.97 -28.91
CA THR E 261 35.59 -3.77 -29.44
C THR E 261 35.26 -5.23 -29.24
N ASN E 262 35.78 -6.08 -30.12
CA ASN E 262 35.56 -7.52 -29.99
C ASN E 262 36.39 -8.10 -28.85
N VAL E 263 35.76 -8.22 -27.68
CA VAL E 263 36.41 -8.85 -26.53
C VAL E 263 36.35 -10.36 -26.70
N THR E 264 37.45 -11.03 -26.36
CA THR E 264 37.56 -12.46 -26.52
C THR E 264 37.09 -13.19 -25.26
N CYS E 265 35.89 -13.75 -25.33
CA CYS E 265 35.22 -14.31 -24.18
C CYS E 265 35.52 -15.79 -24.11
N ARG E 266 35.53 -16.34 -22.90
CA ARG E 266 35.80 -17.76 -22.68
C ARG E 266 34.60 -18.57 -23.17
N VAL E 267 34.74 -19.20 -24.34
CA VAL E 267 33.62 -19.78 -25.07
C VAL E 267 33.15 -21.10 -24.45
N PRO E 268 32.03 -21.66 -24.94
CA PRO E 268 31.57 -22.98 -24.49
C PRO E 268 32.04 -24.18 -25.31
N LEU E 269 33.24 -24.72 -25.06
CA LEU E 269 33.71 -25.89 -25.78
C LEU E 269 33.96 -27.12 -24.89
N ALA E 270 32.95 -27.98 -24.71
CA ALA E 270 33.08 -29.11 -23.78
C ALA E 270 33.25 -30.43 -24.52
N ARG E 271 33.59 -31.48 -23.78
CA ARG E 271 33.92 -32.77 -24.39
C ARG E 271 32.66 -33.55 -24.77
N ALA E 272 32.62 -33.99 -26.02
CA ALA E 272 31.40 -34.58 -26.54
C ALA E 272 31.41 -36.09 -26.29
N PRO E 273 30.24 -36.72 -26.23
CA PRO E 273 30.19 -38.14 -25.84
C PRO E 273 30.52 -39.06 -26.99
N ASP E 274 30.32 -40.36 -26.72
CA ASP E 274 30.76 -41.45 -27.57
C ASP E 274 29.98 -41.48 -28.88
N VAL E 275 30.74 -41.47 -29.97
CA VAL E 275 30.17 -41.46 -31.30
C VAL E 275 29.76 -42.88 -31.63
N THR E 276 28.46 -43.14 -31.57
CA THR E 276 27.91 -44.44 -31.93
C THR E 276 27.57 -44.35 -33.41
N TYR E 277 28.58 -44.17 -34.24
CA TYR E 277 28.41 -44.29 -35.67
C TYR E 277 28.23 -45.75 -35.96
N GLY E 278 26.99 -46.16 -36.16
CA GLY E 278 26.66 -47.55 -36.36
C GLY E 278 27.15 -48.00 -37.72
N LYS E 279 27.25 -49.33 -37.88
CA LYS E 279 27.78 -49.89 -39.12
C LYS E 279 26.85 -49.63 -40.31
N LYS E 280 25.57 -49.38 -40.06
CA LYS E 280 24.73 -48.73 -41.06
C LYS E 280 23.97 -47.55 -40.46
N GLU E 281 24.58 -46.75 -39.59
CA GLU E 281 23.82 -45.66 -38.99
C GLU E 281 24.75 -44.60 -38.42
N VAL E 282 24.21 -43.57 -37.82
CA VAL E 282 25.05 -42.68 -37.04
C VAL E 282 24.27 -42.26 -35.82
N THR E 283 24.99 -42.05 -34.74
CA THR E 283 24.44 -41.41 -33.56
C THR E 283 25.59 -40.83 -32.77
N LEU E 284 25.28 -39.84 -31.96
CA LEU E 284 26.27 -39.23 -31.09
C LEU E 284 25.69 -39.15 -29.70
N ARG E 285 26.20 -39.96 -28.78
CA ARG E 285 25.75 -39.93 -27.41
C ARG E 285 26.55 -38.87 -26.69
N LEU E 286 25.92 -37.75 -26.39
CA LEU E 286 26.58 -36.58 -25.81
C LEU E 286 26.16 -36.45 -24.35
N HIS E 287 27.03 -35.80 -23.57
CA HIS E 287 26.78 -35.51 -22.17
C HIS E 287 26.06 -34.17 -22.02
N PRO E 288 25.76 -33.79 -20.77
CA PRO E 288 25.18 -32.46 -20.54
C PRO E 288 26.26 -31.47 -20.16
N ASP E 289 25.92 -30.19 -20.26
CA ASP E 289 26.75 -29.10 -19.79
C ASP E 289 25.82 -27.93 -19.46
N HIS E 290 26.38 -26.71 -19.46
CA HIS E 290 25.55 -25.51 -19.52
C HIS E 290 24.82 -25.48 -20.86
N PRO E 291 23.64 -24.80 -20.93
CA PRO E 291 22.57 -25.21 -21.88
C PRO E 291 22.89 -25.03 -23.34
N THR E 292 23.22 -26.16 -23.96
CA THR E 292 24.15 -26.22 -25.08
C THR E 292 23.43 -25.92 -26.39
N LEU E 293 24.20 -25.85 -27.46
CA LEU E 293 23.66 -25.63 -28.80
C LEU E 293 24.37 -26.58 -29.76
N PHE E 294 23.72 -27.71 -30.04
CA PHE E 294 24.24 -28.68 -30.99
C PHE E 294 23.67 -28.40 -32.38
N SER E 295 24.31 -28.95 -33.41
CA SER E 295 23.92 -28.67 -34.78
C SER E 295 23.98 -29.93 -35.63
N TYR E 296 22.88 -30.19 -36.34
CA TYR E 296 22.87 -31.12 -37.44
C TYR E 296 22.67 -30.35 -38.75
N ARG E 297 23.52 -30.63 -39.73
CA ARG E 297 23.25 -30.12 -41.06
C ARG E 297 23.21 -31.34 -41.97
N SER E 298 22.42 -31.25 -43.03
CA SER E 298 22.39 -32.33 -44.00
C SER E 298 23.65 -32.25 -44.84
N LEU E 299 24.74 -32.80 -44.30
CA LEU E 299 26.08 -32.39 -44.72
C LEU E 299 26.50 -33.07 -46.00
N GLY E 300 26.53 -32.30 -47.09
CA GLY E 300 26.78 -32.84 -48.40
C GLY E 300 25.48 -32.96 -49.17
N ALA E 301 24.42 -33.19 -48.42
CA ALA E 301 23.16 -33.67 -48.96
C ALA E 301 22.14 -32.55 -49.05
N GLU E 302 20.89 -32.99 -49.21
CA GLU E 302 19.76 -32.16 -48.86
C GLU E 302 19.89 -31.70 -47.42
N PRO E 303 19.72 -30.43 -47.16
CA PRO E 303 20.08 -29.86 -45.87
C PRO E 303 19.03 -30.12 -44.81
N HIS E 304 19.13 -31.22 -44.10
CA HIS E 304 18.27 -31.36 -42.95
C HIS E 304 18.91 -30.49 -41.87
N PRO E 305 18.45 -29.28 -41.68
CA PRO E 305 19.01 -28.44 -40.63
C PRO E 305 18.34 -28.74 -39.31
N TYR E 306 19.15 -28.97 -38.29
CA TYR E 306 18.71 -29.19 -36.93
C TYR E 306 19.75 -28.56 -36.02
N GLU E 307 19.40 -28.44 -34.75
CA GLU E 307 20.23 -27.79 -33.75
C GLU E 307 19.53 -28.05 -32.43
N GLU E 308 20.02 -27.47 -31.35
CA GLU E 308 19.32 -27.65 -30.09
C GLU E 308 19.99 -26.92 -28.95
N TRP E 309 19.17 -26.48 -27.99
CA TRP E 309 19.62 -26.17 -26.65
C TRP E 309 19.79 -27.49 -25.90
N VAL E 310 20.63 -27.48 -24.87
CA VAL E 310 21.10 -28.72 -24.23
C VAL E 310 20.97 -28.59 -22.72
N ASP E 311 20.36 -29.61 -22.11
CA ASP E 311 20.38 -29.72 -20.64
C ASP E 311 20.53 -31.15 -20.15
N LYS E 312 20.65 -32.14 -21.03
CA LYS E 312 20.84 -33.54 -20.65
C LYS E 312 21.42 -34.27 -21.84
N PHE E 313 22.28 -35.25 -21.57
CA PHE E 313 23.03 -35.92 -22.63
C PHE E 313 22.14 -36.84 -23.45
N SER E 314 22.29 -36.79 -24.76
CA SER E 314 21.37 -37.50 -25.63
C SER E 314 22.14 -38.07 -26.81
N GLU E 315 21.60 -39.15 -27.38
CA GLU E 315 22.13 -39.75 -28.60
C GLU E 315 21.41 -39.13 -29.78
N ARG E 316 22.15 -38.39 -30.59
CA ARG E 316 21.60 -37.65 -31.72
C ARG E 316 21.70 -38.52 -32.96
N ILE E 317 20.73 -38.37 -33.86
CA ILE E 317 20.68 -39.19 -35.07
C ILE E 317 21.67 -38.67 -36.08
N ILE E 318 22.85 -39.27 -36.10
CA ILE E 318 23.87 -38.97 -37.08
C ILE E 318 23.42 -39.61 -38.39
N PRO E 319 23.24 -38.82 -39.44
CA PRO E 319 22.85 -39.38 -40.73
C PRO E 319 24.00 -40.19 -41.31
N VAL E 320 23.90 -41.49 -41.11
CA VAL E 320 24.98 -42.41 -41.42
C VAL E 320 24.84 -42.79 -42.88
N THR E 321 25.89 -42.48 -43.63
CA THR E 321 26.02 -42.88 -45.01
C THR E 321 27.38 -42.38 -45.47
N GLU E 322 27.80 -42.86 -46.64
CA GLU E 322 29.03 -42.40 -47.24
C GLU E 322 28.92 -40.96 -47.72
N GLU E 323 27.70 -40.50 -47.99
CA GLU E 323 27.43 -39.16 -48.49
C GLU E 323 27.51 -38.07 -47.43
N GLY E 324 27.94 -38.40 -46.21
CA GLY E 324 28.29 -37.41 -45.22
C GLY E 324 27.08 -36.94 -44.43
N ILE E 325 27.37 -36.38 -43.26
CA ILE E 325 26.41 -35.59 -42.49
C ILE E 325 27.18 -34.38 -42.00
N GLU E 326 26.47 -33.38 -41.49
CA GLU E 326 27.09 -32.14 -41.05
C GLU E 326 26.76 -31.93 -39.59
N TYR E 327 27.73 -32.15 -38.72
CA TYR E 327 27.57 -31.95 -37.28
C TYR E 327 28.44 -30.78 -36.85
N GLN E 328 27.99 -30.07 -35.81
CA GLN E 328 28.84 -29.10 -35.14
C GLN E 328 28.11 -28.72 -33.86
N TRP E 329 28.66 -29.10 -32.71
CA TRP E 329 27.90 -29.08 -31.47
C TRP E 329 28.70 -28.35 -30.39
N GLY E 330 28.37 -27.07 -30.20
CA GLY E 330 28.88 -26.32 -29.09
C GLY E 330 30.34 -25.95 -29.15
N ASN E 331 30.68 -25.00 -30.02
CA ASN E 331 31.96 -24.29 -30.01
C ASN E 331 33.14 -25.19 -30.40
N ASN E 332 32.93 -26.09 -31.35
CA ASN E 332 34.00 -26.93 -31.83
C ASN E 332 33.83 -27.16 -33.33
N PRO E 333 34.75 -27.90 -33.94
CA PRO E 333 34.64 -28.16 -35.37
C PRO E 333 33.61 -29.25 -35.62
N PRO E 334 33.21 -29.43 -36.88
CA PRO E 334 32.05 -30.26 -37.16
C PRO E 334 32.39 -31.74 -37.24
N VAL E 335 31.39 -32.52 -37.63
CA VAL E 335 31.55 -33.93 -37.91
C VAL E 335 31.02 -34.17 -39.32
N ARG E 336 31.90 -34.63 -40.19
CA ARG E 336 31.55 -35.06 -41.53
C ARG E 336 31.16 -36.53 -41.45
N LEU E 337 29.86 -36.77 -41.49
CA LEU E 337 29.26 -38.05 -41.14
C LEU E 337 29.46 -39.02 -42.29
N TRP E 338 30.52 -39.82 -42.21
CA TRP E 338 30.84 -40.82 -43.21
C TRP E 338 31.06 -42.20 -42.58
N ALA E 339 30.30 -43.19 -43.07
CA ALA E 339 30.52 -44.56 -42.67
C ALA E 339 31.57 -45.21 -43.56
N GLN E 340 32.40 -46.05 -42.97
CA GLN E 340 33.62 -46.52 -43.62
C GLN E 340 33.40 -47.90 -44.21
N LEU E 341 34.51 -48.63 -44.42
CA LEU E 341 34.49 -50.00 -44.95
C LEU E 341 35.91 -50.42 -45.34
N SER F 1 49.61 -37.86 11.18
CA SER F 1 48.19 -37.62 10.94
C SER F 1 47.96 -36.17 10.59
N VAL F 2 46.77 -35.65 10.91
CA VAL F 2 46.45 -34.25 10.70
C VAL F 2 45.77 -33.63 11.92
N THR F 3 45.82 -34.29 13.07
CA THR F 3 44.92 -33.96 14.19
C THR F 3 45.35 -32.79 15.07
N GLU F 4 46.21 -31.88 14.55
CA GLU F 4 46.59 -30.64 15.25
C GLU F 4 46.34 -29.48 14.27
N HIS F 5 45.62 -28.46 14.75
CA HIS F 5 45.14 -27.44 13.84
C HIS F 5 46.21 -26.43 13.47
N PHE F 6 47.03 -26.03 14.46
CA PHE F 6 47.71 -24.74 14.42
C PHE F 6 48.85 -24.71 13.43
N ASN F 7 49.87 -25.55 13.62
CA ASN F 7 51.02 -25.56 12.73
C ASN F 7 50.66 -26.14 11.37
N VAL F 8 49.70 -27.06 11.36
CA VAL F 8 49.26 -27.67 10.11
C VAL F 8 48.46 -26.68 9.27
N TYR F 9 47.89 -25.67 9.91
CA TYR F 9 47.40 -24.53 9.14
C TYR F 9 48.55 -23.61 8.76
N LYS F 10 49.34 -23.17 9.75
CA LYS F 10 50.20 -22.01 9.56
C LYS F 10 51.60 -22.35 9.07
N ALA F 11 51.82 -23.56 8.56
CA ALA F 11 53.14 -23.84 8.00
C ALA F 11 53.30 -23.15 6.65
N THR F 12 52.54 -23.60 5.66
CA THR F 12 52.41 -22.88 4.39
C THR F 12 51.14 -22.04 4.40
N ARG F 13 51.28 -20.82 4.95
CA ARG F 13 50.19 -19.85 5.01
C ARG F 13 49.78 -19.42 3.60
N PRO F 14 48.54 -18.92 3.45
CA PRO F 14 47.83 -18.96 2.16
C PRO F 14 48.41 -18.04 1.10
N TYR F 15 48.30 -18.47 -0.16
CA TYR F 15 48.93 -17.72 -1.24
C TYR F 15 47.88 -17.31 -2.28
N LEU F 16 47.63 -16.01 -2.36
CA LEU F 16 46.71 -15.45 -3.34
C LEU F 16 47.34 -15.50 -4.71
N ALA F 17 46.69 -16.23 -5.63
CA ALA F 17 47.28 -16.61 -6.89
C ALA F 17 46.30 -16.32 -8.02
N TYR F 18 46.68 -16.71 -9.24
CA TYR F 18 45.98 -16.24 -10.43
C TYR F 18 44.63 -16.95 -10.63
N CYS F 19 43.58 -16.24 -10.24
CA CYS F 19 42.22 -16.69 -10.46
C CYS F 19 41.75 -16.06 -11.75
N ALA F 20 41.17 -16.88 -12.62
CA ALA F 20 40.79 -16.47 -13.96
C ALA F 20 39.51 -15.62 -14.02
N ASP F 21 38.86 -15.33 -12.90
CA ASP F 21 37.73 -14.44 -12.89
C ASP F 21 37.84 -13.64 -11.60
N CYS F 22 38.41 -12.44 -11.70
CA CYS F 22 38.56 -11.58 -10.55
C CYS F 22 37.86 -10.26 -10.80
N GLY F 23 37.79 -9.86 -12.06
CA GLY F 23 37.29 -8.56 -12.43
C GLY F 23 36.03 -8.64 -13.28
N ASP F 24 35.94 -7.68 -14.19
CA ASP F 24 34.77 -7.62 -15.06
C ASP F 24 34.81 -8.67 -16.15
N GLY F 25 35.83 -8.65 -17.02
CA GLY F 25 35.97 -9.63 -18.07
C GLY F 25 37.36 -10.22 -18.15
N TYR F 26 38.09 -10.16 -17.04
CA TYR F 26 39.43 -10.70 -16.94
C TYR F 26 39.63 -11.13 -15.50
N PHE F 27 40.64 -11.98 -15.30
CA PHE F 27 41.00 -12.44 -13.97
C PHE F 27 42.18 -11.63 -13.49
N CYS F 28 42.71 -12.01 -12.34
CA CYS F 28 43.92 -11.37 -11.83
C CYS F 28 44.64 -12.39 -10.96
N TYR F 29 45.59 -11.91 -10.18
CA TYR F 29 46.19 -12.73 -9.13
C TYR F 29 45.36 -12.55 -7.87
N SER F 30 44.20 -13.21 -7.82
CA SER F 30 43.15 -13.05 -6.83
C SER F 30 43.65 -13.44 -5.45
N PRO F 31 43.25 -12.71 -4.42
CA PRO F 31 43.76 -13.00 -3.07
C PRO F 31 43.13 -14.23 -2.46
N VAL F 32 41.89 -14.51 -2.78
CA VAL F 32 41.17 -15.65 -2.22
C VAL F 32 40.84 -16.56 -3.39
N ALA F 33 41.20 -17.83 -3.28
CA ALA F 33 40.87 -18.78 -4.32
C ALA F 33 39.68 -19.62 -3.94
N ILE F 34 39.24 -20.49 -4.85
CA ILE F 34 38.20 -21.47 -4.58
C ILE F 34 38.64 -22.76 -5.26
N GLU F 35 39.22 -23.68 -4.49
CA GLU F 35 39.92 -24.80 -5.10
C GLU F 35 38.96 -25.93 -5.45
N LYS F 36 38.38 -26.57 -4.46
CA LYS F 36 37.62 -27.79 -4.73
C LYS F 36 36.57 -27.94 -3.65
N ILE F 37 35.43 -28.50 -4.03
CA ILE F 37 34.26 -28.56 -3.17
C ILE F 37 34.14 -29.96 -2.61
N ARG F 38 33.94 -30.04 -1.29
CA ARG F 38 33.68 -31.30 -0.61
C ARG F 38 32.24 -31.23 -0.14
N ASP F 39 31.36 -31.94 -0.85
CA ASP F 39 29.94 -31.86 -0.59
C ASP F 39 29.37 -33.27 -0.62
N GLU F 40 29.26 -33.89 0.56
CA GLU F 40 28.67 -35.20 0.70
C GLU F 40 27.81 -35.33 1.95
N ALA F 41 27.84 -34.35 2.84
CA ALA F 41 26.89 -34.26 3.95
C ALA F 41 25.62 -33.74 3.31
N PRO F 42 24.55 -34.54 3.31
CA PRO F 42 23.44 -34.34 2.38
C PRO F 42 22.54 -33.16 2.66
N ASP F 43 22.77 -32.47 3.77
CA ASP F 43 22.18 -31.18 4.05
C ASP F 43 22.87 -30.01 3.37
N GLY F 44 23.69 -30.28 2.35
CA GLY F 44 24.29 -29.22 1.57
C GLY F 44 25.45 -28.65 2.33
N MET F 45 26.42 -29.46 2.69
CA MET F 45 27.60 -29.00 3.41
C MET F 45 28.68 -28.76 2.37
N LEU F 46 28.59 -27.65 1.64
CA LEU F 46 29.59 -27.37 0.62
C LEU F 46 30.84 -26.80 1.27
N LYS F 47 31.88 -27.63 1.36
CA LYS F 47 33.16 -27.22 1.93
C LYS F 47 34.06 -26.87 0.78
N ILE F 48 34.05 -25.60 0.40
CA ILE F 48 34.93 -25.10 -0.65
C ILE F 48 36.30 -24.87 -0.04
N GLN F 49 37.32 -25.47 -0.63
CA GLN F 49 38.70 -25.27 -0.22
C GLN F 49 39.38 -24.39 -1.25
N VAL F 50 39.87 -23.24 -0.81
CA VAL F 50 40.55 -22.29 -1.68
C VAL F 50 41.80 -21.77 -0.99
N SER F 51 42.49 -20.86 -1.67
CA SER F 51 43.83 -20.35 -1.36
C SER F 51 43.93 -19.53 -0.03
N ALA F 52 42.86 -19.35 0.73
CA ALA F 52 42.92 -18.75 2.05
C ALA F 52 42.74 -19.85 3.08
N GLN F 53 43.31 -19.64 4.26
CA GLN F 53 43.11 -20.53 5.39
C GLN F 53 41.72 -20.25 5.95
N ILE F 54 40.85 -21.26 5.87
CA ILE F 54 39.44 -21.13 6.21
C ILE F 54 39.33 -21.06 7.72
N GLY F 55 39.26 -19.84 8.24
CA GLY F 55 39.09 -19.61 9.66
C GLY F 55 40.38 -19.49 10.46
N LEU F 56 41.45 -18.95 9.89
CA LEU F 56 42.75 -18.95 10.57
C LEU F 56 43.27 -17.53 10.69
N ASP F 57 43.67 -17.13 11.91
CA ASP F 57 44.39 -15.88 12.09
C ASP F 57 45.76 -16.00 11.45
N LYS F 58 46.29 -14.87 10.96
CA LYS F 58 47.48 -14.86 10.12
C LYS F 58 48.77 -15.26 10.84
N ALA F 59 48.80 -15.07 12.16
CA ALA F 59 49.90 -15.57 12.97
C ALA F 59 49.74 -17.06 13.28
N GLY F 60 48.60 -17.66 12.90
CA GLY F 60 48.46 -19.09 12.87
C GLY F 60 47.19 -19.64 13.45
N THR F 61 46.79 -19.21 14.65
CA THR F 61 45.75 -19.91 15.38
C THR F 61 44.37 -19.47 14.94
N HIS F 62 43.36 -20.02 15.60
CA HIS F 62 41.98 -19.68 15.32
C HIS F 62 41.69 -18.28 15.86
N ALA F 63 42.01 -17.28 15.04
CA ALA F 63 41.67 -15.90 15.36
C ALA F 63 40.22 -15.78 14.92
N HIS F 64 39.34 -15.42 15.84
CA HIS F 64 37.93 -15.30 15.53
C HIS F 64 37.65 -14.15 14.58
N THR F 65 38.33 -13.02 14.73
CA THR F 65 38.12 -11.91 13.83
C THR F 65 39.02 -11.98 12.62
N LYS F 66 40.08 -12.76 12.67
CA LYS F 66 41.10 -12.75 11.65
C LYS F 66 40.81 -13.85 10.65
N ILE F 67 40.73 -13.45 9.39
CA ILE F 67 40.81 -14.33 8.26
C ILE F 67 42.16 -14.06 7.63
N ARG F 68 42.96 -15.10 7.47
CA ARG F 68 44.33 -14.98 7.05
C ARG F 68 44.40 -15.26 5.55
N TYR F 69 44.67 -14.23 4.77
CA TYR F 69 45.14 -14.39 3.41
C TYR F 69 46.55 -13.83 3.37
N MET F 70 47.35 -14.32 2.44
CA MET F 70 48.73 -13.90 2.42
C MET F 70 49.16 -13.68 0.98
N ALA F 71 50.00 -12.67 0.75
CA ALA F 71 50.75 -12.61 -0.50
C ALA F 71 52.18 -12.18 -0.16
N GLY F 72 53.12 -12.44 -1.08
CA GLY F 72 54.50 -11.97 -0.99
C GLY F 72 54.62 -10.46 -0.91
N HIS F 73 53.68 -9.75 -1.51
CA HIS F 73 53.15 -8.55 -0.90
C HIS F 73 52.10 -8.96 0.13
N ASP F 74 52.38 -8.67 1.40
CA ASP F 74 52.15 -9.43 2.63
C ASP F 74 50.79 -10.01 3.02
N VAL F 75 50.76 -10.57 4.22
CA VAL F 75 49.57 -11.19 4.79
C VAL F 75 48.50 -10.13 5.01
N GLN F 76 47.43 -10.20 4.25
CA GLN F 76 46.20 -9.53 4.61
C GLN F 76 45.47 -10.37 5.64
N GLU F 77 45.63 -9.99 6.90
CA GLU F 77 44.92 -10.64 8.01
C GLU F 77 43.76 -9.70 8.33
N SER F 78 42.58 -9.99 7.78
CA SER F 78 41.47 -9.05 7.84
C SER F 78 40.25 -9.64 8.54
N LYS F 79 39.12 -8.91 8.41
CA LYS F 79 37.88 -9.22 9.12
C LYS F 79 37.24 -10.50 8.61
N ARG F 80 36.34 -11.04 9.41
CA ARG F 80 35.73 -12.32 9.06
C ARG F 80 34.66 -12.18 8.00
N ASP F 81 33.91 -11.08 8.01
CA ASP F 81 32.69 -10.97 7.22
C ASP F 81 32.95 -10.57 5.77
N SER F 82 34.15 -10.09 5.45
CA SER F 82 34.50 -9.63 4.11
C SER F 82 34.63 -10.75 3.09
N LEU F 83 34.68 -12.00 3.53
CA LEU F 83 34.41 -13.12 2.64
C LEU F 83 32.92 -13.37 2.59
N ARG F 84 32.37 -13.44 1.38
CA ARG F 84 30.99 -13.83 1.17
C ARG F 84 30.94 -14.91 0.10
N VAL F 85 30.34 -16.04 0.44
CA VAL F 85 30.16 -17.12 -0.53
C VAL F 85 28.85 -16.86 -1.25
N TYR F 86 28.90 -16.01 -2.26
CA TYR F 86 27.71 -15.54 -2.96
C TYR F 86 27.28 -16.61 -3.93
N THR F 87 26.63 -17.65 -3.42
CA THR F 87 26.32 -18.82 -4.22
C THR F 87 25.05 -18.67 -5.05
N SER F 88 24.91 -17.59 -5.81
CA SER F 88 23.60 -17.23 -6.36
C SER F 88 22.75 -16.56 -5.28
N ALA F 89 23.38 -16.15 -4.19
CA ALA F 89 22.68 -15.76 -2.98
C ALA F 89 23.62 -14.89 -2.17
N ALA F 90 23.28 -14.72 -0.90
CA ALA F 90 24.21 -14.14 0.06
C ALA F 90 25.16 -15.22 0.58
N CYS F 91 25.83 -14.93 1.69
CA CYS F 91 26.66 -15.94 2.32
C CYS F 91 25.76 -16.94 3.05
N SER F 92 26.00 -18.22 2.80
CA SER F 92 25.25 -19.30 3.43
C SER F 92 26.05 -19.77 4.64
N ILE F 93 26.13 -18.92 5.66
CA ILE F 93 27.22 -18.97 6.63
C ILE F 93 27.04 -20.14 7.59
N HIS F 94 27.83 -21.19 7.38
CA HIS F 94 27.88 -22.32 8.30
C HIS F 94 29.12 -22.31 9.17
N GLY F 95 30.30 -22.37 8.55
CA GLY F 95 31.54 -22.40 9.29
C GLY F 95 32.67 -22.50 8.29
N THR F 96 33.87 -22.76 8.82
CA THR F 96 35.03 -22.84 7.94
C THR F 96 36.19 -23.49 8.68
N MET F 97 36.78 -24.51 8.10
CA MET F 97 37.88 -25.21 8.76
C MET F 97 39.05 -25.38 7.80
N GLY F 98 40.25 -25.18 8.32
CA GLY F 98 41.45 -25.49 7.56
C GLY F 98 41.70 -24.46 6.49
N HIS F 99 41.60 -24.91 5.23
CA HIS F 99 41.67 -24.04 4.06
C HIS F 99 40.34 -23.93 3.35
N PHE F 100 39.25 -24.33 3.99
CA PHE F 100 37.94 -24.37 3.35
C PHE F 100 36.91 -23.65 4.21
N ILE F 101 35.89 -23.12 3.54
CA ILE F 101 34.66 -22.64 4.18
C ILE F 101 33.54 -23.64 3.86
N VAL F 102 32.87 -24.11 4.91
CA VAL F 102 31.79 -25.09 4.75
C VAL F 102 30.47 -24.37 4.96
N ALA F 103 29.62 -24.40 3.96
CA ALA F 103 28.43 -23.56 3.97
C ALA F 103 27.22 -24.40 3.64
N HIS F 104 26.18 -24.22 4.46
CA HIS F 104 24.84 -24.56 4.05
C HIS F 104 24.22 -23.31 3.46
N CYS F 105 24.00 -23.33 2.15
CA CYS F 105 23.71 -22.11 1.43
C CYS F 105 22.63 -22.35 0.40
N PRO F 106 21.98 -21.30 -0.08
CA PRO F 106 20.83 -21.47 -0.96
C PRO F 106 21.26 -21.77 -2.38
N PRO F 107 20.32 -22.17 -3.23
CA PRO F 107 20.69 -22.64 -4.58
C PRO F 107 21.09 -21.54 -5.55
N GLY F 108 22.09 -21.84 -6.37
CA GLY F 108 22.49 -20.96 -7.45
C GLY F 108 23.75 -21.48 -8.11
N ASP F 109 23.73 -21.46 -9.44
CA ASP F 109 24.81 -22.00 -10.24
C ASP F 109 26.07 -21.15 -10.21
N TYR F 110 25.95 -19.85 -10.38
CA TYR F 110 27.12 -19.00 -10.50
C TYR F 110 27.51 -18.58 -9.09
N LEU F 111 28.18 -19.49 -8.39
CA LEU F 111 28.67 -19.23 -7.05
C LEU F 111 29.82 -18.26 -7.12
N LYS F 112 30.05 -17.54 -6.03
CA LYS F 112 31.15 -16.61 -5.93
C LYS F 112 31.74 -16.71 -4.54
N VAL F 113 33.00 -16.33 -4.43
CA VAL F 113 33.61 -16.03 -3.14
C VAL F 113 34.14 -14.60 -3.26
N SER F 114 33.86 -13.78 -2.26
CA SER F 114 34.31 -12.40 -2.24
C SER F 114 35.18 -12.19 -1.00
N PHE F 115 36.23 -11.41 -1.19
CA PHE F 115 37.24 -11.15 -0.17
C PHE F 115 37.40 -9.65 0.01
N GLU F 116 37.32 -9.21 1.26
CA GLU F 116 37.36 -7.78 1.56
C GLU F 116 38.25 -7.40 2.72
N ASP F 117 38.73 -8.35 3.50
CA ASP F 117 39.48 -8.07 4.73
C ASP F 117 41.00 -8.16 4.47
N ALA F 118 41.58 -7.02 4.13
CA ALA F 118 43.03 -6.84 4.09
C ALA F 118 43.74 -7.49 2.90
N ASP F 119 43.07 -8.33 2.12
CA ASP F 119 43.59 -8.82 0.84
C ASP F 119 43.15 -7.95 -0.35
N SER F 120 42.14 -7.09 -0.16
CA SER F 120 41.67 -6.22 -1.23
C SER F 120 40.56 -5.31 -0.70
N HIS F 121 39.99 -4.49 -1.58
CA HIS F 121 38.72 -3.89 -1.23
C HIS F 121 37.69 -5.00 -1.32
N VAL F 122 37.79 -5.80 -2.38
CA VAL F 122 36.93 -6.95 -2.59
C VAL F 122 37.50 -7.74 -3.75
N LYS F 123 37.23 -9.04 -3.76
CA LYS F 123 37.62 -9.89 -4.88
C LYS F 123 36.57 -10.99 -5.01
N ALA F 124 36.09 -11.18 -6.24
CA ALA F 124 34.96 -12.07 -6.50
C ALA F 124 35.35 -13.11 -7.54
N CYS F 125 35.41 -14.36 -7.09
CA CYS F 125 35.81 -15.50 -7.92
C CYS F 125 34.75 -16.59 -7.83
N LYS F 126 34.17 -16.92 -8.98
CA LYS F 126 32.96 -17.73 -9.05
C LYS F 126 33.23 -19.16 -9.51
N VAL F 127 32.29 -20.03 -9.20
CA VAL F 127 32.35 -21.45 -9.56
C VAL F 127 30.95 -21.92 -9.94
N GLN F 128 30.89 -22.70 -11.02
CA GLN F 128 29.64 -23.31 -11.44
C GLN F 128 29.54 -24.73 -10.91
N TYR F 129 29.04 -24.87 -9.68
CA TYR F 129 28.72 -26.17 -9.10
C TYR F 129 27.38 -26.01 -8.40
N LYS F 130 26.30 -26.15 -9.16
CA LYS F 130 24.99 -25.59 -8.80
C LYS F 130 24.37 -26.35 -7.62
N HIS F 131 24.14 -25.62 -6.53
CA HIS F 131 23.83 -26.20 -5.23
C HIS F 131 22.32 -26.43 -5.10
N ASP F 132 21.77 -27.28 -5.96
CA ASP F 132 20.41 -27.75 -5.86
C ASP F 132 20.42 -29.21 -5.42
N PRO F 133 20.06 -29.48 -4.17
CA PRO F 133 20.31 -30.81 -3.60
C PRO F 133 19.38 -31.92 -4.03
N LEU F 134 18.07 -31.68 -3.99
CA LEU F 134 17.09 -32.76 -4.10
C LEU F 134 17.25 -33.73 -2.93
N PRO F 135 16.81 -33.36 -1.72
CA PRO F 135 17.17 -34.13 -0.52
C PRO F 135 16.45 -35.48 -0.38
N VAL F 136 16.57 -36.06 0.81
CA VAL F 136 15.91 -37.32 1.14
C VAL F 136 14.40 -37.13 1.29
N GLY F 137 13.66 -38.24 1.33
CA GLY F 137 12.21 -38.23 1.43
C GLY F 137 11.54 -38.00 0.11
N ARG F 138 10.25 -38.36 0.05
CA ARG F 138 9.53 -38.26 -1.20
C ARG F 138 9.11 -36.82 -1.52
N GLU F 139 8.94 -36.00 -0.48
CA GLU F 139 8.26 -34.72 -0.56
C GLU F 139 8.99 -33.65 -1.36
N LYS F 140 8.34 -32.52 -1.58
CA LYS F 140 8.92 -31.41 -2.35
C LYS F 140 9.22 -30.19 -1.49
N PHE F 141 9.80 -30.39 -0.31
CA PHE F 141 10.22 -29.28 0.52
C PHE F 141 11.51 -29.62 1.25
N VAL F 142 12.17 -28.59 1.75
CA VAL F 142 13.21 -28.75 2.77
C VAL F 142 12.68 -28.12 4.05
N VAL F 143 12.12 -28.94 4.94
CA VAL F 143 11.39 -28.43 6.10
C VAL F 143 12.14 -28.58 7.41
N ARG F 144 12.91 -27.56 7.79
CA ARG F 144 13.56 -27.58 9.10
C ARG F 144 12.64 -27.16 10.24
N PRO F 145 11.90 -26.05 10.14
CA PRO F 145 11.27 -25.46 11.34
C PRO F 145 10.04 -26.17 11.84
N HIS F 146 9.48 -27.08 11.06
CA HIS F 146 8.47 -28.00 11.56
C HIS F 146 9.14 -29.37 11.62
N PHE F 147 8.74 -30.16 12.59
CA PHE F 147 9.33 -31.49 12.75
C PHE F 147 8.53 -32.48 11.94
N GLY F 148 8.52 -32.30 10.62
CA GLY F 148 7.73 -33.15 9.75
C GLY F 148 8.41 -34.47 9.55
N VAL F 149 9.74 -34.46 9.66
CA VAL F 149 10.55 -35.68 9.61
C VAL F 149 11.90 -35.41 10.24
N GLU F 150 12.52 -36.48 10.70
CA GLU F 150 13.94 -36.50 11.03
C GLU F 150 14.56 -37.55 10.11
N LEU F 151 14.80 -37.15 8.90
CA LEU F 151 15.28 -38.00 7.84
C LEU F 151 16.74 -38.34 8.04
N PRO F 152 17.10 -39.62 7.89
CA PRO F 152 18.51 -40.00 8.04
C PRO F 152 19.28 -39.58 6.80
N CYS F 153 20.45 -38.99 7.01
CA CYS F 153 21.22 -38.40 5.92
C CYS F 153 22.63 -38.12 6.38
N THR F 154 23.34 -37.36 5.57
CA THR F 154 24.75 -37.07 5.78
C THR F 154 24.88 -35.83 6.64
N SER F 155 25.53 -35.98 7.79
CA SER F 155 25.95 -34.82 8.54
C SER F 155 27.39 -34.53 8.12
N TYR F 156 27.56 -33.50 7.30
CA TYR F 156 28.88 -33.07 6.88
C TYR F 156 29.60 -32.50 8.08
N GLN F 157 30.82 -32.97 8.30
CA GLN F 157 31.48 -32.88 9.60
C GLN F 157 31.89 -31.44 9.90
N LEU F 158 31.49 -30.99 11.08
CA LEU F 158 31.80 -29.66 11.57
C LEU F 158 32.59 -29.70 12.87
N THR F 159 33.00 -30.88 13.30
CA THR F 159 33.84 -31.03 14.47
C THR F 159 35.29 -30.70 14.14
N THR F 160 36.18 -30.94 15.10
CA THR F 160 37.63 -30.77 14.89
C THR F 160 38.14 -31.95 14.05
N ALA F 161 37.86 -31.91 12.75
CA ALA F 161 38.24 -33.00 11.88
C ALA F 161 39.68 -32.81 11.45
N PRO F 162 40.62 -33.45 12.16
CA PRO F 162 42.03 -33.20 11.86
C PRO F 162 42.59 -34.06 10.75
N THR F 163 42.19 -35.33 10.67
CA THR F 163 42.92 -36.17 9.74
C THR F 163 41.98 -37.15 9.09
N ASP F 164 41.23 -36.65 8.12
CA ASP F 164 40.58 -37.45 7.10
C ASP F 164 40.96 -36.74 5.81
N GLU F 165 41.10 -35.43 5.91
CA GLU F 165 41.49 -34.61 4.78
C GLU F 165 42.99 -34.41 4.85
N GLU F 166 43.60 -34.22 3.69
CA GLU F 166 45.01 -33.94 3.52
C GLU F 166 45.12 -32.85 2.45
N ILE F 167 45.45 -31.65 2.92
CA ILE F 167 45.84 -30.56 2.04
C ILE F 167 47.30 -30.74 1.66
N ASP F 168 47.56 -30.78 0.36
CA ASP F 168 48.83 -31.27 -0.13
C ASP F 168 49.58 -30.15 -0.84
N MET F 169 50.83 -30.43 -1.17
CA MET F 169 51.60 -29.63 -2.10
C MET F 169 52.76 -30.47 -2.59
N HIS F 170 52.75 -30.74 -3.89
CA HIS F 170 53.77 -31.54 -4.58
C HIS F 170 54.17 -30.78 -5.83
N THR F 171 55.46 -30.79 -6.13
CA THR F 171 56.06 -29.85 -7.06
C THR F 171 55.94 -28.45 -6.49
N PRO F 172 56.67 -28.14 -5.40
CA PRO F 172 56.35 -26.97 -4.55
C PRO F 172 56.65 -25.67 -5.25
N PRO F 173 56.15 -24.55 -4.69
CA PRO F 173 55.40 -23.55 -5.47
C PRO F 173 55.92 -23.17 -6.85
N ASP F 174 55.04 -23.29 -7.84
CA ASP F 174 55.40 -22.96 -9.22
C ASP F 174 54.39 -21.99 -9.79
N ILE F 175 54.82 -20.74 -9.97
CA ILE F 175 54.01 -19.71 -10.64
C ILE F 175 54.90 -18.53 -10.99
N PRO F 176 54.45 -17.68 -11.94
CA PRO F 176 55.20 -16.46 -12.29
C PRO F 176 54.93 -15.25 -11.39
N ASP F 177 55.98 -14.74 -10.74
CA ASP F 177 55.93 -13.48 -10.00
C ASP F 177 57.32 -12.93 -9.74
N ARG F 178 57.76 -11.95 -10.53
CA ARG F 178 59.14 -11.47 -10.44
C ARG F 178 59.25 -10.01 -10.01
N THR F 179 58.46 -9.57 -9.04
CA THR F 179 58.28 -8.15 -8.77
C THR F 179 59.38 -7.50 -7.95
N LEU F 180 60.55 -8.13 -7.83
CA LEU F 180 61.68 -7.58 -7.11
C LEU F 180 62.73 -6.98 -8.01
N LEU F 181 62.37 -6.67 -9.25
CA LEU F 181 63.30 -6.10 -10.22
C LEU F 181 63.62 -4.66 -9.86
N SER F 182 64.85 -4.28 -10.16
CA SER F 182 65.35 -2.94 -9.89
C SER F 182 65.96 -2.38 -11.17
N GLN F 183 66.39 -1.13 -11.12
CA GLN F 183 66.86 -0.50 -12.33
C GLN F 183 68.37 -0.58 -12.40
N THR F 184 68.87 -1.05 -13.54
CA THR F 184 70.29 -0.96 -13.84
C THR F 184 70.46 -0.85 -15.34
N ALA F 185 71.71 -0.66 -15.81
CA ALA F 185 71.96 -0.85 -17.23
C ALA F 185 72.56 -2.22 -17.52
N GLY F 186 73.79 -2.44 -17.08
CA GLY F 186 74.49 -3.68 -17.39
C GLY F 186 74.85 -4.47 -16.15
N ASN F 187 75.11 -3.75 -15.06
CA ASN F 187 75.13 -4.30 -13.72
C ASN F 187 73.91 -3.76 -13.01
N VAL F 188 72.91 -4.61 -12.89
CA VAL F 188 71.55 -4.23 -12.52
C VAL F 188 71.48 -3.90 -11.04
N LYS F 189 70.99 -2.71 -10.74
CA LYS F 189 70.86 -2.22 -9.38
C LYS F 189 69.50 -2.58 -8.82
N ILE F 190 69.36 -3.83 -8.35
CA ILE F 190 68.17 -4.30 -7.66
C ILE F 190 68.37 -4.15 -6.16
N THR F 191 67.26 -4.20 -5.42
CA THR F 191 67.28 -4.11 -3.95
C THR F 191 66.67 -5.38 -3.36
N ALA F 192 66.39 -5.35 -2.06
CA ALA F 192 65.59 -6.37 -1.40
C ALA F 192 64.10 -6.02 -1.56
N GLY F 193 63.31 -6.99 -2.00
CA GLY F 193 61.90 -6.75 -2.23
C GLY F 193 61.21 -7.75 -3.13
N GLY F 194 59.89 -7.81 -3.06
CA GLY F 194 59.03 -8.61 -3.93
C GLY F 194 58.54 -9.97 -3.46
N ARG F 195 59.45 -10.93 -3.28
CA ARG F 195 59.07 -12.31 -2.98
C ARG F 195 60.33 -13.12 -2.68
N THR F 196 60.18 -14.44 -2.62
CA THR F 196 61.31 -15.35 -2.60
C THR F 196 61.92 -15.33 -3.99
N ILE F 197 62.85 -14.38 -4.22
CA ILE F 197 63.24 -13.96 -5.56
C ILE F 197 64.60 -14.52 -5.95
N ARG F 198 64.59 -15.27 -7.05
CA ARG F 198 65.80 -15.70 -7.73
C ARG F 198 65.83 -14.96 -9.06
N TYR F 199 66.96 -14.99 -9.73
CA TYR F 199 67.05 -14.49 -11.10
C TYR F 199 67.13 -15.65 -12.06
N ASN F 200 66.59 -15.43 -13.26
CA ASN F 200 66.72 -16.34 -14.38
C ASN F 200 67.25 -15.50 -15.52
N CYS F 201 68.57 -15.53 -15.69
CA CYS F 201 69.26 -14.54 -16.51
C CYS F 201 70.34 -15.23 -17.33
N THR F 202 71.03 -14.44 -18.14
CA THR F 202 72.20 -14.88 -18.88
C THR F 202 73.51 -14.46 -18.23
N CYS F 203 73.53 -14.18 -16.93
CA CYS F 203 74.76 -13.93 -16.22
C CYS F 203 74.47 -13.80 -14.74
N GLY F 204 75.53 -13.92 -13.94
CA GLY F 204 75.40 -13.74 -12.51
C GLY F 204 74.82 -14.93 -11.77
N ARG F 205 75.22 -15.06 -10.51
CA ARG F 205 74.66 -16.07 -9.60
C ARG F 205 73.51 -15.46 -8.80
N ASP F 206 73.20 -14.19 -9.08
CA ASP F 206 72.03 -13.54 -8.52
C ASP F 206 71.30 -12.84 -9.65
N ASN F 207 72.02 -12.56 -10.73
CA ASN F 207 71.38 -12.11 -11.95
C ASN F 207 70.71 -13.27 -12.67
N VAL F 208 71.35 -14.42 -12.69
CA VAL F 208 70.65 -15.69 -12.89
C VAL F 208 70.82 -16.45 -11.58
N GLY F 209 69.95 -16.21 -10.63
CA GLY F 209 70.04 -16.91 -9.35
C GLY F 209 69.52 -16.08 -8.20
N THR F 210 69.70 -16.59 -6.99
CA THR F 210 69.11 -16.06 -5.77
C THR F 210 69.59 -14.68 -5.36
N THR F 211 68.70 -13.70 -5.47
CA THR F 211 68.89 -12.38 -4.89
C THR F 211 68.25 -12.37 -3.52
N SER F 212 69.01 -12.05 -2.49
CA SER F 212 68.49 -12.11 -1.12
C SER F 212 68.84 -10.85 -0.35
N THR F 213 69.33 -9.83 -1.06
CA THR F 213 69.79 -8.57 -0.50
C THR F 213 69.89 -7.55 -1.63
N ASP F 214 70.56 -6.44 -1.36
CA ASP F 214 70.80 -5.46 -2.41
C ASP F 214 71.88 -5.96 -3.37
N LYS F 215 71.72 -5.67 -4.66
CA LYS F 215 72.65 -6.26 -5.62
C LYS F 215 72.82 -5.37 -6.83
N THR F 216 74.02 -5.42 -7.39
CA THR F 216 74.30 -5.04 -8.76
C THR F 216 74.74 -6.31 -9.45
N ILE F 217 73.88 -6.83 -10.31
CA ILE F 217 74.03 -8.17 -10.87
C ILE F 217 74.57 -8.02 -12.29
N ASN F 218 75.55 -8.85 -12.65
CA ASN F 218 76.31 -8.69 -13.87
C ASN F 218 76.03 -9.83 -14.86
N THR F 219 76.18 -9.51 -16.16
CA THR F 219 75.97 -10.43 -17.28
C THR F 219 74.49 -10.61 -17.64
N CYS F 220 73.59 -10.03 -16.86
CA CYS F 220 72.16 -10.09 -17.12
C CYS F 220 71.56 -8.85 -16.48
N LYS F 221 71.00 -7.99 -17.30
CA LYS F 221 70.41 -6.74 -16.83
C LYS F 221 68.89 -6.84 -16.93
N ILE F 222 68.23 -5.71 -16.66
CA ILE F 222 66.80 -5.59 -16.95
C ILE F 222 66.63 -5.68 -18.46
N ASP F 223 65.48 -6.15 -18.91
CA ASP F 223 65.49 -6.64 -20.28
C ASP F 223 66.29 -7.94 -20.40
N GLN F 224 65.63 -9.06 -20.07
CA GLN F 224 66.12 -10.40 -20.41
C GLN F 224 67.02 -11.07 -19.38
N CYS F 225 67.26 -10.42 -18.26
CA CYS F 225 67.70 -11.17 -17.09
C CYS F 225 66.66 -11.03 -15.99
N HIS F 226 65.73 -11.97 -15.96
CA HIS F 226 64.52 -11.86 -15.16
C HIS F 226 64.77 -12.34 -13.74
N ALA F 227 63.70 -12.35 -12.95
CA ALA F 227 63.70 -12.83 -11.57
C ALA F 227 62.33 -13.42 -11.30
N ALA F 228 62.12 -13.96 -10.11
CA ALA F 228 60.92 -14.73 -9.83
C ALA F 228 60.82 -15.02 -8.34
N VAL F 229 59.64 -14.79 -7.78
CA VAL F 229 59.32 -15.19 -6.42
C VAL F 229 58.60 -16.52 -6.56
N THR F 230 59.28 -17.59 -6.15
CA THR F 230 58.69 -18.92 -6.16
C THR F 230 58.08 -19.22 -4.81
N SER F 231 57.09 -20.11 -4.81
CA SER F 231 56.34 -20.43 -3.60
C SER F 231 57.18 -21.34 -2.69
N HIS F 232 57.52 -20.81 -1.51
CA HIS F 232 58.37 -21.49 -0.56
C HIS F 232 57.76 -21.36 0.83
N ASP F 233 58.24 -22.18 1.76
CA ASP F 233 57.72 -22.22 3.13
C ASP F 233 56.46 -23.06 3.26
N LYS F 234 56.11 -23.76 2.20
CA LYS F 234 54.94 -24.62 2.21
C LYS F 234 54.88 -25.41 0.92
N TRP F 235 54.13 -26.50 1.00
CA TRP F 235 53.62 -27.14 -0.18
C TRP F 235 52.20 -26.63 -0.35
N GLN F 236 52.09 -25.52 -1.08
CA GLN F 236 50.80 -24.93 -1.43
C GLN F 236 50.11 -25.82 -2.45
N PHE F 237 48.79 -25.59 -2.62
CA PHE F 237 47.81 -26.63 -2.91
C PHE F 237 48.07 -27.54 -4.10
N THR F 238 47.95 -27.04 -5.32
CA THR F 238 48.46 -27.76 -6.48
C THR F 238 48.83 -26.86 -7.64
N SER F 239 49.20 -25.61 -7.35
CA SER F 239 48.45 -24.44 -7.77
C SER F 239 47.82 -24.57 -9.17
N PRO F 240 46.51 -24.59 -9.24
CA PRO F 240 45.86 -24.75 -10.55
C PRO F 240 45.81 -23.43 -11.28
N PHE F 241 46.00 -23.44 -12.59
CA PHE F 241 46.33 -22.22 -13.31
C PHE F 241 47.73 -21.74 -12.94
N VAL F 242 48.61 -22.69 -12.66
CA VAL F 242 49.96 -22.42 -12.18
C VAL F 242 50.91 -23.31 -12.98
N PRO F 243 52.22 -23.21 -12.76
CA PRO F 243 53.15 -24.07 -13.50
C PRO F 243 53.87 -25.05 -12.58
N ARG F 244 54.46 -26.08 -13.18
CA ARG F 244 55.48 -26.89 -12.54
C ARG F 244 56.84 -26.35 -12.95
N ALA F 245 57.03 -25.04 -12.83
CA ALA F 245 58.34 -24.45 -12.96
C ALA F 245 59.00 -24.46 -11.60
N ASP F 246 58.19 -24.51 -10.55
CA ASP F 246 58.63 -25.01 -9.25
C ASP F 246 58.71 -26.53 -9.39
N GLN F 247 59.86 -27.01 -9.84
CA GLN F 247 60.06 -28.41 -10.18
C GLN F 247 60.57 -29.23 -9.02
N THR F 248 60.48 -28.69 -7.80
CA THR F 248 60.86 -29.45 -6.62
C THR F 248 59.71 -30.36 -6.24
N ALA F 249 59.60 -31.51 -6.92
CA ALA F 249 58.64 -32.54 -6.59
C ALA F 249 58.93 -33.09 -5.20
N ARG F 250 58.11 -32.66 -4.24
CA ARG F 250 58.32 -32.95 -2.83
C ARG F 250 56.97 -33.18 -2.14
N ARG F 251 56.99 -33.17 -0.82
CA ARG F 251 55.80 -33.49 -0.05
C ARG F 251 55.52 -32.39 0.98
N GLY F 252 54.30 -31.86 0.92
CA GLY F 252 53.74 -31.12 2.03
C GLY F 252 52.30 -31.53 2.27
N LYS F 253 52.06 -32.07 3.45
CA LYS F 253 50.76 -32.64 3.78
C LYS F 253 50.27 -32.06 5.09
N VAL F 254 48.96 -31.79 5.15
CA VAL F 254 48.32 -31.14 6.28
C VAL F 254 46.87 -31.63 6.31
N HIS F 255 46.13 -31.26 7.34
CA HIS F 255 44.76 -31.75 7.48
C HIS F 255 43.81 -31.02 6.52
N VAL F 256 42.54 -31.46 6.56
CA VAL F 256 41.41 -30.82 5.88
C VAL F 256 40.23 -30.94 6.84
N PRO F 257 39.28 -30.02 6.84
CA PRO F 257 38.29 -29.96 7.93
C PRO F 257 37.07 -30.84 7.70
N PHE F 258 36.76 -31.62 8.74
CA PHE F 258 35.44 -32.19 9.04
C PHE F 258 34.78 -33.10 8.02
N PRO F 259 35.22 -34.35 7.87
CA PRO F 259 34.49 -35.27 7.00
C PRO F 259 33.17 -35.72 7.62
N LEU F 260 32.22 -36.11 6.76
CA LEU F 260 30.83 -36.31 7.18
C LEU F 260 30.59 -37.72 7.73
N THR F 261 29.51 -37.83 8.50
CA THR F 261 29.08 -39.06 9.16
C THR F 261 27.57 -39.12 9.08
N ASN F 262 26.96 -39.95 9.92
CA ASN F 262 25.50 -40.09 9.91
C ASN F 262 24.84 -38.98 10.71
N VAL F 263 23.61 -38.60 10.33
CA VAL F 263 22.87 -37.58 11.06
C VAL F 263 21.44 -37.45 10.54
N THR F 264 20.51 -37.18 11.45
CA THR F 264 19.13 -36.89 11.09
C THR F 264 19.00 -35.45 10.57
N CYS F 265 17.83 -35.14 9.99
CA CYS F 265 17.59 -33.83 9.40
C CYS F 265 16.10 -33.51 9.40
N ARG F 266 15.77 -32.23 9.24
CA ARG F 266 14.38 -31.80 9.18
C ARG F 266 13.84 -32.06 7.77
N VAL F 267 12.59 -32.52 7.68
CA VAL F 267 12.04 -32.93 6.40
C VAL F 267 10.54 -32.64 6.26
N PRO F 268 10.03 -32.67 5.05
CA PRO F 268 8.61 -32.45 4.80
C PRO F 268 7.72 -33.68 4.93
N LEU F 269 7.12 -33.90 6.11
CA LEU F 269 6.18 -35.00 6.37
C LEU F 269 4.98 -35.06 5.40
N ALA F 270 4.39 -36.25 5.27
CA ALA F 270 3.54 -36.58 4.13
C ALA F 270 2.17 -35.91 4.20
N ARG F 271 1.86 -35.11 3.18
CA ARG F 271 0.57 -34.47 3.06
C ARG F 271 -0.34 -35.28 2.14
N ALA F 272 -1.46 -35.71 2.67
CA ALA F 272 -2.35 -36.60 1.93
C ALA F 272 -3.65 -35.88 1.54
N PRO F 273 -4.17 -36.10 0.36
CA PRO F 273 -5.52 -35.61 0.03
C PRO F 273 -6.59 -36.58 0.51
N ASP F 274 -7.82 -36.28 0.12
CA ASP F 274 -8.95 -37.12 0.52
C ASP F 274 -9.26 -38.15 -0.56
N VAL F 275 -9.10 -39.42 -0.21
CA VAL F 275 -9.24 -40.52 -1.16
C VAL F 275 -10.71 -40.86 -1.27
N THR F 276 -11.26 -40.63 -2.46
CA THR F 276 -12.63 -41.02 -2.77
C THR F 276 -12.61 -42.53 -2.96
N TYR F 277 -12.70 -43.26 -1.87
CA TYR F 277 -12.87 -44.70 -1.90
C TYR F 277 -14.35 -44.99 -2.03
N GLY F 278 -14.71 -45.70 -3.10
CA GLY F 278 -16.08 -46.08 -3.31
C GLY F 278 -16.14 -47.54 -3.74
N LYS F 279 -17.38 -48.02 -3.91
CA LYS F 279 -17.69 -49.45 -3.94
C LYS F 279 -17.10 -50.21 -5.12
N LYS F 280 -16.66 -49.49 -6.17
CA LYS F 280 -15.78 -50.09 -7.16
C LYS F 280 -14.65 -49.14 -7.56
N GLU F 281 -14.54 -48.00 -6.89
CA GLU F 281 -13.66 -46.95 -7.38
C GLU F 281 -12.67 -46.53 -6.31
N VAL F 282 -11.51 -46.04 -6.75
CA VAL F 282 -10.64 -45.29 -5.86
C VAL F 282 -10.14 -44.09 -6.64
N THR F 283 -10.27 -42.94 -6.03
CA THR F 283 -9.64 -41.71 -6.50
C THR F 283 -9.00 -41.10 -5.28
N LEU F 284 -8.09 -40.16 -5.50
CA LEU F 284 -7.51 -39.40 -4.41
C LEU F 284 -7.55 -37.94 -4.83
N ARG F 285 -8.09 -37.09 -3.97
CA ARG F 285 -7.99 -35.64 -4.12
C ARG F 285 -6.73 -35.21 -3.38
N LEU F 286 -5.60 -35.25 -4.06
CA LEU F 286 -4.35 -34.76 -3.50
C LEU F 286 -4.37 -33.25 -3.71
N HIS F 287 -4.23 -32.51 -2.61
CA HIS F 287 -4.13 -31.07 -2.69
C HIS F 287 -2.73 -30.68 -3.15
N PRO F 288 -2.56 -29.43 -3.56
CA PRO F 288 -1.22 -28.97 -3.94
C PRO F 288 -0.38 -28.72 -2.70
N ASP F 289 0.88 -29.12 -2.78
CA ASP F 289 1.87 -28.96 -1.72
C ASP F 289 3.20 -28.74 -2.42
N HIS F 290 4.29 -28.96 -1.71
CA HIS F 290 5.61 -28.94 -2.35
C HIS F 290 5.71 -30.13 -3.32
N PRO F 291 6.51 -30.00 -4.41
CA PRO F 291 6.39 -30.98 -5.52
C PRO F 291 6.98 -32.33 -5.16
N THR F 292 6.11 -33.24 -4.73
CA THR F 292 6.51 -34.37 -3.91
C THR F 292 6.35 -35.65 -4.71
N LEU F 293 7.22 -36.61 -4.46
CA LEU F 293 7.09 -37.92 -5.10
C LEU F 293 5.94 -38.67 -4.47
N PHE F 294 4.80 -38.67 -5.15
CA PHE F 294 3.72 -39.60 -4.86
C PHE F 294 4.02 -40.92 -5.55
N SER F 295 4.00 -42.00 -4.77
CA SER F 295 4.35 -43.31 -5.28
C SER F 295 3.18 -44.25 -5.05
N TYR F 296 2.23 -44.23 -5.96
CA TYR F 296 1.12 -45.17 -5.93
C TYR F 296 1.62 -46.48 -6.53
N ARG F 297 2.18 -47.33 -5.68
CA ARG F 297 2.82 -48.54 -6.17
C ARG F 297 1.78 -49.65 -6.18
N SER F 298 2.02 -50.66 -7.01
CA SER F 298 1.22 -51.88 -6.99
C SER F 298 1.46 -52.55 -5.65
N LEU F 299 0.38 -52.73 -4.89
CA LEU F 299 0.53 -53.32 -3.58
C LEU F 299 0.45 -54.83 -3.69
N GLY F 300 1.59 -55.48 -3.97
CA GLY F 300 1.62 -56.92 -4.05
C GLY F 300 1.34 -57.48 -5.43
N ALA F 301 0.78 -56.67 -6.30
CA ALA F 301 0.38 -57.08 -7.63
C ALA F 301 1.56 -56.95 -8.59
N GLU F 302 1.24 -56.87 -9.87
CA GLU F 302 2.21 -56.38 -10.84
C GLU F 302 2.50 -54.92 -10.53
N PRO F 303 3.74 -54.58 -10.19
CA PRO F 303 4.02 -53.25 -9.66
C PRO F 303 4.30 -52.19 -10.71
N HIS F 304 3.39 -52.01 -11.66
CA HIS F 304 3.53 -50.91 -12.60
C HIS F 304 3.18 -49.65 -11.84
N PRO F 305 4.15 -48.88 -11.39
CA PRO F 305 3.86 -47.91 -10.35
C PRO F 305 3.49 -46.54 -10.89
N TYR F 306 2.57 -45.86 -10.25
CA TYR F 306 2.37 -44.46 -10.57
C TYR F 306 3.43 -43.72 -9.78
N GLU F 307 4.38 -43.13 -10.48
CA GLU F 307 5.37 -42.27 -9.85
C GLU F 307 4.92 -40.85 -10.13
N GLU F 308 5.38 -39.91 -9.31
CA GLU F 308 5.31 -38.51 -9.71
C GLU F 308 6.08 -37.67 -8.71
N TRP F 309 6.86 -36.72 -9.21
CA TRP F 309 7.37 -35.67 -8.34
C TRP F 309 6.55 -34.43 -8.61
N VAL F 310 5.32 -34.40 -8.09
CA VAL F 310 4.25 -33.57 -8.60
C VAL F 310 3.90 -32.46 -7.62
N ASP F 311 3.66 -31.26 -8.17
CA ASP F 311 3.14 -30.15 -7.36
C ASP F 311 1.75 -29.70 -7.81
N LYS F 312 0.78 -30.59 -7.92
CA LYS F 312 -0.55 -30.24 -8.37
C LYS F 312 -1.57 -30.95 -7.50
N PHE F 313 -2.65 -30.24 -7.17
CA PHE F 313 -3.79 -30.86 -6.50
C PHE F 313 -4.57 -31.67 -7.50
N SER F 314 -4.15 -32.92 -7.69
CA SER F 314 -4.66 -33.74 -8.78
C SER F 314 -5.40 -34.93 -8.19
N GLU F 315 -5.73 -35.88 -9.06
CA GLU F 315 -6.38 -37.12 -8.67
C GLU F 315 -5.35 -38.23 -8.76
N ARG F 316 -5.14 -38.89 -7.63
CA ARG F 316 -4.34 -40.11 -7.56
C ARG F 316 -5.31 -41.26 -7.77
N ILE F 317 -5.35 -41.79 -8.99
CA ILE F 317 -6.38 -42.74 -9.36
C ILE F 317 -6.06 -44.10 -8.74
N ILE F 318 -6.81 -44.44 -7.71
CA ILE F 318 -6.57 -45.66 -6.96
C ILE F 318 -7.49 -46.72 -7.56
N PRO F 319 -7.00 -47.46 -8.55
CA PRO F 319 -7.66 -48.71 -8.90
C PRO F 319 -7.28 -49.73 -7.85
N VAL F 320 -8.24 -50.06 -7.00
CA VAL F 320 -7.99 -50.98 -5.90
C VAL F 320 -8.30 -52.37 -6.41
N THR F 321 -7.28 -53.21 -6.37
CA THR F 321 -7.43 -54.60 -6.80
C THR F 321 -7.82 -55.40 -5.57
N GLU F 322 -7.98 -56.70 -5.79
CA GLU F 322 -8.01 -57.64 -4.67
C GLU F 322 -6.68 -57.66 -3.93
N GLU F 323 -5.57 -57.43 -4.64
CA GLU F 323 -4.25 -57.33 -4.02
C GLU F 323 -4.09 -56.07 -3.17
N GLY F 324 -4.91 -55.05 -3.37
CA GLY F 324 -4.71 -53.82 -2.64
C GLY F 324 -3.67 -52.93 -3.30
N ILE F 325 -3.83 -51.63 -3.10
CA ILE F 325 -2.91 -50.66 -3.66
C ILE F 325 -1.90 -50.29 -2.58
N GLU F 326 -0.66 -50.09 -3.00
CA GLU F 326 0.40 -49.64 -2.10
C GLU F 326 0.59 -48.15 -2.36
N TYR F 327 -0.07 -47.32 -1.56
CA TYR F 327 -0.12 -45.89 -1.79
C TYR F 327 0.62 -45.14 -0.70
N GLN F 328 1.85 -44.74 -1.01
CA GLN F 328 2.67 -43.97 -0.08
C GLN F 328 3.40 -42.92 -0.89
N TRP F 329 3.33 -41.67 -0.44
CA TRP F 329 3.86 -40.55 -1.19
C TRP F 329 4.44 -39.51 -0.26
N GLY F 330 5.54 -38.90 -0.68
CA GLY F 330 6.03 -37.70 -0.05
C GLY F 330 6.63 -37.83 1.33
N ASN F 331 7.24 -38.97 1.63
CA ASN F 331 7.87 -39.20 2.92
C ASN F 331 6.86 -39.36 4.05
N ASN F 332 5.63 -39.69 3.74
CA ASN F 332 4.73 -40.18 4.75
C ASN F 332 4.80 -41.69 4.68
N PRO F 333 4.09 -42.39 5.56
CA PRO F 333 4.09 -43.84 5.49
C PRO F 333 3.21 -44.32 4.34
N PRO F 334 3.22 -45.61 4.06
CA PRO F 334 2.41 -46.12 2.96
C PRO F 334 0.94 -46.30 3.37
N VAL F 335 0.20 -46.91 2.46
CA VAL F 335 -1.19 -47.31 2.72
C VAL F 335 -1.42 -48.60 1.98
N ARG F 336 -2.03 -49.58 2.65
CA ARG F 336 -2.37 -50.86 2.07
C ARG F 336 -3.86 -50.94 1.79
N LEU F 337 -4.27 -50.39 0.65
CA LEU F 337 -5.67 -50.30 0.28
C LEU F 337 -6.18 -51.67 -0.12
N TRP F 338 -6.66 -52.42 0.87
CA TRP F 338 -7.44 -53.61 0.57
C TRP F 338 -8.85 -53.20 0.17
N ALA F 339 -9.24 -53.53 -1.05
CA ALA F 339 -10.50 -53.03 -1.58
C ALA F 339 -11.60 -54.08 -1.52
N GLN F 340 -12.51 -53.93 -0.57
CA GLN F 340 -13.62 -54.86 -0.46
C GLN F 340 -14.87 -54.14 -0.01
N LEU F 341 -16.02 -54.75 -0.27
CA LEU F 341 -17.30 -54.21 0.19
C LEU F 341 -17.42 -54.42 1.68
N SER G 1 -8.24 0.57 23.77
CA SER G 1 -7.67 1.84 23.35
C SER G 1 -6.23 1.64 22.87
N VAL G 2 -5.80 2.46 21.91
CA VAL G 2 -4.52 2.22 21.24
C VAL G 2 -3.63 3.47 21.23
N THR G 3 -3.74 4.34 22.24
CA THR G 3 -2.82 5.46 22.33
C THR G 3 -1.51 4.89 22.84
N GLU G 4 -1.61 4.00 23.82
CA GLU G 4 -0.45 3.31 24.38
C GLU G 4 -0.38 1.90 23.78
N HIS G 5 0.11 1.82 22.54
CA HIS G 5 0.58 0.53 22.04
C HIS G 5 1.96 0.25 22.60
N PHE G 6 2.66 1.29 23.06
CA PHE G 6 3.80 1.11 23.94
C PHE G 6 3.34 0.57 25.29
N ASN G 7 2.17 0.99 25.74
CA ASN G 7 1.55 0.33 26.88
C ASN G 7 1.06 -1.06 26.49
N VAL G 8 0.73 -1.24 25.22
CA VAL G 8 0.31 -2.54 24.71
C VAL G 8 1.50 -3.48 24.59
N TYR G 9 2.72 -2.94 24.61
CA TYR G 9 3.90 -3.79 24.67
C TYR G 9 4.38 -3.92 26.11
N LYS G 10 4.04 -2.95 26.96
CA LYS G 10 4.41 -3.03 28.36
C LYS G 10 3.62 -4.08 29.12
N ALA G 11 2.28 -4.02 29.04
CA ALA G 11 1.42 -4.95 29.76
C ALA G 11 1.51 -6.37 29.21
N THR G 12 1.93 -6.52 27.96
CA THR G 12 2.27 -7.82 27.39
C THR G 12 3.65 -7.77 26.76
N ARG G 13 4.67 -8.02 27.58
CA ARG G 13 6.03 -8.05 27.09
C ARG G 13 6.25 -9.33 26.29
N PRO G 14 6.31 -9.21 24.97
CA PRO G 14 6.41 -10.40 24.11
C PRO G 14 7.78 -11.03 24.15
N TYR G 15 7.91 -12.18 23.49
CA TYR G 15 9.15 -12.94 23.54
C TYR G 15 9.10 -14.09 22.56
N LEU G 16 10.14 -14.22 21.76
CA LEU G 16 10.32 -15.37 20.89
C LEU G 16 10.63 -16.62 21.71
N ALA G 17 10.52 -17.78 21.07
CA ALA G 17 10.29 -19.07 21.74
C ALA G 17 11.38 -20.05 21.34
N TYR G 18 11.12 -21.33 21.54
CA TYR G 18 11.92 -22.33 20.83
C TYR G 18 11.58 -22.27 19.34
N CYS G 19 12.51 -21.74 18.57
CA CYS G 19 12.35 -21.53 17.13
C CYS G 19 13.06 -22.66 16.39
N ALA G 20 12.45 -23.08 15.29
CA ALA G 20 12.88 -24.28 14.59
C ALA G 20 14.09 -24.06 13.71
N ASP G 21 14.46 -22.82 13.47
CA ASP G 21 15.68 -22.52 12.74
C ASP G 21 16.07 -21.09 13.06
N CYS G 22 17.20 -20.91 13.74
CA CYS G 22 17.83 -19.60 13.84
C CYS G 22 18.91 -19.52 12.78
N GLY G 23 19.55 -20.65 12.51
CA GLY G 23 20.30 -20.84 11.29
C GLY G 23 19.44 -21.71 10.40
N ASP G 24 20.06 -22.24 9.35
CA ASP G 24 19.39 -23.25 8.58
C ASP G 24 19.28 -24.57 9.33
N GLY G 25 20.20 -24.82 10.25
CA GLY G 25 20.38 -26.13 10.86
C GLY G 25 20.40 -26.15 12.36
N TYR G 26 19.39 -25.58 13.03
CA TYR G 26 19.26 -25.83 14.46
C TYR G 26 17.87 -25.48 14.97
N PHE G 27 17.21 -26.48 15.58
CA PHE G 27 16.01 -26.23 16.35
C PHE G 27 16.47 -25.90 17.76
N CYS G 28 16.14 -24.70 18.23
CA CYS G 28 16.78 -24.13 19.41
C CYS G 28 15.83 -23.08 19.96
N TYR G 29 16.37 -22.19 20.78
CA TYR G 29 15.64 -21.00 21.20
C TYR G 29 15.77 -19.92 20.13
N SER G 30 14.74 -19.78 19.28
CA SER G 30 14.63 -18.64 18.40
C SER G 30 13.94 -17.50 19.14
N PRO G 31 14.70 -16.56 19.68
CA PRO G 31 14.08 -15.47 20.44
C PRO G 31 13.65 -14.34 19.56
N VAL G 32 14.12 -14.29 18.32
CA VAL G 32 13.69 -13.29 17.35
C VAL G 32 13.39 -14.02 16.05
N ALA G 33 12.14 -14.42 15.88
CA ALA G 33 11.76 -15.15 14.68
C ALA G 33 10.46 -14.65 14.07
N ILE G 34 9.99 -15.33 13.01
CA ILE G 34 8.74 -15.00 12.34
C ILE G 34 7.68 -15.95 12.86
N GLU G 35 6.86 -15.48 13.81
CA GLU G 35 5.99 -16.37 14.56
C GLU G 35 4.80 -16.81 13.72
N LYS G 36 4.33 -15.97 12.81
CA LYS G 36 3.15 -16.34 12.03
C LYS G 36 3.10 -15.42 10.83
N ILE G 37 1.94 -15.36 10.18
CA ILE G 37 1.75 -14.51 9.02
C ILE G 37 0.45 -13.74 9.18
N ARG G 38 0.30 -12.70 8.38
CA ARG G 38 -0.96 -11.98 8.18
C ARG G 38 -0.84 -11.31 6.83
N ASP G 39 -1.36 -11.99 5.81
CA ASP G 39 -1.18 -11.58 4.43
C ASP G 39 -2.55 -11.38 3.81
N GLU G 40 -3.02 -10.13 3.85
CA GLU G 40 -4.27 -9.78 3.19
C GLU G 40 -3.98 -9.01 1.92
N ALA G 41 -3.05 -9.51 1.10
CA ALA G 41 -2.40 -8.73 0.04
C ALA G 41 -3.35 -8.53 -1.12
N PRO G 42 -3.94 -7.36 -1.23
CA PRO G 42 -4.55 -6.98 -2.50
C PRO G 42 -3.50 -6.35 -3.39
N ASP G 43 -2.42 -5.88 -2.75
CA ASP G 43 -1.37 -5.14 -3.43
C ASP G 43 0.03 -5.56 -3.02
N GLY G 44 0.17 -6.55 -2.15
CA GLY G 44 1.49 -7.01 -1.81
C GLY G 44 2.04 -6.32 -0.58
N MET G 45 1.25 -6.33 0.48
CA MET G 45 1.68 -5.89 1.81
C MET G 45 1.52 -7.06 2.78
N LEU G 46 2.55 -7.90 2.85
CA LEU G 46 2.51 -9.02 3.78
C LEU G 46 3.04 -8.56 5.13
N LYS G 47 2.34 -8.96 6.20
CA LYS G 47 2.75 -8.61 7.55
C LYS G 47 3.05 -9.90 8.28
N ILE G 48 4.31 -10.20 8.47
CA ILE G 48 4.72 -11.41 9.18
C ILE G 48 4.74 -11.10 10.66
N GLN G 49 4.22 -12.02 11.46
CA GLN G 49 4.06 -11.79 12.89
C GLN G 49 5.32 -12.28 13.59
N VAL G 50 5.84 -11.48 14.50
CA VAL G 50 6.98 -11.84 15.32
C VAL G 50 6.63 -11.57 16.79
N SER G 51 7.13 -12.42 17.66
CA SER G 51 6.83 -12.34 19.09
C SER G 51 7.57 -11.20 19.83
N ALA G 52 8.23 -10.25 19.18
CA ALA G 52 8.75 -9.07 19.83
C ALA G 52 7.82 -7.92 19.51
N GLN G 53 8.06 -6.77 20.13
CA GLN G 53 7.27 -5.57 19.91
C GLN G 53 7.87 -4.81 18.74
N ILE G 54 7.74 -5.37 17.54
CA ILE G 54 8.26 -4.77 16.32
C ILE G 54 7.22 -3.81 15.79
N GLY G 55 7.51 -2.52 15.90
CA GLY G 55 6.51 -1.49 15.84
C GLY G 55 6.42 -0.66 17.09
N LEU G 56 7.51 -0.59 17.87
CA LEU G 56 7.58 0.12 19.14
C LEU G 56 8.95 -0.16 19.75
N ASP G 57 9.36 0.65 20.72
CA ASP G 57 10.57 0.35 21.49
C ASP G 57 10.22 -0.48 22.72
N LYS G 58 11.27 -1.03 23.35
CA LYS G 58 11.11 -1.85 24.56
C LYS G 58 10.60 -1.02 25.73
N ALA G 59 11.16 0.18 25.92
CA ALA G 59 10.53 1.10 26.85
C ALA G 59 9.36 1.81 26.19
N GLY G 60 9.37 1.88 24.86
CA GLY G 60 8.32 2.56 24.12
C GLY G 60 8.77 3.57 23.10
N THR G 61 10.01 3.51 22.63
CA THR G 61 10.48 4.47 21.63
C THR G 61 9.97 4.12 20.23
N HIS G 62 9.11 4.97 19.70
CA HIS G 62 8.56 4.81 18.36
C HIS G 62 9.53 5.35 17.33
N ALA G 63 10.26 4.44 16.68
CA ALA G 63 11.23 4.83 15.67
C ALA G 63 11.88 3.53 15.19
N HIS G 64 12.62 3.61 14.09
CA HIS G 64 13.40 2.44 13.67
C HIS G 64 14.58 2.15 14.59
N THR G 65 15.12 3.16 15.27
CA THR G 65 16.19 2.95 16.22
C THR G 65 15.67 2.53 17.59
N LYS G 66 14.40 2.75 17.87
CA LYS G 66 13.72 2.05 18.95
C LYS G 66 12.96 0.89 18.32
N ILE G 67 13.69 -0.14 17.91
CA ILE G 67 13.10 -1.35 17.37
C ILE G 67 13.07 -2.38 18.48
N ARG G 68 11.87 -2.78 18.88
CA ARG G 68 11.70 -3.65 20.01
C ARG G 68 11.65 -5.10 19.53
N TYR G 69 12.42 -5.94 20.19
CA TYR G 69 12.16 -7.37 20.29
C TYR G 69 12.17 -7.68 21.77
N MET G 70 11.61 -8.82 22.15
CA MET G 70 11.43 -9.10 23.56
C MET G 70 12.12 -10.41 23.94
N ALA G 71 12.68 -10.44 25.14
CA ALA G 71 13.02 -11.69 25.81
C ALA G 71 13.41 -11.38 27.26
N GLY G 72 13.26 -12.38 28.14
CA GLY G 72 13.57 -12.25 29.57
C GLY G 72 15.03 -11.97 29.86
N HIS G 73 15.92 -12.55 29.06
CA HIS G 73 17.09 -11.83 28.61
C HIS G 73 16.66 -10.87 27.51
N ASP G 74 16.72 -9.58 27.83
CA ASP G 74 15.75 -8.51 27.60
C ASP G 74 15.14 -8.20 26.23
N VAL G 75 14.31 -7.16 26.23
CA VAL G 75 13.92 -6.46 25.01
C VAL G 75 15.20 -5.99 24.34
N GLN G 76 15.45 -6.49 23.14
CA GLN G 76 16.52 -6.06 22.28
C GLN G 76 16.04 -4.82 21.55
N GLU G 77 16.87 -3.78 21.59
CA GLU G 77 16.57 -2.47 21.03
C GLU G 77 17.51 -2.35 19.84
N SER G 78 16.94 -2.46 18.64
CA SER G 78 17.75 -2.38 17.44
C SER G 78 17.48 -1.10 16.67
N LYS G 79 18.45 -0.73 15.86
CA LYS G 79 18.21 0.10 14.69
C LYS G 79 17.54 -0.79 13.65
N ARG G 80 16.77 -0.16 12.75
CA ARG G 80 15.78 -0.89 11.96
C ARG G 80 16.37 -1.71 10.82
N ASP G 81 17.67 -1.57 10.54
CA ASP G 81 18.32 -2.44 9.56
C ASP G 81 18.46 -3.86 10.07
N SER G 82 18.45 -4.08 11.39
CA SER G 82 18.46 -5.40 11.98
C SER G 82 17.08 -6.06 11.96
N LEU G 83 16.08 -5.41 11.40
CA LEU G 83 14.92 -6.11 10.89
C LEU G 83 15.35 -6.73 9.57
N ARG G 84 15.04 -7.98 9.39
CA ARG G 84 15.65 -8.71 8.29
C ARG G 84 14.59 -9.31 7.39
N VAL G 85 14.44 -8.73 6.21
CA VAL G 85 13.66 -9.33 5.13
C VAL G 85 14.61 -10.24 4.39
N TYR G 86 14.31 -11.53 4.37
CA TYR G 86 15.12 -12.54 3.71
C TYR G 86 14.15 -13.45 2.99
N THR G 87 13.24 -12.86 2.21
CA THR G 87 12.09 -13.58 1.68
C THR G 87 12.38 -14.33 0.40
N SER G 88 13.61 -14.84 0.23
CA SER G 88 14.22 -15.11 -1.07
C SER G 88 14.87 -13.84 -1.62
N ALA G 89 14.88 -12.79 -0.80
CA ALA G 89 15.59 -11.56 -1.08
C ALA G 89 15.28 -10.59 0.04
N ALA G 90 15.93 -9.43 0.01
CA ALA G 90 15.55 -8.33 0.87
C ALA G 90 14.32 -7.63 0.28
N CYS G 91 13.15 -7.98 0.79
CA CYS G 91 11.91 -7.40 0.31
C CYS G 91 11.78 -5.96 0.78
N SER G 92 10.99 -5.18 0.04
CA SER G 92 10.79 -3.75 0.29
C SER G 92 9.91 -3.61 1.52
N ILE G 93 10.53 -3.44 2.68
CA ILE G 93 9.79 -3.47 3.93
C ILE G 93 9.18 -2.11 4.19
N HIS G 94 7.87 -2.07 4.36
CA HIS G 94 7.20 -0.87 4.81
C HIS G 94 7.54 -0.52 6.25
N GLY G 95 7.51 -1.51 7.13
CA GLY G 95 7.87 -1.26 8.51
C GLY G 95 7.31 -2.36 9.40
N THR G 96 7.12 -2.00 10.66
CA THR G 96 6.59 -2.94 11.64
C THR G 96 5.48 -2.26 12.43
N MET G 97 4.50 -3.03 12.88
CA MET G 97 3.50 -2.54 13.79
C MET G 97 3.17 -3.67 14.76
N GLY G 98 3.37 -3.41 16.06
CA GLY G 98 2.95 -4.34 17.10
C GLY G 98 3.80 -5.60 17.10
N HIS G 99 3.19 -6.68 16.64
CA HIS G 99 3.92 -7.93 16.49
C HIS G 99 4.19 -8.27 15.05
N PHE G 100 3.53 -7.60 14.11
CA PHE G 100 3.63 -7.95 12.70
C PHE G 100 4.53 -6.94 12.03
N ILE G 101 5.00 -7.25 10.83
CA ILE G 101 5.81 -6.35 10.04
C ILE G 101 5.29 -6.40 8.62
N VAL G 102 4.99 -5.25 8.06
CA VAL G 102 4.39 -5.17 6.74
C VAL G 102 5.48 -4.79 5.74
N ALA G 103 5.35 -5.31 4.52
CA ALA G 103 6.25 -4.94 3.44
C ALA G 103 5.82 -5.54 2.11
N HIS G 104 6.57 -5.20 1.07
CA HIS G 104 6.44 -5.83 -0.23
C HIS G 104 7.76 -6.49 -0.56
N CYS G 105 7.80 -7.24 -1.65
CA CYS G 105 9.02 -7.93 -2.05
C CYS G 105 8.75 -8.72 -3.31
N PRO G 106 9.77 -9.35 -3.87
CA PRO G 106 9.53 -10.26 -5.01
C PRO G 106 8.96 -11.57 -4.53
N PRO G 107 8.56 -12.46 -5.45
CA PRO G 107 7.99 -13.76 -5.04
C PRO G 107 9.02 -14.73 -4.50
N GLY G 108 8.56 -15.88 -4.00
CA GLY G 108 9.48 -16.85 -3.41
C GLY G 108 8.76 -17.82 -2.49
N ASP G 109 9.56 -18.73 -1.93
CA ASP G 109 9.06 -19.71 -0.96
C ASP G 109 9.84 -19.72 0.35
N TYR G 110 10.99 -19.04 0.43
CA TYR G 110 11.89 -19.17 1.56
C TYR G 110 12.02 -17.84 2.27
N LEU G 111 11.20 -17.64 3.30
CA LEU G 111 11.16 -16.37 4.01
C LEU G 111 12.09 -16.44 5.20
N LYS G 112 12.78 -15.34 5.46
CA LYS G 112 13.70 -15.26 6.56
C LYS G 112 13.45 -13.95 7.28
N VAL G 113 13.37 -14.01 8.60
CA VAL G 113 13.25 -12.83 9.44
C VAL G 113 14.54 -12.72 10.24
N SER G 114 15.32 -11.68 9.97
CA SER G 114 16.59 -11.50 10.67
C SER G 114 16.35 -10.57 11.85
N PHE G 115 16.98 -10.89 12.97
CA PHE G 115 16.93 -10.06 14.18
C PHE G 115 18.33 -9.93 14.77
N GLU G 116 19.03 -8.88 14.35
CA GLU G 116 20.40 -8.67 14.74
C GLU G 116 20.71 -7.24 15.14
N ASP G 117 19.77 -6.51 15.72
CA ASP G 117 19.98 -5.12 16.12
C ASP G 117 20.82 -5.03 17.39
N ALA G 118 22.14 -5.16 17.19
CA ALA G 118 23.19 -4.88 18.16
C ALA G 118 23.41 -5.95 19.23
N ASP G 119 22.56 -6.96 19.30
CA ASP G 119 22.71 -7.96 20.33
C ASP G 119 23.30 -9.25 19.81
N SER G 120 23.68 -9.29 18.53
CA SER G 120 24.16 -10.52 17.92
C SER G 120 24.61 -10.20 16.51
N HIS G 121 25.04 -11.21 15.77
CA HIS G 121 25.17 -11.02 14.33
C HIS G 121 23.75 -10.88 13.77
N VAL G 122 23.01 -11.98 13.69
CA VAL G 122 21.59 -11.93 13.37
C VAL G 122 20.96 -13.26 13.74
N LYS G 123 19.85 -13.21 14.46
CA LYS G 123 19.06 -14.42 14.70
C LYS G 123 18.07 -14.56 13.55
N ALA G 124 18.20 -15.63 12.78
CA ALA G 124 17.50 -15.73 11.51
C ALA G 124 16.38 -16.76 11.59
N CYS G 125 15.21 -16.28 12.00
CA CYS G 125 14.00 -17.09 12.04
C CYS G 125 13.53 -17.33 10.61
N LYS G 126 13.99 -18.45 10.06
CA LYS G 126 13.56 -18.91 8.75
C LYS G 126 12.15 -19.45 8.86
N VAL G 127 11.44 -19.46 7.73
CA VAL G 127 10.11 -20.05 7.60
C VAL G 127 9.84 -20.26 6.12
N GLN G 128 8.86 -21.12 5.82
CA GLN G 128 8.41 -21.26 4.45
C GLN G 128 7.67 -20.00 4.07
N TYR G 129 8.35 -19.08 3.40
CA TYR G 129 7.74 -17.80 3.09
C TYR G 129 7.16 -17.91 1.70
N LYS G 130 6.11 -18.69 1.56
CA LYS G 130 5.37 -18.75 0.31
C LYS G 130 4.65 -17.44 0.09
N HIS G 131 5.25 -16.57 -0.72
CA HIS G 131 4.65 -15.33 -1.17
C HIS G 131 4.51 -15.48 -2.67
N ASP G 132 3.28 -15.43 -3.17
CA ASP G 132 3.02 -15.68 -4.56
C ASP G 132 3.10 -14.36 -5.31
N PRO G 133 2.94 -14.39 -6.62
CA PRO G 133 2.66 -13.13 -7.33
C PRO G 133 1.30 -12.59 -6.97
N LEU G 134 0.25 -13.33 -7.32
CA LEU G 134 -1.13 -12.85 -7.26
C LEU G 134 -1.27 -11.57 -8.07
N PRO G 135 -0.87 -11.56 -9.34
CA PRO G 135 -0.83 -10.31 -10.11
C PRO G 135 -2.22 -9.87 -10.53
N VAL G 136 -2.37 -8.55 -10.72
CA VAL G 136 -3.63 -7.97 -11.14
C VAL G 136 -3.45 -7.20 -12.44
N GLY G 137 -4.47 -7.20 -13.28
CA GLY G 137 -4.43 -6.54 -14.57
C GLY G 137 -4.63 -7.51 -15.71
N ARG G 138 -4.57 -6.96 -16.92
CA ARG G 138 -4.60 -7.80 -18.11
C ARG G 138 -3.22 -8.39 -18.37
N GLU G 139 -2.18 -7.72 -17.86
CA GLU G 139 -0.81 -8.02 -18.22
C GLU G 139 -0.06 -8.82 -17.16
N LYS G 140 1.23 -9.06 -17.41
CA LYS G 140 2.17 -9.54 -16.41
C LYS G 140 3.30 -8.56 -16.20
N PHE G 141 3.00 -7.26 -16.24
CA PHE G 141 3.96 -6.22 -15.91
C PHE G 141 3.61 -5.66 -14.54
N VAL G 142 4.63 -5.25 -13.79
CA VAL G 142 4.41 -4.67 -12.47
C VAL G 142 5.39 -3.53 -12.25
N VAL G 143 4.89 -2.29 -12.29
CA VAL G 143 5.73 -1.11 -12.13
C VAL G 143 4.89 0.12 -11.79
N ARG G 144 5.52 1.11 -11.18
CA ARG G 144 4.90 2.43 -11.03
C ARG G 144 5.06 3.35 -12.24
N PRO G 145 6.14 3.29 -13.01
CA PRO G 145 6.64 4.49 -13.71
C PRO G 145 6.09 4.76 -15.11
N HIS G 146 5.00 4.13 -15.52
CA HIS G 146 4.33 4.53 -16.75
C HIS G 146 2.94 5.01 -16.39
N PHE G 147 2.27 5.64 -17.33
CA PHE G 147 0.90 6.05 -17.10
C PHE G 147 0.00 4.96 -17.67
N GLY G 148 -0.27 3.93 -16.88
CA GLY G 148 -0.94 2.80 -17.47
C GLY G 148 -2.08 2.15 -16.72
N VAL G 149 -2.42 2.61 -15.50
CA VAL G 149 -3.51 1.98 -14.77
C VAL G 149 -3.85 2.74 -13.50
N GLU G 150 -5.12 2.64 -13.11
CA GLU G 150 -5.57 2.85 -11.75
C GLU G 150 -6.31 1.60 -11.31
N LEU G 151 -5.58 0.63 -10.85
CA LEU G 151 -6.15 -0.65 -10.48
C LEU G 151 -6.60 -0.61 -9.02
N PRO G 152 -7.90 -0.75 -8.77
CA PRO G 152 -8.40 -0.59 -7.40
C PRO G 152 -8.22 -1.87 -6.61
N CYS G 153 -7.03 -2.05 -6.04
CA CYS G 153 -6.69 -3.25 -5.30
C CYS G 153 -6.87 -2.99 -3.81
N THR G 154 -6.55 -4.01 -3.03
CA THR G 154 -6.56 -3.93 -1.58
C THR G 154 -5.18 -3.51 -1.13
N SER G 155 -5.08 -3.00 0.09
CA SER G 155 -3.80 -2.60 0.66
C SER G 155 -3.84 -2.80 2.16
N TYR G 156 -2.85 -3.53 2.66
CA TYR G 156 -2.61 -3.58 4.09
C TYR G 156 -2.09 -2.21 4.48
N GLN G 157 -3.02 -1.34 4.91
CA GLN G 157 -2.82 0.10 4.84
C GLN G 157 -1.87 0.55 5.93
N LEU G 158 -1.40 1.80 5.82
CA LEU G 158 -0.34 2.29 6.67
C LEU G 158 -0.79 2.69 8.07
N THR G 159 -2.02 2.39 8.45
CA THR G 159 -2.54 2.82 9.73
C THR G 159 -2.00 1.94 10.84
N THR G 160 -1.52 2.59 11.90
CA THR G 160 -1.39 1.95 13.20
C THR G 160 -2.72 2.14 13.90
N ALA G 161 -3.47 1.05 14.06
CA ALA G 161 -4.86 1.16 14.44
C ALA G 161 -5.00 1.25 15.96
N PRO G 162 -5.91 2.08 16.44
CA PRO G 162 -6.19 2.09 17.88
C PRO G 162 -7.27 1.08 18.20
N THR G 163 -8.02 0.69 17.17
CA THR G 163 -8.80 -0.53 17.22
C THR G 163 -9.21 -0.89 15.80
N ASP G 164 -8.64 -1.97 15.29
CA ASP G 164 -9.10 -2.56 14.04
C ASP G 164 -9.51 -4.00 14.30
N GLU G 165 -8.61 -4.76 14.91
CA GLU G 165 -8.77 -6.19 15.08
C GLU G 165 -8.52 -6.53 16.54
N GLU G 166 -8.17 -7.80 16.79
CA GLU G 166 -7.74 -8.25 18.10
C GLU G 166 -6.52 -9.15 17.94
N ILE G 167 -5.35 -8.60 18.21
CA ILE G 167 -4.20 -9.42 18.55
C ILE G 167 -4.33 -9.81 20.01
N ASP G 168 -4.54 -11.09 20.27
CA ASP G 168 -4.90 -11.59 21.60
C ASP G 168 -3.65 -11.91 22.41
N MET G 169 -3.51 -11.29 23.56
CA MET G 169 -2.38 -11.52 24.44
C MET G 169 -2.90 -11.76 25.86
N HIS G 170 -2.44 -12.83 26.48
CA HIS G 170 -2.83 -13.21 27.84
C HIS G 170 -1.98 -14.42 28.19
N THR G 171 -2.11 -14.89 29.43
CA THR G 171 -1.43 -16.10 29.91
C THR G 171 0.08 -16.00 29.89
N PRO G 172 0.70 -15.31 30.84
CA PRO G 172 2.16 -15.16 30.84
C PRO G 172 2.87 -16.47 31.09
N PRO G 173 3.70 -16.93 30.16
CA PRO G 173 4.29 -18.26 30.28
C PRO G 173 5.40 -18.33 31.31
N ASP G 174 5.93 -19.54 31.49
CA ASP G 174 6.97 -19.78 32.49
C ASP G 174 8.16 -20.38 31.74
N ILE G 175 9.37 -20.08 32.20
CA ILE G 175 10.58 -20.50 31.49
C ILE G 175 11.24 -21.62 32.26
N PRO G 176 11.67 -22.67 31.54
CA PRO G 176 12.32 -23.81 32.21
C PRO G 176 13.71 -23.47 32.72
N ASP G 177 13.91 -23.53 34.03
CA ASP G 177 15.12 -22.97 34.59
C ASP G 177 15.66 -23.75 35.78
N ARG G 178 16.62 -24.63 35.51
CA ARG G 178 17.58 -25.03 36.52
C ARG G 178 18.96 -24.46 36.23
N THR G 179 19.15 -23.91 35.03
CA THR G 179 20.46 -23.40 34.62
C THR G 179 20.68 -21.94 34.99
N LEU G 180 19.61 -21.16 35.17
CA LEU G 180 19.70 -19.81 35.68
C LEU G 180 20.00 -19.74 37.17
N LEU G 181 19.84 -20.86 37.88
CA LEU G 181 20.20 -21.00 39.29
C LEU G 181 21.39 -21.93 39.42
N SER G 182 21.93 -22.02 40.64
CA SER G 182 23.19 -22.73 40.89
C SER G 182 22.94 -23.86 41.88
N GLN G 183 23.50 -25.03 41.59
CA GLN G 183 23.19 -26.22 42.37
C GLN G 183 24.22 -26.45 43.47
N THR G 184 23.73 -26.77 44.66
CA THR G 184 24.62 -27.07 45.78
C THR G 184 24.99 -28.55 45.74
N ALA G 185 25.67 -29.04 46.77
CA ALA G 185 26.05 -30.44 46.81
C ALA G 185 24.83 -31.31 47.09
N GLY G 186 24.16 -31.08 48.22
CA GLY G 186 22.94 -31.78 48.52
C GLY G 186 21.76 -30.87 48.33
N ASN G 187 21.97 -29.75 47.64
CA ASN G 187 20.93 -28.74 47.49
C ASN G 187 21.02 -27.97 46.19
N VAL G 188 20.32 -26.87 46.19
CA VAL G 188 20.50 -25.78 45.22
C VAL G 188 20.90 -24.54 46.00
N LYS G 189 22.14 -24.08 45.81
CA LYS G 189 22.61 -22.84 46.42
C LYS G 189 22.62 -21.75 45.36
N ILE G 190 21.43 -21.33 44.93
CA ILE G 190 21.29 -20.58 43.69
C ILE G 190 20.36 -19.39 43.90
N THR G 191 20.41 -18.44 42.96
CA THR G 191 19.55 -17.26 43.00
C THR G 191 18.57 -17.34 41.85
N ALA G 192 17.41 -16.70 42.02
CA ALA G 192 16.41 -16.62 40.95
C ALA G 192 16.55 -15.29 40.23
N GLY G 193 16.31 -15.29 38.92
CA GLY G 193 16.32 -14.06 38.14
C GLY G 193 16.39 -14.31 36.64
N GLY G 194 15.59 -13.56 35.88
CA GLY G 194 15.39 -13.90 34.47
C GLY G 194 14.04 -14.56 34.30
N ARG G 195 13.41 -14.89 35.44
CA ARG G 195 12.02 -15.35 35.49
C ARG G 195 11.59 -15.47 36.96
N THR G 196 10.28 -15.39 37.18
CA THR G 196 9.69 -15.63 38.49
C THR G 196 9.70 -17.12 38.72
N ILE G 197 10.80 -17.61 39.25
CA ILE G 197 11.14 -19.04 39.23
C ILE G 197 10.64 -19.73 40.47
N ARG G 198 9.50 -20.40 40.32
CA ARG G 198 8.99 -21.34 41.30
C ARG G 198 9.97 -22.49 41.38
N TYR G 199 10.23 -22.98 42.60
CA TYR G 199 11.20 -24.03 42.81
C TYR G 199 10.49 -25.38 42.99
N ASN G 200 11.26 -26.45 42.76
CA ASN G 200 10.79 -27.82 42.95
C ASN G 200 12.00 -28.67 43.31
N CYS G 201 12.09 -29.03 44.59
CA CYS G 201 13.24 -29.75 45.12
C CYS G 201 12.83 -31.19 45.35
N THR G 202 13.80 -32.10 45.31
CA THR G 202 13.56 -33.51 45.56
C THR G 202 13.16 -33.82 46.99
N CYS G 203 13.54 -32.97 47.95
CA CYS G 203 13.00 -32.99 49.29
C CYS G 203 13.36 -31.67 49.95
N GLY G 204 12.34 -30.94 50.39
CA GLY G 204 12.61 -29.68 51.05
C GLY G 204 11.63 -28.57 50.75
N ARG G 205 11.76 -27.48 51.50
CA ARG G 205 10.88 -26.31 51.36
C ARG G 205 11.41 -25.29 50.35
N ASP G 206 12.30 -25.71 49.45
CA ASP G 206 12.65 -24.93 48.27
C ASP G 206 11.73 -25.36 47.13
N ASN G 207 10.90 -26.36 47.42
CA ASN G 207 9.91 -26.89 46.49
C ASN G 207 8.67 -26.01 46.37
N VAL G 208 8.56 -24.94 47.15
CA VAL G 208 7.60 -23.89 46.85
C VAL G 208 8.27 -22.56 47.15
N GLY G 209 8.93 -21.97 46.17
CA GLY G 209 9.40 -20.61 46.31
C GLY G 209 9.59 -19.96 44.97
N THR G 210 8.91 -18.84 44.76
CA THR G 210 8.98 -18.12 43.50
C THR G 210 10.22 -17.25 43.49
N THR G 211 10.79 -17.02 42.31
CA THR G 211 12.16 -16.55 42.19
C THR G 211 12.23 -15.05 41.89
N SER G 212 12.64 -14.29 42.90
CA SER G 212 13.30 -13.01 42.69
C SER G 212 14.51 -12.93 43.60
N THR G 213 14.58 -13.82 44.58
CA THR G 213 15.65 -13.88 45.56
C THR G 213 15.80 -15.30 46.06
N ASP G 214 16.86 -15.95 45.61
CA ASP G 214 17.00 -17.39 45.80
C ASP G 214 17.62 -17.69 47.16
N LYS G 215 18.06 -18.94 47.35
CA LYS G 215 18.63 -19.36 48.62
C LYS G 215 19.38 -20.66 48.40
N THR G 216 19.75 -21.28 49.51
CA THR G 216 20.41 -22.57 49.50
C THR G 216 19.52 -23.58 50.19
N ILE G 217 18.98 -24.51 49.40
CA ILE G 217 18.08 -25.52 49.91
C ILE G 217 18.82 -26.85 49.83
N ASN G 218 19.21 -27.38 50.98
CA ASN G 218 19.89 -28.66 51.08
C ASN G 218 18.87 -29.79 51.11
N THR G 219 19.38 -31.02 50.97
CA THR G 219 18.63 -32.27 51.16
C THR G 219 17.70 -32.63 50.00
N CYS G 220 17.55 -31.75 49.00
CA CYS G 220 16.85 -32.07 47.76
C CYS G 220 17.50 -31.28 46.65
N LYS G 221 18.47 -31.89 45.99
CA LYS G 221 19.34 -31.17 45.07
C LYS G 221 18.80 -31.27 43.65
N ILE G 222 19.61 -30.77 42.72
CA ILE G 222 19.46 -31.12 41.31
C ILE G 222 19.71 -32.62 41.18
N ASP G 223 19.09 -33.24 40.19
CA ASP G 223 18.68 -34.60 40.49
C ASP G 223 17.50 -34.49 41.45
N GLN G 224 16.33 -34.18 40.88
CA GLN G 224 15.15 -33.80 41.65
C GLN G 224 15.08 -32.31 41.89
N CYS G 225 15.90 -31.54 41.17
CA CYS G 225 15.79 -30.09 41.22
C CYS G 225 15.20 -29.57 39.92
N HIS G 226 14.28 -28.61 40.06
CA HIS G 226 13.62 -27.97 38.93
C HIS G 226 13.12 -26.59 39.34
N ALA G 227 12.85 -25.75 38.34
CA ALA G 227 12.36 -24.41 38.58
C ALA G 227 11.70 -23.90 37.30
N ALA G 228 10.64 -23.11 37.46
CA ALA G 228 9.95 -22.52 36.32
C ALA G 228 9.97 -21.00 36.45
N VAL G 229 10.40 -20.30 35.40
CA VAL G 229 10.68 -18.86 35.47
C VAL G 229 9.53 -18.13 34.77
N THR G 230 8.50 -17.77 35.54
CA THR G 230 7.33 -17.06 35.04
C THR G 230 7.59 -15.56 34.99
N SER G 231 6.58 -14.80 34.58
CA SER G 231 6.77 -13.39 34.28
C SER G 231 5.55 -12.58 34.69
N HIS G 232 5.81 -11.34 35.08
CA HIS G 232 4.77 -10.36 35.37
C HIS G 232 4.59 -9.47 34.14
N ASP G 233 3.34 -9.02 33.93
CA ASP G 233 2.95 -8.32 32.71
C ASP G 233 3.03 -9.24 31.51
N LYS G 234 2.44 -10.43 31.62
CA LYS G 234 2.56 -11.43 30.59
C LYS G 234 1.25 -11.53 29.83
N TRP G 235 1.20 -10.80 28.72
CA TRP G 235 0.07 -10.83 27.82
C TRP G 235 0.59 -11.11 26.43
N GLN G 236 0.87 -12.38 26.19
CA GLN G 236 1.31 -12.92 24.92
C GLN G 236 0.76 -14.33 24.81
N PHE G 237 -0.16 -14.50 23.86
CA PHE G 237 -0.95 -15.72 23.78
C PHE G 237 -0.45 -16.66 22.69
N THR G 238 0.61 -16.28 21.99
CA THR G 238 0.89 -16.96 20.74
C THR G 238 2.24 -17.65 20.71
N SER G 239 2.57 -18.39 21.77
CA SER G 239 3.75 -19.22 21.69
C SER G 239 3.45 -20.43 20.83
N PRO G 240 3.81 -20.38 19.56
CA PRO G 240 3.57 -21.54 18.69
C PRO G 240 4.70 -22.53 18.91
N PHE G 241 4.39 -23.60 19.64
CA PHE G 241 5.42 -24.52 20.10
C PHE G 241 6.16 -23.98 21.32
N VAL G 242 5.54 -23.03 22.00
CA VAL G 242 5.92 -22.64 23.36
C VAL G 242 4.96 -23.36 24.30
N PRO G 243 5.31 -23.58 25.56
CA PRO G 243 4.38 -24.25 26.48
C PRO G 243 3.33 -23.27 26.98
N ARG G 244 2.06 -23.64 26.86
CA ARG G 244 1.00 -22.77 27.34
C ARG G 244 0.24 -23.55 28.40
N ALA G 245 0.81 -23.57 29.59
CA ALA G 245 0.10 -23.88 30.81
C ALA G 245 0.43 -22.81 31.83
N ASP G 246 0.91 -21.66 31.35
CA ASP G 246 0.90 -20.44 32.13
C ASP G 246 -0.57 -20.14 32.30
N GLN G 247 -1.08 -20.43 33.50
CA GLN G 247 -2.42 -20.98 33.70
C GLN G 247 -3.57 -20.02 33.47
N THR G 248 -3.29 -18.75 33.19
CA THR G 248 -4.34 -17.80 32.86
C THR G 248 -4.97 -18.14 31.52
N ALA G 249 -6.05 -18.91 31.57
CA ALA G 249 -6.86 -19.21 30.39
C ALA G 249 -7.75 -18.02 30.05
N ARG G 250 -7.13 -16.97 29.52
CA ARG G 250 -7.82 -15.74 29.17
C ARG G 250 -6.82 -14.80 28.52
N ARG G 251 -7.29 -14.06 27.53
CA ARG G 251 -6.48 -13.08 26.84
C ARG G 251 -7.18 -11.74 26.85
N GLY G 252 -6.39 -10.67 26.96
CA GLY G 252 -6.81 -9.37 26.50
C GLY G 252 -6.60 -9.28 25.00
N LYS G 253 -7.11 -8.19 24.43
CA LYS G 253 -7.09 -8.02 22.98
C LYS G 253 -5.90 -7.18 22.60
N VAL G 254 -5.90 -6.71 21.35
CA VAL G 254 -5.04 -5.63 20.89
C VAL G 254 -5.56 -5.17 19.54
N HIS G 255 -5.33 -3.90 19.20
CA HIS G 255 -5.75 -3.36 17.92
C HIS G 255 -4.90 -3.95 16.78
N VAL G 256 -5.39 -3.75 15.57
CA VAL G 256 -4.79 -4.43 14.42
C VAL G 256 -4.20 -3.43 13.46
N PRO G 257 -2.96 -2.98 13.67
CA PRO G 257 -2.32 -2.06 12.72
C PRO G 257 -1.90 -2.80 11.47
N PHE G 258 -1.76 -2.05 10.40
CA PHE G 258 -1.67 -2.65 9.08
C PHE G 258 -2.98 -3.31 8.66
N PRO G 259 -4.07 -2.56 8.52
CA PRO G 259 -5.34 -3.17 8.11
C PRO G 259 -5.57 -3.01 6.62
N LEU G 260 -6.46 -3.84 6.07
CA LEU G 260 -6.75 -3.77 4.64
C LEU G 260 -7.70 -2.61 4.35
N THR G 261 -7.59 -2.07 3.14
CA THR G 261 -8.40 -0.95 2.67
C THR G 261 -8.30 -0.86 1.15
N ASN G 262 -9.02 0.09 0.57
CA ASN G 262 -9.09 0.17 -0.88
C ASN G 262 -8.12 1.23 -1.43
N VAL G 263 -7.25 0.81 -2.35
CA VAL G 263 -6.26 1.71 -2.93
C VAL G 263 -5.99 1.29 -4.37
N THR G 264 -5.92 2.27 -5.26
CA THR G 264 -5.56 2.02 -6.64
C THR G 264 -4.06 1.77 -6.78
N CYS G 265 -3.64 1.44 -8.00
CA CYS G 265 -2.24 1.20 -8.31
C CYS G 265 -2.01 1.49 -9.79
N ARG G 266 -0.76 1.44 -10.23
CA ARG G 266 -0.41 1.67 -11.63
C ARG G 266 -0.34 0.34 -12.37
N VAL G 267 -0.80 0.32 -13.61
CA VAL G 267 -1.08 -0.94 -14.31
C VAL G 267 -0.26 -1.09 -15.58
N PRO G 268 0.10 -2.32 -15.92
CA PRO G 268 0.71 -2.58 -17.23
C PRO G 268 -0.31 -2.88 -18.31
N LEU G 269 -0.91 -1.84 -18.90
CA LEU G 269 -1.82 -1.99 -20.02
C LEU G 269 -1.08 -2.56 -21.22
N ALA G 270 -1.42 -3.78 -21.60
CA ALA G 270 -0.54 -4.54 -22.47
C ALA G 270 -0.90 -4.28 -23.92
N ARG G 271 0.12 -3.95 -24.72
CA ARG G 271 -0.04 -3.36 -26.04
C ARG G 271 -0.62 -4.36 -27.03
N ALA G 272 -1.12 -3.82 -28.11
CA ALA G 272 -1.86 -4.63 -29.06
C ALA G 272 -1.14 -4.62 -30.40
N PRO G 273 -1.23 -5.68 -31.17
CA PRO G 273 -0.33 -5.85 -32.30
C PRO G 273 -0.88 -5.22 -33.56
N ASP G 274 -0.18 -5.49 -34.66
CA ASP G 274 -0.66 -5.09 -35.96
C ASP G 274 -1.78 -6.01 -36.39
N VAL G 275 -2.90 -5.40 -36.74
CA VAL G 275 -4.11 -6.13 -37.05
C VAL G 275 -4.57 -5.73 -38.44
N THR G 276 -4.26 -6.56 -39.41
CA THR G 276 -4.70 -6.34 -40.78
C THR G 276 -6.05 -7.04 -40.86
N TYR G 277 -7.10 -6.27 -41.07
CA TYR G 277 -8.42 -6.84 -41.24
C TYR G 277 -8.59 -7.21 -42.71
N GLY G 278 -7.94 -8.32 -43.10
CA GLY G 278 -7.80 -8.65 -44.50
C GLY G 278 -9.09 -9.20 -45.07
N LYS G 279 -9.08 -9.38 -46.39
CA LYS G 279 -10.29 -9.57 -47.18
C LYS G 279 -11.03 -10.87 -46.90
N LYS G 280 -10.41 -11.80 -46.15
CA LYS G 280 -11.16 -12.93 -45.63
C LYS G 280 -11.05 -13.08 -44.12
N GLU G 281 -10.12 -12.37 -43.49
CA GLU G 281 -9.89 -12.63 -42.06
C GLU G 281 -9.03 -11.53 -41.45
N VAL G 282 -9.37 -11.13 -40.23
CA VAL G 282 -8.53 -10.22 -39.48
C VAL G 282 -7.30 -10.99 -39.00
N THR G 283 -6.24 -10.29 -38.71
CA THR G 283 -5.01 -10.92 -38.26
C THR G 283 -4.21 -9.95 -37.42
N LEU G 284 -4.05 -10.28 -36.15
CA LEU G 284 -3.31 -9.45 -35.22
C LEU G 284 -2.01 -10.17 -34.92
N ARG G 285 -0.97 -9.41 -34.63
CA ARG G 285 0.34 -9.94 -34.31
C ARG G 285 0.92 -9.05 -33.22
N LEU G 286 1.26 -9.65 -32.09
CA LEU G 286 1.61 -8.92 -30.88
C LEU G 286 3.03 -9.27 -30.47
N HIS G 287 3.74 -8.26 -29.97
CA HIS G 287 5.10 -8.47 -29.48
C HIS G 287 5.05 -9.01 -28.06
N PRO G 288 6.20 -9.39 -27.51
CA PRO G 288 6.25 -9.80 -26.10
C PRO G 288 6.20 -8.58 -25.19
N ASP G 289 5.73 -8.78 -23.97
CA ASP G 289 5.60 -7.74 -22.96
C ASP G 289 5.87 -8.37 -21.59
N HIS G 290 5.41 -7.72 -20.53
CA HIS G 290 5.07 -8.46 -19.32
C HIS G 290 3.95 -9.43 -19.68
N PRO G 291 3.96 -10.66 -19.12
CA PRO G 291 3.18 -11.77 -19.72
C PRO G 291 1.67 -11.66 -19.58
N THR G 292 1.02 -11.31 -20.69
CA THR G 292 -0.35 -10.81 -20.68
C THR G 292 -1.27 -11.73 -21.44
N LEU G 293 -2.54 -11.75 -21.04
CA LEU G 293 -3.54 -12.59 -21.69
C LEU G 293 -3.96 -11.94 -23.00
N PHE G 294 -3.42 -12.44 -24.09
CA PHE G 294 -4.02 -12.21 -25.40
C PHE G 294 -5.38 -12.89 -25.39
N SER G 295 -6.44 -12.10 -25.60
CA SER G 295 -7.79 -12.52 -25.25
C SER G 295 -8.77 -12.15 -26.35
N TYR G 296 -9.13 -13.12 -27.17
CA TYR G 296 -10.25 -12.98 -28.08
C TYR G 296 -11.50 -13.50 -27.40
N ARG G 297 -12.62 -12.84 -27.68
CA ARG G 297 -13.91 -13.29 -27.19
C ARG G 297 -14.90 -13.24 -28.35
N SER G 298 -15.71 -14.29 -28.47
CA SER G 298 -16.70 -14.41 -29.52
C SER G 298 -17.82 -13.42 -29.31
N LEU G 299 -17.79 -12.35 -30.10
CA LEU G 299 -18.75 -11.26 -29.96
C LEU G 299 -20.13 -11.64 -30.50
N GLY G 300 -21.11 -11.76 -29.60
CA GLY G 300 -22.50 -11.88 -29.99
C GLY G 300 -22.99 -13.31 -30.19
N ALA G 301 -22.14 -14.15 -30.76
CA ALA G 301 -22.55 -15.49 -31.16
C ALA G 301 -22.42 -16.46 -29.99
N GLU G 302 -22.47 -17.75 -30.32
CA GLU G 302 -21.86 -18.77 -29.48
C GLU G 302 -20.40 -18.39 -29.27
N PRO G 303 -20.05 -17.91 -28.09
CA PRO G 303 -18.76 -17.24 -27.92
C PRO G 303 -17.58 -18.17 -27.80
N HIS G 304 -16.70 -18.12 -28.78
CA HIS G 304 -15.39 -18.68 -28.55
C HIS G 304 -14.68 -17.73 -27.61
N PRO G 305 -14.52 -18.09 -26.35
CA PRO G 305 -13.59 -17.33 -25.50
C PRO G 305 -12.23 -17.97 -25.63
N TYR G 306 -11.17 -17.17 -25.59
CA TYR G 306 -9.84 -17.76 -25.62
C TYR G 306 -8.83 -16.67 -25.34
N GLU G 307 -8.10 -16.86 -24.26
CA GLU G 307 -6.99 -15.97 -23.92
C GLU G 307 -5.77 -16.85 -23.74
N GLU G 308 -4.65 -16.21 -23.44
CA GLU G 308 -3.42 -16.92 -23.14
C GLU G 308 -2.46 -15.92 -22.54
N TRP G 309 -1.95 -16.22 -21.35
CA TRP G 309 -1.07 -15.29 -20.64
C TRP G 309 0.34 -15.45 -21.19
N VAL G 310 0.58 -14.88 -22.36
CA VAL G 310 1.76 -15.22 -23.16
C VAL G 310 2.78 -14.10 -23.06
N ASP G 311 3.99 -14.38 -23.55
CA ASP G 311 5.01 -13.33 -23.61
C ASP G 311 5.90 -13.46 -24.84
N LYS G 312 5.48 -14.16 -25.88
CA LYS G 312 6.33 -14.36 -27.05
C LYS G 312 5.54 -13.92 -28.27
N PHE G 313 6.12 -13.00 -29.03
CA PHE G 313 5.37 -12.17 -29.96
C PHE G 313 4.93 -12.95 -31.18
N SER G 314 3.64 -13.26 -31.20
CA SER G 314 3.09 -14.13 -32.22
C SER G 314 1.76 -13.55 -32.68
N GLU G 315 1.13 -14.26 -33.60
CA GLU G 315 -0.03 -13.77 -34.32
C GLU G 315 -1.24 -14.62 -33.99
N ARG G 316 -2.40 -14.12 -34.37
CA ARG G 316 -3.68 -14.81 -34.23
C ARG G 316 -4.59 -14.24 -35.30
N ILE G 317 -5.22 -15.12 -36.07
CA ILE G 317 -6.24 -14.68 -37.00
C ILE G 317 -7.50 -14.34 -36.22
N ILE G 318 -7.96 -13.10 -36.36
CA ILE G 318 -9.30 -12.74 -35.94
C ILE G 318 -10.19 -13.38 -36.99
N PRO G 319 -10.80 -14.52 -36.70
CA PRO G 319 -11.88 -14.99 -37.57
C PRO G 319 -13.06 -14.06 -37.37
N VAL G 320 -13.17 -13.10 -38.28
CA VAL G 320 -14.04 -11.96 -38.08
C VAL G 320 -15.27 -12.15 -38.96
N THR G 321 -16.38 -12.42 -38.31
CA THR G 321 -17.62 -12.66 -39.02
C THR G 321 -18.28 -11.31 -39.26
N GLU G 322 -19.49 -11.36 -39.80
CA GLU G 322 -20.34 -10.18 -39.77
C GLU G 322 -20.65 -9.79 -38.34
N GLU G 323 -21.02 -10.76 -37.51
CA GLU G 323 -21.04 -10.58 -36.07
C GLU G 323 -19.67 -10.27 -35.50
N GLY G 324 -18.69 -11.14 -35.74
CA GLY G 324 -17.33 -10.88 -35.34
C GLY G 324 -17.08 -11.12 -33.86
N ILE G 325 -16.01 -10.50 -33.37
CA ILE G 325 -15.38 -10.95 -32.13
C ILE G 325 -15.07 -9.79 -31.20
N GLU G 326 -14.38 -10.11 -30.09
CA GLU G 326 -13.91 -9.13 -29.12
C GLU G 326 -12.49 -9.53 -28.69
N TYR G 327 -11.51 -8.91 -29.31
CA TYR G 327 -10.10 -9.10 -29.01
C TYR G 327 -9.61 -8.08 -27.97
N GLN G 328 -9.82 -8.38 -26.70
CA GLN G 328 -9.23 -7.60 -25.62
C GLN G 328 -8.00 -8.38 -25.17
N TRP G 329 -6.83 -7.98 -25.66
CA TRP G 329 -5.61 -8.77 -25.48
C TRP G 329 -4.72 -8.06 -24.48
N GLY G 330 -4.89 -8.39 -23.21
CA GLY G 330 -4.16 -7.75 -22.15
C GLY G 330 -4.53 -6.31 -21.88
N ASN G 331 -5.76 -6.08 -21.41
CA ASN G 331 -6.09 -4.86 -20.66
C ASN G 331 -6.47 -3.67 -21.53
N ASN G 332 -6.72 -3.88 -22.81
CA ASN G 332 -7.39 -2.86 -23.61
C ASN G 332 -8.89 -3.11 -23.58
N PRO G 333 -9.67 -2.30 -24.29
CA PRO G 333 -11.06 -2.65 -24.52
C PRO G 333 -11.18 -3.79 -25.51
N PRO G 334 -12.34 -4.42 -25.61
CA PRO G 334 -12.46 -5.61 -26.46
C PRO G 334 -12.54 -5.26 -27.95
N VAL G 335 -11.66 -5.91 -28.70
CA VAL G 335 -11.40 -5.60 -30.10
C VAL G 335 -12.61 -6.00 -30.92
N ARG G 336 -13.32 -4.99 -31.42
CA ARG G 336 -14.65 -5.15 -31.95
C ARG G 336 -14.56 -5.61 -33.40
N LEU G 337 -14.66 -6.91 -33.60
CA LEU G 337 -14.61 -7.51 -34.92
C LEU G 337 -16.00 -7.46 -35.53
N TRP G 338 -16.27 -6.41 -36.28
CA TRP G 338 -17.35 -6.38 -37.25
C TRP G 338 -16.73 -6.23 -38.63
N ALA G 339 -16.70 -7.33 -39.38
CA ALA G 339 -15.85 -7.41 -40.55
C ALA G 339 -16.64 -7.20 -41.84
N GLN G 340 -16.43 -6.04 -42.45
CA GLN G 340 -17.20 -5.65 -43.62
C GLN G 340 -16.70 -4.27 -44.04
N LEU G 341 -17.22 -3.77 -45.15
CA LEU G 341 -16.94 -2.42 -45.58
C LEU G 341 -16.99 -2.30 -47.10
N SER H 1 -38.91 26.58 17.16
CA SER H 1 -39.94 27.01 18.09
C SER H 1 -40.86 25.86 18.41
N VAL H 2 -40.30 24.69 18.73
CA VAL H 2 -41.05 23.57 19.26
C VAL H 2 -40.43 22.99 20.53
N THR H 3 -39.27 23.50 20.94
CA THR H 3 -38.68 23.12 22.22
C THR H 3 -39.50 23.76 23.32
N GLU H 4 -39.86 25.03 23.12
CA GLU H 4 -41.10 25.58 23.66
C GLU H 4 -41.93 25.70 22.39
N HIS H 5 -43.19 25.27 22.43
CA HIS H 5 -44.04 25.35 21.25
C HIS H 5 -44.48 26.80 20.98
N PHE H 6 -44.30 27.68 21.96
CA PHE H 6 -44.76 29.06 21.85
C PHE H 6 -43.92 29.90 20.92
N ASN H 7 -42.73 29.43 20.54
CA ASN H 7 -41.97 30.13 19.49
C ASN H 7 -42.67 29.96 18.14
N VAL H 8 -43.22 28.76 17.92
CA VAL H 8 -44.01 28.52 16.73
C VAL H 8 -45.41 29.09 16.91
N TYR H 9 -45.83 29.29 18.15
CA TYR H 9 -47.12 29.94 18.39
C TYR H 9 -47.02 31.44 18.17
N LYS H 10 -45.84 32.01 18.42
CA LYS H 10 -45.65 33.45 18.25
C LYS H 10 -45.27 33.80 16.83
N ALA H 11 -44.69 32.86 16.08
CA ALA H 11 -44.39 33.15 14.68
C ALA H 11 -45.66 33.21 13.83
N THR H 12 -46.72 32.55 14.26
CA THR H 12 -47.95 32.47 13.47
C THR H 12 -49.14 33.06 14.22
N ARG H 13 -49.29 34.37 14.09
CA ARG H 13 -50.49 35.05 14.53
C ARG H 13 -51.64 34.66 13.61
N PRO H 14 -52.68 34.04 14.15
CA PRO H 14 -53.72 33.45 13.30
C PRO H 14 -54.77 34.46 12.85
N TYR H 15 -55.28 34.22 11.66
CA TYR H 15 -56.30 35.09 11.09
C TYR H 15 -57.46 34.23 10.59
N LEU H 16 -58.61 34.87 10.39
CA LEU H 16 -59.82 34.21 9.93
C LEU H 16 -59.64 33.71 8.50
N ALA H 17 -60.47 32.73 8.13
CA ALA H 17 -60.35 32.02 6.86
C ALA H 17 -61.67 32.14 6.10
N TYR H 18 -61.80 31.41 5.01
CA TYR H 18 -63.03 31.48 4.23
C TYR H 18 -64.15 30.68 4.89
N CYS H 19 -64.70 31.23 5.97
CA CYS H 19 -65.81 30.62 6.66
C CYS H 19 -67.06 30.88 5.84
N ALA H 20 -67.42 29.92 5.00
CA ALA H 20 -68.42 30.13 3.97
C ALA H 20 -69.84 29.94 4.47
N ASP H 21 -70.07 28.98 5.36
CA ASP H 21 -71.37 28.80 6.00
C ASP H 21 -71.16 28.62 7.49
N CYS H 22 -71.08 29.72 8.23
CA CYS H 22 -70.91 29.63 9.67
C CYS H 22 -72.29 29.52 10.30
N GLY H 23 -73.21 30.37 9.85
CA GLY H 23 -74.60 30.28 10.22
C GLY H 23 -75.29 29.29 9.32
N ASP H 24 -76.35 29.77 8.68
CA ASP H 24 -76.93 29.02 7.58
C ASP H 24 -75.99 28.97 6.40
N GLY H 25 -75.65 30.10 5.80
CA GLY H 25 -74.68 30.13 4.73
C GLY H 25 -73.88 31.40 4.69
N TYR H 26 -73.76 32.07 5.84
CA TYR H 26 -73.08 33.35 5.96
C TYR H 26 -71.59 33.13 5.82
N PHE H 27 -70.96 33.98 5.01
CA PHE H 27 -69.62 33.72 4.52
C PHE H 27 -68.77 34.96 4.71
N CYS H 28 -67.56 34.76 5.20
CA CYS H 28 -66.63 35.84 5.50
C CYS H 28 -65.30 35.17 5.84
N TYR H 29 -64.42 35.95 6.45
CA TYR H 29 -63.39 35.37 7.31
C TYR H 29 -64.11 34.80 8.53
N SER H 30 -64.03 33.48 8.69
CA SER H 30 -64.46 32.72 9.85
C SER H 30 -63.32 32.65 10.84
N PRO H 31 -63.57 32.92 12.11
CA PRO H 31 -62.45 33.02 13.07
C PRO H 31 -61.87 31.70 13.46
N VAL H 32 -62.64 30.62 13.36
CA VAL H 32 -62.15 29.28 13.64
C VAL H 32 -62.24 28.52 12.32
N ALA H 33 -61.18 28.60 11.53
CA ALA H 33 -61.21 28.05 10.17
C ALA H 33 -61.00 26.55 10.17
N ILE H 34 -61.10 25.95 8.98
CA ILE H 34 -60.84 24.53 8.77
C ILE H 34 -59.70 24.43 7.78
N GLU H 35 -58.48 24.37 8.29
CA GLU H 35 -57.31 24.42 7.43
C GLU H 35 -57.02 23.08 6.77
N LYS H 36 -56.72 22.06 7.57
CA LYS H 36 -56.37 20.76 6.99
C LYS H 36 -57.01 19.68 7.85
N ILE H 37 -57.03 18.46 7.29
CA ILE H 37 -57.45 17.28 8.03
C ILE H 37 -56.24 16.37 8.16
N ARG H 38 -55.99 15.89 9.36
CA ARG H 38 -54.89 14.97 9.60
C ARG H 38 -55.49 13.66 10.11
N ASP H 39 -55.98 12.84 9.20
CA ASP H 39 -56.54 11.56 9.57
C ASP H 39 -56.10 10.52 8.54
N GLU H 40 -54.88 10.01 8.72
CA GLU H 40 -54.41 8.86 7.96
C GLU H 40 -54.22 7.68 8.89
N ALA H 41 -54.94 7.67 10.01
CA ALA H 41 -54.62 6.81 11.13
C ALA H 41 -55.55 5.61 11.10
N PRO H 42 -55.04 4.43 11.47
CA PRO H 42 -55.91 3.34 11.90
C PRO H 42 -56.07 3.36 13.40
N ASP H 43 -55.75 4.47 14.05
CA ASP H 43 -56.01 4.65 15.46
C ASP H 43 -57.28 5.44 15.76
N GLY H 44 -58.20 5.54 14.79
CA GLY H 44 -59.44 6.27 14.95
C GLY H 44 -59.18 7.74 15.20
N MET H 45 -58.21 8.28 14.47
CA MET H 45 -57.54 9.52 14.85
C MET H 45 -57.88 10.56 13.82
N LEU H 46 -58.86 11.39 14.13
CA LEU H 46 -59.03 12.62 13.39
C LEU H 46 -57.99 13.63 13.89
N LYS H 47 -57.64 14.57 13.03
CA LYS H 47 -56.93 15.77 13.44
C LYS H 47 -57.53 16.92 12.65
N ILE H 48 -57.88 17.99 13.34
CA ILE H 48 -58.31 19.22 12.70
C ILE H 48 -57.17 20.22 12.73
N GLN H 49 -56.99 20.96 11.63
CA GLN H 49 -55.99 22.02 11.55
C GLN H 49 -56.71 23.29 11.13
N VAL H 50 -56.52 24.37 11.91
CA VAL H 50 -57.24 25.63 11.74
C VAL H 50 -56.34 26.76 12.21
N SER H 51 -56.80 27.99 12.00
CA SER H 51 -56.02 29.21 12.20
C SER H 51 -56.12 29.81 13.58
N ALA H 52 -56.42 29.10 14.66
CA ALA H 52 -56.44 29.68 16.00
C ALA H 52 -55.47 28.89 16.88
N GLN H 53 -55.09 29.46 18.02
CA GLN H 53 -54.08 28.87 18.90
C GLN H 53 -54.74 27.90 19.87
N ILE H 54 -55.29 26.81 19.34
CA ILE H 54 -55.94 25.79 20.15
C ILE H 54 -54.85 24.82 20.57
N GLY H 55 -54.16 25.16 21.64
CA GLY H 55 -52.94 24.48 22.01
C GLY H 55 -51.72 25.35 21.96
N LEU H 56 -51.85 26.64 22.26
CA LEU H 56 -50.73 27.58 22.30
C LEU H 56 -51.20 28.78 23.12
N ASP H 57 -50.45 29.11 24.16
CA ASP H 57 -50.76 30.27 24.97
C ASP H 57 -50.30 31.55 24.29
N LYS H 58 -50.60 32.68 24.92
CA LYS H 58 -50.21 33.98 24.38
C LYS H 58 -48.70 34.17 24.47
N ALA H 59 -48.12 33.86 25.63
CA ALA H 59 -46.67 33.70 25.71
C ALA H 59 -46.26 32.32 25.23
N GLY H 60 -47.20 31.39 25.23
CA GLY H 60 -47.01 30.09 24.60
C GLY H 60 -46.98 28.92 25.55
N THR H 61 -47.10 29.15 26.85
CA THR H 61 -47.32 28.07 27.78
C THR H 61 -48.72 27.54 27.55
N HIS H 62 -48.82 26.23 27.40
CA HIS H 62 -50.03 25.58 26.95
C HIS H 62 -51.07 25.62 28.06
N ALA H 63 -51.85 26.70 28.08
CA ALA H 63 -52.87 26.88 29.11
C ALA H 63 -54.01 25.99 28.64
N HIS H 64 -54.61 25.27 29.59
CA HIS H 64 -55.77 24.46 29.24
C HIS H 64 -56.96 25.32 28.85
N THR H 65 -57.35 26.26 29.69
CA THR H 65 -58.46 27.16 29.44
C THR H 65 -58.13 28.27 28.45
N LYS H 66 -56.88 28.44 28.08
CA LYS H 66 -56.51 29.36 27.03
C LYS H 66 -56.39 28.57 25.74
N ILE H 67 -57.38 28.71 24.86
CA ILE H 67 -57.27 28.34 23.46
C ILE H 67 -57.29 29.65 22.69
N ARG H 68 -56.24 29.91 21.93
CA ARG H 68 -56.01 31.22 21.34
C ARG H 68 -56.93 31.42 20.14
N TYR H 69 -57.77 32.45 20.20
CA TYR H 69 -58.48 32.95 19.03
C TYR H 69 -57.57 33.95 18.33
N MET H 70 -57.81 34.18 17.04
CA MET H 70 -57.04 35.16 16.32
C MET H 70 -57.87 35.77 15.21
N ALA H 71 -58.15 37.07 15.29
CA ALA H 71 -58.84 37.73 14.18
C ALA H 71 -58.34 39.18 14.06
N GLY H 72 -58.79 39.86 12.99
CA GLY H 72 -58.59 41.30 12.83
C GLY H 72 -59.21 42.11 13.95
N HIS H 73 -60.38 41.71 14.41
CA HIS H 73 -60.68 41.75 15.83
C HIS H 73 -59.83 40.69 16.50
N ASP H 74 -58.71 41.12 17.08
CA ASP H 74 -57.38 40.50 17.11
C ASP H 74 -57.16 39.16 17.80
N VAL H 75 -55.90 38.82 18.02
CA VAL H 75 -55.51 37.65 18.79
C VAL H 75 -56.00 37.82 20.22
N GLN H 76 -56.66 36.79 20.74
CA GLN H 76 -57.12 36.75 22.12
C GLN H 76 -56.98 35.32 22.62
N GLU H 77 -57.33 35.10 23.89
CA GLU H 77 -57.25 33.76 24.49
C GLU H 77 -58.64 33.39 24.99
N SER H 78 -59.43 32.72 24.15
CA SER H 78 -60.74 32.26 24.58
C SER H 78 -60.63 30.93 25.31
N LYS H 79 -61.78 30.28 25.49
CA LYS H 79 -61.96 29.17 26.43
C LYS H 79 -61.25 27.90 25.99
N ARG H 80 -61.11 26.95 26.93
CA ARG H 80 -60.50 25.68 26.60
C ARG H 80 -61.51 24.58 26.31
N ASP H 81 -62.64 24.57 26.99
CA ASP H 81 -63.70 23.66 26.62
C ASP H 81 -64.64 24.27 25.59
N SER H 82 -64.65 25.60 25.45
CA SER H 82 -65.57 26.31 24.58
C SER H 82 -65.07 26.43 23.15
N LEU H 83 -64.20 25.52 22.71
CA LEU H 83 -63.92 25.36 21.30
C LEU H 83 -64.77 24.21 20.78
N ARG H 84 -65.68 24.53 19.88
CA ARG H 84 -66.65 23.53 19.44
C ARG H 84 -66.01 22.67 18.36
N VAL H 85 -66.04 21.36 18.55
CA VAL H 85 -65.70 20.40 17.51
C VAL H 85 -66.91 19.51 17.33
N TYR H 86 -67.64 19.70 16.24
CA TYR H 86 -68.87 18.95 16.00
C TYR H 86 -68.73 18.18 14.71
N THR H 87 -68.53 16.88 14.79
CA THR H 87 -68.49 16.03 13.62
C THR H 87 -69.82 15.39 13.30
N SER H 88 -70.92 15.91 13.86
CA SER H 88 -72.19 15.20 13.95
C SER H 88 -72.20 14.29 15.17
N ALA H 89 -71.14 14.35 15.96
CA ALA H 89 -71.02 13.72 17.26
C ALA H 89 -70.10 14.61 18.08
N ALA H 90 -69.88 14.23 19.34
CA ALA H 90 -69.04 15.02 20.23
C ALA H 90 -67.58 14.89 19.82
N CYS H 91 -66.92 16.03 19.61
CA CYS H 91 -65.52 16.01 19.27
C CYS H 91 -64.69 15.64 20.49
N SER H 92 -64.41 14.35 20.63
CA SER H 92 -63.59 13.81 21.70
C SER H 92 -62.15 14.21 21.38
N ILE H 93 -61.38 14.52 22.41
CA ILE H 93 -60.04 15.02 22.21
C ILE H 93 -59.03 13.96 22.59
N HIS H 94 -57.93 13.92 21.84
CA HIS H 94 -56.71 13.23 22.25
C HIS H 94 -55.61 14.21 22.60
N GLY H 95 -55.69 15.43 22.08
CA GLY H 95 -54.70 16.46 22.37
C GLY H 95 -54.81 17.56 21.34
N THR H 96 -53.97 18.57 21.53
CA THR H 96 -54.02 19.72 20.63
C THR H 96 -52.72 20.50 20.75
N MET H 97 -52.32 21.15 19.67
CA MET H 97 -51.04 21.86 19.65
C MET H 97 -51.11 22.94 18.59
N GLY H 98 -51.15 24.19 19.05
CA GLY H 98 -51.14 25.37 18.20
C GLY H 98 -52.35 25.45 17.29
N HIS H 99 -52.07 25.31 16.00
CA HIS H 99 -53.09 25.23 14.96
C HIS H 99 -53.42 23.81 14.57
N PHE H 100 -53.38 22.85 15.50
CA PHE H 100 -53.80 21.48 15.25
C PHE H 100 -54.50 20.92 16.50
N ILE H 101 -55.31 19.87 16.30
CA ILE H 101 -55.94 19.13 17.39
C ILE H 101 -56.23 17.70 16.94
N VAL H 102 -55.71 16.73 17.67
CA VAL H 102 -55.91 15.32 17.36
C VAL H 102 -56.95 14.75 18.33
N ALA H 103 -57.79 13.85 17.83
CA ALA H 103 -58.93 13.39 18.61
C ALA H 103 -59.51 12.11 18.05
N HIS H 104 -60.36 11.47 18.85
CA HIS H 104 -61.18 10.37 18.38
C HIS H 104 -62.63 10.83 18.36
N CYS H 105 -63.35 10.47 17.31
CA CYS H 105 -64.74 10.87 17.17
C CYS H 105 -65.41 9.96 16.16
N PRO H 106 -66.58 9.42 16.50
CA PRO H 106 -67.38 8.71 15.52
C PRO H 106 -67.91 9.68 14.48
N PRO H 107 -67.67 9.39 13.21
CA PRO H 107 -67.74 10.45 12.18
C PRO H 107 -69.14 10.85 11.73
N GLY H 108 -69.20 11.64 10.67
CA GLY H 108 -70.48 12.03 10.12
C GLY H 108 -70.33 12.52 8.69
N ASP H 109 -71.07 13.58 8.40
CA ASP H 109 -70.99 14.26 7.13
C ASP H 109 -70.29 15.59 7.22
N TYR H 110 -70.42 16.30 8.32
CA TYR H 110 -69.77 17.61 8.44
C TYR H 110 -69.05 17.69 9.77
N LEU H 111 -67.79 18.06 9.71
CA LEU H 111 -67.08 18.62 10.84
C LEU H 111 -67.43 20.09 10.91
N LYS H 112 -67.38 20.65 12.11
CA LYS H 112 -67.78 22.02 12.30
C LYS H 112 -67.05 22.56 13.52
N VAL H 113 -66.09 23.45 13.29
CA VAL H 113 -65.46 24.18 14.36
C VAL H 113 -66.48 25.20 14.80
N SER H 114 -66.51 25.48 16.09
CA SER H 114 -67.52 26.36 16.67
C SER H 114 -66.80 27.42 17.47
N PHE H 115 -66.78 28.64 16.93
CA PHE H 115 -66.05 29.76 17.48
C PHE H 115 -66.83 30.28 18.68
N GLU H 116 -66.18 30.23 19.84
CA GLU H 116 -66.80 30.64 21.09
C GLU H 116 -65.88 31.36 22.05
N ASP H 117 -64.94 32.18 21.58
CA ASP H 117 -63.82 32.64 22.43
C ASP H 117 -64.14 33.88 23.25
N ALA H 118 -65.32 33.88 23.87
CA ALA H 118 -65.85 34.98 24.67
C ALA H 118 -66.48 36.11 23.85
N ASP H 119 -66.35 36.05 22.53
CA ASP H 119 -67.08 36.94 21.64
C ASP H 119 -68.32 36.28 21.07
N SER H 120 -68.64 35.08 21.55
CA SER H 120 -69.74 34.31 21.02
C SER H 120 -69.80 33.01 21.81
N HIS H 121 -70.84 32.23 21.58
CA HIS H 121 -70.95 30.95 22.25
C HIS H 121 -70.44 29.89 21.29
N VAL H 122 -70.87 29.98 20.05
CA VAL H 122 -70.39 29.11 18.97
C VAL H 122 -70.56 29.86 17.66
N LYS H 123 -69.85 29.39 16.64
CA LYS H 123 -70.07 29.78 15.27
C LYS H 123 -69.53 28.65 14.40
N ALA H 124 -70.40 28.06 13.60
CA ALA H 124 -70.17 26.74 13.05
C ALA H 124 -69.56 26.81 11.65
N CYS H 125 -68.28 27.16 11.61
CA CYS H 125 -67.52 27.10 10.37
C CYS H 125 -67.27 25.63 10.10
N LYS H 126 -67.99 25.10 9.12
CA LYS H 126 -68.13 23.66 8.93
C LYS H 126 -67.42 23.21 7.66
N VAL H 127 -67.45 21.91 7.42
CA VAL H 127 -66.77 21.30 6.29
C VAL H 127 -67.35 19.91 6.09
N GLN H 128 -67.36 19.46 4.83
CA GLN H 128 -67.91 18.17 4.48
C GLN H 128 -66.97 17.09 4.96
N TYR H 129 -67.23 16.58 6.16
CA TYR H 129 -66.25 15.79 6.89
C TYR H 129 -66.58 14.32 6.75
N LYS H 130 -65.92 13.66 5.80
CA LYS H 130 -65.99 12.20 5.74
C LYS H 130 -65.09 11.64 6.84
N HIS H 131 -65.62 10.67 7.58
CA HIS H 131 -64.88 10.01 8.66
C HIS H 131 -65.63 8.74 8.98
N ASP H 132 -64.99 7.60 8.74
CA ASP H 132 -65.56 6.29 9.00
C ASP H 132 -64.43 5.37 9.44
N PRO H 133 -64.69 4.46 10.39
CA PRO H 133 -63.61 3.67 11.01
C PRO H 133 -62.87 2.70 10.11
N LEU H 134 -63.58 1.71 9.56
CA LEU H 134 -62.98 0.60 8.83
C LEU H 134 -62.07 -0.12 9.81
N PRO H 135 -62.63 -0.71 10.87
CA PRO H 135 -61.81 -1.07 12.03
C PRO H 135 -60.98 -2.31 11.79
N VAL H 136 -60.03 -2.55 12.67
CA VAL H 136 -59.16 -3.71 12.56
C VAL H 136 -59.87 -4.95 13.07
N GLY H 137 -59.29 -6.12 12.83
CA GLY H 137 -59.72 -7.34 13.45
C GLY H 137 -60.77 -8.08 12.66
N ARG H 138 -60.89 -9.37 13.00
CA ARG H 138 -61.92 -10.22 12.42
C ARG H 138 -63.27 -9.82 13.00
N GLU H 139 -63.32 -9.54 14.31
CA GLU H 139 -64.51 -9.10 15.02
C GLU H 139 -64.97 -7.71 14.58
N LYS H 140 -66.20 -7.33 14.91
CA LYS H 140 -66.76 -6.10 14.40
C LYS H 140 -67.31 -5.19 15.49
N PHE H 141 -66.56 -5.03 16.56
CA PHE H 141 -67.01 -4.15 17.65
C PHE H 141 -65.98 -3.06 17.86
N VAL H 142 -66.49 -1.87 18.15
CA VAL H 142 -65.64 -0.79 18.63
C VAL H 142 -66.03 -0.56 20.08
N VAL H 143 -65.51 -1.40 20.96
CA VAL H 143 -65.63 -1.24 22.39
C VAL H 143 -64.26 -1.60 22.96
N ARG H 144 -63.48 -0.58 23.28
CA ARG H 144 -62.13 -0.81 23.78
C ARG H 144 -62.07 -1.47 25.15
N PRO H 145 -63.04 -1.26 26.04
CA PRO H 145 -62.83 -1.63 27.45
C PRO H 145 -62.95 -3.11 27.77
N HIS H 146 -63.58 -3.90 26.91
CA HIS H 146 -63.66 -5.33 27.15
C HIS H 146 -62.32 -5.94 26.80
N PHE H 147 -61.93 -6.94 27.58
CA PHE H 147 -60.63 -7.57 27.41
C PHE H 147 -60.82 -8.86 26.62
N GLY H 148 -60.55 -8.81 25.33
CA GLY H 148 -60.55 -10.04 24.56
C GLY H 148 -59.48 -10.19 23.49
N VAL H 149 -58.65 -9.18 23.23
CA VAL H 149 -57.75 -9.21 22.08
C VAL H 149 -56.74 -8.07 22.14
N GLU H 150 -55.71 -8.19 21.30
CA GLU H 150 -54.76 -7.11 21.05
C GLU H 150 -54.12 -7.31 19.68
N LEU H 151 -54.57 -6.54 18.69
CA LEU H 151 -54.03 -6.53 17.34
C LEU H 151 -53.05 -5.39 17.15
N PRO H 152 -52.42 -5.28 15.99
CA PRO H 152 -51.59 -4.10 15.72
C PRO H 152 -52.37 -3.05 14.92
N CYS H 153 -52.14 -1.78 15.25
CA CYS H 153 -52.76 -0.64 14.58
C CYS H 153 -51.77 0.52 14.57
N THR H 154 -52.20 1.66 14.03
CA THR H 154 -51.35 2.85 14.01
C THR H 154 -52.15 4.06 14.45
N SER H 155 -51.70 4.72 15.51
CA SER H 155 -52.43 5.83 16.10
C SER H 155 -51.50 7.03 16.27
N TYR H 156 -52.11 8.19 16.51
CA TYR H 156 -51.38 9.44 16.62
C TYR H 156 -50.64 9.48 17.95
N GLN H 157 -49.33 9.31 17.91
CA GLN H 157 -48.52 9.39 19.11
C GLN H 157 -48.49 10.84 19.59
N LEU H 158 -48.94 11.03 20.83
CA LEU H 158 -49.27 12.35 21.36
C LEU H 158 -48.10 13.02 22.05
N THR H 159 -46.87 12.78 21.60
CA THR H 159 -45.70 13.38 22.22
C THR H 159 -45.45 14.77 21.63
N THR H 160 -44.87 15.64 22.43
CA THR H 160 -44.70 17.04 22.05
C THR H 160 -43.29 17.25 21.54
N ALA H 161 -42.96 16.60 20.43
CA ALA H 161 -41.73 16.91 19.73
C ALA H 161 -41.97 18.10 18.80
N PRO H 162 -40.90 18.56 18.13
CA PRO H 162 -41.05 19.75 17.28
C PRO H 162 -41.86 19.51 16.01
N THR H 163 -41.54 18.45 15.26
CA THR H 163 -42.23 18.16 14.02
C THR H 163 -41.63 16.90 13.41
N ASP H 164 -42.41 16.25 12.55
CA ASP H 164 -41.88 15.31 11.57
C ASP H 164 -41.89 16.00 10.21
N GLU H 165 -42.99 16.72 9.92
CA GLU H 165 -43.10 17.66 8.82
C GLU H 165 -43.24 19.05 9.43
N GLU H 166 -43.49 20.05 8.57
CA GLU H 166 -43.64 21.46 9.00
C GLU H 166 -44.40 22.29 7.97
N ILE H 167 -45.60 22.75 8.32
CA ILE H 167 -46.36 23.65 7.44
C ILE H 167 -46.15 25.11 7.88
N ASP H 168 -46.18 26.02 6.90
CA ASP H 168 -45.83 27.41 7.15
C ASP H 168 -46.29 28.35 6.04
N MET H 169 -46.03 29.66 6.22
CA MET H 169 -46.59 30.74 5.42
C MET H 169 -45.75 32.01 5.48
N HIS H 170 -45.72 32.72 4.35
CA HIS H 170 -45.16 34.05 4.18
C HIS H 170 -45.76 34.64 2.90
N THR H 171 -45.17 35.76 2.43
CA THR H 171 -45.86 36.61 1.45
C THR H 171 -47.10 37.12 2.18
N PRO H 172 -46.91 38.03 3.14
CA PRO H 172 -47.67 37.99 4.40
C PRO H 172 -49.09 38.46 4.23
N PRO H 173 -49.91 38.30 5.26
CA PRO H 173 -51.35 38.48 5.11
C PRO H 173 -51.75 39.93 5.01
N ASP H 174 -51.68 40.43 3.77
CA ASP H 174 -52.49 41.58 3.38
C ASP H 174 -53.90 41.06 3.55
N ILE H 175 -54.62 41.55 4.56
CA ILE H 175 -55.66 40.72 5.18
C ILE H 175 -56.95 41.50 5.28
N PRO H 176 -58.01 40.82 5.76
CA PRO H 176 -59.38 41.32 5.60
C PRO H 176 -59.73 42.48 6.50
N ASP H 177 -59.17 43.66 6.20
CA ASP H 177 -59.47 44.85 6.98
C ASP H 177 -59.38 46.10 6.10
N ARG H 178 -60.52 46.56 5.60
CA ARG H 178 -60.53 47.74 4.73
C ARG H 178 -61.32 48.89 5.31
N THR H 179 -61.99 48.72 6.45
CA THR H 179 -62.76 49.78 7.07
C THR H 179 -61.94 50.68 7.99
N LEU H 180 -60.61 50.65 7.88
CA LEU H 180 -59.76 51.45 8.73
C LEU H 180 -59.77 52.93 8.39
N LEU H 181 -59.82 53.30 7.10
CA LEU H 181 -59.56 54.65 6.62
C LEU H 181 -60.64 55.65 7.06
N SER H 182 -60.21 56.67 7.80
CA SER H 182 -61.14 57.56 8.50
C SER H 182 -61.67 58.60 7.53
N GLN H 183 -62.85 59.14 7.86
CA GLN H 183 -63.61 59.90 6.89
C GLN H 183 -63.08 61.31 6.75
N THR H 184 -62.57 61.61 5.56
CA THR H 184 -62.47 62.98 5.09
C THR H 184 -63.63 63.14 4.14
N ALA H 185 -64.05 64.37 3.85
CA ALA H 185 -65.29 64.61 3.13
C ALA H 185 -65.14 64.30 1.65
N GLY H 186 -64.06 64.75 1.05
CA GLY H 186 -63.72 64.33 -0.28
C GLY H 186 -62.31 63.81 -0.24
N ASN H 187 -61.65 64.18 0.85
CA ASN H 187 -60.36 63.63 1.22
C ASN H 187 -60.61 62.40 2.07
N VAL H 188 -59.60 62.00 2.75
CA VAL H 188 -59.67 60.88 3.68
C VAL H 188 -58.76 61.19 4.85
N LYS H 189 -59.06 60.57 5.98
CA LYS H 189 -58.12 60.52 7.08
C LYS H 189 -57.51 59.13 7.09
N ILE H 190 -56.20 59.07 6.99
CA ILE H 190 -55.48 57.84 7.28
C ILE H 190 -55.60 57.63 8.77
N THR H 191 -56.52 56.77 9.18
CA THR H 191 -56.71 56.44 10.59
C THR H 191 -55.74 55.32 10.90
N ALA H 192 -54.61 55.67 11.49
CA ALA H 192 -53.47 54.76 11.53
C ALA H 192 -53.34 54.17 12.93
N GLY H 193 -53.14 52.87 13.00
CA GLY H 193 -52.97 52.24 14.27
C GLY H 193 -53.58 50.86 14.25
N GLY H 194 -53.24 50.04 15.24
CA GLY H 194 -53.81 48.72 15.36
C GLY H 194 -53.16 47.63 14.54
N ARG H 195 -52.72 47.97 13.32
CA ARG H 195 -52.16 47.01 12.39
C ARG H 195 -51.46 47.78 11.28
N THR H 196 -51.04 47.06 10.25
CA THR H 196 -50.41 47.70 9.11
C THR H 196 -51.50 48.06 8.11
N ILE H 197 -51.42 49.26 7.57
CA ILE H 197 -52.23 49.64 6.42
C ILE H 197 -51.65 48.95 5.20
N ARG H 198 -52.46 48.78 4.17
CA ARG H 198 -52.00 48.40 2.85
C ARG H 198 -52.77 49.27 1.87
N TYR H 199 -52.30 50.49 1.68
CA TYR H 199 -53.12 51.43 0.91
C TYR H 199 -52.81 51.33 -0.58
N ASN H 200 -53.40 52.26 -1.32
CA ASN H 200 -53.29 52.30 -2.78
C ASN H 200 -53.54 53.71 -3.24
N CYS H 201 -52.89 54.10 -4.34
CA CYS H 201 -52.91 55.48 -4.80
C CYS H 201 -53.97 55.66 -5.87
N THR H 202 -54.91 56.59 -5.62
CA THR H 202 -55.76 57.14 -6.67
C THR H 202 -55.58 58.66 -6.85
N CYS H 203 -55.73 59.45 -5.79
CA CYS H 203 -55.38 60.85 -5.80
C CYS H 203 -54.31 61.06 -4.73
N GLY H 204 -53.06 60.83 -5.13
CA GLY H 204 -51.98 60.85 -4.16
C GLY H 204 -51.51 59.45 -3.85
N ARG H 205 -50.18 59.26 -3.83
CA ARG H 205 -49.60 57.96 -3.51
C ARG H 205 -49.32 57.86 -2.01
N ASP H 206 -49.76 58.87 -1.26
CA ASP H 206 -49.79 58.85 0.19
C ASP H 206 -51.07 58.12 0.59
N ASN H 207 -52.01 58.02 -0.35
CA ASN H 207 -53.05 57.00 -0.30
C ASN H 207 -52.48 55.59 -0.36
N VAL H 208 -51.32 55.39 -1.01
CA VAL H 208 -50.57 54.15 -0.89
C VAL H 208 -49.94 54.20 0.50
N GLY H 209 -50.59 53.58 1.46
CA GLY H 209 -50.15 53.69 2.84
C GLY H 209 -49.99 52.33 3.48
N THR H 210 -48.76 52.05 3.89
CA THR H 210 -48.47 51.10 4.94
C THR H 210 -48.28 51.89 6.22
N THR H 211 -48.89 51.46 7.32
CA THR H 211 -48.72 52.19 8.57
C THR H 211 -49.61 51.62 9.67
N SER H 212 -49.12 51.75 10.90
CA SER H 212 -49.98 52.00 12.05
C SER H 212 -50.00 53.50 12.37
N THR H 213 -49.74 54.33 11.36
CA THR H 213 -49.64 55.78 11.51
C THR H 213 -50.50 56.47 10.45
N ASP H 214 -51.26 57.47 10.91
CA ASP H 214 -52.32 58.03 10.09
C ASP H 214 -51.83 59.22 9.28
N LYS H 215 -52.63 59.64 8.31
CA LYS H 215 -52.23 60.69 7.38
C LYS H 215 -53.47 61.37 6.82
N THR H 216 -53.28 62.06 5.71
CA THR H 216 -54.35 62.75 5.02
C THR H 216 -54.39 62.39 3.54
N ILE H 217 -55.60 62.34 3.00
CA ILE H 217 -55.83 62.29 1.56
C ILE H 217 -56.69 63.49 1.24
N ASN H 218 -56.45 64.10 0.09
CA ASN H 218 -57.28 65.19 -0.38
C ASN H 218 -57.84 64.87 -1.75
N THR H 219 -59.15 64.97 -1.89
CA THR H 219 -59.84 64.75 -3.15
C THR H 219 -59.86 63.28 -3.56
N CYS H 220 -59.93 62.37 -2.59
CA CYS H 220 -59.96 60.96 -2.91
C CYS H 220 -60.47 60.21 -1.70
N LYS H 221 -61.67 59.67 -1.82
CA LYS H 221 -62.24 58.70 -0.91
C LYS H 221 -61.91 57.31 -1.44
N ILE H 222 -62.66 56.32 -0.99
CA ILE H 222 -62.83 55.11 -1.80
C ILE H 222 -63.39 55.57 -3.13
N ASP H 223 -62.84 55.05 -4.23
CA ASP H 223 -62.82 55.91 -5.40
C ASP H 223 -61.73 56.99 -5.27
N GLN H 224 -60.50 56.60 -5.62
CA GLN H 224 -59.32 57.46 -5.56
C GLN H 224 -58.51 57.34 -4.27
N CYS H 225 -58.82 56.35 -3.45
CA CYS H 225 -57.88 55.91 -2.44
C CYS H 225 -57.63 54.42 -2.63
N HIS H 226 -56.95 53.83 -1.66
CA HIS H 226 -56.89 52.40 -1.50
C HIS H 226 -56.51 52.08 -0.05
N ALA H 227 -57.22 51.12 0.54
CA ALA H 227 -56.91 50.69 1.90
C ALA H 227 -57.22 49.20 2.02
N ALA H 228 -56.28 48.46 2.61
CA ALA H 228 -56.46 47.07 2.98
C ALA H 228 -55.68 46.87 4.27
N VAL H 229 -55.69 45.66 4.80
CA VAL H 229 -55.08 45.40 6.10
C VAL H 229 -53.79 44.63 5.83
N THR H 230 -52.68 45.36 5.67
CA THR H 230 -51.43 44.73 5.28
C THR H 230 -50.37 44.92 6.36
N SER H 231 -50.27 43.93 7.24
CA SER H 231 -49.39 43.99 8.41
C SER H 231 -48.63 42.68 8.55
N HIS H 232 -47.93 42.56 9.68
CA HIS H 232 -47.06 41.42 9.98
C HIS H 232 -47.35 40.92 11.40
N ASP H 233 -46.43 40.12 11.92
CA ASP H 233 -46.57 39.46 13.23
C ASP H 233 -47.27 38.12 13.10
N LYS H 234 -47.51 37.67 11.88
CA LYS H 234 -48.13 36.39 11.63
C LYS H 234 -47.49 35.69 10.44
N TRP H 235 -46.97 34.50 10.69
CA TRP H 235 -46.73 33.54 9.62
C TRP H 235 -48.01 32.75 9.43
N GLN H 236 -48.78 33.12 8.41
CA GLN H 236 -50.07 32.50 8.13
C GLN H 236 -49.89 31.29 7.22
N PHE H 237 -49.92 30.11 7.86
CA PHE H 237 -49.51 28.83 7.29
C PHE H 237 -50.32 28.34 6.09
N THR H 238 -51.63 28.23 6.23
CA THR H 238 -52.35 27.47 5.23
C THR H 238 -53.58 28.20 4.71
N SER H 239 -53.42 29.46 4.29
CA SER H 239 -54.60 30.25 3.98
C SER H 239 -55.12 29.93 2.58
N PRO H 240 -56.09 29.04 2.48
CA PRO H 240 -56.82 28.85 1.23
C PRO H 240 -58.14 29.59 1.26
N PHE H 241 -58.70 29.94 0.10
CA PHE H 241 -60.06 30.49 -0.02
C PHE H 241 -60.13 31.99 0.29
N VAL H 242 -59.00 32.55 0.71
CA VAL H 242 -58.79 33.99 0.83
C VAL H 242 -57.33 34.22 0.45
N PRO H 243 -57.03 34.55 -0.80
CA PRO H 243 -55.63 34.59 -1.23
C PRO H 243 -54.90 35.78 -0.66
N ARG H 244 -53.59 35.61 -0.51
CA ARG H 244 -52.73 36.63 0.07
C ARG H 244 -52.50 37.63 -1.04
N ALA H 245 -52.07 38.84 -0.67
CA ALA H 245 -51.74 39.83 -1.70
C ALA H 245 -50.41 39.48 -2.37
N ASP H 246 -49.59 38.64 -1.71
CA ASP H 246 -48.38 38.08 -2.27
C ASP H 246 -48.58 36.89 -3.20
N GLN H 247 -48.29 37.07 -4.48
CA GLN H 247 -47.99 35.95 -5.36
C GLN H 247 -46.53 35.53 -5.26
N THR H 248 -45.72 36.26 -4.50
CA THR H 248 -44.33 35.93 -4.27
C THR H 248 -44.12 35.93 -2.77
N ALA H 249 -43.72 34.79 -2.22
CA ALA H 249 -43.67 34.54 -0.79
C ALA H 249 -42.29 34.17 -0.27
N ARG H 250 -42.06 34.38 1.02
CA ARG H 250 -40.99 33.71 1.74
C ARG H 250 -41.54 33.20 3.07
N ARG H 251 -41.72 31.89 3.17
CA ARG H 251 -42.55 31.32 4.21
C ARG H 251 -41.74 31.07 5.48
N GLY H 252 -42.45 30.87 6.59
CA GLY H 252 -41.88 30.25 7.76
C GLY H 252 -42.70 29.03 8.14
N LYS H 253 -42.02 28.04 8.75
CA LYS H 253 -42.61 26.71 8.94
C LYS H 253 -42.66 26.32 10.41
N VAL H 254 -43.57 25.38 10.73
CA VAL H 254 -43.77 24.89 12.10
C VAL H 254 -44.19 23.43 12.01
N HIS H 255 -44.13 22.71 13.12
CA HIS H 255 -44.19 21.25 12.99
C HIS H 255 -45.62 20.71 13.07
N VAL H 256 -45.73 19.40 13.09
CA VAL H 256 -47.03 18.73 12.99
C VAL H 256 -47.37 17.99 14.27
N PRO H 257 -48.43 18.35 14.98
CA PRO H 257 -48.72 17.71 16.27
C PRO H 257 -49.37 16.34 16.10
N PHE H 258 -49.17 15.49 17.10
CA PHE H 258 -49.66 14.12 17.15
C PHE H 258 -49.11 13.23 16.04
N PRO H 259 -47.81 12.89 16.07
CA PRO H 259 -47.24 12.09 14.98
C PRO H 259 -47.63 10.62 15.06
N LEU H 260 -48.25 10.12 13.98
CA LEU H 260 -48.82 8.79 13.96
C LEU H 260 -47.73 7.73 13.89
N THR H 261 -47.80 6.77 14.82
CA THR H 261 -46.87 5.66 14.95
C THR H 261 -47.63 4.42 15.43
N ASN H 262 -46.92 3.32 15.63
CA ASN H 262 -47.57 2.04 15.85
C ASN H 262 -48.14 1.93 17.26
N VAL H 263 -49.25 1.21 17.38
CA VAL H 263 -49.88 0.92 18.66
C VAL H 263 -50.53 -0.45 18.56
N THR H 264 -51.13 -0.89 19.67
CA THR H 264 -51.89 -2.13 19.73
C THR H 264 -53.34 -1.87 19.36
N CYS H 265 -54.21 -2.83 19.71
CA CYS H 265 -55.64 -2.66 19.54
C CYS H 265 -56.39 -3.67 20.38
N ARG H 266 -57.05 -3.21 21.44
CA ARG H 266 -57.92 -4.06 22.24
C ARG H 266 -59.19 -4.34 21.45
N VAL H 267 -59.21 -5.44 20.70
CA VAL H 267 -60.33 -5.79 19.84
C VAL H 267 -61.14 -6.94 20.44
N PRO H 268 -62.45 -6.82 20.53
CA PRO H 268 -63.23 -7.84 21.24
C PRO H 268 -63.74 -8.96 20.37
N LEU H 269 -62.89 -9.91 20.02
CA LEU H 269 -63.34 -11.04 19.22
C LEU H 269 -63.87 -12.17 20.08
N ALA H 270 -65.17 -12.19 20.32
CA ALA H 270 -65.76 -13.11 21.30
C ALA H 270 -65.96 -14.50 20.71
N ARG H 271 -66.64 -15.36 21.47
CA ARG H 271 -66.80 -16.75 21.08
C ARG H 271 -67.83 -16.88 19.96
N ALA H 272 -67.56 -17.81 19.05
CA ALA H 272 -68.40 -17.98 17.88
C ALA H 272 -69.49 -19.01 18.16
N PRO H 273 -70.22 -19.47 17.15
CA PRO H 273 -71.38 -20.33 17.39
C PRO H 273 -71.01 -21.80 17.52
N ASP H 274 -72.06 -22.61 17.63
CA ASP H 274 -71.92 -24.00 18.08
C ASP H 274 -71.83 -24.96 16.90
N VAL H 275 -70.89 -25.90 17.01
CA VAL H 275 -70.44 -26.70 15.87
C VAL H 275 -70.67 -28.18 16.14
N THR H 276 -71.69 -28.72 15.51
CA THR H 276 -71.97 -30.16 15.57
C THR H 276 -71.45 -30.76 14.27
N TYR H 277 -70.61 -31.78 14.38
CA TYR H 277 -70.19 -32.54 13.21
C TYR H 277 -71.32 -33.48 12.84
N GLY H 278 -71.61 -33.59 11.54
CA GLY H 278 -72.72 -34.37 11.06
C GLY H 278 -72.26 -35.36 10.01
N LYS H 279 -73.25 -35.97 9.34
CA LYS H 279 -73.16 -37.32 8.75
C LYS H 279 -72.10 -37.43 7.65
N LYS H 280 -71.77 -36.33 6.99
CA LYS H 280 -70.52 -36.23 6.26
C LYS H 280 -69.90 -34.86 6.43
N GLU H 281 -70.53 -34.00 7.23
CA GLU H 281 -70.30 -32.55 7.23
C GLU H 281 -70.06 -32.08 8.65
N VAL H 282 -70.15 -30.77 8.87
CA VAL H 282 -70.20 -30.21 10.21
C VAL H 282 -70.81 -28.82 10.08
N THR H 283 -71.33 -28.29 11.17
CA THR H 283 -72.10 -27.06 11.10
C THR H 283 -71.95 -26.25 12.39
N LEU H 284 -71.48 -25.02 12.23
CA LEU H 284 -71.43 -24.04 13.31
C LEU H 284 -72.52 -22.99 13.09
N ARG H 285 -73.43 -22.87 14.06
CA ARG H 285 -74.42 -21.81 14.06
C ARG H 285 -73.80 -20.63 14.78
N LEU H 286 -73.44 -19.61 14.03
CA LEU H 286 -72.89 -18.38 14.56
C LEU H 286 -74.04 -17.57 15.15
N HIS H 287 -73.85 -17.05 16.35
CA HIS H 287 -74.84 -16.17 16.95
C HIS H 287 -74.58 -14.74 16.51
N PRO H 288 -75.33 -13.77 17.04
CA PRO H 288 -75.03 -12.36 16.74
C PRO H 288 -73.88 -11.85 17.58
N ASP H 289 -73.12 -10.91 17.02
CA ASP H 289 -72.05 -10.22 17.73
C ASP H 289 -71.90 -8.82 17.10
N HIS H 290 -70.73 -8.19 17.29
CA HIS H 290 -70.37 -7.07 16.45
C HIS H 290 -70.03 -7.58 15.04
N PRO H 291 -70.12 -6.73 13.99
CA PRO H 291 -70.19 -7.26 12.62
C PRO H 291 -68.91 -7.85 12.05
N THR H 292 -68.84 -9.19 12.07
CA THR H 292 -67.57 -9.90 12.09
C THR H 292 -67.31 -10.64 10.78
N LEU H 293 -66.11 -10.46 10.24
CA LEU H 293 -65.74 -11.09 8.97
C LEU H 293 -65.50 -12.58 9.21
N PHE H 294 -66.58 -13.38 9.16
CA PHE H 294 -66.48 -14.82 9.30
C PHE H 294 -65.77 -15.41 8.09
N SER H 295 -64.97 -16.43 8.34
CA SER H 295 -64.19 -17.11 7.32
C SER H 295 -64.13 -18.59 7.63
N TYR H 296 -65.01 -19.36 7.00
CA TYR H 296 -64.87 -20.79 6.94
C TYR H 296 -64.01 -21.11 5.73
N ARG H 297 -62.78 -21.53 6.00
CA ARG H 297 -61.81 -21.69 4.93
C ARG H 297 -61.48 -23.16 4.78
N SER H 298 -61.90 -23.72 3.65
CA SER H 298 -61.42 -25.03 3.25
C SER H 298 -59.95 -24.87 2.89
N LEU H 299 -59.11 -25.15 3.89
CA LEU H 299 -57.75 -24.64 3.87
C LEU H 299 -56.84 -25.62 3.16
N GLY H 300 -56.69 -25.43 1.85
CA GLY H 300 -56.00 -26.39 1.04
C GLY H 300 -56.84 -26.74 -0.16
N ALA H 301 -58.14 -26.48 -0.05
CA ALA H 301 -59.07 -26.86 -1.09
C ALA H 301 -59.19 -25.74 -2.11
N GLU H 302 -60.13 -25.91 -3.04
CA GLU H 302 -60.53 -24.80 -3.89
C GLU H 302 -61.20 -23.74 -3.02
N PRO H 303 -60.52 -22.63 -2.76
CA PRO H 303 -60.89 -21.79 -1.61
C PRO H 303 -62.11 -20.92 -1.82
N HIS H 304 -63.27 -21.53 -1.98
CA HIS H 304 -64.51 -20.79 -1.91
C HIS H 304 -64.68 -20.47 -0.44
N PRO H 305 -64.39 -19.25 -0.02
CA PRO H 305 -64.41 -18.98 1.43
C PRO H 305 -65.82 -18.73 1.88
N TYR H 306 -66.28 -19.42 2.92
CA TYR H 306 -67.57 -19.09 3.49
C TYR H 306 -67.32 -17.89 4.38
N GLU H 307 -67.27 -16.72 3.77
CA GLU H 307 -66.62 -15.57 4.36
C GLU H 307 -67.47 -14.36 4.05
N GLU H 308 -67.75 -13.58 5.08
CA GLU H 308 -68.46 -12.33 4.93
C GLU H 308 -68.55 -11.74 6.32
N TRP H 309 -68.70 -10.41 6.39
CA TRP H 309 -69.08 -9.75 7.62
C TRP H 309 -70.47 -10.27 7.98
N VAL H 310 -70.65 -10.65 9.23
CA VAL H 310 -71.88 -11.31 9.68
C VAL H 310 -72.42 -10.55 10.87
N ASP H 311 -73.75 -10.48 10.98
CA ASP H 311 -74.35 -9.85 12.15
C ASP H 311 -75.58 -10.59 12.65
N LYS H 312 -75.92 -11.76 12.12
CA LYS H 312 -77.09 -12.49 12.57
C LYS H 312 -76.63 -13.89 12.96
N PHE H 313 -77.60 -14.78 13.21
CA PHE H 313 -77.25 -16.17 13.36
C PHE H 313 -77.13 -16.81 11.99
N SER H 314 -75.96 -17.36 11.70
CA SER H 314 -75.71 -17.96 10.39
C SER H 314 -75.32 -19.43 10.58
N GLU H 315 -75.31 -20.17 9.48
CA GLU H 315 -75.18 -21.62 9.53
C GLU H 315 -74.00 -22.08 8.70
N ARG H 316 -72.81 -21.98 9.26
CA ARG H 316 -71.57 -22.32 8.58
C ARG H 316 -71.47 -23.83 8.53
N ILE H 317 -72.13 -24.43 7.54
CA ILE H 317 -71.98 -25.84 7.27
C ILE H 317 -70.71 -26.04 6.46
N ILE H 318 -69.65 -26.42 7.15
CA ILE H 318 -68.40 -26.77 6.49
C ILE H 318 -68.50 -28.27 6.28
N PRO H 319 -68.85 -28.72 5.08
CA PRO H 319 -68.66 -30.14 4.78
C PRO H 319 -67.17 -30.37 4.66
N VAL H 320 -66.62 -31.04 5.67
CA VAL H 320 -65.18 -31.11 5.87
C VAL H 320 -64.61 -32.09 4.88
N THR H 321 -63.49 -31.71 4.28
CA THR H 321 -62.80 -32.59 3.36
C THR H 321 -61.64 -33.21 4.10
N GLU H 322 -60.83 -33.96 3.36
CA GLU H 322 -59.52 -34.36 3.87
C GLU H 322 -58.63 -33.15 4.10
N GLU H 323 -58.75 -32.12 3.25
CA GLU H 323 -58.01 -30.87 3.38
C GLU H 323 -58.42 -30.08 4.62
N GLY H 324 -59.61 -30.28 5.13
CA GLY H 324 -60.01 -29.76 6.42
C GLY H 324 -60.41 -28.29 6.37
N ILE H 325 -61.53 -28.00 7.01
CA ILE H 325 -62.06 -26.64 6.99
C ILE H 325 -61.34 -25.88 8.08
N GLU H 326 -61.20 -24.58 7.89
CA GLU H 326 -60.61 -23.72 8.91
C GLU H 326 -61.70 -22.74 9.29
N TYR H 327 -62.27 -22.93 10.46
CA TYR H 327 -63.14 -21.95 11.07
C TYR H 327 -62.25 -20.95 11.77
N GLN H 328 -61.91 -19.89 11.05
CA GLN H 328 -61.12 -18.80 11.62
C GLN H 328 -61.91 -17.55 11.27
N TRP H 329 -62.93 -17.28 12.08
CA TRP H 329 -64.04 -16.44 11.65
C TRP H 329 -64.37 -15.42 12.73
N GLY H 330 -63.87 -14.21 12.57
CA GLY H 330 -64.29 -13.17 13.47
C GLY H 330 -63.65 -13.15 14.85
N ASN H 331 -62.37 -12.79 14.87
CA ASN H 331 -61.72 -12.29 16.09
C ASN H 331 -61.27 -13.41 17.02
N ASN H 332 -61.32 -14.64 16.54
CA ASN H 332 -60.65 -15.73 17.21
C ASN H 332 -59.51 -16.24 16.33
N PRO H 333 -58.75 -17.23 16.79
CA PRO H 333 -57.78 -17.87 15.92
C PRO H 333 -58.48 -18.90 15.04
N PRO H 334 -57.73 -19.63 14.22
CA PRO H 334 -58.35 -20.62 13.36
C PRO H 334 -58.74 -21.89 14.12
N VAL H 335 -59.40 -22.78 13.40
CA VAL H 335 -59.73 -24.12 13.88
C VAL H 335 -59.74 -25.04 12.67
N ARG H 336 -58.97 -26.12 12.73
CA ARG H 336 -58.65 -26.90 11.55
C ARG H 336 -59.34 -28.27 11.62
N LEU H 337 -60.62 -28.29 11.27
CA LEU H 337 -61.44 -29.49 11.42
C LEU H 337 -61.07 -30.46 10.31
N TRP H 338 -60.79 -31.69 10.71
CA TRP H 338 -60.53 -32.78 9.78
C TRP H 338 -61.68 -33.76 9.84
N ALA H 339 -62.14 -34.19 8.67
CA ALA H 339 -63.34 -35.02 8.60
C ALA H 339 -63.01 -36.43 9.01
N GLN H 340 -63.97 -37.11 9.65
CA GLN H 340 -63.73 -38.44 10.18
C GLN H 340 -65.02 -39.25 10.18
N LEU H 341 -64.89 -40.56 10.35
CA LEU H 341 -65.97 -41.51 10.08
C LEU H 341 -67.00 -41.64 11.19
N GLN I 1 84.28 1.70 -23.53
CA GLN I 1 83.85 2.92 -22.85
C GLN I 1 82.54 3.40 -23.43
N ILE I 2 81.79 4.20 -22.67
CA ILE I 2 80.40 4.54 -22.99
C ILE I 2 80.40 5.54 -24.15
N GLN I 3 80.28 5.02 -25.36
CA GLN I 3 80.26 5.84 -26.54
C GLN I 3 78.90 5.63 -27.18
N LEU I 4 77.91 6.40 -26.73
CA LEU I 4 76.62 6.51 -27.39
C LEU I 4 76.77 7.55 -28.49
N VAL I 5 77.46 7.18 -29.55
CA VAL I 5 77.83 8.09 -30.63
C VAL I 5 76.57 8.39 -31.42
N GLN I 6 76.06 9.61 -31.27
CA GLN I 6 74.87 10.10 -31.95
C GLN I 6 75.25 10.61 -33.33
N SER I 7 74.25 11.14 -34.02
CA SER I 7 74.50 11.81 -35.29
C SER I 7 74.90 13.27 -35.04
N GLY I 8 75.20 13.98 -36.12
CA GLY I 8 75.55 15.38 -36.01
C GLY I 8 74.34 16.28 -35.90
N ARG I 9 74.53 17.53 -36.36
CA ARG I 9 73.46 18.53 -36.37
C ARG I 9 72.48 18.23 -37.47
N GLU I 10 71.37 18.96 -37.51
CA GLU I 10 70.31 18.63 -38.45
C GLU I 10 69.45 19.84 -38.81
N VAL I 11 68.97 19.83 -40.05
CA VAL I 11 67.91 20.71 -40.51
C VAL I 11 66.79 19.80 -41.01
N LYS I 12 65.88 19.46 -40.09
CA LYS I 12 65.02 18.29 -40.23
C LYS I 12 63.78 18.66 -41.01
N ASN I 13 63.46 17.82 -42.00
CA ASN I 13 62.39 18.06 -42.95
C ASN I 13 61.02 17.88 -42.29
N PRO I 14 60.15 18.88 -42.44
CA PRO I 14 58.80 18.75 -41.88
C PRO I 14 57.95 17.80 -42.72
N GLY I 15 57.34 16.82 -42.05
CA GLY I 15 56.63 15.75 -42.72
C GLY I 15 57.49 14.53 -42.97
N GLU I 16 58.81 14.67 -42.89
CA GLU I 16 59.74 13.56 -43.09
C GLU I 16 60.28 13.01 -41.77
N THR I 17 61.29 12.15 -41.86
CA THR I 17 61.98 11.62 -40.70
C THR I 17 63.46 11.93 -40.81
N VAL I 18 64.13 11.96 -39.66
CA VAL I 18 65.59 12.15 -39.59
C VAL I 18 66.14 11.24 -38.51
N LYS I 19 66.93 10.25 -38.91
CA LYS I 19 67.32 9.15 -38.04
C LYS I 19 68.69 9.45 -37.48
N ILE I 20 68.74 10.16 -36.36
CA ILE I 20 69.97 10.42 -35.62
C ILE I 20 70.48 9.08 -35.10
N SER I 21 71.55 8.59 -35.69
CA SER I 21 71.99 7.22 -35.46
C SER I 21 72.82 7.14 -34.19
N CYS I 22 72.24 6.51 -33.17
CA CYS I 22 72.94 6.27 -31.92
C CYS I 22 73.63 4.93 -32.06
N LYS I 23 74.89 4.97 -32.48
CA LYS I 23 75.78 3.82 -32.34
C LYS I 23 76.19 3.79 -30.87
N ALA I 24 75.41 3.07 -30.06
CA ALA I 24 75.52 3.11 -28.60
C ALA I 24 76.41 1.98 -28.10
N SER I 25 77.71 2.11 -28.33
CA SER I 25 78.62 1.00 -28.17
C SER I 25 79.62 1.27 -27.05
N GLY I 26 80.09 0.16 -26.43
CA GLY I 26 80.94 0.16 -25.27
C GLY I 26 80.19 0.39 -23.97
N TYR I 27 79.30 1.38 -23.95
CA TYR I 27 78.08 1.39 -23.16
C TYR I 27 77.02 0.64 -23.95
N THR I 28 75.80 0.64 -23.43
CA THR I 28 74.83 -0.41 -23.73
C THR I 28 74.12 -0.19 -25.05
N PHE I 29 74.45 -1.05 -26.01
CA PHE I 29 73.49 -1.48 -27.01
C PHE I 29 73.14 -2.94 -26.72
N THR I 30 74.17 -3.80 -26.63
CA THR I 30 73.96 -5.24 -26.65
C THR I 30 73.85 -5.87 -25.28
N GLU I 31 74.03 -5.12 -24.19
CA GLU I 31 73.88 -5.67 -22.87
C GLU I 31 73.26 -4.69 -21.87
N TYR I 32 73.27 -3.41 -22.19
CA TYR I 32 73.02 -2.43 -21.16
C TYR I 32 72.10 -1.33 -21.66
N PRO I 33 71.83 -0.32 -20.83
CA PRO I 33 70.82 0.67 -21.13
C PRO I 33 71.26 1.63 -22.22
N MET I 34 70.49 1.64 -23.31
CA MET I 34 70.47 2.73 -24.26
C MET I 34 69.33 3.65 -23.83
N LEU I 35 69.68 4.81 -23.31
CA LEU I 35 68.70 5.77 -22.82
C LEU I 35 68.41 6.76 -23.93
N TRP I 36 67.25 6.59 -24.56
CA TRP I 36 66.85 7.36 -25.73
C TRP I 36 66.50 8.76 -25.27
N VAL I 37 66.97 9.77 -25.99
CA VAL I 37 66.90 11.13 -25.51
C VAL I 37 66.44 12.05 -26.62
N LYS I 38 65.29 12.67 -26.40
CA LYS I 38 64.91 13.91 -27.08
C LYS I 38 65.70 15.03 -26.41
N GLN I 39 65.77 16.17 -27.07
CA GLN I 39 66.62 17.27 -26.62
C GLN I 39 65.84 18.56 -26.75
N ALA I 40 65.73 19.30 -25.67
CA ALA I 40 64.89 20.48 -25.72
C ALA I 40 65.64 21.65 -26.35
N PRO I 41 64.94 22.52 -27.09
CA PRO I 41 65.52 23.83 -27.45
C PRO I 41 65.65 24.72 -26.23
N GLY I 42 64.80 24.51 -25.23
CA GLY I 42 65.06 24.96 -23.88
C GLY I 42 65.18 23.82 -22.90
N LYS I 43 64.44 22.74 -23.17
CA LYS I 43 64.13 21.69 -22.21
C LYS I 43 65.30 20.79 -21.83
N GLY I 44 66.38 20.82 -22.63
CA GLY I 44 67.51 19.93 -22.41
C GLY I 44 67.17 18.51 -22.80
N PHE I 45 67.99 17.57 -22.32
CA PHE I 45 67.91 16.16 -22.70
C PHE I 45 66.66 15.51 -22.10
N ARG I 46 65.61 15.43 -22.90
CA ARG I 46 64.28 15.04 -22.44
C ARG I 46 64.04 13.59 -22.79
N TRP I 47 63.02 13.01 -22.16
CA TRP I 47 62.85 11.56 -22.16
C TRP I 47 62.28 11.06 -23.48
N MET I 48 63.09 10.33 -24.23
CA MET I 48 62.60 9.43 -25.26
C MET I 48 62.57 7.98 -24.79
N GLY I 49 62.95 7.74 -23.55
CA GLY I 49 62.87 6.41 -22.97
C GLY I 49 64.24 5.88 -22.62
N LEU I 50 64.30 4.57 -22.44
CA LEU I 50 65.54 3.89 -22.09
C LEU I 50 65.30 2.39 -22.16
N ILE I 51 66.37 1.62 -22.22
CA ILE I 51 66.24 0.17 -22.23
C ILE I 51 67.52 -0.48 -21.72
N TYR I 52 67.40 -1.28 -20.66
CA TYR I 52 68.45 -2.22 -20.29
C TYR I 52 68.54 -3.25 -21.42
N THR I 53 69.75 -3.51 -21.92
CA THR I 53 69.90 -4.15 -23.22
C THR I 53 70.35 -5.62 -23.22
N ASN I 54 70.22 -6.32 -22.10
CA ASN I 54 70.52 -7.75 -22.05
C ASN I 54 69.55 -8.57 -22.90
N THR I 55 68.28 -8.16 -22.93
CA THR I 55 67.29 -8.79 -23.80
C THR I 55 67.24 -8.14 -25.18
N GLY I 56 67.08 -6.81 -25.26
CA GLY I 56 67.10 -6.10 -26.52
C GLY I 56 65.96 -5.13 -26.79
N GLU I 57 65.41 -4.45 -25.78
CA GLU I 57 64.28 -3.55 -25.99
C GLU I 57 64.67 -2.09 -25.75
N PRO I 58 64.24 -1.15 -26.60
CA PRO I 58 64.18 0.26 -26.20
C PRO I 58 62.81 0.63 -25.65
N THR I 59 62.79 1.60 -24.73
CA THR I 59 61.55 2.02 -24.09
C THR I 59 61.30 3.50 -24.35
N TYR I 60 60.03 3.87 -24.41
CA TYR I 60 59.62 5.19 -24.86
C TYR I 60 59.23 6.09 -23.69
N ALA I 61 59.28 7.39 -23.95
CA ALA I 61 58.87 8.39 -22.98
C ALA I 61 57.57 9.06 -23.43
N GLU I 62 57.19 10.12 -22.71
CA GLU I 62 55.91 10.77 -22.96
C GLU I 62 56.03 11.95 -23.94
N GLU I 63 57.14 12.70 -23.87
CA GLU I 63 57.26 13.91 -24.67
C GLU I 63 58.24 13.76 -25.84
N PHE I 64 59.29 12.95 -25.70
CA PHE I 64 60.25 12.73 -26.77
C PHE I 64 60.01 11.44 -27.55
N LYS I 65 59.58 10.37 -26.87
CA LYS I 65 59.13 9.17 -27.56
C LYS I 65 57.78 9.48 -28.18
N GLY I 66 57.53 8.99 -29.40
CA GLY I 66 56.43 9.49 -30.18
C GLY I 66 56.84 9.84 -31.60
N ARG I 67 56.84 11.15 -31.93
CA ARG I 67 57.38 11.63 -33.20
C ARG I 67 58.85 11.26 -33.39
N PHE I 68 59.64 11.36 -32.35
CA PHE I 68 60.94 10.71 -32.33
C PHE I 68 60.69 9.26 -31.94
N VAL I 69 60.90 8.35 -32.90
CA VAL I 69 60.77 6.92 -32.68
C VAL I 69 62.13 6.31 -33.02
N PHE I 70 62.63 5.42 -32.17
CA PHE I 70 63.97 4.88 -32.34
C PHE I 70 63.94 3.35 -32.45
N SER I 71 64.85 2.81 -33.25
CA SER I 71 65.03 1.37 -33.36
C SER I 71 66.45 1.04 -32.92
N LEU I 72 66.70 -0.24 -32.65
CA LEU I 72 67.97 -0.62 -32.04
C LEU I 72 68.37 -2.04 -32.40
N GLU I 73 69.43 -2.16 -33.20
CA GLU I 73 70.14 -3.43 -33.38
C GLU I 73 71.44 -3.32 -32.58
N ILE I 74 71.36 -3.78 -31.33
CA ILE I 74 72.33 -3.40 -30.28
C ILE I 74 73.67 -4.10 -30.38
N SER I 75 73.86 -4.96 -31.39
CA SER I 75 75.04 -5.82 -31.48
C SER I 75 76.34 -5.06 -31.72
N ALA I 76 76.32 -4.05 -32.59
CA ALA I 76 77.40 -3.07 -32.66
C ALA I 76 77.10 -1.87 -31.78
N SER I 77 76.03 -1.92 -30.99
CA SER I 77 75.49 -0.74 -30.33
C SER I 77 74.60 0.05 -31.28
N THR I 78 74.22 -0.56 -32.39
CA THR I 78 73.53 0.11 -33.48
C THR I 78 72.11 0.49 -33.07
N ALA I 79 71.72 1.72 -33.33
CA ALA I 79 70.35 2.17 -33.15
C ALA I 79 70.21 3.49 -33.86
N TYR I 80 68.96 3.92 -34.05
CA TYR I 80 68.69 5.18 -34.71
C TYR I 80 67.39 5.74 -34.18
N LEU I 81 67.46 6.98 -33.68
CA LEU I 81 66.30 7.71 -33.20
C LEU I 81 65.89 8.70 -34.27
N GLN I 82 64.74 8.46 -34.90
CA GLN I 82 64.21 9.33 -35.93
C GLN I 82 63.35 10.39 -35.28
N ILE I 83 63.85 11.63 -35.31
CA ILE I 83 63.02 12.81 -35.14
C ILE I 83 62.17 12.90 -36.40
N ASN I 84 60.94 12.43 -36.31
CA ASN I 84 60.17 12.07 -37.47
C ASN I 84 58.74 12.58 -37.37
N ASN I 85 58.07 12.63 -38.51
CA ASN I 85 56.76 13.23 -38.64
C ASN I 85 56.87 14.72 -38.34
N LEU I 86 57.77 15.35 -39.10
CA LEU I 86 58.37 16.62 -38.72
C LEU I 86 57.37 17.76 -38.79
N THR I 87 57.46 18.64 -37.81
CA THR I 87 56.76 19.91 -37.79
C THR I 87 57.76 20.98 -37.40
N ASN I 88 57.37 22.25 -37.56
CA ASN I 88 58.25 23.35 -37.18
C ASN I 88 58.38 23.46 -35.67
N GLU I 89 57.37 22.99 -34.94
CA GLU I 89 57.42 22.80 -33.50
C GLU I 89 57.78 21.39 -33.10
N ASP I 90 58.75 20.76 -33.77
CA ASP I 90 59.24 19.41 -33.45
C ASP I 90 60.75 19.35 -33.25
N THR I 91 61.50 20.37 -33.68
CA THR I 91 62.97 20.31 -33.69
C THR I 91 63.55 20.53 -32.29
N ALA I 92 64.68 19.89 -32.00
CA ALA I 92 65.42 20.06 -30.75
C ALA I 92 66.81 19.41 -30.80
N THR I 93 67.48 19.30 -29.66
CA THR I 93 68.68 18.49 -29.54
C THR I 93 68.29 17.01 -29.46
N TYR I 94 69.27 16.13 -29.38
CA TYR I 94 69.00 14.72 -29.19
C TYR I 94 70.20 14.06 -28.53
N PHE I 95 69.97 12.91 -27.90
CA PHE I 95 71.02 12.24 -27.17
C PHE I 95 70.67 10.81 -26.80
N CYS I 96 71.62 10.16 -26.15
CA CYS I 96 71.41 8.89 -25.49
C CYS I 96 72.16 8.89 -24.16
N VAL I 97 72.06 7.76 -23.48
CA VAL I 97 72.84 7.50 -22.28
C VAL I 97 73.22 6.03 -22.28
N ARG I 98 74.36 5.71 -21.68
CA ARG I 98 74.83 4.34 -21.49
C ARG I 98 74.78 4.07 -20.00
N ASP I 99 73.89 3.17 -19.58
CA ASP I 99 73.40 3.16 -18.21
C ASP I 99 74.16 2.19 -17.31
N TYR I 100 73.95 2.32 -16.01
CA TYR I 100 74.30 1.33 -15.00
C TYR I 100 73.75 1.87 -13.69
N PHE I 101 72.98 1.03 -12.96
CA PHE I 101 72.33 1.48 -11.73
C PHE I 101 71.29 2.58 -12.00
N ILE I 102 70.08 2.17 -12.40
CA ILE I 102 69.26 2.66 -13.53
C ILE I 102 69.25 4.12 -13.97
N SER I 103 69.81 5.04 -13.18
CA SER I 103 70.32 6.26 -13.81
C SER I 103 71.53 5.92 -14.69
N LEU I 104 71.89 6.83 -15.60
CA LEU I 104 72.88 6.56 -16.63
C LEU I 104 74.28 6.58 -16.04
N ASP I 105 75.13 5.67 -16.49
CA ASP I 105 76.50 5.53 -15.98
C ASP I 105 77.56 6.05 -16.92
N TYR I 106 77.21 6.30 -18.18
CA TYR I 106 78.06 6.99 -19.15
C TYR I 106 77.15 7.83 -20.03
N TRP I 107 77.69 8.87 -20.66
CA TRP I 107 76.88 9.81 -21.42
C TRP I 107 77.27 9.85 -22.89
N GLY I 108 76.26 9.82 -23.76
CA GLY I 108 76.45 9.76 -25.20
C GLY I 108 76.24 11.10 -25.87
N GLN I 109 76.86 11.23 -27.06
CA GLN I 109 77.21 12.55 -27.60
C GLN I 109 76.03 13.36 -28.12
N GLY I 110 75.06 12.75 -28.78
CA GLY I 110 73.90 13.47 -29.22
C GLY I 110 74.13 14.28 -30.49
N THR I 111 73.08 14.98 -30.93
CA THR I 111 73.17 15.87 -32.09
C THR I 111 71.96 16.80 -32.08
N THR I 112 72.18 18.07 -32.40
CA THR I 112 71.13 19.09 -32.36
C THR I 112 70.58 19.34 -33.76
N LEU I 113 69.27 19.28 -33.92
CA LEU I 113 68.62 19.44 -35.21
C LEU I 113 67.35 20.29 -35.12
N THR I 114 67.29 21.32 -35.96
CA THR I 114 66.18 22.27 -35.99
C THR I 114 65.22 21.87 -37.11
N VAL I 115 63.94 21.76 -36.76
CA VAL I 115 62.92 21.23 -37.67
C VAL I 115 62.60 22.27 -38.72
N SER I 116 63.09 22.06 -39.95
CA SER I 116 62.84 22.99 -41.03
C SER I 116 63.01 22.30 -42.38
N SER I 117 61.90 22.07 -43.07
CA SER I 117 61.93 21.49 -44.39
C SER I 117 61.82 22.61 -45.42
N ALA I 118 62.98 23.04 -45.92
CA ALA I 118 63.11 24.32 -46.63
C ALA I 118 63.93 24.05 -47.88
N LYS I 119 64.56 25.09 -48.45
CA LYS I 119 65.53 24.93 -49.53
C LYS I 119 66.67 24.02 -49.08
N THR I 120 67.14 23.14 -49.98
CA THR I 120 68.05 22.06 -49.62
C THR I 120 69.23 22.06 -50.60
N THR I 121 70.37 22.58 -50.14
CA THR I 121 71.54 22.81 -50.99
C THR I 121 72.80 22.43 -50.22
N ALA I 122 73.91 22.32 -50.95
CA ALA I 122 75.17 22.01 -50.33
C ALA I 122 75.89 23.29 -49.94
N PRO I 123 76.85 23.20 -49.03
CA PRO I 123 77.49 24.40 -48.49
C PRO I 123 78.48 25.02 -49.47
N SER I 124 78.69 26.31 -49.30
CA SER I 124 79.73 27.06 -49.99
C SER I 124 80.88 27.26 -49.01
N VAL I 125 82.10 27.01 -49.46
CA VAL I 125 83.31 27.30 -48.69
C VAL I 125 83.75 28.71 -48.99
N TYR I 126 83.57 29.61 -48.02
CA TYR I 126 84.03 30.98 -48.18
C TYR I 126 85.41 31.11 -47.54
N PRO I 127 86.48 31.09 -48.31
CA PRO I 127 87.82 31.19 -47.73
C PRO I 127 88.25 32.65 -47.69
N LEU I 128 89.31 32.91 -46.93
CA LEU I 128 89.86 34.25 -46.83
C LEU I 128 91.21 34.21 -46.12
N ALA I 129 92.18 34.91 -46.67
CA ALA I 129 93.45 35.20 -46.05
C ALA I 129 93.33 36.44 -45.18
N PRO I 130 94.43 36.89 -44.59
CA PRO I 130 94.36 38.06 -43.70
C PRO I 130 94.20 39.37 -44.45
N VAL I 131 94.34 40.46 -43.70
CA VAL I 131 94.28 41.81 -44.26
C VAL I 131 95.52 42.04 -45.12
N CYS I 132 95.36 42.87 -46.16
CA CYS I 132 96.51 43.38 -46.89
C CYS I 132 97.19 44.51 -46.14
N GLY I 133 96.49 45.10 -45.19
CA GLY I 133 97.06 46.12 -44.32
C GLY I 133 97.12 45.61 -42.91
N GLY I 134 98.26 45.83 -42.26
CA GLY I 134 98.52 45.27 -40.95
C GLY I 134 99.37 44.01 -40.99
N THR I 135 98.93 42.98 -40.28
CA THR I 135 99.73 41.76 -40.11
C THR I 135 100.91 42.03 -39.18
N THR I 136 100.64 42.89 -38.20
CA THR I 136 101.61 43.23 -37.15
C THR I 136 101.12 42.52 -35.90
N GLY I 137 101.36 41.21 -35.86
CA GLY I 137 100.95 40.38 -34.76
C GLY I 137 101.76 39.09 -34.73
N SER I 138 101.16 38.07 -34.11
CA SER I 138 101.87 36.80 -33.98
C SER I 138 101.79 35.93 -35.22
N SER I 139 100.70 36.01 -35.97
CA SER I 139 100.43 35.11 -37.09
C SER I 139 99.57 35.79 -38.15
N VAL I 140 98.90 34.99 -38.98
CA VAL I 140 97.87 35.50 -39.89
C VAL I 140 96.53 34.94 -39.43
N THR I 141 95.55 35.81 -39.33
CA THR I 141 94.19 35.43 -38.98
C THR I 141 93.33 35.57 -40.23
N LEU I 142 92.63 34.50 -40.60
CA LEU I 142 91.83 34.44 -41.80
C LEU I 142 90.56 33.62 -41.51
N GLY I 143 89.88 33.22 -42.58
CA GLY I 143 88.64 32.53 -42.37
C GLY I 143 88.37 31.43 -43.38
N CYS I 144 87.55 30.49 -42.94
CA CYS I 144 86.89 29.56 -43.84
C CYS I 144 85.47 29.44 -43.29
N LEU I 145 84.48 29.55 -44.16
CA LEU I 145 83.10 29.67 -43.69
C LEU I 145 82.20 28.73 -44.48
N VAL I 146 81.09 28.34 -43.85
CA VAL I 146 80.00 27.63 -44.49
C VAL I 146 78.96 28.67 -44.87
N LYS I 147 79.09 29.21 -46.06
CA LYS I 147 78.22 30.28 -46.53
C LYS I 147 77.45 29.80 -47.76
N GLY I 148 76.19 30.22 -47.85
CA GLY I 148 75.41 30.01 -49.05
C GLY I 148 74.95 28.58 -49.24
N TYR I 149 74.90 27.85 -48.14
CA TYR I 149 74.39 26.48 -48.13
C TYR I 149 73.07 26.48 -47.40
N PHE I 150 72.00 26.58 -48.16
CA PHE I 150 70.67 26.67 -47.59
C PHE I 150 70.06 25.28 -47.68
N PRO I 151 69.69 24.67 -46.55
CA PRO I 151 69.83 25.15 -45.18
C PRO I 151 71.05 24.57 -44.47
N GLU I 152 71.14 24.83 -43.17
CA GLU I 152 72.17 24.23 -42.35
C GLU I 152 71.65 22.94 -41.73
N PRO I 153 72.53 22.14 -41.08
CA PRO I 153 73.90 22.36 -40.59
C PRO I 153 75.00 22.21 -41.63
N VAL I 154 75.77 23.28 -41.82
CA VAL I 154 76.84 23.35 -42.81
C VAL I 154 78.18 23.33 -42.08
N THR I 155 78.90 22.22 -42.24
CA THR I 155 80.05 21.89 -41.40
C THR I 155 81.26 22.73 -41.77
N LEU I 156 82.29 22.69 -40.92
CA LEU I 156 83.57 23.34 -41.17
C LEU I 156 84.65 22.26 -41.25
N THR I 157 85.00 21.87 -42.48
CA THR I 157 86.07 20.92 -42.76
C THR I 157 87.24 21.66 -43.39
N TRP I 158 88.43 21.47 -42.84
CA TRP I 158 89.51 22.42 -43.02
C TRP I 158 90.80 21.75 -43.46
N ASN I 159 91.01 21.69 -44.78
CA ASN I 159 92.33 21.58 -45.40
C ASN I 159 93.05 20.26 -45.13
N SER I 160 92.26 19.20 -44.94
CA SER I 160 92.80 17.85 -44.74
C SER I 160 93.51 17.67 -43.41
N GLY I 161 93.09 18.44 -42.41
CA GLY I 161 93.73 18.46 -41.11
C GLY I 161 94.75 19.55 -40.93
N SER I 162 95.12 20.28 -41.99
CA SER I 162 96.03 21.39 -41.86
C SER I 162 95.33 22.63 -41.31
N LEU I 163 94.08 22.86 -41.72
CA LEU I 163 93.25 23.93 -41.18
C LEU I 163 92.23 23.29 -40.25
N SER I 164 92.70 22.35 -39.45
CA SER I 164 92.02 21.87 -38.26
C SER I 164 92.83 22.14 -37.01
N SER I 165 94.05 22.64 -37.17
CA SER I 165 94.76 23.31 -36.09
C SER I 165 94.60 24.81 -36.29
N GLY I 166 94.00 25.47 -35.30
CA GLY I 166 93.72 26.89 -35.39
C GLY I 166 92.37 27.23 -35.97
N VAL I 167 91.80 26.34 -36.78
CA VAL I 167 90.53 26.59 -37.45
C VAL I 167 89.42 26.33 -36.46
N HIS I 168 88.99 27.39 -35.78
CA HIS I 168 87.85 27.34 -34.86
C HIS I 168 86.64 27.92 -35.58
N THR I 169 85.60 27.11 -35.74
CA THR I 169 84.41 27.48 -36.50
C THR I 169 83.40 28.14 -35.56
N PHE I 170 82.46 28.89 -36.13
CA PHE I 170 81.30 29.34 -35.37
C PHE I 170 80.08 28.69 -35.98
N PRO I 171 78.87 28.95 -35.46
CA PRO I 171 77.67 28.36 -36.05
C PRO I 171 77.33 29.01 -37.39
N ALA I 172 76.51 28.32 -38.17
CA ALA I 172 75.96 28.90 -39.38
C ALA I 172 74.84 29.87 -39.02
N LEU I 173 74.91 31.08 -39.60
CA LEU I 173 73.86 32.08 -39.38
C LEU I 173 72.64 31.67 -40.19
N LEU I 174 71.53 31.45 -39.50
CA LEU I 174 70.30 31.00 -40.12
C LEU I 174 69.45 32.22 -40.47
N GLN I 175 69.51 32.63 -41.74
CA GLN I 175 68.83 33.84 -42.18
C GLN I 175 68.34 33.63 -43.60
N SER I 176 67.07 33.94 -43.84
CA SER I 176 66.51 34.02 -45.18
C SER I 176 66.30 32.63 -45.81
N GLY I 177 66.28 31.61 -44.96
CA GLY I 177 66.35 30.25 -45.43
C GLY I 177 67.72 29.82 -45.92
N LEU I 178 68.79 30.41 -45.39
CA LEU I 178 70.16 30.09 -45.79
C LEU I 178 71.08 30.12 -44.58
N TYR I 179 72.07 29.24 -44.61
CA TYR I 179 73.14 29.21 -43.61
C TYR I 179 74.37 29.96 -44.14
N THR I 180 74.85 30.90 -43.33
CA THR I 180 76.08 31.64 -43.60
C THR I 180 76.80 31.88 -42.28
N LEU I 181 77.85 31.09 -42.04
CA LEU I 181 78.64 31.20 -40.83
C LEU I 181 80.11 31.14 -41.19
N SER I 182 80.95 31.70 -40.32
CA SER I 182 82.37 31.77 -40.61
C SER I 182 83.15 30.99 -39.56
N SER I 183 84.44 30.83 -39.82
CA SER I 183 85.33 30.24 -38.84
C SER I 183 86.68 30.92 -38.96
N SER I 184 87.24 31.25 -37.81
CA SER I 184 88.57 31.83 -37.75
C SER I 184 89.58 30.72 -38.00
N VAL I 185 90.21 30.79 -39.16
CA VAL I 185 91.36 29.95 -39.46
C VAL I 185 92.60 30.73 -39.04
N THR I 186 93.32 30.21 -38.06
CA THR I 186 94.55 30.84 -37.61
C THR I 186 95.72 30.11 -38.24
N VAL I 187 96.42 30.80 -39.15
CA VAL I 187 97.70 30.31 -39.66
C VAL I 187 98.78 30.95 -38.81
N THR I 188 99.79 30.15 -38.46
CA THR I 188 100.81 30.61 -37.52
C THR I 188 101.77 31.59 -38.18
N SER I 189 102.56 32.27 -37.37
CA SER I 189 103.63 33.09 -37.90
C SER I 189 104.75 32.25 -38.50
N ASN I 190 105.03 31.08 -37.95
CA ASN I 190 105.84 30.12 -38.67
C ASN I 190 105.09 29.54 -39.87
N THR I 191 103.76 29.39 -39.76
CA THR I 191 103.01 28.75 -40.82
C THR I 191 102.68 29.74 -41.96
N TRP I 192 101.88 30.77 -41.66
CA TRP I 192 101.28 31.63 -42.67
C TRP I 192 101.95 33.00 -42.68
N PRO I 193 101.99 33.69 -43.83
CA PRO I 193 101.46 33.39 -45.17
C PRO I 193 102.37 32.51 -46.01
N SER I 194 103.39 31.89 -45.38
CA SER I 194 104.19 30.88 -46.06
C SER I 194 103.36 29.62 -46.31
N GLN I 195 102.42 29.34 -45.42
CA GLN I 195 101.32 28.42 -45.64
C GLN I 195 100.01 29.19 -45.55
N THR I 196 98.92 28.45 -45.46
CA THR I 196 97.60 29.08 -45.37
C THR I 196 97.07 29.02 -43.95
N ILE I 197 95.84 29.53 -43.77
CA ILE I 197 94.98 29.23 -42.62
C ILE I 197 93.56 29.10 -43.15
N THR I 198 93.10 27.86 -43.35
CA THR I 198 91.97 27.60 -44.26
C THR I 198 90.92 26.66 -43.69
N CYS I 199 89.66 27.03 -43.86
CA CYS I 199 88.54 26.21 -43.40
C CYS I 199 87.59 25.94 -44.56
N ASN I 200 86.49 25.23 -44.31
CA ASN I 200 85.51 24.97 -45.36
C ASN I 200 84.16 24.64 -44.76
N VAL I 201 83.14 24.64 -45.62
CA VAL I 201 81.75 24.44 -45.22
C VAL I 201 81.16 23.25 -45.97
N ALA I 202 80.21 22.57 -45.33
CA ALA I 202 79.68 21.29 -45.80
C ALA I 202 78.17 21.25 -45.77
N HIS I 203 77.57 20.61 -46.79
CA HIS I 203 76.12 20.50 -46.95
C HIS I 203 75.73 19.30 -47.81
N PRO I 204 74.71 18.54 -47.39
CA PRO I 204 74.41 17.27 -48.07
C PRO I 204 73.40 17.34 -49.21
N ALA I 205 72.54 18.37 -49.24
CA ALA I 205 71.48 18.43 -50.25
C ALA I 205 72.03 18.77 -51.62
N SER I 206 73.21 19.39 -51.68
CA SER I 206 74.03 19.46 -52.88
C SER I 206 75.16 18.44 -52.85
N SER I 207 75.46 17.87 -51.67
CA SER I 207 76.46 16.80 -51.55
C SER I 207 77.88 17.34 -51.71
N THR I 208 78.12 18.53 -51.16
CA THR I 208 79.39 19.22 -51.33
C THR I 208 79.95 19.59 -49.97
N LYS I 209 81.23 19.94 -49.95
CA LYS I 209 81.88 20.52 -48.79
C LYS I 209 83.17 21.18 -49.24
N VAL I 210 83.16 22.51 -49.31
CA VAL I 210 84.23 23.27 -49.92
C VAL I 210 85.25 23.65 -48.86
N ASP I 211 86.50 23.26 -49.08
CA ASP I 211 87.62 23.59 -48.21
C ASP I 211 88.50 24.59 -48.94
N LYS I 212 88.69 25.77 -48.35
CA LYS I 212 89.47 26.85 -48.93
C LYS I 212 90.59 27.24 -47.98
N LYS I 213 91.80 27.38 -48.55
CA LYS I 213 92.93 27.93 -47.83
C LYS I 213 92.76 29.44 -47.67
N ILE I 214 93.40 30.00 -46.65
CA ILE I 214 93.52 31.44 -46.51
C ILE I 214 94.67 31.86 -47.41
N GLU I 215 94.34 32.32 -48.61
CA GLU I 215 95.32 32.50 -49.67
C GLU I 215 96.09 33.80 -49.48
N SER I 216 97.09 34.00 -50.34
CA SER I 216 97.75 35.29 -50.40
C SER I 216 96.81 36.30 -51.06
N ARG I 217 96.50 37.37 -50.30
CA ARG I 217 95.63 38.41 -50.82
C ARG I 217 96.35 39.39 -51.73
N ARG I 218 97.68 39.37 -51.74
CA ARG I 218 98.47 40.29 -52.56
C ARG I 218 99.62 40.90 -51.76
N GLN J 1 55.17 13.07 -16.33
CA GLN J 1 55.33 12.05 -15.31
C GLN J 1 55.43 12.64 -13.90
N ALA J 2 56.61 13.14 -13.55
CA ALA J 2 56.87 13.76 -12.26
C ALA J 2 58.19 14.52 -12.35
N VAL J 3 58.15 15.78 -11.91
CA VAL J 3 59.22 16.74 -12.16
C VAL J 3 59.74 17.27 -10.83
N VAL J 4 61.04 17.11 -10.61
CA VAL J 4 61.72 17.71 -9.47
C VAL J 4 61.68 19.21 -9.63
N THR J 5 61.04 19.89 -8.67
CA THR J 5 60.90 21.34 -8.63
C THR J 5 62.28 21.99 -8.52
N GLN J 6 62.52 22.98 -9.37
CA GLN J 6 63.87 23.40 -9.70
C GLN J 6 64.30 24.58 -8.86
N GLU J 7 65.40 24.37 -8.13
CA GLU J 7 66.14 25.48 -7.54
C GLU J 7 66.85 26.23 -8.66
N SER J 8 67.27 27.47 -8.34
CA SER J 8 67.63 28.48 -9.33
C SER J 8 68.91 28.13 -10.07
N ALA J 9 69.78 27.35 -9.43
CA ALA J 9 70.94 26.79 -10.10
C ALA J 9 71.65 25.87 -9.11
N LEU J 10 72.83 25.41 -9.51
CA LEU J 10 73.79 24.89 -8.57
C LEU J 10 74.94 25.87 -8.57
N THR J 11 74.80 26.92 -7.76
CA THR J 11 75.72 28.05 -7.74
C THR J 11 76.99 27.62 -7.03
N THR J 12 78.09 27.57 -7.77
CA THR J 12 79.32 26.99 -7.28
C THR J 12 80.41 28.05 -7.23
N SER J 13 81.33 27.85 -6.30
CA SER J 13 82.55 28.61 -6.15
C SER J 13 83.74 27.69 -6.40
N PRO J 14 84.96 28.22 -6.37
CA PRO J 14 86.13 27.34 -6.36
C PRO J 14 86.20 26.59 -5.04
N GLY J 15 85.91 25.28 -5.11
CA GLY J 15 85.63 24.51 -3.93
C GLY J 15 84.19 24.59 -3.45
N GLU J 16 83.34 25.34 -4.15
CA GLU J 16 81.95 25.52 -3.74
C GLU J 16 81.14 24.26 -4.04
N THR J 17 80.97 23.44 -3.01
CA THR J 17 80.33 22.14 -3.11
C THR J 17 78.85 22.37 -3.31
N VAL J 18 78.45 22.48 -4.57
CA VAL J 18 77.08 22.79 -4.97
C VAL J 18 76.25 21.54 -4.71
N THR J 19 75.44 21.59 -3.67
CA THR J 19 74.41 20.60 -3.40
C THR J 19 73.21 21.02 -4.23
N LEU J 20 73.28 20.73 -5.52
CA LEU J 20 72.20 21.00 -6.45
C LEU J 20 71.19 19.87 -6.31
N THR J 21 70.09 20.19 -5.67
CA THR J 21 69.01 19.26 -5.45
C THR J 21 67.81 19.71 -6.26
N CYS J 22 66.90 18.77 -6.49
CA CYS J 22 65.60 19.08 -7.07
C CYS J 22 64.59 18.60 -6.04
N ARG J 23 63.54 19.39 -5.82
CA ARG J 23 62.48 19.02 -4.89
C ARG J 23 61.70 17.87 -5.51
N SER J 24 61.99 16.66 -5.03
CA SER J 24 61.60 15.38 -5.62
C SER J 24 60.09 15.20 -5.59
N ASN J 25 59.60 14.23 -6.38
CA ASN J 25 58.17 14.14 -6.66
C ASN J 25 57.35 13.57 -5.53
N ILE J 26 57.89 12.63 -4.75
CA ILE J 26 57.12 12.06 -3.65
C ILE J 26 57.73 12.43 -2.31
N GLY J 27 59.00 12.77 -2.29
CA GLY J 27 59.73 12.98 -1.06
C GLY J 27 61.20 13.18 -1.38
N ALA J 28 62.03 12.63 -0.49
CA ALA J 28 63.46 12.63 -0.72
C ALA J 28 63.79 11.73 -1.90
N VAL J 29 64.80 12.14 -2.64
CA VAL J 29 65.23 11.37 -3.79
C VAL J 29 65.99 10.16 -3.27
N THR J 30 65.85 9.05 -3.98
CA THR J 30 66.22 7.75 -3.49
C THR J 30 67.01 7.09 -4.58
N SER J 31 67.17 5.77 -4.47
CA SER J 31 67.89 4.98 -5.47
C SER J 31 66.97 4.05 -6.27
N SER J 32 65.86 3.59 -5.70
CA SER J 32 64.87 2.81 -6.44
C SER J 32 63.84 3.69 -7.14
N ASN J 33 63.53 4.85 -6.57
CA ASN J 33 62.97 5.98 -7.31
C ASN J 33 64.06 6.82 -7.96
N CYS J 34 65.32 6.58 -7.60
CA CYS J 34 66.47 6.89 -8.43
C CYS J 34 66.82 8.37 -8.44
N ALA J 35 66.26 9.11 -7.47
CA ALA J 35 66.34 10.57 -7.50
C ALA J 35 67.69 11.07 -7.02
N ASN J 36 68.61 11.22 -7.97
CA ASN J 36 69.98 11.68 -7.71
C ASN J 36 70.29 12.85 -8.64
N TRP J 37 71.48 13.42 -8.48
CA TRP J 37 71.86 14.63 -9.18
C TRP J 37 72.96 14.36 -10.19
N VAL J 38 73.11 15.27 -11.13
CA VAL J 38 74.15 15.21 -12.15
C VAL J 38 74.71 16.60 -12.36
N GLN J 39 76.00 16.67 -12.65
CA GLN J 39 76.68 17.90 -13.02
C GLN J 39 76.94 17.87 -14.51
N GLU J 40 75.99 18.42 -15.29
CA GLU J 40 75.94 18.20 -16.73
C GLU J 40 76.57 19.37 -17.44
N LYS J 41 77.71 19.13 -18.11
CA LYS J 41 78.47 20.10 -18.88
C LYS J 41 77.99 20.15 -20.32
N PRO J 42 78.50 21.11 -21.11
CA PRO J 42 77.95 21.33 -22.44
C PRO J 42 78.65 20.49 -23.50
N ASP J 43 78.14 20.55 -24.73
CA ASP J 43 78.48 19.63 -25.80
C ASP J 43 77.66 18.33 -25.89
N HIS J 44 76.45 18.32 -25.32
CA HIS J 44 75.41 17.36 -25.72
C HIS J 44 75.55 15.97 -25.06
N PHE J 45 76.58 15.81 -24.23
CA PHE J 45 76.72 14.62 -23.40
C PHE J 45 76.53 15.05 -21.95
N PHE J 46 75.35 14.80 -21.42
CA PHE J 46 75.03 15.09 -20.01
C PHE J 46 75.68 14.01 -19.16
N THR J 47 76.49 14.45 -18.20
CA THR J 47 77.36 13.53 -17.47
C THR J 47 76.83 13.35 -16.05
N GLY J 48 76.74 12.09 -15.64
CA GLY J 48 76.15 11.73 -14.35
C GLY J 48 77.05 12.13 -13.20
N LEU J 49 76.43 12.68 -12.15
CA LEU J 49 77.20 13.23 -11.04
C LEU J 49 77.09 12.36 -9.80
N ILE J 50 75.88 12.15 -9.32
CA ILE J 50 75.64 11.29 -8.18
C ILE J 50 74.32 10.58 -8.39
N GLY J 51 74.40 9.31 -8.75
CA GLY J 51 73.27 8.61 -9.29
C GLY J 51 72.57 7.81 -8.22
N ASP J 52 71.31 8.17 -7.98
CA ASP J 52 70.47 7.48 -7.01
C ASP J 52 70.69 7.96 -5.57
N THR J 53 71.42 9.07 -5.43
CA THR J 53 71.41 9.85 -4.21
C THR J 53 72.11 9.19 -3.03
N ASN J 54 73.04 8.28 -3.30
CA ASN J 54 73.72 7.61 -2.20
C ASN J 54 75.19 7.39 -2.50
N ASN J 55 75.64 7.77 -3.69
CA ASN J 55 76.97 7.45 -4.19
C ASN J 55 77.16 8.29 -5.43
N ARG J 56 78.39 8.36 -5.93
CA ARG J 56 78.71 9.28 -7.01
C ARG J 56 78.24 8.76 -8.36
N ARG J 57 78.53 9.50 -9.41
CA ARG J 57 78.36 8.94 -10.74
C ARG J 57 79.56 8.04 -11.03
N SER J 58 79.41 7.20 -12.05
CA SER J 58 80.46 6.23 -12.31
C SER J 58 81.51 6.83 -13.22
N GLY J 59 82.55 7.39 -12.61
CA GLY J 59 83.68 7.89 -13.37
C GLY J 59 83.60 9.33 -13.82
N VAL J 60 82.91 10.19 -13.10
CA VAL J 60 82.62 11.57 -13.49
C VAL J 60 83.79 12.47 -13.08
N PRO J 61 83.57 13.77 -12.89
CA PRO J 61 84.62 14.62 -12.32
C PRO J 61 84.84 14.37 -10.84
N ALA J 62 85.77 15.13 -10.25
CA ALA J 62 86.16 14.93 -8.86
C ALA J 62 85.16 15.43 -7.82
N ARG J 63 83.99 15.91 -8.23
CA ARG J 63 83.06 16.49 -7.27
C ARG J 63 81.85 15.63 -6.96
N PHE J 64 81.47 14.71 -7.85
CA PHE J 64 80.12 14.16 -7.92
C PHE J 64 79.84 13.13 -6.82
N SER J 65 78.84 13.42 -5.98
CA SER J 65 78.36 12.44 -5.01
C SER J 65 76.88 12.66 -4.73
N GLY J 66 76.11 11.59 -4.75
CA GLY J 66 74.67 11.73 -4.62
C GLY J 66 74.18 11.87 -3.19
N SER J 67 73.08 12.58 -3.01
CA SER J 67 72.53 12.77 -1.68
C SER J 67 71.02 12.98 -1.80
N LEU J 68 70.31 12.67 -0.71
CA LEU J 68 68.88 12.89 -0.57
C LEU J 68 68.66 13.69 0.71
N ILE J 69 68.26 14.96 0.54
CA ILE J 69 68.36 15.96 1.60
C ILE J 69 67.11 16.83 1.53
N GLY J 70 66.54 17.13 2.70
CA GLY J 70 65.35 17.96 2.77
C GLY J 70 64.13 17.21 2.27
N ASP J 71 63.50 17.77 1.24
CA ASP J 71 62.44 17.09 0.49
C ASP J 71 62.89 16.84 -0.94
N LYS J 72 64.20 16.76 -1.16
CA LYS J 72 64.77 16.77 -2.49
C LYS J 72 65.83 15.68 -2.66
N ALA J 73 66.07 15.35 -3.94
CA ALA J 73 67.18 14.49 -4.33
C ALA J 73 68.10 15.24 -5.27
N ALA J 74 69.41 15.09 -5.06
CA ALA J 74 70.36 15.80 -5.89
C ALA J 74 71.77 15.26 -5.73
N LEU J 75 72.73 16.08 -6.16
CA LEU J 75 74.14 15.76 -6.04
C LEU J 75 74.87 16.92 -5.39
N THR J 76 75.89 16.61 -4.60
CA THR J 76 76.85 17.58 -4.14
C THR J 76 78.06 17.46 -5.05
N ILE J 77 78.51 18.60 -5.57
CA ILE J 77 79.70 18.71 -6.42
C ILE J 77 80.73 19.52 -5.64
N THR J 78 81.75 18.86 -5.11
CA THR J 78 82.77 19.48 -4.26
C THR J 78 84.14 19.14 -4.82
N GLY J 79 84.82 20.16 -5.33
CA GLY J 79 85.92 19.97 -6.24
C GLY J 79 85.43 20.42 -7.60
N ALA J 80 84.43 21.29 -7.56
CA ALA J 80 83.85 21.86 -8.78
C ALA J 80 84.39 23.27 -9.01
N GLN J 81 84.52 23.63 -10.28
CA GLN J 81 85.03 24.92 -10.71
C GLN J 81 84.13 25.42 -11.84
N THR J 82 84.57 26.50 -12.50
CA THR J 82 83.71 27.17 -13.49
C THR J 82 83.82 26.57 -14.89
N GLU J 83 84.56 25.46 -15.03
CA GLU J 83 84.60 24.74 -16.29
C GLU J 83 83.46 23.74 -16.41
N ASP J 84 82.65 23.60 -15.37
CA ASP J 84 81.44 22.81 -15.42
C ASP J 84 80.18 23.63 -15.68
N GLU J 85 80.23 24.61 -16.59
CA GLU J 85 79.09 25.46 -16.88
C GLU J 85 78.03 24.62 -17.59
N ALA J 86 76.99 24.28 -16.86
CA ALA J 86 76.08 23.20 -17.24
C ALA J 86 74.80 23.35 -16.43
N ILE J 87 74.02 22.29 -16.39
CA ILE J 87 72.88 22.18 -15.51
C ILE J 87 73.29 21.38 -14.28
N TYR J 88 72.81 21.81 -13.12
CA TYR J 88 72.86 21.02 -11.89
C TYR J 88 71.50 20.36 -11.77
N PHE J 89 71.46 19.05 -11.89
CA PHE J 89 70.20 18.34 -12.09
C PHE J 89 69.96 17.40 -10.92
N CYS J 90 68.68 17.22 -10.59
CA CYS J 90 68.21 16.14 -9.75
C CYS J 90 67.00 15.49 -10.42
N ALA J 91 67.12 14.21 -10.70
CA ALA J 91 66.15 13.47 -11.49
C ALA J 91 66.23 11.99 -11.12
N LEU J 92 65.28 11.21 -11.62
CA LEU J 92 65.07 9.87 -11.10
C LEU J 92 65.50 8.79 -12.08
N TRP J 93 66.40 7.91 -11.65
CA TRP J 93 66.59 6.62 -12.28
C TRP J 93 65.63 5.60 -11.65
N TYR J 94 64.35 5.73 -11.97
CA TYR J 94 63.28 5.33 -11.07
C TYR J 94 62.69 3.99 -11.45
N ASN J 95 63.50 3.13 -12.06
CA ASN J 95 63.09 1.76 -12.31
C ASN J 95 62.16 1.61 -13.51
N ASN J 96 61.92 2.69 -14.25
CA ASN J 96 61.29 2.59 -15.55
C ASN J 96 62.07 3.45 -16.53
N LEU J 97 63.01 4.23 -16.01
CA LEU J 97 64.07 4.80 -16.81
C LEU J 97 64.88 5.72 -15.91
N TRP J 98 66.02 6.16 -16.43
CA TRP J 98 66.73 7.33 -15.92
C TRP J 98 66.12 8.55 -16.61
N VAL J 99 65.54 9.45 -15.82
CA VAL J 99 64.87 10.64 -16.34
C VAL J 99 65.11 11.82 -15.41
N PHE J 100 66.00 12.70 -15.81
CA PHE J 100 66.12 14.00 -15.19
C PHE J 100 65.60 15.07 -16.14
N GLY J 101 65.14 16.17 -15.57
CA GLY J 101 64.99 17.40 -16.30
C GLY J 101 66.28 18.17 -16.32
N GLY J 102 66.21 19.39 -16.82
CA GLY J 102 67.37 20.26 -16.77
C GLY J 102 67.77 20.72 -15.38
N GLY J 103 66.82 20.84 -14.47
CA GLY J 103 67.21 21.23 -13.11
C GLY J 103 67.35 22.72 -12.96
N THR J 104 68.45 23.13 -12.34
CA THR J 104 68.87 24.53 -12.34
C THR J 104 70.11 24.64 -13.22
N LYS J 105 70.54 25.87 -13.51
CA LYS J 105 71.74 26.09 -14.29
C LYS J 105 72.94 26.24 -13.37
N LEU J 106 73.79 25.22 -13.34
CA LEU J 106 74.93 25.16 -12.43
C LEU J 106 76.16 25.80 -13.08
N THR J 107 76.68 26.84 -12.44
CA THR J 107 77.99 27.40 -12.73
C THR J 107 78.88 27.12 -11.52
N VAL J 108 80.18 27.40 -11.66
CA VAL J 108 81.18 27.11 -10.64
C VAL J 108 82.12 28.31 -10.52
N LEU J 109 83.19 28.15 -9.74
CA LEU J 109 84.19 29.19 -9.59
C LEU J 109 85.13 29.21 -10.79
N GLY J 110 85.16 30.34 -11.47
CA GLY J 110 85.87 30.49 -12.73
C GLY J 110 86.39 31.91 -12.86
N GLN J 111 86.11 32.50 -14.03
CA GLN J 111 86.18 33.94 -14.28
C GLN J 111 87.57 34.55 -14.17
N PRO J 112 88.48 34.20 -15.08
CA PRO J 112 89.74 34.95 -15.19
C PRO J 112 89.55 36.19 -16.07
N LYS J 113 90.63 36.94 -16.23
CA LYS J 113 90.55 38.22 -16.93
C LYS J 113 90.67 38.09 -18.44
N SER J 114 90.00 38.99 -19.16
CA SER J 114 90.29 39.23 -20.57
C SER J 114 89.39 40.34 -21.08
N SER J 115 89.88 41.10 -22.04
CA SER J 115 88.99 41.82 -22.94
C SER J 115 88.69 40.90 -24.12
N PRO J 116 87.89 41.36 -25.08
CA PRO J 116 87.69 40.56 -26.28
C PRO J 116 88.94 40.59 -27.15
N SER J 117 89.05 39.56 -27.99
CA SER J 117 90.11 39.44 -28.97
C SER J 117 89.45 39.61 -30.34
N VAL J 118 89.30 40.85 -30.78
CA VAL J 118 88.50 41.18 -31.95
C VAL J 118 89.42 41.30 -33.16
N THR J 119 88.92 40.86 -34.32
CA THR J 119 89.58 41.07 -35.59
C THR J 119 88.51 40.98 -36.67
N LEU J 120 88.17 42.11 -37.27
CA LEU J 120 87.13 42.18 -38.28
C LEU J 120 87.78 42.32 -39.64
N PHE J 121 87.98 41.21 -40.31
CA PHE J 121 88.51 41.31 -41.65
C PHE J 121 87.39 41.67 -42.61
N PRO J 122 87.70 42.19 -43.78
CA PRO J 122 86.63 42.61 -44.70
C PRO J 122 86.19 41.45 -45.57
N PRO J 123 85.20 41.67 -46.43
CA PRO J 123 84.95 40.70 -47.50
C PRO J 123 86.05 40.84 -48.53
N SER J 124 86.65 39.71 -48.90
CA SER J 124 87.71 39.71 -49.90
C SER J 124 87.10 39.76 -51.29
N SER J 125 87.96 39.74 -52.31
CA SER J 125 87.49 39.68 -53.68
C SER J 125 86.93 38.31 -54.05
N GLU J 126 87.26 37.26 -53.29
CA GLU J 126 86.62 35.96 -53.46
C GLU J 126 85.22 35.94 -52.87
N GLU J 127 84.88 36.92 -52.01
CA GLU J 127 83.50 37.10 -51.60
C GLU J 127 82.85 38.30 -52.29
N LEU J 128 83.60 39.40 -52.48
CA LEU J 128 83.12 40.60 -53.16
C LEU J 128 83.16 40.50 -54.68
N GLU J 129 83.56 39.36 -55.24
CA GLU J 129 83.38 39.05 -56.65
C GLU J 129 82.04 38.40 -56.93
N THR J 130 81.17 38.30 -55.92
CA THR J 130 79.76 37.97 -56.10
C THR J 130 78.86 39.12 -55.67
N ASN J 131 79.32 40.37 -55.78
CA ASN J 131 78.63 41.56 -55.31
C ASN J 131 78.55 41.54 -53.79
N LYS J 132 79.67 41.23 -53.14
CA LYS J 132 79.61 40.74 -51.77
C LYS J 132 80.23 41.73 -50.79
N ALA J 133 79.74 41.68 -49.57
CA ALA J 133 80.32 42.38 -48.43
C ALA J 133 79.84 41.66 -47.17
N THR J 134 80.65 40.75 -46.68
CA THR J 134 80.41 40.12 -45.39
C THR J 134 81.71 40.28 -44.61
N LEU J 135 81.83 41.41 -43.91
CA LEU J 135 83.04 41.75 -43.17
C LEU J 135 83.13 40.80 -42.00
N VAL J 136 83.95 39.77 -42.16
CA VAL J 136 83.99 38.61 -41.27
C VAL J 136 84.66 39.05 -39.98
N CYS J 137 83.85 39.20 -38.95
CA CYS J 137 84.31 39.59 -37.62
C CYS J 137 84.61 38.30 -36.87
N THR J 138 85.76 38.26 -36.23
CA THR J 138 86.11 37.18 -35.34
C THR J 138 86.29 37.78 -33.95
N ILE J 139 85.66 37.15 -32.97
CA ILE J 139 85.77 37.55 -31.58
C ILE J 139 86.24 36.33 -30.79
N THR J 140 87.55 36.17 -30.67
CA THR J 140 88.16 35.06 -29.97
C THR J 140 88.96 35.59 -28.79
N ASP J 141 89.26 34.68 -27.86
CA ASP J 141 90.17 34.96 -26.74
C ASP J 141 89.58 35.92 -25.72
N PHE J 142 88.25 35.92 -25.58
CA PHE J 142 87.56 36.80 -24.65
C PHE J 142 87.47 36.13 -23.28
N TYR J 143 87.51 36.94 -22.22
CA TYR J 143 87.54 36.35 -20.88
C TYR J 143 86.88 37.25 -19.83
N PRO J 144 85.58 37.08 -19.58
CA PRO J 144 84.61 36.13 -20.16
C PRO J 144 84.04 36.68 -21.44
N GLY J 145 82.91 36.12 -21.88
CA GLY J 145 82.35 36.50 -23.14
C GLY J 145 81.53 37.79 -23.12
N VAL J 146 82.20 38.91 -22.92
CA VAL J 146 81.56 40.21 -23.04
C VAL J 146 82.28 40.95 -24.17
N VAL J 147 81.77 40.79 -25.39
CA VAL J 147 82.40 41.34 -26.59
C VAL J 147 81.35 41.54 -27.68
N THR J 148 81.30 42.77 -28.20
CA THR J 148 80.49 43.13 -29.35
C THR J 148 81.37 43.94 -30.30
N VAL J 149 80.98 44.01 -31.57
CA VAL J 149 81.77 44.70 -32.58
C VAL J 149 81.06 46.01 -32.96
N ASP J 150 81.82 46.95 -33.53
CA ASP J 150 81.28 48.11 -34.19
C ASP J 150 81.91 48.18 -35.57
N TRP J 151 81.07 48.07 -36.60
CA TRP J 151 81.50 48.13 -37.98
C TRP J 151 81.46 49.58 -38.44
N LYS J 152 82.52 49.99 -39.13
CA LYS J 152 82.63 51.33 -39.73
C LYS J 152 83.44 51.13 -41.01
N VAL J 153 82.72 50.88 -42.10
CA VAL J 153 83.33 50.50 -43.38
C VAL J 153 83.34 51.71 -44.29
N ASP J 154 84.51 52.35 -44.40
CA ASP J 154 84.64 53.65 -45.05
C ASP J 154 84.17 54.79 -44.17
N GLY J 155 84.14 54.53 -42.85
CA GLY J 155 83.80 55.52 -41.86
C GLY J 155 82.34 55.56 -41.44
N THR J 156 81.43 55.12 -42.30
CA THR J 156 79.99 55.33 -42.12
C THR J 156 79.41 54.32 -41.15
N PRO J 157 78.35 54.68 -40.42
CA PRO J 157 77.73 53.71 -39.51
C PRO J 157 76.87 52.69 -40.24
N VAL J 158 77.35 51.45 -40.36
CA VAL J 158 76.63 50.38 -41.06
C VAL J 158 75.49 49.85 -40.19
N THR J 159 74.27 50.10 -40.65
CA THR J 159 73.11 49.91 -39.80
C THR J 159 71.91 49.29 -40.53
N GLN J 160 72.11 48.78 -41.73
CA GLN J 160 71.04 48.09 -42.42
C GLN J 160 71.53 46.73 -42.89
N GLY J 161 71.47 45.73 -42.01
CA GLY J 161 71.68 44.34 -42.36
C GLY J 161 72.90 43.70 -41.75
N MET J 162 73.22 44.00 -40.49
CA MET J 162 74.32 43.33 -39.79
C MET J 162 73.97 41.88 -39.45
N GLU J 163 74.99 41.07 -39.14
CA GLU J 163 74.73 39.68 -38.76
C GLU J 163 75.73 39.25 -37.71
N THR J 164 75.27 38.46 -36.73
CA THR J 164 76.07 38.14 -35.55
C THR J 164 75.86 36.70 -35.12
N THR J 165 76.96 36.05 -34.72
CA THR J 165 76.91 34.75 -34.06
C THR J 165 77.69 34.81 -32.74
N GLN J 166 77.07 34.33 -31.68
CA GLN J 166 77.69 34.44 -30.35
C GLN J 166 78.55 33.21 -30.06
N PRO J 167 79.21 33.17 -28.90
CA PRO J 167 79.86 31.94 -28.46
C PRO J 167 78.86 31.01 -27.79
N SER J 168 79.24 29.73 -27.66
CA SER J 168 78.33 28.67 -27.23
C SER J 168 78.94 27.85 -26.10
N LYS J 169 78.33 26.69 -25.83
CA LYS J 169 78.82 25.78 -24.82
C LYS J 169 80.10 25.11 -25.35
N GLN J 170 81.23 25.77 -25.12
CA GLN J 170 82.55 25.30 -25.54
C GLN J 170 83.22 24.49 -24.43
N SER J 171 84.54 24.30 -24.56
CA SER J 171 85.25 23.29 -23.77
C SER J 171 85.69 23.81 -22.41
N ASN J 172 86.23 25.03 -22.36
CA ASN J 172 86.94 25.42 -21.13
C ASN J 172 86.51 26.75 -20.54
N ASN J 173 85.78 27.60 -21.28
CA ASN J 173 85.78 29.04 -21.05
C ASN J 173 86.99 29.78 -21.60
N LYS J 174 87.32 29.56 -22.87
CA LYS J 174 88.09 30.46 -23.71
C LYS J 174 87.15 31.40 -24.46
N TYR J 175 87.63 32.00 -25.55
CA TYR J 175 86.78 32.79 -26.42
C TYR J 175 86.94 32.38 -27.89
N MET J 176 85.82 32.40 -28.62
CA MET J 176 85.79 32.13 -30.06
C MET J 176 84.44 32.56 -30.61
N ALA J 177 84.45 33.25 -31.76
CA ALA J 177 83.18 33.76 -32.31
C ALA J 177 83.36 34.36 -33.70
N SER J 178 82.24 34.50 -34.41
CA SER J 178 82.23 35.05 -35.76
C SER J 178 80.95 35.83 -36.03
N SER J 179 81.04 36.76 -36.98
CA SER J 179 79.93 37.61 -37.37
C SER J 179 80.24 38.23 -38.72
N TYR J 180 79.35 39.10 -39.21
CA TYR J 180 79.47 39.68 -40.54
C TYR J 180 78.90 41.09 -40.61
N LEU J 181 79.73 42.02 -41.09
CA LEU J 181 79.31 43.38 -41.43
C LEU J 181 78.68 43.34 -42.82
N THR J 182 77.52 43.99 -42.97
CA THR J 182 76.69 43.90 -44.16
C THR J 182 77.09 44.96 -45.19
N LEU J 183 77.52 44.51 -46.36
CA LEU J 183 77.88 45.33 -47.50
C LEU J 183 77.46 44.57 -48.76
N THR J 184 77.73 45.14 -49.92
CA THR J 184 77.32 44.57 -51.18
C THR J 184 78.39 44.82 -52.25
N ALA J 185 77.97 44.71 -53.51
CA ALA J 185 78.76 45.30 -54.59
C ALA J 185 78.76 46.83 -54.45
N ARG J 186 77.57 47.41 -54.25
CA ARG J 186 77.46 48.85 -54.04
C ARG J 186 77.91 49.25 -52.63
N ALA J 187 77.87 48.29 -51.69
CA ALA J 187 78.39 48.56 -50.36
C ALA J 187 79.90 48.37 -50.32
N TRP J 188 80.43 47.48 -51.18
CA TRP J 188 81.87 47.29 -51.28
C TRP J 188 82.48 48.28 -52.27
N GLU J 189 81.63 49.10 -52.90
CA GLU J 189 82.10 50.24 -53.67
C GLU J 189 81.92 51.56 -52.93
N ARG J 190 80.98 51.64 -51.98
CA ARG J 190 80.73 52.90 -51.30
C ARG J 190 81.76 53.14 -50.20
N HIS J 191 81.83 52.21 -49.25
CA HIS J 191 82.89 52.22 -48.25
C HIS J 191 83.89 51.10 -48.51
N SER J 192 85.16 51.39 -48.21
CA SER J 192 86.25 50.43 -48.35
C SER J 192 87.20 50.42 -47.17
N SER J 193 87.26 51.48 -46.38
CA SER J 193 88.17 51.59 -45.24
C SER J 193 87.48 51.02 -44.02
N TYR J 194 87.60 49.70 -43.84
CA TYR J 194 86.85 48.99 -42.81
C TYR J 194 87.64 48.93 -41.52
N SER J 195 86.94 49.10 -40.40
CA SER J 195 87.56 49.02 -39.10
C SER J 195 86.57 48.36 -38.15
N CYS J 196 87.05 47.43 -37.34
CA CYS J 196 86.27 46.83 -36.28
C CYS J 196 86.71 47.48 -34.98
N GLN J 197 85.83 48.28 -34.39
CA GLN J 197 86.04 48.87 -33.07
C GLN J 197 85.09 48.20 -32.12
N VAL J 198 85.62 47.33 -31.25
CA VAL J 198 84.78 46.43 -30.47
C VAL J 198 84.72 46.93 -29.03
N THR J 199 83.61 46.62 -28.36
CA THR J 199 83.51 46.71 -26.91
C THR J 199 83.79 45.31 -26.34
N HIS J 200 84.96 45.15 -25.74
CA HIS J 200 85.37 43.90 -25.13
C HIS J 200 85.40 44.11 -23.63
N GLU J 201 84.34 43.67 -22.95
CA GLU J 201 84.16 43.93 -21.53
C GLU J 201 83.96 45.42 -21.25
N GLY J 202 83.41 46.14 -22.22
CA GLY J 202 83.36 47.59 -22.16
C GLY J 202 84.53 48.27 -22.83
N HIS J 203 85.70 47.61 -22.85
CA HIS J 203 86.93 48.23 -23.32
C HIS J 203 86.94 48.36 -24.84
N THR J 204 87.87 49.14 -25.34
CA THR J 204 87.99 49.38 -26.77
C THR J 204 88.97 48.41 -27.38
N VAL J 205 88.61 47.83 -28.51
CA VAL J 205 89.49 46.92 -29.25
C VAL J 205 89.50 47.36 -30.71
N GLU J 206 90.66 47.79 -31.20
CA GLU J 206 90.76 48.41 -32.51
C GLU J 206 91.49 47.47 -33.45
N LYS J 207 90.84 47.13 -34.57
CA LYS J 207 91.45 46.31 -35.61
C LYS J 207 90.94 46.78 -36.97
N SER J 208 91.79 47.43 -37.75
CA SER J 208 91.36 47.97 -39.02
C SER J 208 91.85 47.09 -40.16
N LEU J 209 90.95 46.81 -41.10
CA LEU J 209 91.30 46.17 -42.37
C LEU J 209 90.58 46.90 -43.50
N SER J 210 91.33 47.74 -44.21
CA SER J 210 90.77 48.64 -45.21
C SER J 210 91.58 48.50 -46.50
N ARG J 211 90.90 48.28 -47.62
CA ARG J 211 91.50 48.06 -48.94
C ARG J 211 92.32 49.23 -49.46
N GLN K 1 28.02 -37.87 63.09
CA GLN K 1 27.57 -36.96 62.04
C GLN K 1 27.71 -37.60 60.66
N ILE K 2 28.11 -36.80 59.68
CA ILE K 2 28.31 -37.26 58.31
C ILE K 2 29.54 -38.15 58.26
N GLN K 3 29.31 -39.47 58.22
CA GLN K 3 30.39 -40.46 58.28
C GLN K 3 30.47 -41.13 56.93
N LEU K 4 31.52 -40.84 56.18
CA LEU K 4 31.72 -41.41 54.85
C LEU K 4 32.62 -42.61 55.01
N VAL K 5 32.08 -43.70 55.54
CA VAL K 5 32.84 -44.91 55.84
C VAL K 5 33.14 -45.62 54.53
N GLN K 6 34.35 -45.41 54.01
CA GLN K 6 34.73 -45.88 52.69
C GLN K 6 34.96 -47.38 52.69
N SER K 7 35.18 -47.92 51.49
CA SER K 7 35.57 -49.31 51.35
C SER K 7 37.10 -49.41 51.35
N GLY K 8 37.60 -50.47 52.02
CA GLY K 8 39.03 -50.72 52.13
C GLY K 8 39.70 -51.04 50.80
N ARG K 9 41.01 -50.85 50.79
CA ARG K 9 41.78 -50.76 49.56
C ARG K 9 41.94 -52.11 48.89
N GLU K 10 42.08 -52.10 47.57
CA GLU K 10 42.15 -53.30 46.76
C GLU K 10 43.07 -53.08 45.57
N VAL K 11 43.92 -54.04 45.31
CA VAL K 11 44.90 -53.96 44.24
C VAL K 11 44.26 -54.48 42.96
N LYS K 12 43.99 -53.57 42.03
CA LYS K 12 43.27 -53.92 40.82
C LYS K 12 44.18 -54.72 39.89
N ASN K 13 43.58 -55.54 39.03
CA ASN K 13 44.30 -56.37 38.09
C ASN K 13 44.82 -55.53 36.92
N PRO K 14 45.64 -56.12 36.05
CA PRO K 14 46.09 -55.39 34.87
C PRO K 14 44.98 -55.30 33.83
N GLY K 15 44.07 -54.35 34.01
CA GLY K 15 42.94 -54.16 33.15
C GLY K 15 41.62 -54.10 33.89
N GLU K 16 41.59 -54.59 35.12
CA GLU K 16 40.38 -54.64 35.96
C GLU K 16 40.23 -53.41 36.83
N THR K 17 39.00 -53.00 37.08
CA THR K 17 38.70 -51.80 37.83
C THR K 17 37.67 -52.06 38.92
N VAL K 18 38.02 -51.67 40.15
CA VAL K 18 37.25 -51.99 41.34
C VAL K 18 36.79 -50.69 41.99
N LYS K 19 36.08 -50.81 43.11
CA LYS K 19 35.26 -49.73 43.61
C LYS K 19 36.01 -48.91 44.65
N ILE K 20 36.01 -47.60 44.46
CA ILE K 20 36.22 -46.66 45.57
C ILE K 20 34.90 -46.64 46.32
N SER K 21 34.87 -47.32 47.45
CA SER K 21 33.62 -47.48 48.19
C SER K 21 33.38 -46.23 49.02
N CYS K 22 32.12 -46.02 49.38
CA CYS K 22 31.79 -45.05 50.41
C CYS K 22 30.38 -45.35 50.87
N LYS K 23 30.24 -45.67 52.14
CA LYS K 23 28.95 -45.62 52.82
C LYS K 23 28.88 -44.23 53.43
N ALA K 24 28.27 -43.29 52.70
CA ALA K 24 28.26 -41.88 53.06
C ALA K 24 27.04 -41.60 53.92
N SER K 25 27.26 -41.03 55.09
CA SER K 25 26.21 -41.03 56.09
C SER K 25 26.20 -39.73 56.88
N GLY K 26 25.42 -39.76 57.95
CA GLY K 26 24.73 -38.60 58.46
C GLY K 26 23.27 -38.58 58.06
N TYR K 27 22.99 -39.05 56.84
CA TYR K 27 21.67 -39.43 56.34
C TYR K 27 21.85 -40.63 55.41
N THR K 28 20.82 -40.91 54.61
CA THR K 28 20.96 -41.81 53.47
C THR K 28 21.83 -41.09 52.44
N PHE K 29 22.45 -41.85 51.54
CA PHE K 29 23.27 -41.26 50.48
C PHE K 29 22.40 -40.65 49.39
N THR K 30 21.09 -40.94 49.42
CA THR K 30 20.10 -40.14 48.73
C THR K 30 20.17 -38.66 49.10
N GLU K 31 19.90 -38.32 50.35
CA GLU K 31 19.80 -36.93 50.78
C GLU K 31 21.14 -36.30 51.07
N TYR K 32 22.22 -37.04 50.98
CA TYR K 32 23.55 -36.47 51.12
C TYR K 32 24.39 -37.10 50.03
N PRO K 33 24.37 -36.55 48.82
CA PRO K 33 24.95 -37.22 47.66
C PRO K 33 26.46 -37.06 47.62
N MET K 34 27.09 -37.85 46.77
CA MET K 34 28.55 -37.95 46.73
C MET K 34 29.11 -37.25 45.51
N LEU K 35 29.79 -36.13 45.73
CA LEU K 35 30.65 -35.53 44.72
C LEU K 35 31.95 -36.31 44.74
N TRP K 36 32.08 -37.24 43.80
CA TRP K 36 33.04 -38.34 43.86
C TRP K 36 34.44 -37.85 43.58
N VAL K 37 35.42 -38.74 43.79
CA VAL K 37 36.82 -38.47 43.51
C VAL K 37 37.52 -39.78 43.18
N LYS K 38 38.12 -39.84 42.00
CA LYS K 38 39.17 -40.80 41.70
C LYS K 38 40.48 -40.03 41.79
N GLN K 39 41.28 -40.32 42.82
CA GLN K 39 42.43 -39.52 43.18
C GLN K 39 43.67 -40.39 43.03
N ALA K 40 44.47 -40.09 42.02
CA ALA K 40 45.78 -40.66 41.71
C ALA K 40 46.84 -39.96 42.54
N PRO K 41 48.12 -40.29 42.35
CA PRO K 41 49.13 -39.92 43.35
C PRO K 41 49.58 -38.46 43.39
N GLY K 42 49.58 -37.77 42.26
CA GLY K 42 50.25 -36.49 42.18
C GLY K 42 49.52 -35.26 42.71
N LYS K 43 48.27 -35.07 42.30
CA LYS K 43 47.58 -33.78 42.45
C LYS K 43 46.98 -33.50 43.82
N GLY K 44 46.84 -34.52 44.67
CA GLY K 44 46.27 -34.28 46.00
C GLY K 44 44.76 -34.37 46.03
N PHE K 45 44.13 -33.43 45.30
CA PHE K 45 42.69 -33.42 45.08
C PHE K 45 42.25 -34.60 44.23
N ARG K 46 41.00 -35.00 44.38
CA ARG K 46 40.41 -36.10 43.62
C ARG K 46 39.11 -35.64 43.00
N TRP K 47 39.07 -35.63 41.67
CA TRP K 47 37.87 -35.25 40.94
C TRP K 47 37.27 -36.49 40.28
N MET K 48 36.00 -36.79 40.59
CA MET K 48 35.38 -38.01 40.11
C MET K 48 33.90 -37.85 39.78
N GLY K 49 33.41 -36.63 39.63
CA GLY K 49 32.04 -36.41 39.25
C GLY K 49 31.20 -36.08 40.46
N LEU K 50 29.91 -36.37 40.35
CA LEU K 50 29.02 -35.83 41.35
C LEU K 50 27.68 -36.53 41.35
N ILE K 51 27.06 -36.55 42.53
CA ILE K 51 25.72 -37.09 42.72
C ILE K 51 25.01 -36.28 43.80
N TYR K 52 23.90 -35.67 43.42
CA TYR K 52 22.77 -35.58 44.32
C TYR K 52 22.23 -37.00 44.30
N THR K 53 22.51 -37.77 45.35
CA THR K 53 22.39 -39.22 45.30
C THR K 53 20.97 -39.76 45.35
N ASN K 54 19.98 -38.87 45.52
CA ASN K 54 18.58 -39.25 45.44
C ASN K 54 18.18 -39.63 44.01
N THR K 55 18.85 -39.05 43.01
CA THR K 55 18.64 -39.46 41.63
C THR K 55 19.24 -40.83 41.35
N GLY K 56 20.27 -41.22 42.10
CA GLY K 56 21.00 -42.44 41.85
C GLY K 56 22.32 -42.24 41.13
N GLU K 57 22.52 -41.11 40.49
CA GLU K 57 23.63 -40.96 39.56
C GLU K 57 24.75 -40.11 40.17
N PRO K 58 25.74 -40.74 40.81
CA PRO K 58 27.05 -40.11 40.89
C PRO K 58 27.78 -40.37 39.59
N THR K 59 27.81 -39.35 38.76
CA THR K 59 28.45 -39.45 37.46
C THR K 59 29.93 -39.15 37.63
N TYR K 60 30.69 -39.33 36.55
CA TYR K 60 32.13 -39.15 36.56
C TYR K 60 32.52 -37.75 36.09
N ALA K 61 33.75 -37.38 36.40
CA ALA K 61 34.30 -36.11 35.94
C ALA K 61 34.93 -36.29 34.56
N GLU K 62 35.68 -35.28 34.12
CA GLU K 62 36.38 -35.39 32.84
C GLU K 62 37.48 -36.45 32.90
N GLU K 63 38.30 -36.40 33.94
CA GLU K 63 39.21 -37.51 34.19
C GLU K 63 38.58 -38.55 35.12
N PHE K 64 37.58 -38.14 35.91
CA PHE K 64 36.94 -39.02 36.86
C PHE K 64 35.85 -39.89 36.25
N LYS K 65 35.46 -39.64 35.01
CA LYS K 65 34.69 -40.60 34.23
C LYS K 65 35.63 -41.31 33.27
N GLY K 66 35.18 -42.41 32.68
CA GLY K 66 36.16 -43.27 32.06
C GLY K 66 36.30 -44.49 32.95
N ARG K 67 37.29 -44.44 33.84
CA ARG K 67 37.34 -45.37 34.95
C ARG K 67 36.12 -45.27 35.87
N PHE K 68 35.97 -44.17 36.60
CA PHE K 68 35.04 -44.07 37.71
C PHE K 68 33.60 -43.83 37.25
N VAL K 69 32.70 -44.62 37.80
CA VAL K 69 31.25 -44.51 37.58
C VAL K 69 30.60 -44.94 38.89
N PHE K 70 29.84 -44.04 39.51
CA PHE K 70 29.25 -44.31 40.81
C PHE K 70 27.90 -44.98 40.68
N SER K 71 27.78 -46.17 41.25
CA SER K 71 26.48 -46.80 41.45
C SER K 71 26.17 -46.69 42.94
N LEU K 72 25.03 -46.06 43.23
CA LEU K 72 24.73 -45.69 44.61
C LEU K 72 23.59 -46.55 45.12
N GLU K 73 23.84 -47.27 46.22
CA GLU K 73 22.77 -47.83 47.06
C GLU K 73 22.56 -46.80 48.17
N ILE K 74 22.15 -45.60 47.76
CA ILE K 74 22.12 -44.40 48.59
C ILE K 74 21.03 -44.43 49.64
N SER K 75 19.99 -45.26 49.45
CA SER K 75 18.97 -45.40 50.48
C SER K 75 19.50 -46.07 51.74
N ALA K 76 20.44 -47.00 51.59
CA ALA K 76 21.17 -47.58 52.70
C ALA K 76 22.43 -46.80 53.05
N SER K 77 22.60 -45.62 52.46
CA SER K 77 23.71 -44.73 52.77
C SER K 77 24.98 -45.07 51.99
N THR K 78 24.88 -46.01 51.06
CA THR K 78 26.08 -46.58 50.46
C THR K 78 26.18 -46.25 48.98
N ALA K 79 27.37 -46.40 48.43
CA ALA K 79 27.62 -46.24 47.01
C ALA K 79 29.04 -46.67 46.68
N TYR K 80 29.27 -47.00 45.41
CA TYR K 80 30.57 -47.44 44.94
C TYR K 80 30.90 -46.74 43.64
N LEU K 81 31.95 -45.93 43.68
CA LEU K 81 32.49 -45.29 42.48
C LEU K 81 33.47 -46.29 41.89
N GLN K 82 32.98 -47.14 41.00
CA GLN K 82 33.78 -48.22 40.47
C GLN K 82 34.66 -47.64 39.39
N ILE K 83 35.98 -47.75 39.56
CA ILE K 83 36.94 -47.49 38.51
C ILE K 83 36.90 -48.72 37.61
N ASN K 84 36.78 -48.51 36.31
CA ASN K 84 36.77 -49.59 35.35
C ASN K 84 37.86 -49.37 34.32
N ASN K 85 38.73 -50.35 34.16
CA ASN K 85 39.94 -50.18 33.39
C ASN K 85 40.90 -49.21 34.07
N LEU K 86 41.16 -49.50 35.35
CA LEU K 86 42.16 -48.77 36.11
C LEU K 86 43.54 -49.22 35.67
N THR K 87 44.51 -48.30 35.73
CA THR K 87 45.84 -48.54 35.22
C THR K 87 46.78 -49.04 36.31
N ASN K 88 48.07 -48.99 36.00
CA ASN K 88 49.11 -49.22 37.01
C ASN K 88 49.32 -47.99 37.90
N GLU K 89 48.70 -46.86 37.57
CA GLU K 89 48.58 -45.72 38.46
C GLU K 89 47.31 -45.74 39.29
N ASP K 90 46.77 -46.94 39.54
CA ASP K 90 45.54 -47.11 40.31
C ASP K 90 45.78 -47.12 41.81
N THR K 91 47.03 -47.03 42.24
CA THR K 91 47.33 -47.00 43.67
C THR K 91 47.01 -45.63 44.24
N ALA K 92 45.77 -45.46 44.70
CA ALA K 92 45.35 -44.13 45.14
C ALA K 92 43.98 -44.21 45.77
N THR K 93 43.44 -43.07 46.17
CA THR K 93 42.17 -43.01 46.89
C THR K 93 41.01 -42.98 45.90
N TYR K 94 39.92 -43.63 46.30
CA TYR K 94 38.63 -43.51 45.63
C TYR K 94 37.62 -43.02 46.67
N PHE K 95 37.40 -41.71 46.70
CA PHE K 95 36.59 -41.08 47.72
C PHE K 95 36.04 -39.75 47.22
N CYS K 96 34.88 -39.36 47.73
CA CYS K 96 34.31 -38.07 47.40
C CYS K 96 33.64 -37.44 48.61
N VAL K 97 33.15 -36.22 48.41
CA VAL K 97 32.58 -35.41 49.47
C VAL K 97 31.07 -35.61 49.51
N ARG K 98 30.55 -35.69 50.72
CA ARG K 98 29.12 -35.81 50.96
C ARG K 98 28.51 -34.43 50.75
N ASP K 99 27.52 -34.36 49.86
CA ASP K 99 26.96 -33.10 49.41
C ASP K 99 26.00 -32.54 50.45
N TYR K 100 26.38 -31.39 51.02
CA TYR K 100 25.51 -30.45 51.70
C TYR K 100 26.41 -29.28 52.04
N PHE K 101 25.86 -28.05 52.04
CA PHE K 101 26.71 -26.86 52.19
C PHE K 101 27.64 -26.69 50.99
N ILE K 102 27.12 -26.07 49.92
CA ILE K 102 27.13 -26.54 48.53
C ILE K 102 28.35 -27.17 47.86
N SER K 103 29.50 -27.18 48.51
CA SER K 103 30.56 -28.12 48.12
C SER K 103 30.36 -29.41 48.92
N LEU K 104 31.32 -30.33 48.87
CA LEU K 104 31.18 -31.62 49.54
C LEU K 104 31.41 -31.44 51.03
N ASP K 105 30.33 -31.20 51.79
CA ASP K 105 30.45 -30.93 53.21
C ASP K 105 30.77 -32.16 54.04
N TYR K 106 30.56 -33.36 53.51
CA TYR K 106 31.03 -34.60 54.12
C TYR K 106 32.16 -35.11 53.25
N TRP K 107 32.68 -36.29 53.58
CA TRP K 107 33.75 -36.88 52.78
C TRP K 107 33.98 -38.34 53.13
N GLY K 108 34.41 -39.09 52.12
CA GLY K 108 35.03 -40.39 52.33
C GLY K 108 36.53 -40.29 52.04
N GLN K 109 37.29 -41.02 52.85
CA GLN K 109 38.73 -40.82 52.94
C GLN K 109 39.50 -41.35 51.72
N GLY K 110 38.86 -42.13 50.86
CA GLY K 110 39.51 -42.57 49.64
C GLY K 110 39.96 -44.02 49.74
N THR K 111 39.25 -44.88 49.03
CA THR K 111 39.50 -46.32 49.04
C THR K 111 40.75 -46.58 48.22
N THR K 112 41.79 -47.11 48.86
CA THR K 112 43.13 -47.17 48.29
C THR K 112 43.26 -48.39 47.39
N LEU K 113 43.13 -48.17 46.10
CA LEU K 113 43.39 -49.21 45.11
C LEU K 113 44.89 -49.29 44.91
N THR K 114 45.34 -50.45 44.47
CA THR K 114 46.72 -50.67 44.06
C THR K 114 46.69 -50.74 42.53
N VAL K 115 47.65 -50.08 41.88
CA VAL K 115 47.81 -50.22 40.44
C VAL K 115 49.01 -51.14 40.20
N SER K 116 48.76 -52.44 40.19
CA SER K 116 49.84 -53.38 39.92
C SER K 116 49.25 -54.75 39.64
N SER K 117 49.67 -55.39 38.56
CA SER K 117 49.27 -56.77 38.32
C SER K 117 50.05 -57.68 39.26
N ALA K 118 49.50 -57.92 40.43
CA ALA K 118 50.24 -58.59 41.49
C ALA K 118 49.77 -60.02 41.64
N LYS K 119 50.68 -60.97 41.47
CA LYS K 119 50.36 -62.39 41.40
C LYS K 119 50.08 -63.00 42.76
N THR K 120 50.10 -64.32 42.84
CA THR K 120 49.71 -65.06 44.04
C THR K 120 50.89 -65.13 45.02
N THR K 121 50.60 -64.95 46.31
CA THR K 121 51.52 -65.26 47.39
C THR K 121 50.79 -65.06 48.70
N ALA K 122 50.90 -66.04 49.61
CA ALA K 122 50.22 -65.93 50.89
C ALA K 122 51.01 -65.01 51.83
N PRO K 123 50.35 -64.04 52.45
CA PRO K 123 51.04 -63.16 53.40
C PRO K 123 51.01 -63.72 54.82
N SER K 124 51.83 -63.13 55.68
CA SER K 124 51.92 -63.62 57.05
C SER K 124 51.99 -62.47 58.04
N VAL K 125 51.69 -62.78 59.31
CA VAL K 125 52.01 -61.94 60.45
C VAL K 125 52.63 -62.84 61.51
N TYR K 126 53.83 -62.48 62.00
CA TYR K 126 54.61 -63.33 62.89
C TYR K 126 54.79 -62.67 64.25
N PRO K 127 54.77 -63.44 65.34
CA PRO K 127 54.79 -62.83 66.67
C PRO K 127 56.21 -62.55 67.15
N LEU K 128 56.49 -61.26 67.33
CA LEU K 128 57.79 -60.75 67.76
C LEU K 128 57.58 -59.87 68.98
N ALA K 129 58.36 -60.11 69.99
CA ALA K 129 58.39 -59.32 71.21
C ALA K 129 59.57 -58.36 71.17
N PRO K 130 59.77 -57.60 72.23
CA PRO K 130 61.01 -56.81 72.36
C PRO K 130 62.19 -57.67 72.74
N VAL K 131 63.32 -57.00 73.03
CA VAL K 131 64.61 -57.62 73.31
C VAL K 131 64.56 -58.51 74.55
N CYS K 132 64.91 -59.79 74.35
CA CYS K 132 64.59 -60.85 75.30
C CYS K 132 65.41 -60.80 76.58
N GLY K 133 66.62 -60.27 76.53
CA GLY K 133 67.37 -59.94 77.73
C GLY K 133 66.69 -58.73 78.33
N GLY K 134 65.93 -58.95 79.38
CA GLY K 134 64.96 -57.97 79.86
C GLY K 134 63.53 -58.34 79.52
N THR K 135 62.84 -57.47 78.79
CA THR K 135 61.47 -57.72 78.32
C THR K 135 60.45 -57.61 79.45
N THR K 136 60.90 -56.94 80.51
CA THR K 136 60.07 -56.59 81.67
C THR K 136 60.36 -55.12 81.94
N GLY K 137 59.58 -54.24 81.32
CA GLY K 137 59.70 -52.81 81.52
C GLY K 137 58.41 -52.26 82.08
N SER K 138 58.33 -50.93 82.08
CA SER K 138 57.06 -50.27 82.43
C SER K 138 56.00 -50.51 81.36
N SER K 139 56.41 -50.65 80.10
CA SER K 139 55.49 -51.08 79.05
C SER K 139 55.99 -52.39 78.44
N VAL K 140 55.07 -53.32 78.19
CA VAL K 140 55.43 -54.58 77.53
C VAL K 140 54.76 -54.60 76.17
N THR K 141 55.57 -54.52 75.13
CA THR K 141 55.08 -54.43 73.75
C THR K 141 55.42 -55.71 73.01
N LEU K 142 54.39 -56.48 72.65
CA LEU K 142 54.52 -57.58 71.69
C LEU K 142 53.94 -57.11 70.36
N GLY K 143 53.98 -57.97 69.35
CA GLY K 143 53.30 -57.60 68.13
C GLY K 143 53.47 -58.62 67.01
N CYS K 144 52.91 -58.25 65.86
CA CYS K 144 53.02 -59.07 64.66
C CYS K 144 53.72 -58.26 63.58
N LEU K 145 54.85 -58.78 63.10
CA LEU K 145 55.53 -58.23 61.92
C LEU K 145 55.01 -59.03 60.73
N VAL K 146 54.43 -58.34 59.76
CA VAL K 146 53.62 -58.98 58.72
C VAL K 146 54.26 -58.70 57.37
N LYS K 147 54.52 -59.75 56.61
CA LYS K 147 55.23 -59.61 55.35
C LYS K 147 54.99 -60.76 54.38
N GLY K 148 55.48 -60.55 53.16
CA GLY K 148 55.81 -61.60 52.20
C GLY K 148 54.69 -62.27 51.42
N TYR K 149 53.87 -61.50 50.71
CA TYR K 149 52.62 -62.01 50.17
C TYR K 149 52.56 -61.79 48.66
N PHE K 150 51.35 -61.92 48.13
CA PHE K 150 51.02 -61.47 46.78
C PHE K 150 49.55 -61.06 46.77
N PRO K 151 49.24 -59.80 47.12
CA PRO K 151 50.10 -58.73 47.58
C PRO K 151 49.86 -58.34 49.04
N GLU K 152 50.50 -57.24 49.43
CA GLU K 152 50.35 -56.68 50.76
C GLU K 152 49.33 -55.55 50.78
N PRO K 153 49.14 -54.91 51.96
CA PRO K 153 49.88 -55.02 53.21
C PRO K 153 49.20 -55.97 54.19
N VAL K 154 49.86 -56.30 55.31
CA VAL K 154 49.33 -57.29 56.24
C VAL K 154 48.66 -56.57 57.40
N THR K 155 47.33 -56.63 57.41
CA THR K 155 46.53 -55.88 58.37
C THR K 155 46.24 -56.78 59.56
N LEU K 156 46.93 -56.52 60.66
CA LEU K 156 46.90 -57.41 61.82
C LEU K 156 46.48 -56.63 63.05
N THR K 157 46.46 -57.32 64.19
CA THR K 157 46.18 -56.71 65.49
C THR K 157 46.85 -57.51 66.60
N TRP K 158 47.17 -56.81 67.69
CA TRP K 158 47.48 -57.46 68.97
C TRP K 158 46.14 -57.79 69.61
N ASN K 159 45.97 -59.04 70.03
CA ASN K 159 44.69 -59.54 70.54
C ASN K 159 43.76 -60.01 69.41
N SER K 160 44.25 -59.85 68.17
CA SER K 160 43.42 -59.98 66.98
C SER K 160 42.40 -58.85 66.83
N GLY K 161 42.66 -57.70 67.46
CA GLY K 161 41.75 -56.57 67.46
C GLY K 161 41.32 -56.06 68.83
N SER K 162 42.11 -56.30 69.87
CA SER K 162 41.74 -55.84 71.20
C SER K 162 42.86 -55.14 71.93
N LEU K 163 44.12 -55.57 71.73
CA LEU K 163 45.29 -54.93 72.33
C LEU K 163 45.97 -54.12 71.23
N SER K 164 45.43 -52.94 70.94
CA SER K 164 45.93 -52.09 69.88
C SER K 164 45.92 -50.61 70.20
N SER K 165 45.82 -50.22 71.47
CA SER K 165 45.91 -48.81 71.83
C SER K 165 47.37 -48.38 71.91
N GLY K 166 47.72 -47.34 71.14
CA GLY K 166 49.09 -46.87 71.12
C GLY K 166 50.00 -47.72 70.29
N VAL K 167 49.75 -47.85 69.00
CA VAL K 167 50.31 -48.89 68.16
C VAL K 167 51.75 -48.55 67.79
N HIS K 168 52.63 -49.55 67.88
CA HIS K 168 53.95 -49.52 67.25
C HIS K 168 53.72 -50.11 65.87
N THR K 169 53.19 -49.30 64.95
CA THR K 169 52.61 -49.80 63.71
C THR K 169 53.13 -49.02 62.51
N PHE K 170 53.45 -49.76 61.42
CA PHE K 170 53.93 -49.24 60.14
C PHE K 170 53.22 -49.99 59.02
N PRO K 171 52.84 -49.31 57.94
CA PRO K 171 52.08 -49.99 56.88
C PRO K 171 52.98 -50.81 55.96
N ALA K 172 52.35 -51.44 54.97
CA ALA K 172 53.07 -52.35 54.09
C ALA K 172 53.53 -51.66 52.81
N LEU K 173 54.77 -51.96 52.41
CA LEU K 173 55.30 -51.54 51.12
C LEU K 173 55.76 -52.77 50.37
N LEU K 174 55.95 -52.64 49.05
CA LEU K 174 56.28 -53.78 48.19
C LEU K 174 57.76 -54.10 48.26
N GLN K 175 58.09 -55.39 48.36
CA GLN K 175 59.46 -55.88 48.31
C GLN K 175 59.41 -57.38 48.10
N SER K 176 60.08 -57.86 47.06
CA SER K 176 60.09 -59.29 46.71
C SER K 176 58.71 -59.78 46.26
N GLY K 177 57.92 -58.87 45.69
CA GLY K 177 56.53 -59.11 45.37
C GLY K 177 55.59 -59.09 46.56
N LEU K 178 56.09 -58.76 47.76
CA LEU K 178 55.32 -58.92 48.99
C LEU K 178 55.32 -57.63 49.81
N TYR K 179 54.15 -57.32 50.38
CA TYR K 179 54.02 -56.21 51.29
C TYR K 179 54.76 -56.52 52.57
N THR K 180 55.30 -55.48 53.19
CA THR K 180 56.09 -55.56 54.40
C THR K 180 55.66 -54.44 55.33
N LEU K 181 55.30 -54.79 56.55
CA LEU K 181 54.78 -53.85 57.53
C LEU K 181 54.72 -54.56 58.87
N SER K 182 54.05 -53.92 59.82
CA SER K 182 53.77 -54.63 61.07
C SER K 182 52.94 -53.75 61.98
N SER K 183 52.51 -54.35 63.09
CA SER K 183 51.82 -53.66 64.15
C SER K 183 52.26 -54.26 65.47
N SER K 184 52.27 -53.45 66.51
CA SER K 184 52.65 -53.90 67.83
C SER K 184 51.73 -53.28 68.88
N VAL K 185 51.28 -54.13 69.80
CA VAL K 185 50.37 -53.77 70.88
C VAL K 185 51.13 -53.89 72.19
N THR K 186 50.93 -52.91 73.06
CA THR K 186 51.69 -52.79 74.30
C THR K 186 50.74 -52.64 75.48
N VAL K 187 51.02 -53.40 76.54
CA VAL K 187 50.22 -53.41 77.75
C VAL K 187 51.11 -53.05 78.94
N THR K 188 50.51 -53.17 80.12
CA THR K 188 51.22 -52.89 81.38
C THR K 188 52.09 -54.08 81.78
N SER K 189 52.50 -54.08 83.05
CA SER K 189 53.51 -54.98 83.64
C SER K 189 53.20 -56.47 83.54
N ASN K 190 51.98 -56.87 83.17
CA ASN K 190 51.73 -58.27 82.82
C ASN K 190 51.50 -58.46 81.33
N THR K 191 52.02 -57.56 80.48
CA THR K 191 51.77 -57.66 79.05
C THR K 191 52.75 -58.63 78.38
N TRP K 192 54.05 -58.35 78.48
CA TRP K 192 55.01 -59.35 78.07
C TRP K 192 55.34 -60.22 79.27
N PRO K 193 55.16 -61.55 79.16
CA PRO K 193 54.55 -62.33 78.08
C PRO K 193 53.25 -62.94 78.58
N SER K 194 52.63 -62.27 79.55
CA SER K 194 51.46 -62.81 80.22
C SER K 194 50.16 -62.23 79.66
N GLN K 195 50.27 -61.07 79.00
CA GLN K 195 49.14 -60.48 78.30
C GLN K 195 48.79 -61.33 77.10
N THR K 196 47.51 -61.69 77.01
CA THR K 196 47.01 -62.47 75.90
C THR K 196 46.71 -61.57 74.71
N ILE K 197 47.76 -61.18 73.99
CA ILE K 197 47.65 -60.34 72.82
C ILE K 197 48.06 -61.17 71.61
N THR K 198 47.08 -61.83 71.00
CA THR K 198 47.25 -62.61 69.78
C THR K 198 47.41 -61.68 68.60
N CYS K 199 48.65 -61.52 68.11
CA CYS K 199 48.94 -60.83 66.87
C CYS K 199 48.42 -61.67 65.70
N ASN K 200 47.45 -61.12 64.98
CA ASN K 200 46.77 -61.84 63.91
C ASN K 200 46.76 -60.97 62.66
N VAL K 201 47.21 -61.55 61.55
CA VAL K 201 47.41 -60.84 60.29
C VAL K 201 46.30 -61.21 59.32
N ALA K 202 46.00 -60.30 58.38
CA ALA K 202 45.02 -60.52 57.33
C ALA K 202 45.30 -59.59 56.15
N HIS K 203 45.59 -60.18 55.00
CA HIS K 203 45.67 -59.51 53.71
C HIS K 203 44.76 -60.34 52.81
N PRO K 204 43.54 -59.87 52.50
CA PRO K 204 42.56 -60.75 51.86
C PRO K 204 42.60 -60.74 50.35
N ALA K 205 43.63 -60.11 49.76
CA ALA K 205 43.77 -60.07 48.31
C ALA K 205 44.16 -61.44 47.75
N SER K 206 44.77 -62.29 48.56
CA SER K 206 45.02 -63.70 48.21
C SER K 206 44.42 -64.67 49.23
N SER K 207 43.69 -64.17 50.22
CA SER K 207 43.23 -64.98 51.35
C SER K 207 44.38 -65.37 52.29
N THR K 208 45.22 -64.39 52.63
CA THR K 208 46.30 -64.59 53.59
C THR K 208 45.82 -64.15 54.96
N LYS K 209 46.03 -65.01 55.97
CA LYS K 209 45.60 -64.73 57.34
C LYS K 209 46.41 -65.56 58.32
N VAL K 210 46.49 -65.10 59.57
CA VAL K 210 47.29 -65.74 60.62
C VAL K 210 46.81 -65.22 61.97
N ASP K 211 47.14 -65.95 63.04
CA ASP K 211 46.91 -65.55 64.43
C ASP K 211 47.83 -66.34 65.36
N LYS K 212 48.68 -65.63 66.12
CA LYS K 212 49.56 -66.24 67.10
C LYS K 212 49.89 -65.20 68.17
N LYS K 213 50.20 -65.64 69.39
CA LYS K 213 50.31 -64.73 70.53
C LYS K 213 51.60 -63.92 70.51
N ILE K 214 51.67 -62.94 71.41
CA ILE K 214 52.85 -62.06 71.50
C ILE K 214 53.96 -62.85 72.19
N GLU K 215 54.98 -63.23 71.42
CA GLU K 215 55.97 -64.23 71.81
C GLU K 215 56.93 -63.71 72.86
N SER K 216 57.27 -64.58 73.81
CA SER K 216 58.27 -64.30 74.82
C SER K 216 59.54 -65.11 74.58
N ARG K 217 60.68 -64.41 74.57
CA ARG K 217 61.94 -65.00 74.14
C ARG K 217 62.89 -65.33 75.30
N ARG K 218 63.17 -64.37 76.17
CA ARG K 218 64.20 -64.50 77.20
C ARG K 218 63.91 -65.54 78.29
N GLN L 1 38.81 -29.59 35.72
CA GLN L 1 39.53 -28.56 34.99
C GLN L 1 39.85 -27.37 35.89
N ALA L 2 39.87 -27.63 37.20
CA ALA L 2 40.03 -26.55 38.16
C ALA L 2 40.80 -27.06 39.37
N VAL L 3 41.93 -26.39 39.64
CA VAL L 3 42.74 -26.64 40.81
C VAL L 3 42.86 -25.28 41.49
N VAL L 4 42.38 -25.21 42.73
CA VAL L 4 42.27 -23.94 43.45
C VAL L 4 43.66 -23.44 43.79
N THR L 5 44.11 -22.43 43.05
CA THR L 5 45.40 -21.80 43.24
C THR L 5 45.36 -20.99 44.53
N GLN L 6 46.32 -21.27 45.40
CA GLN L 6 46.29 -20.83 46.79
C GLN L 6 47.61 -20.18 47.15
N GLU L 7 47.80 -19.99 48.46
CA GLU L 7 49.13 -19.73 48.98
C GLU L 7 50.01 -20.97 48.85
N SER L 8 51.33 -20.77 48.85
CA SER L 8 52.25 -21.86 48.59
C SER L 8 52.51 -22.70 49.84
N ALA L 9 52.10 -22.21 51.00
CA ALA L 9 52.18 -22.97 52.24
C ALA L 9 51.45 -22.19 53.32
N LEU L 10 51.52 -22.72 54.54
CA LEU L 10 51.20 -21.96 55.75
C LEU L 10 51.94 -22.61 56.91
N THR L 11 52.75 -21.81 57.61
CA THR L 11 53.50 -22.31 58.77
C THR L 11 53.88 -21.14 59.68
N THR L 12 53.17 -21.01 60.80
CA THR L 12 53.34 -19.87 61.69
C THR L 12 53.46 -20.34 63.13
N SER L 13 53.32 -19.42 64.07
CA SER L 13 53.42 -19.71 65.50
C SER L 13 52.14 -20.31 66.03
N PRO L 14 52.06 -20.61 67.33
CA PRO L 14 50.84 -21.23 67.86
C PRO L 14 49.73 -20.22 68.13
N GLY L 15 49.15 -19.70 67.04
CA GLY L 15 48.20 -18.62 67.07
C GLY L 15 48.42 -17.55 66.03
N GLU L 16 49.25 -17.82 65.02
CA GLU L 16 49.60 -16.83 63.99
C GLU L 16 48.51 -16.71 62.93
N THR L 17 48.76 -15.82 61.97
CA THR L 17 47.82 -15.47 60.91
C THR L 17 48.28 -16.12 59.60
N VAL L 18 47.39 -16.90 58.98
CA VAL L 18 47.68 -17.57 57.72
C VAL L 18 46.49 -17.40 56.79
N THR L 19 46.62 -16.52 55.82
CA THR L 19 45.53 -16.18 54.92
C THR L 19 45.56 -17.14 53.73
N LEU L 20 45.19 -18.39 53.97
CA LEU L 20 45.17 -19.40 52.93
C LEU L 20 43.94 -19.18 52.06
N THR L 21 44.12 -18.40 51.00
CA THR L 21 43.06 -18.09 50.06
C THR L 21 43.33 -18.72 48.71
N CYS L 22 42.37 -19.53 48.25
CA CYS L 22 42.54 -20.42 47.10
C CYS L 22 41.33 -20.27 46.20
N ARG L 23 41.58 -19.82 44.97
CA ARG L 23 40.54 -19.58 43.98
C ARG L 23 40.64 -20.52 42.80
N SER L 24 39.87 -20.20 41.77
CA SER L 24 40.21 -20.55 40.40
C SER L 24 41.29 -19.59 39.90
N ASN L 25 41.81 -19.88 38.70
CA ASN L 25 42.97 -19.15 38.18
C ASN L 25 42.64 -17.78 37.62
N ILE L 26 41.38 -17.36 37.65
CA ILE L 26 41.00 -16.05 37.12
C ILE L 26 41.26 -14.89 38.09
N GLY L 27 41.22 -15.15 39.39
CA GLY L 27 41.18 -14.05 40.35
C GLY L 27 40.20 -14.35 41.46
N ALA L 28 39.18 -13.48 41.56
CA ALA L 28 38.30 -13.40 42.73
C ALA L 28 37.46 -14.67 42.89
N VAL L 29 36.99 -14.88 44.12
CA VAL L 29 36.59 -16.21 44.61
C VAL L 29 35.24 -16.63 44.04
N THR L 30 34.88 -17.88 44.27
CA THR L 30 33.61 -18.45 43.86
C THR L 30 32.79 -18.80 45.10
N SER L 31 31.46 -18.64 44.97
CA SER L 31 30.53 -19.04 46.02
C SER L 31 29.53 -20.09 45.58
N SER L 32 28.95 -19.97 44.39
CA SER L 32 28.06 -20.99 43.84
C SER L 32 28.81 -22.08 43.11
N ASN L 33 29.97 -21.75 42.53
CA ASN L 33 30.96 -22.75 42.17
C ASN L 33 31.84 -23.12 43.36
N CYS L 34 31.88 -22.26 44.38
CA CYS L 34 32.53 -22.56 45.65
C CYS L 34 34.04 -22.73 45.52
N ALA L 35 34.73 -21.62 45.28
CA ALA L 35 36.17 -21.63 45.47
C ALA L 35 36.44 -21.72 46.96
N ASN L 36 36.58 -22.94 47.47
CA ASN L 36 36.46 -23.19 48.90
C ASN L 36 37.82 -23.07 49.55
N TRP L 37 37.82 -22.88 50.86
CA TRP L 37 39.03 -23.04 51.64
C TRP L 37 38.81 -24.30 52.46
N VAL L 38 39.05 -25.44 51.85
CA VAL L 38 38.74 -26.72 52.45
C VAL L 38 39.93 -27.11 53.31
N GLN L 39 39.73 -28.07 54.18
CA GLN L 39 40.80 -28.59 55.01
C GLN L 39 41.00 -30.05 54.66
N GLU L 40 42.24 -30.41 54.37
CA GLU L 40 42.63 -31.81 54.19
C GLU L 40 43.24 -32.26 55.50
N LYS L 41 42.70 -33.31 56.07
CA LYS L 41 43.16 -33.84 57.33
C LYS L 41 44.12 -34.99 57.10
N PRO L 42 44.69 -35.54 58.16
CA PRO L 42 45.59 -36.70 58.01
C PRO L 42 44.79 -37.94 57.66
N ASP L 43 45.42 -38.81 56.87
CA ASP L 43 44.77 -39.99 56.33
C ASP L 43 43.89 -39.68 55.12
N HIS L 44 44.04 -38.49 54.55
CA HIS L 44 43.37 -38.14 53.30
C HIS L 44 41.87 -37.92 53.50
N PHE L 45 41.52 -37.26 54.59
CA PHE L 45 40.13 -36.95 54.93
C PHE L 45 39.92 -35.44 54.79
N PHE L 46 38.69 -35.00 55.03
CA PHE L 46 38.30 -33.61 54.92
C PHE L 46 38.02 -32.99 56.30
N THR L 47 38.31 -31.69 56.43
CA THR L 47 37.74 -30.84 57.47
C THR L 47 37.41 -29.47 56.88
N GLY L 48 36.26 -29.37 56.22
CA GLY L 48 35.95 -28.25 55.32
C GLY L 48 35.60 -26.97 56.06
N LEU L 49 36.48 -25.97 55.94
CA LEU L 49 36.45 -24.82 56.83
C LEU L 49 35.76 -23.60 56.22
N ILE L 50 36.21 -23.18 55.03
CA ILE L 50 35.54 -22.13 54.28
C ILE L 50 34.73 -22.81 53.18
N GLY L 51 33.42 -22.93 53.40
CA GLY L 51 32.58 -23.74 52.54
C GLY L 51 31.76 -22.89 51.60
N ASP L 52 32.10 -22.99 50.30
CA ASP L 52 31.77 -21.97 49.31
C ASP L 52 32.77 -20.81 49.41
N THR L 53 33.88 -21.08 50.09
CA THR L 53 34.90 -20.15 50.53
C THR L 53 34.51 -19.27 51.70
N ASN L 54 33.23 -19.20 52.04
CA ASN L 54 32.77 -18.18 52.97
C ASN L 54 31.83 -18.71 54.03
N ASN L 55 31.52 -20.01 54.00
CA ASN L 55 30.57 -20.60 54.92
C ASN L 55 31.35 -21.32 56.00
N ARG L 56 30.67 -21.64 57.11
CA ARG L 56 31.29 -22.33 58.22
C ARG L 56 31.23 -23.84 58.01
N ARG L 57 32.05 -24.56 58.76
CA ARG L 57 32.04 -26.03 58.72
C ARG L 57 32.16 -26.62 60.12
N SER L 58 31.73 -27.87 60.25
CA SER L 58 32.01 -28.66 61.44
C SER L 58 33.34 -29.38 61.25
N GLY L 59 34.30 -29.05 62.10
CA GLY L 59 35.68 -29.23 61.70
C GLY L 59 36.26 -27.98 61.11
N VAL L 60 35.46 -26.93 60.97
CA VAL L 60 35.93 -25.56 60.78
C VAL L 60 35.74 -24.83 62.10
N PRO L 61 36.79 -24.61 62.88
CA PRO L 61 36.63 -23.85 64.13
C PRO L 61 36.58 -22.34 63.86
N ALA L 62 36.39 -21.57 64.93
CA ALA L 62 36.32 -20.11 64.85
C ALA L 62 37.66 -19.47 64.53
N ARG L 63 38.78 -20.14 64.84
CA ARG L 63 40.10 -19.64 64.45
C ARG L 63 40.35 -19.70 62.95
N PHE L 64 39.62 -20.54 62.21
CA PHE L 64 39.63 -20.53 60.75
C PHE L 64 38.38 -19.83 60.24
N SER L 65 38.57 -18.61 59.72
CA SER L 65 37.46 -17.81 59.23
C SER L 65 37.41 -17.88 57.71
N GLY L 66 36.22 -18.16 57.18
CA GLY L 66 36.08 -18.31 55.75
C GLY L 66 35.42 -17.12 55.08
N SER L 67 35.97 -16.67 53.95
CA SER L 67 35.47 -15.49 53.25
C SER L 67 36.11 -15.42 51.86
N LEU L 68 36.09 -14.24 51.26
CA LEU L 68 36.83 -13.98 50.03
C LEU L 68 38.23 -13.50 50.39
N ILE L 69 39.25 -14.29 50.05
CA ILE L 69 40.63 -13.96 50.36
C ILE L 69 41.36 -13.61 49.06
N GLY L 70 41.40 -12.31 48.73
CA GLY L 70 42.23 -11.81 47.65
C GLY L 70 41.76 -12.27 46.28
N ASP L 71 42.65 -12.95 45.57
CA ASP L 71 42.30 -13.74 44.40
C ASP L 71 42.02 -15.20 44.79
N LYS L 72 41.10 -15.39 45.74
CA LYS L 72 40.78 -16.71 46.26
C LYS L 72 39.53 -16.65 47.12
N ALA L 73 38.97 -17.83 47.43
CA ALA L 73 38.10 -17.98 48.58
C ALA L 73 38.94 -18.60 49.68
N ALA L 74 38.76 -18.13 50.91
CA ALA L 74 39.83 -18.18 51.89
C ALA L 74 39.39 -18.76 53.22
N LEU L 75 40.25 -19.64 53.74
CA LEU L 75 40.38 -19.92 55.16
C LEU L 75 41.53 -19.08 55.67
N THR L 76 41.22 -18.10 56.51
CA THR L 76 42.21 -17.38 57.26
C THR L 76 42.31 -18.07 58.61
N ILE L 77 43.41 -18.76 58.84
CA ILE L 77 43.69 -19.39 60.12
C ILE L 77 44.21 -18.27 61.02
N THR L 78 43.33 -17.75 61.88
CA THR L 78 43.69 -16.70 62.83
C THR L 78 42.96 -16.98 64.15
N GLY L 79 43.70 -17.47 65.15
CA GLY L 79 43.13 -17.78 66.44
C GLY L 79 43.00 -19.27 66.73
N ALA L 80 43.57 -20.09 65.85
CA ALA L 80 43.64 -21.52 66.10
C ALA L 80 44.95 -21.84 66.83
N GLN L 81 45.24 -23.12 66.95
CA GLN L 81 46.46 -23.58 67.61
C GLN L 81 47.51 -23.96 66.58
N THR L 82 48.58 -24.57 67.06
CA THR L 82 49.57 -25.15 66.16
C THR L 82 49.03 -26.36 65.43
N GLU L 83 48.14 -27.12 66.08
CA GLU L 83 47.56 -28.30 65.47
C GLU L 83 46.25 -28.02 64.77
N ASP L 84 45.79 -26.76 64.78
CA ASP L 84 44.57 -26.33 64.09
C ASP L 84 44.78 -26.02 62.62
N GLU L 85 45.99 -26.21 62.09
CA GLU L 85 46.29 -26.03 60.68
C GLU L 85 46.22 -27.39 59.96
N ALA L 86 45.50 -27.42 58.85
CA ALA L 86 45.33 -28.60 58.00
C ALA L 86 45.61 -28.14 56.57
N ILE L 87 45.30 -28.97 55.58
CA ILE L 87 45.53 -28.59 54.19
C ILE L 87 44.37 -27.73 53.74
N TYR L 88 44.42 -26.43 54.09
CA TYR L 88 43.45 -25.45 53.62
C TYR L 88 43.70 -25.23 52.15
N PHE L 89 42.98 -25.97 51.33
CA PHE L 89 43.18 -26.00 49.89
C PHE L 89 42.07 -25.26 49.17
N CYS L 90 42.43 -24.70 48.02
CA CYS L 90 41.49 -24.00 47.16
C CYS L 90 40.59 -25.01 46.47
N ALA L 91 39.30 -24.78 46.60
CA ALA L 91 38.27 -25.67 46.08
C ALA L 91 37.60 -24.98 44.90
N LEU L 92 37.10 -25.79 43.98
CA LEU L 92 36.51 -25.30 42.75
C LEU L 92 35.48 -26.29 42.23
N TRP L 93 34.30 -25.77 41.90
CA TRP L 93 33.34 -26.45 41.06
C TRP L 93 32.67 -25.41 40.18
N TYR L 94 31.64 -25.82 39.46
CA TYR L 94 30.69 -24.92 38.84
C TYR L 94 29.33 -25.30 39.40
N ASN L 95 29.34 -25.76 40.65
CA ASN L 95 28.18 -26.38 41.24
C ASN L 95 28.02 -27.80 40.74
N ASN L 96 29.10 -28.43 40.28
CA ASN L 96 28.99 -29.77 39.73
C ASN L 96 29.61 -30.81 40.66
N LEU L 97 30.86 -30.57 41.03
CA LEU L 97 31.58 -31.41 41.97
C LEU L 97 32.72 -30.59 42.56
N TRP L 98 33.00 -30.82 43.83
CA TRP L 98 34.08 -30.15 44.53
C TRP L 98 35.40 -30.82 44.15
N VAL L 99 36.29 -30.06 43.54
CA VAL L 99 37.62 -30.54 43.17
C VAL L 99 38.62 -29.51 43.69
N PHE L 100 39.64 -30.00 44.37
CA PHE L 100 40.59 -29.13 45.05
C PHE L 100 41.90 -29.02 44.27
N GLY L 101 42.71 -28.04 44.67
CA GLY L 101 44.01 -27.85 44.07
C GLY L 101 45.11 -28.61 44.75
N GLY L 102 46.24 -27.93 44.92
CA GLY L 102 47.39 -28.54 45.52
C GLY L 102 47.35 -28.64 47.02
N GLY L 103 46.44 -27.91 47.66
CA GLY L 103 46.21 -28.00 49.09
C GLY L 103 47.14 -27.10 49.87
N THR L 104 46.56 -26.03 50.40
CA THR L 104 47.33 -24.98 51.07
C THR L 104 47.65 -25.48 52.47
N LYS L 105 48.81 -26.10 52.63
CA LYS L 105 49.13 -26.85 53.84
C LYS L 105 49.41 -25.87 54.98
N LEU L 106 48.36 -25.39 55.61
CA LEU L 106 48.45 -24.37 56.65
C LEU L 106 48.73 -25.05 57.98
N THR L 107 49.95 -24.84 58.48
CA THR L 107 50.40 -25.46 59.73
C THR L 107 50.68 -24.35 60.73
N VAL L 108 50.80 -24.73 62.00
CA VAL L 108 51.18 -23.82 63.07
C VAL L 108 52.25 -24.50 63.91
N LEU L 109 53.20 -23.72 64.40
CA LEU L 109 54.25 -24.27 65.24
C LEU L 109 53.72 -24.46 66.65
N GLY L 110 54.49 -25.18 67.47
CA GLY L 110 54.10 -25.43 68.83
C GLY L 110 54.01 -26.93 69.08
N GLN L 111 54.05 -27.29 70.37
CA GLN L 111 54.19 -28.68 70.81
C GLN L 111 55.50 -29.24 70.28
N PRO L 112 56.64 -28.82 70.83
CA PRO L 112 57.93 -29.07 70.19
C PRO L 112 58.42 -30.51 70.34
N LYS L 113 59.66 -30.75 69.87
CA LYS L 113 60.19 -32.09 69.66
C LYS L 113 60.50 -32.82 70.96
N SER L 114 60.17 -34.11 71.00
CA SER L 114 60.40 -34.95 72.18
C SER L 114 60.37 -36.40 71.76
N SER L 115 61.35 -37.18 72.22
CA SER L 115 61.69 -38.47 71.63
C SER L 115 60.65 -39.55 71.95
N PRO L 116 60.26 -40.32 70.94
CA PRO L 116 59.43 -41.50 71.20
C PRO L 116 60.32 -42.71 71.43
N SER L 117 59.65 -43.83 71.70
CA SER L 117 60.33 -45.06 72.07
C SER L 117 60.67 -45.82 70.79
N VAL L 118 61.97 -45.96 70.53
CA VAL L 118 62.50 -46.83 69.49
C VAL L 118 62.94 -48.13 70.14
N THR L 119 62.99 -49.21 69.37
CA THR L 119 63.42 -50.49 69.90
C THR L 119 64.04 -51.33 68.81
N LEU L 120 65.27 -51.77 69.05
CA LEU L 120 65.94 -52.76 68.21
C LEU L 120 65.86 -54.10 68.94
N PHE L 121 65.09 -55.02 68.37
CA PHE L 121 64.78 -56.36 68.85
C PHE L 121 65.55 -57.41 68.06
N PRO L 122 65.57 -58.65 68.54
CA PRO L 122 66.46 -59.66 67.97
C PRO L 122 65.86 -60.34 66.76
N PRO L 123 66.55 -61.33 66.19
CA PRO L 123 66.08 -61.96 64.95
C PRO L 123 64.93 -62.93 65.17
N SER L 124 64.13 -63.12 64.13
CA SER L 124 62.77 -63.61 64.23
C SER L 124 62.73 -65.12 64.47
N SER L 125 61.89 -65.51 65.44
CA SER L 125 61.74 -66.92 65.81
C SER L 125 60.97 -67.70 64.76
N GLU L 126 60.14 -67.03 63.96
CA GLU L 126 59.52 -67.68 62.81
C GLU L 126 60.53 -67.87 61.70
N GLU L 127 61.58 -67.05 61.66
CA GLU L 127 62.72 -67.26 60.78
C GLU L 127 63.73 -68.25 61.36
N LEU L 128 63.57 -68.65 62.63
CA LEU L 128 64.32 -69.78 63.15
C LEU L 128 63.95 -71.09 62.47
N GLU L 129 62.68 -71.28 62.14
CA GLU L 129 62.25 -72.33 61.24
C GLU L 129 62.20 -71.87 59.78
N THR L 130 62.84 -70.74 59.44
CA THR L 130 62.77 -70.16 58.10
C THR L 130 64.12 -69.77 57.51
N ASN L 131 65.16 -69.56 58.32
CA ASN L 131 66.39 -68.98 57.81
C ASN L 131 66.26 -67.48 57.58
N LYS L 132 65.52 -66.81 58.46
CA LYS L 132 65.43 -65.36 58.46
C LYS L 132 66.02 -64.84 59.76
N ALA L 133 66.26 -63.54 59.79
CA ALA L 133 66.78 -62.85 60.96
C ALA L 133 66.57 -61.36 60.74
N THR L 134 66.33 -60.60 61.80
CA THR L 134 66.01 -59.19 61.67
C THR L 134 66.43 -58.44 62.91
N LEU L 135 67.39 -57.54 62.76
CA LEU L 135 67.60 -56.50 63.77
C LEU L 135 66.42 -55.55 63.65
N VAL L 136 65.40 -55.78 64.46
CA VAL L 136 64.06 -55.24 64.23
C VAL L 136 63.97 -53.85 64.83
N CYS L 137 63.36 -52.91 64.10
CA CYS L 137 63.18 -51.55 64.56
C CYS L 137 61.70 -51.27 64.67
N THR L 138 61.24 -51.02 65.89
CA THR L 138 59.85 -50.63 66.15
C THR L 138 59.84 -49.48 67.17
N ILE L 139 59.23 -48.37 66.78
CA ILE L 139 59.17 -47.20 67.65
C ILE L 139 57.84 -46.49 67.45
N THR L 140 57.26 -46.02 68.56
CA THR L 140 56.03 -45.23 68.60
C THR L 140 56.24 -43.96 69.42
N ASP L 141 55.40 -42.96 69.15
CA ASP L 141 55.42 -41.68 69.88
C ASP L 141 56.48 -40.71 69.34
N PHE L 142 56.97 -40.98 68.13
CA PHE L 142 58.17 -40.39 67.54
C PHE L 142 58.01 -38.90 67.23
N TYR L 143 58.79 -38.09 67.95
CA TYR L 143 58.96 -36.65 67.77
C TYR L 143 60.44 -36.31 67.95
N PRO L 144 60.99 -35.38 67.17
CA PRO L 144 60.43 -34.71 65.98
C PRO L 144 60.60 -35.62 64.76
N GLY L 145 60.03 -35.23 63.63
CA GLY L 145 60.00 -36.10 62.47
C GLY L 145 61.25 -36.14 61.63
N VAL L 146 62.41 -36.33 62.25
CA VAL L 146 63.64 -36.62 61.52
C VAL L 146 64.53 -37.50 62.40
N VAL L 147 64.62 -38.78 62.06
CA VAL L 147 65.47 -39.71 62.80
C VAL L 147 65.64 -40.99 61.99
N THR L 148 66.78 -41.63 62.19
CA THR L 148 67.10 -42.90 61.54
C THR L 148 67.34 -43.97 62.60
N VAL L 149 66.40 -44.92 62.71
CA VAL L 149 66.54 -46.06 63.58
C VAL L 149 67.02 -47.22 62.74
N ASP L 150 68.25 -47.68 63.02
CA ASP L 150 68.99 -48.57 62.15
C ASP L 150 69.72 -49.62 62.97
N TRP L 151 69.94 -50.79 62.37
CA TRP L 151 70.45 -51.98 63.06
C TRP L 151 71.78 -52.42 62.47
N LYS L 152 72.59 -53.09 63.30
CA LYS L 152 73.88 -53.64 62.88
C LYS L 152 74.14 -54.92 63.67
N VAL L 153 73.86 -56.06 63.06
CA VAL L 153 74.12 -57.36 63.69
C VAL L 153 75.61 -57.66 63.51
N ASP L 154 76.30 -57.84 64.63
CA ASP L 154 77.76 -57.63 64.68
C ASP L 154 78.12 -56.17 64.92
N GLY L 155 77.16 -55.37 65.43
CA GLY L 155 77.43 -54.17 66.23
C GLY L 155 77.47 -52.86 65.47
N THR L 156 78.44 -52.69 64.58
CA THR L 156 78.74 -51.44 63.89
C THR L 156 77.86 -51.34 62.65
N PRO L 157 78.09 -50.33 61.76
CA PRO L 157 77.22 -50.17 60.58
C PRO L 157 77.24 -51.32 59.58
N VAL L 158 76.26 -52.22 59.75
CA VAL L 158 76.03 -53.29 58.78
C VAL L 158 75.42 -52.70 57.52
N THR L 159 75.74 -53.34 56.39
CA THR L 159 75.40 -52.81 55.08
C THR L 159 74.93 -53.91 54.13
N GLN L 160 74.56 -55.07 54.66
CA GLN L 160 74.03 -56.16 53.84
C GLN L 160 72.71 -56.67 54.40
N GLY L 161 71.62 -55.94 54.13
CA GLY L 161 70.27 -56.40 54.40
C GLY L 161 69.40 -55.45 55.20
N MET L 162 69.91 -54.27 55.55
CA MET L 162 69.17 -53.33 56.39
C MET L 162 68.26 -52.42 55.56
N GLU L 163 66.99 -52.32 55.98
CA GLU L 163 66.01 -51.53 55.26
C GLU L 163 65.05 -50.92 56.26
N THR L 164 64.93 -49.59 56.22
CA THR L 164 64.23 -48.82 57.26
C THR L 164 62.92 -48.27 56.71
N THR L 165 61.97 -48.01 57.61
CA THR L 165 60.65 -47.57 57.21
C THR L 165 60.38 -46.12 57.66
N GLN L 166 59.17 -45.65 57.37
CA GLN L 166 58.40 -44.41 57.40
C GLN L 166 57.75 -44.22 58.77
N PRO L 167 57.02 -43.11 58.92
CA PRO L 167 56.46 -42.75 60.23
C PRO L 167 55.14 -43.44 60.50
N SER L 168 54.57 -43.14 61.66
CA SER L 168 53.22 -43.56 62.04
C SER L 168 52.32 -42.33 62.10
N LYS L 169 51.10 -42.45 61.57
CA LYS L 169 50.26 -41.29 61.28
C LYS L 169 49.35 -40.97 62.47
N GLN L 170 49.61 -39.83 63.12
CA GLN L 170 48.77 -39.35 64.21
C GLN L 170 48.54 -37.84 64.08
N SER L 171 47.41 -37.39 64.63
CA SER L 171 47.02 -35.98 64.50
C SER L 171 47.64 -35.15 65.62
N ASN L 172 48.18 -35.82 66.64
CA ASN L 172 48.76 -35.14 67.80
C ASN L 172 50.25 -34.88 67.66
N ASN L 173 50.81 -34.93 66.44
CA ASN L 173 52.18 -34.52 66.12
C ASN L 173 53.28 -35.48 66.56
N LYS L 174 52.98 -36.76 66.74
CA LYS L 174 53.98 -37.79 67.00
C LYS L 174 54.13 -38.70 65.78
N TYR L 175 55.00 -39.70 65.90
CA TYR L 175 55.21 -40.69 64.83
C TYR L 175 55.65 -42.02 65.41
N MET L 176 56.17 -42.89 64.53
CA MET L 176 56.85 -44.11 64.96
C MET L 176 57.57 -44.75 63.77
N ALA L 177 58.82 -45.14 64.00
CA ALA L 177 59.64 -45.61 62.90
C ALA L 177 59.85 -47.12 63.06
N SER L 178 59.62 -47.86 61.97
CA SER L 178 59.64 -49.31 62.00
C SER L 178 60.23 -49.87 60.71
N SER L 179 61.33 -50.62 60.86
CA SER L 179 62.06 -51.23 59.76
C SER L 179 62.68 -52.55 60.22
N TYR L 180 63.43 -53.19 59.31
CA TYR L 180 64.08 -54.47 59.60
C TYR L 180 65.48 -54.51 59.03
N LEU L 181 66.47 -54.82 59.87
CA LEU L 181 67.81 -55.16 59.42
C LEU L 181 67.74 -56.64 59.06
N THR L 182 67.36 -56.92 57.81
CA THR L 182 66.93 -58.24 57.39
C THR L 182 68.15 -59.08 57.01
N LEU L 183 68.67 -59.80 57.98
CA LEU L 183 69.73 -60.79 57.75
C LEU L 183 69.06 -62.14 57.53
N THR L 184 69.88 -63.20 57.53
CA THR L 184 69.42 -64.53 57.20
C THR L 184 69.63 -65.48 58.36
N ALA L 185 69.43 -66.77 58.07
CA ALA L 185 69.91 -67.81 58.97
C ALA L 185 71.44 -67.88 58.96
N ARG L 186 72.05 -67.61 57.81
CA ARG L 186 73.52 -67.58 57.72
C ARG L 186 74.08 -66.26 58.24
N ALA L 187 73.35 -65.17 58.05
CA ALA L 187 73.84 -63.87 58.51
C ALA L 187 73.62 -63.68 60.00
N TRP L 188 72.69 -64.44 60.58
CA TRP L 188 72.51 -64.46 62.02
C TRP L 188 73.32 -65.60 62.64
N GLU L 189 73.60 -66.63 61.83
CA GLU L 189 74.54 -67.67 62.22
C GLU L 189 75.96 -67.14 62.30
N ARG L 190 76.29 -66.10 61.55
CA ARG L 190 77.55 -65.39 61.78
C ARG L 190 77.42 -64.42 62.95
N HIS L 191 76.55 -63.43 62.84
CA HIS L 191 76.50 -62.39 63.86
C HIS L 191 75.07 -62.06 64.26
N SER L 192 74.86 -61.89 65.56
CA SER L 192 73.57 -61.51 66.10
C SER L 192 73.62 -60.32 67.04
N SER L 193 74.80 -59.77 67.30
CA SER L 193 75.01 -58.70 68.27
C SER L 193 74.47 -57.39 67.71
N TYR L 194 73.14 -57.27 67.69
CA TYR L 194 72.44 -56.20 67.01
C TYR L 194 72.08 -55.11 67.99
N SER L 195 72.36 -53.88 67.60
CA SER L 195 71.93 -52.74 68.39
C SER L 195 70.90 -52.00 67.56
N CYS L 196 69.91 -51.45 68.24
CA CYS L 196 68.96 -50.54 67.64
C CYS L 196 69.43 -49.14 67.97
N GLN L 197 69.92 -48.42 66.97
CA GLN L 197 70.37 -47.04 67.16
C GLN L 197 69.38 -46.14 66.45
N VAL L 198 69.32 -44.88 66.88
CA VAL L 198 68.43 -43.90 66.29
C VAL L 198 69.10 -42.54 66.38
N THR L 199 69.40 -41.95 65.23
CA THR L 199 69.91 -40.59 65.13
C THR L 199 68.73 -39.66 64.86
N HIS L 200 68.24 -38.97 65.91
CA HIS L 200 67.07 -38.13 65.84
C HIS L 200 67.07 -37.11 66.96
N GLU L 201 66.67 -35.87 66.61
CA GLU L 201 66.62 -34.77 67.56
C GLU L 201 68.01 -34.33 67.99
N GLY L 202 69.01 -34.61 67.15
CA GLY L 202 70.40 -34.48 67.54
C GLY L 202 70.99 -35.71 68.20
N HIS L 203 70.16 -36.54 68.84
CA HIS L 203 70.65 -37.53 69.79
C HIS L 203 70.57 -38.94 69.23
N THR L 204 71.49 -39.78 69.68
CA THR L 204 71.54 -41.20 69.32
C THR L 204 70.98 -42.03 70.47
N VAL L 205 70.08 -42.94 70.13
CA VAL L 205 69.39 -43.78 71.12
C VAL L 205 69.65 -45.23 70.75
N GLU L 206 69.98 -46.07 71.73
CA GLU L 206 70.52 -47.39 71.45
C GLU L 206 69.90 -48.45 72.34
N LYS L 207 69.94 -49.70 71.85
CA LYS L 207 69.64 -50.89 72.63
C LYS L 207 70.37 -52.06 71.98
N SER L 208 71.47 -52.50 72.58
CA SER L 208 72.27 -53.61 72.07
C SER L 208 71.77 -54.91 72.67
N LEU L 209 71.59 -55.93 71.85
CA LEU L 209 70.88 -57.15 72.24
C LEU L 209 71.78 -58.36 72.17
N SER L 210 71.27 -59.47 72.72
CA SER L 210 71.96 -60.75 72.75
C SER L 210 71.01 -61.79 72.18
N ARG L 211 71.54 -62.69 71.37
CA ARG L 211 70.74 -63.73 70.74
C ARG L 211 70.43 -64.88 71.70
N GLN M 1 -8.56 49.58 9.06
CA GLN M 1 -8.38 48.14 8.97
C GLN M 1 -9.65 47.51 8.43
N ILE M 2 -9.53 46.36 7.79
CA ILE M 2 -10.68 45.69 7.20
C ILE M 2 -11.45 45.09 8.35
N GLN M 3 -12.45 45.81 8.83
CA GLN M 3 -12.91 45.69 10.20
C GLN M 3 -14.13 44.79 10.23
N LEU M 4 -14.43 44.24 11.41
CA LEU M 4 -15.40 43.16 11.56
C LEU M 4 -16.75 43.74 11.96
N VAL M 5 -17.80 43.22 11.33
CA VAL M 5 -19.18 43.37 11.80
C VAL M 5 -19.62 41.99 12.27
N GLN M 6 -19.58 41.77 13.58
CA GLN M 6 -19.62 40.44 14.15
C GLN M 6 -21.04 39.91 14.21
N SER M 7 -21.14 38.59 14.10
CA SER M 7 -22.38 37.91 14.41
C SER M 7 -22.67 38.04 15.90
N GLY M 8 -23.95 38.04 16.24
CA GLY M 8 -24.37 38.51 17.53
C GLY M 8 -24.13 37.55 18.67
N ARG M 9 -24.53 37.98 19.85
CA ARG M 9 -24.66 37.08 20.98
C ARG M 9 -25.82 36.16 20.68
N GLU M 10 -25.54 34.87 20.61
CA GLU M 10 -26.57 33.89 20.31
C GLU M 10 -26.49 32.73 21.31
N VAL M 11 -27.66 32.39 21.86
CA VAL M 11 -27.84 31.17 22.62
C VAL M 11 -27.89 30.04 21.60
N LYS M 12 -27.46 28.85 22.03
CA LYS M 12 -27.18 27.79 21.08
C LYS M 12 -28.38 26.85 21.00
N ASN M 13 -28.80 26.57 19.78
CA ASN M 13 -29.75 25.49 19.54
C ASN M 13 -28.98 24.17 19.53
N PRO M 14 -29.58 23.12 20.09
CA PRO M 14 -28.82 21.88 20.31
C PRO M 14 -28.64 21.10 19.01
N GLY M 15 -27.38 20.78 18.71
CA GLY M 15 -26.97 20.19 17.46
C GLY M 15 -26.96 21.16 16.28
N GLU M 16 -27.10 22.45 16.54
CA GLU M 16 -27.41 23.40 15.46
C GLU M 16 -26.19 23.84 14.70
N THR M 17 -26.40 24.58 13.60
CA THR M 17 -25.34 25.05 12.73
C THR M 17 -25.74 26.36 12.06
N VAL M 18 -24.76 27.21 11.84
CA VAL M 18 -24.94 28.50 11.17
C VAL M 18 -23.57 29.01 10.77
N LYS M 19 -23.52 29.96 9.84
CA LYS M 19 -22.26 30.60 9.46
C LYS M 19 -22.17 31.91 10.23
N ILE M 20 -21.53 31.89 11.40
CA ILE M 20 -21.38 33.07 12.24
C ILE M 20 -20.35 33.98 11.57
N SER M 21 -20.84 35.05 10.98
CA SER M 21 -19.99 35.90 10.17
C SER M 21 -19.39 37.01 11.02
N CYS M 22 -18.10 37.24 10.80
CA CYS M 22 -17.48 38.52 11.10
C CYS M 22 -17.33 39.15 9.72
N LYS M 23 -18.20 40.10 9.40
CA LYS M 23 -18.20 40.77 8.11
C LYS M 23 -16.92 41.59 8.03
N ALA M 24 -16.01 41.15 7.18
CA ALA M 24 -14.66 41.72 7.15
C ALA M 24 -14.60 42.79 6.08
N SER M 25 -15.16 43.95 6.41
CA SER M 25 -15.28 45.05 5.46
C SER M 25 -14.00 45.87 5.48
N GLY M 26 -14.09 47.08 4.95
CA GLY M 26 -12.93 47.91 4.73
C GLY M 26 -12.37 47.80 3.33
N TYR M 27 -12.63 46.69 2.65
CA TYR M 27 -12.45 46.56 1.22
C TYR M 27 -12.96 45.18 0.81
N THR M 28 -12.81 44.89 -0.48
CA THR M 28 -12.89 43.50 -0.93
C THR M 28 -11.50 42.93 -0.75
N PHE M 29 -11.30 42.19 0.34
CA PHE M 29 -10.00 41.62 0.71
C PHE M 29 -9.77 40.24 0.10
N THR M 30 -10.17 40.05 -1.16
CA THR M 30 -10.29 38.75 -1.81
C THR M 30 -8.97 38.02 -1.99
N GLU M 31 -7.84 38.71 -2.06
CA GLU M 31 -6.54 38.07 -2.06
C GLU M 31 -5.93 38.00 -0.67
N TYR M 32 -6.70 38.37 0.35
CA TYR M 32 -6.17 38.52 1.70
C TYR M 32 -6.88 37.57 2.66
N PRO M 33 -6.12 36.70 3.31
CA PRO M 33 -6.68 35.81 4.35
C PRO M 33 -6.93 36.56 5.65
N MET M 34 -7.26 35.78 6.68
CA MET M 34 -7.35 36.27 8.04
C MET M 34 -7.25 35.10 9.00
N LEU M 35 -7.19 35.41 10.28
CA LEU M 35 -7.39 34.42 11.32
C LEU M 35 -8.83 34.48 11.82
N TRP M 36 -9.58 33.41 11.58
CA TRP M 36 -10.99 33.36 11.98
C TRP M 36 -10.97 32.90 13.43
N VAL M 37 -11.12 33.86 14.35
CA VAL M 37 -10.76 33.63 15.73
C VAL M 37 -11.94 33.00 16.46
N LYS M 38 -11.63 32.07 17.35
CA LYS M 38 -12.59 31.61 18.34
C LYS M 38 -12.11 32.21 19.65
N GLN M 39 -12.93 33.07 20.24
CA GLN M 39 -12.66 33.62 21.55
C GLN M 39 -12.90 32.48 22.53
N ALA M 40 -11.81 31.76 22.88
CA ALA M 40 -11.80 30.69 23.88
C ALA M 40 -12.20 31.28 25.24
N PRO M 41 -12.82 30.47 26.13
CA PRO M 41 -13.43 31.01 27.36
C PRO M 41 -12.43 31.58 28.35
N GLY M 42 -11.33 30.88 28.55
CA GLY M 42 -10.27 31.42 29.37
C GLY M 42 -9.14 31.96 28.53
N LYS M 43 -8.88 31.30 27.40
CA LYS M 43 -7.66 31.50 26.64
C LYS M 43 -7.61 32.80 25.84
N GLY M 44 -8.73 33.51 25.77
CA GLY M 44 -8.80 34.65 24.87
C GLY M 44 -8.91 34.18 23.43
N PHE M 45 -8.09 34.80 22.59
CA PHE M 45 -8.08 34.49 21.17
C PHE M 45 -7.34 33.19 20.92
N ARG M 46 -8.04 32.08 21.10
CA ARG M 46 -7.56 30.77 20.67
C ARG M 46 -8.29 30.45 19.39
N TRP M 47 -7.80 31.02 18.28
CA TRP M 47 -8.43 30.83 16.98
C TRP M 47 -8.19 29.41 16.50
N MET M 48 -9.27 28.74 16.07
CA MET M 48 -9.16 27.38 15.57
C MET M 48 -8.89 27.33 14.07
N GLY M 49 -8.35 28.39 13.51
CA GLY M 49 -7.96 28.42 12.12
C GLY M 49 -8.17 29.80 11.54
N LEU M 50 -7.98 29.88 10.23
CA LEU M 50 -8.00 31.16 9.54
C LEU M 50 -8.99 31.09 8.40
N ILE M 51 -9.43 32.25 7.93
CA ILE M 51 -10.29 32.38 6.78
C ILE M 51 -9.47 32.91 5.61
N TYR M 52 -10.08 32.96 4.43
CA TYR M 52 -9.54 33.64 3.26
C TYR M 52 -10.54 34.67 2.76
N THR M 53 -10.11 35.62 1.92
CA THR M 53 -11.02 36.67 1.49
C THR M 53 -11.87 36.28 0.28
N ASN M 54 -11.23 35.67 -0.73
CA ASN M 54 -11.91 35.25 -1.95
C ASN M 54 -11.78 33.75 -2.15
N THR M 55 -10.64 33.19 -1.74
CA THR M 55 -10.51 31.74 -1.59
C THR M 55 -11.39 31.21 -0.47
N GLY M 56 -11.52 31.99 0.61
CA GLY M 56 -12.32 31.61 1.76
C GLY M 56 -11.70 30.54 2.63
N GLU M 57 -10.39 30.28 2.46
CA GLU M 57 -9.71 29.07 2.94
C GLU M 57 -9.64 29.04 4.45
N PRO M 58 -10.44 28.20 5.10
CA PRO M 58 -10.30 27.99 6.54
C PRO M 58 -9.18 27.00 6.84
N THR M 59 -8.10 27.55 7.37
CA THR M 59 -7.09 26.76 8.05
C THR M 59 -7.75 26.29 9.33
N TYR M 60 -7.48 25.06 9.72
CA TYR M 60 -8.19 24.40 10.80
C TYR M 60 -7.24 24.04 11.94
N ALA M 61 -7.70 24.31 13.15
CA ALA M 61 -6.97 23.89 14.34
C ALA M 61 -7.35 22.44 14.68
N GLU M 62 -6.75 21.94 15.76
CA GLU M 62 -6.83 20.51 16.05
C GLU M 62 -8.03 20.16 16.91
N GLU M 63 -8.87 21.15 17.26
CA GLU M 63 -9.97 20.89 18.18
C GLU M 63 -11.33 21.27 17.61
N PHE M 64 -11.36 22.15 16.62
CA PHE M 64 -12.60 22.66 16.07
C PHE M 64 -13.25 21.76 15.04
N LYS M 65 -12.68 20.60 14.76
CA LYS M 65 -13.35 19.60 13.94
C LYS M 65 -14.55 19.06 14.70
N GLY M 66 -15.65 18.84 14.00
CA GLY M 66 -16.90 18.64 14.70
C GLY M 66 -17.74 19.90 14.58
N ARG M 67 -17.70 20.72 15.63
CA ARG M 67 -18.58 21.88 15.71
C ARG M 67 -18.09 23.12 14.97
N PHE M 68 -17.13 23.00 14.05
CA PHE M 68 -16.62 24.17 13.34
C PHE M 68 -16.99 24.16 11.87
N VAL M 69 -17.26 25.34 11.32
CA VAL M 69 -17.47 25.53 9.90
C VAL M 69 -16.55 26.67 9.46
N PHE M 70 -16.00 26.57 8.26
CA PHE M 70 -15.33 27.70 7.64
C PHE M 70 -16.25 28.33 6.62
N SER M 71 -16.61 29.60 6.83
CA SER M 71 -17.49 30.29 5.89
C SER M 71 -16.79 31.55 5.42
N LEU M 72 -16.82 31.77 4.13
CA LEU M 72 -16.15 32.94 3.58
C LEU M 72 -17.04 33.54 2.51
N GLU M 73 -17.89 34.48 2.92
CA GLU M 73 -18.78 35.20 2.02
C GLU M 73 -18.13 36.56 1.81
N ILE M 74 -16.98 36.54 1.13
CA ILE M 74 -16.09 37.69 1.00
C ILE M 74 -16.44 38.58 -0.18
N SER M 75 -17.63 38.37 -0.77
CA SER M 75 -18.07 39.17 -1.91
C SER M 75 -18.38 40.62 -1.53
N ALA M 76 -18.91 40.84 -0.34
CA ALA M 76 -18.99 42.17 0.25
C ALA M 76 -18.07 42.30 1.45
N SER M 77 -17.01 41.50 1.52
CA SER M 77 -16.17 41.44 2.71
C SER M 77 -16.88 40.84 3.92
N THR M 78 -17.19 39.54 3.84
CA THR M 78 -17.63 38.78 4.99
C THR M 78 -16.80 37.52 5.15
N ALA M 79 -16.25 37.31 6.34
CA ALA M 79 -15.68 36.02 6.71
C ALA M 79 -16.53 35.46 7.83
N TYR M 80 -16.24 34.26 8.30
CA TYR M 80 -16.95 33.80 9.47
C TYR M 80 -16.57 32.39 9.87
N LEU M 81 -16.77 32.10 11.14
CA LEU M 81 -16.73 30.75 11.67
C LEU M 81 -18.17 30.26 11.77
N GLN M 82 -18.45 29.11 11.20
CA GLN M 82 -19.76 28.50 11.33
C GLN M 82 -19.83 27.78 12.67
N ILE M 83 -20.83 28.15 13.46
CA ILE M 83 -21.17 27.44 14.69
C ILE M 83 -22.00 26.23 14.29
N ASN M 84 -21.33 25.12 14.05
CA ASN M 84 -21.97 23.83 13.90
C ASN M 84 -21.91 23.16 15.26
N ASN M 85 -22.61 22.02 15.38
CA ASN M 85 -22.52 21.10 16.51
C ASN M 85 -22.94 21.75 17.82
N LEU M 86 -24.22 22.13 17.88
CA LEU M 86 -24.74 22.88 19.01
C LEU M 86 -24.79 22.03 20.27
N THR M 87 -23.94 22.38 21.23
CA THR M 87 -23.80 21.72 22.51
C THR M 87 -23.36 22.73 23.55
N ASN M 88 -23.65 22.41 24.82
CA ASN M 88 -23.50 23.39 25.89
C ASN M 88 -22.06 23.63 26.30
N GLU M 89 -21.14 22.78 25.84
CA GLU M 89 -19.75 22.86 26.23
C GLU M 89 -18.88 23.54 25.20
N ASP M 90 -19.36 24.60 24.56
CA ASP M 90 -18.59 25.30 23.55
C ASP M 90 -18.69 26.82 23.61
N THR M 91 -19.63 27.37 24.40
CA THR M 91 -20.16 28.71 24.13
C THR M 91 -19.22 29.83 24.57
N ALA M 92 -18.57 30.48 23.60
CA ALA M 92 -17.58 31.51 23.87
C ALA M 92 -17.67 32.65 22.85
N THR M 93 -16.65 33.49 22.78
CA THR M 93 -16.60 34.61 21.86
C THR M 93 -16.29 34.08 20.47
N TYR M 94 -16.65 34.85 19.44
CA TYR M 94 -16.35 34.48 18.06
C TYR M 94 -15.89 35.70 17.28
N PHE M 95 -14.62 35.73 16.91
CA PHE M 95 -13.99 36.93 16.36
C PHE M 95 -13.42 36.68 14.96
N CYS M 96 -12.86 37.71 14.38
CA CYS M 96 -12.20 37.58 13.09
C CYS M 96 -10.84 38.27 13.12
N VAL M 97 -10.13 38.16 12.01
CA VAL M 97 -8.95 38.97 11.75
C VAL M 97 -8.65 38.89 10.27
N ARG M 98 -8.33 40.05 9.68
CA ARG M 98 -7.85 40.15 8.31
C ARG M 98 -6.33 40.08 8.33
N ASP M 99 -5.73 39.68 7.21
CA ASP M 99 -4.31 39.33 7.18
C ASP M 99 -3.48 40.48 6.62
N TYR M 100 -3.36 41.55 7.39
CA TYR M 100 -2.62 42.73 6.95
C TYR M 100 -1.50 42.91 7.96
N PHE M 101 -0.32 43.23 7.46
CA PHE M 101 0.91 42.91 8.18
C PHE M 101 1.05 41.40 8.30
N ILE M 102 1.48 40.76 7.21
CA ILE M 102 0.95 39.53 6.60
C ILE M 102 0.39 38.37 7.44
N SER M 103 0.61 38.35 8.76
CA SER M 103 -0.25 37.53 9.60
C SER M 103 -1.55 38.27 9.91
N LEU M 104 -2.37 37.71 10.81
CA LEU M 104 -3.72 38.21 11.08
C LEU M 104 -3.65 39.53 11.82
N ASP M 105 -4.07 40.61 11.15
CA ASP M 105 -3.82 41.96 11.65
C ASP M 105 -5.05 42.82 11.88
N TYR M 106 -6.09 42.67 11.07
CA TYR M 106 -7.29 43.48 11.26
C TYR M 106 -8.23 42.73 12.19
N TRP M 107 -8.13 43.04 13.49
CA TRP M 107 -8.76 42.26 14.54
C TRP M 107 -10.26 42.48 14.53
N GLY M 108 -11.01 41.39 14.34
CA GLY M 108 -12.44 41.44 14.11
C GLY M 108 -13.24 41.74 15.36
N GLN M 109 -14.54 41.43 15.27
CA GLN M 109 -15.44 41.87 16.32
C GLN M 109 -15.42 40.97 17.55
N GLY M 110 -15.86 39.74 17.42
CA GLY M 110 -16.13 38.99 18.63
C GLY M 110 -17.57 39.12 19.04
N THR M 111 -18.30 38.01 18.98
CA THR M 111 -19.71 37.97 19.35
C THR M 111 -19.90 36.81 20.29
N THR M 112 -20.73 36.99 21.30
CA THR M 112 -20.83 36.03 22.40
C THR M 112 -21.86 34.96 22.05
N LEU M 113 -21.38 33.78 21.68
CA LEU M 113 -22.21 32.60 21.55
C LEU M 113 -22.17 31.87 22.88
N THR M 114 -23.31 31.34 23.29
CA THR M 114 -23.44 30.62 24.55
C THR M 114 -24.23 29.36 24.24
N VAL M 115 -23.55 28.22 24.24
CA VAL M 115 -24.20 26.93 24.07
C VAL M 115 -24.92 26.61 25.37
N SER M 116 -26.22 26.36 25.29
CA SER M 116 -26.95 26.05 26.51
C SER M 116 -28.43 25.84 26.29
N SER M 117 -29.11 25.38 27.33
CA SER M 117 -30.55 25.58 27.45
C SER M 117 -30.82 26.95 28.05
N ALA M 118 -31.96 27.53 27.70
CA ALA M 118 -32.29 28.91 28.08
C ALA M 118 -33.73 29.02 28.54
N LYS M 119 -34.22 30.25 28.68
CA LYS M 119 -35.60 30.43 29.10
C LYS M 119 -36.54 30.51 27.90
N THR M 120 -37.82 30.73 28.17
CA THR M 120 -38.83 31.02 27.15
C THR M 120 -39.28 32.46 27.38
N THR M 121 -38.48 33.22 28.12
CA THR M 121 -38.75 34.61 28.44
C THR M 121 -37.48 35.38 28.11
N ALA M 122 -37.60 36.41 27.29
CA ALA M 122 -36.49 37.29 27.00
C ALA M 122 -36.46 38.42 28.03
N PRO M 123 -35.56 39.38 27.88
CA PRO M 123 -35.45 40.47 28.84
C PRO M 123 -36.64 41.43 28.76
N SER M 124 -36.86 42.14 29.85
CA SER M 124 -37.83 43.23 29.89
C SER M 124 -37.11 44.42 30.49
N VAL M 125 -37.38 45.61 29.97
CA VAL M 125 -36.75 46.85 30.41
C VAL M 125 -37.79 47.68 31.17
N TYR M 126 -37.37 48.25 32.30
CA TYR M 126 -38.25 49.04 33.15
C TYR M 126 -37.63 50.42 33.38
N PRO M 127 -38.45 51.47 33.50
CA PRO M 127 -37.90 52.81 33.77
C PRO M 127 -37.69 53.07 35.25
N LEU M 128 -36.45 53.35 35.61
CA LEU M 128 -36.08 53.71 36.98
C LEU M 128 -35.46 55.09 36.91
N ALA M 129 -36.17 56.09 37.42
CA ALA M 129 -35.88 57.51 37.24
C ALA M 129 -35.74 58.21 38.58
N PRO M 130 -35.55 59.53 38.57
CA PRO M 130 -35.63 60.33 39.80
C PRO M 130 -37.03 60.27 40.42
N VAL M 131 -37.07 60.44 41.74
CA VAL M 131 -38.19 59.98 42.56
C VAL M 131 -39.39 60.92 42.61
N CYS M 132 -40.50 60.41 43.14
CA CYS M 132 -41.66 61.24 43.43
C CYS M 132 -41.46 62.13 44.65
N GLY M 133 -40.51 61.78 45.49
CA GLY M 133 -39.89 62.74 46.41
C GLY M 133 -38.45 62.99 46.01
N GLY M 134 -38.22 64.12 45.36
CA GLY M 134 -36.88 64.62 45.06
C GLY M 134 -36.00 63.81 44.13
N THR M 135 -34.88 63.30 44.65
CA THR M 135 -33.90 62.52 43.90
C THR M 135 -33.11 63.40 42.92
N THR M 136 -33.08 64.69 43.26
CA THR M 136 -32.83 65.77 42.32
C THR M 136 -31.51 66.46 42.64
N GLY M 137 -30.51 66.19 41.82
CA GLY M 137 -29.24 66.88 41.89
C GLY M 137 -28.85 67.40 40.53
N SER M 138 -27.57 67.76 40.41
CA SER M 138 -27.00 68.01 39.10
C SER M 138 -26.95 66.76 38.24
N SER M 139 -26.82 65.58 38.86
CA SER M 139 -26.96 64.31 38.14
C SER M 139 -28.19 63.58 38.65
N VAL M 140 -29.13 63.30 37.77
CA VAL M 140 -30.36 62.61 38.12
C VAL M 140 -30.31 61.26 37.46
N THR M 141 -30.07 60.23 38.27
CA THR M 141 -29.70 58.91 37.80
C THR M 141 -30.97 58.13 37.47
N LEU M 142 -31.11 57.76 36.22
CA LEU M 142 -32.23 56.95 35.78
C LEU M 142 -31.74 55.91 34.78
N GLY M 143 -32.70 55.29 34.11
CA GLY M 143 -32.42 54.41 33.00
C GLY M 143 -33.53 53.41 32.84
N CYS M 144 -33.18 52.29 32.21
CA CYS M 144 -34.08 51.15 32.10
C CYS M 144 -33.29 49.92 32.53
N LEU M 145 -33.91 49.09 33.36
CA LEU M 145 -33.34 47.82 33.78
C LEU M 145 -33.86 46.74 32.83
N VAL M 146 -32.95 46.02 32.17
CA VAL M 146 -33.29 45.07 31.11
C VAL M 146 -32.86 43.69 31.60
N LYS M 147 -33.84 42.89 32.04
CA LYS M 147 -33.56 41.67 32.79
C LYS M 147 -34.20 40.44 32.18
N GLY M 148 -33.61 39.28 32.44
CA GLY M 148 -34.30 38.02 32.24
C GLY M 148 -34.18 37.42 30.86
N TYR M 149 -33.08 37.70 30.16
CA TYR M 149 -32.96 37.35 28.76
C TYR M 149 -32.57 35.89 28.58
N PHE M 150 -33.58 35.07 28.32
CA PHE M 150 -33.39 33.66 28.02
C PHE M 150 -34.04 33.35 26.69
N PRO M 151 -33.27 33.18 25.61
CA PRO M 151 -31.80 33.26 25.49
C PRO M 151 -31.34 34.68 25.23
N GLU M 152 -30.14 34.86 24.67
CA GLU M 152 -29.71 36.18 24.24
C GLU M 152 -30.49 36.63 23.01
N PRO M 153 -30.48 37.95 22.71
CA PRO M 153 -29.67 39.05 23.24
C PRO M 153 -30.35 40.05 24.19
N VAL M 154 -29.56 41.04 24.65
CA VAL M 154 -30.03 42.19 25.41
C VAL M 154 -29.14 43.40 25.13
N THR M 155 -29.78 44.56 24.89
CA THR M 155 -29.07 45.81 24.57
C THR M 155 -29.87 47.02 25.05
N LEU M 156 -29.19 47.94 25.75
CA LEU M 156 -29.87 49.02 26.44
C LEU M 156 -29.33 50.37 25.99
N THR M 157 -30.19 51.17 25.36
CA THR M 157 -29.83 52.48 24.84
C THR M 157 -30.35 53.56 25.78
N TRP M 158 -29.66 54.69 25.78
CA TRP M 158 -29.92 55.79 26.70
C TRP M 158 -30.58 56.95 25.98
N ASN M 159 -31.46 57.66 26.69
CA ASN M 159 -32.12 58.86 26.16
C ASN M 159 -33.15 58.51 25.09
N SER M 160 -33.69 57.29 25.20
CA SER M 160 -34.47 56.69 24.14
C SER M 160 -33.60 56.27 22.94
N GLY M 161 -32.31 56.08 23.17
CA GLY M 161 -31.38 55.75 22.11
C GLY M 161 -30.61 56.93 21.57
N SER M 162 -31.08 58.15 21.81
CA SER M 162 -30.42 59.33 21.26
C SER M 162 -29.60 60.08 22.29
N LEU M 163 -30.18 60.35 23.47
CA LEU M 163 -29.54 61.13 24.53
C LEU M 163 -28.81 60.14 25.44
N SER M 164 -27.87 59.41 24.85
CA SER M 164 -27.15 58.34 25.52
C SER M 164 -25.66 58.62 25.67
N SER M 165 -25.28 59.77 26.19
CA SER M 165 -23.88 60.00 26.48
C SER M 165 -23.50 59.27 27.76
N GLY M 166 -23.18 57.99 27.65
CA GLY M 166 -22.60 57.24 28.75
C GLY M 166 -23.55 56.61 29.73
N VAL M 167 -24.63 56.00 29.26
CA VAL M 167 -25.56 55.26 30.10
C VAL M 167 -24.89 53.95 30.47
N HIS M 168 -24.37 53.87 31.70
CA HIS M 168 -23.51 52.79 32.15
C HIS M 168 -24.38 51.56 32.35
N THR M 169 -23.90 50.41 31.90
CA THR M 169 -24.77 49.27 31.74
C THR M 169 -24.14 47.99 32.27
N PHE M 170 -24.96 47.18 32.84
CA PHE M 170 -24.71 45.78 33.03
C PHE M 170 -25.28 45.03 31.83
N PRO M 171 -24.54 44.08 31.27
CA PRO M 171 -25.08 43.29 30.16
C PRO M 171 -25.96 42.16 30.67
N ALA M 172 -26.26 41.22 29.78
CA ALA M 172 -26.92 40.00 30.23
C ALA M 172 -26.02 39.18 31.14
N LEU M 173 -26.42 39.08 32.41
CA LEU M 173 -25.72 38.27 33.41
C LEU M 173 -26.67 37.21 33.94
N LEU M 174 -26.12 36.22 34.64
CA LEU M 174 -26.84 34.98 34.92
C LEU M 174 -27.88 35.15 36.02
N GLN M 175 -29.14 34.88 35.68
CA GLN M 175 -30.18 34.77 36.69
C GLN M 175 -31.28 33.88 36.16
N SER M 176 -31.30 32.62 36.59
CA SER M 176 -32.38 31.69 36.29
C SER M 176 -32.36 31.22 34.83
N GLY M 177 -31.20 31.25 34.20
CA GLY M 177 -31.12 31.07 32.77
C GLY M 177 -31.50 32.29 31.96
N LEU M 178 -31.58 33.46 32.60
CA LEU M 178 -31.93 34.68 31.91
C LEU M 178 -30.80 35.67 32.09
N TYR M 179 -30.39 36.27 30.98
CA TYR M 179 -29.40 37.33 31.01
C TYR M 179 -30.08 38.61 31.49
N THR M 180 -29.46 39.26 32.47
CA THR M 180 -30.09 40.38 33.15
C THR M 180 -29.06 41.41 33.55
N LEU M 181 -29.44 42.69 33.38
CA LEU M 181 -28.63 43.83 33.78
C LEU M 181 -29.50 45.09 33.81
N SER M 182 -28.85 46.24 33.90
CA SER M 182 -29.56 47.51 33.78
C SER M 182 -28.66 48.50 33.04
N SER M 183 -29.27 49.25 32.13
CA SER M 183 -28.58 50.34 31.45
C SER M 183 -29.15 51.63 31.99
N SER M 184 -28.35 52.30 32.80
CA SER M 184 -28.78 53.52 33.48
C SER M 184 -27.68 54.56 33.40
N VAL M 185 -28.09 55.78 33.16
CA VAL M 185 -27.17 56.90 33.12
C VAL M 185 -27.81 58.05 33.86
N THR M 186 -27.05 59.12 34.05
CA THR M 186 -27.58 60.32 34.65
C THR M 186 -28.11 61.20 33.53
N VAL M 187 -29.18 61.93 33.81
CA VAL M 187 -29.50 63.12 33.06
C VAL M 187 -28.92 64.26 33.88
N THR M 188 -28.83 65.43 33.26
CA THR M 188 -28.41 66.61 34.00
C THR M 188 -29.59 67.23 34.77
N SER M 189 -29.40 68.47 35.19
CA SER M 189 -30.56 69.27 35.51
C SER M 189 -31.41 69.55 34.27
N ASN M 190 -30.76 69.78 33.13
CA ASN M 190 -31.46 70.00 31.88
C ASN M 190 -31.44 68.79 30.98
N THR M 191 -31.01 67.63 31.50
CA THR M 191 -31.10 66.38 30.76
C THR M 191 -32.48 65.77 30.89
N TRP M 192 -33.11 65.95 32.05
CA TRP M 192 -34.47 65.53 32.37
C TRP M 192 -35.24 66.68 33.00
N PRO M 193 -36.51 66.48 33.38
CA PRO M 193 -37.35 65.30 33.17
C PRO M 193 -38.32 65.65 32.06
N SER M 194 -38.45 66.96 31.83
CA SER M 194 -39.29 67.46 30.74
C SER M 194 -38.67 67.13 29.39
N GLN M 195 -37.35 67.24 29.28
CA GLN M 195 -36.60 66.64 28.19
C GLN M 195 -36.51 65.14 28.45
N THR M 196 -37.11 64.36 27.54
CA THR M 196 -37.36 62.96 27.83
C THR M 196 -36.10 62.11 27.64
N ILE M 197 -35.25 62.12 28.67
CA ILE M 197 -34.06 61.27 28.73
C ILE M 197 -34.55 59.91 29.23
N THR M 198 -34.93 59.04 28.30
CA THR M 198 -35.62 57.81 28.62
C THR M 198 -34.72 56.61 28.47
N CYS M 199 -34.80 55.68 29.41
CA CYS M 199 -34.07 54.43 29.28
C CYS M 199 -34.83 53.51 28.34
N ASN M 200 -34.14 53.01 27.31
CA ASN M 200 -34.74 52.04 26.39
C ASN M 200 -34.00 50.71 26.56
N VAL M 201 -34.76 49.64 26.81
CA VAL M 201 -34.21 48.29 26.91
C VAL M 201 -34.66 47.51 25.68
N ALA M 202 -33.83 46.55 25.25
CA ALA M 202 -34.12 45.74 24.08
C ALA M 202 -33.60 44.31 24.26
N HIS M 203 -34.32 43.37 23.66
CA HIS M 203 -33.85 41.99 23.44
C HIS M 203 -34.17 41.67 21.99
N PRO M 204 -33.18 41.64 21.10
CA PRO M 204 -33.48 41.47 19.67
C PRO M 204 -33.75 40.03 19.25
N ALA M 205 -33.10 39.05 19.88
CA ALA M 205 -33.36 37.66 19.52
C ALA M 205 -34.64 37.15 20.15
N SER M 206 -34.81 37.38 21.45
CA SER M 206 -36.02 37.01 22.15
C SER M 206 -37.11 38.06 21.98
N SER M 207 -36.75 39.27 21.52
CA SER M 207 -37.72 40.29 21.16
C SER M 207 -38.42 40.89 22.37
N THR M 208 -37.66 41.16 23.42
CA THR M 208 -38.22 41.71 24.65
C THR M 208 -37.66 43.10 24.89
N LYS M 209 -38.40 44.13 24.50
CA LYS M 209 -37.87 45.49 24.51
C LYS M 209 -38.98 46.48 24.82
N VAL M 210 -38.61 47.59 25.47
CA VAL M 210 -39.52 48.70 25.71
C VAL M 210 -38.69 49.97 25.94
N ASP M 211 -39.21 51.11 25.47
CA ASP M 211 -38.62 52.41 25.74
C ASP M 211 -39.47 53.10 26.80
N LYS M 212 -38.89 53.31 27.99
CA LYS M 212 -39.56 53.94 29.12
C LYS M 212 -38.95 55.33 29.29
N LYS M 213 -39.80 56.36 29.20
CA LYS M 213 -39.37 57.69 28.85
C LYS M 213 -38.80 58.45 30.03
N ILE M 214 -38.51 59.73 29.82
CA ILE M 214 -38.15 60.62 30.92
C ILE M 214 -39.47 61.06 31.54
N GLU M 215 -39.98 60.24 32.44
CA GLU M 215 -41.13 60.55 33.26
C GLU M 215 -41.02 59.74 34.53
N SER M 216 -40.95 60.43 35.66
CA SER M 216 -40.84 59.74 36.94
C SER M 216 -42.19 59.76 37.64
N ARG M 217 -42.19 59.36 38.92
CA ARG M 217 -43.41 59.40 39.72
C ARG M 217 -43.66 60.77 40.34
N ARG M 218 -42.94 61.80 39.91
CA ARG M 218 -43.07 63.18 40.35
C ARG M 218 -41.90 63.99 39.77
N GLN N 1 -1.70 22.37 20.30
CA GLN N 1 -1.49 23.62 21.03
C GLN N 1 -0.01 24.02 21.08
N ALA N 2 0.29 25.09 21.81
CA ALA N 2 1.66 25.60 21.94
C ALA N 2 1.76 26.50 23.16
N VAL N 3 2.99 26.72 23.63
CA VAL N 3 3.27 27.55 24.81
C VAL N 3 4.48 28.45 24.51
N VAL N 4 4.20 29.69 24.11
CA VAL N 4 5.22 30.73 24.07
C VAL N 4 5.16 31.47 25.40
N THR N 5 5.95 31.00 26.38
CA THR N 5 5.69 31.23 27.78
C THR N 5 6.40 32.47 28.31
N GLN N 6 5.61 33.40 28.85
CA GLN N 6 6.14 34.53 29.58
C GLN N 6 5.24 34.76 30.78
N GLU N 7 5.43 35.92 31.41
CA GLU N 7 4.54 36.32 32.49
C GLU N 7 3.15 36.64 31.94
N SER N 8 2.21 35.71 32.19
CA SER N 8 0.82 35.84 31.77
C SER N 8 0.01 36.73 32.71
N ALA N 9 0.64 37.22 33.78
CA ALA N 9 0.13 38.39 34.49
C ALA N 9 1.00 39.55 34.04
N LEU N 10 0.38 40.72 33.87
CA LEU N 10 1.09 41.89 33.39
C LEU N 10 0.65 43.10 34.18
N THR N 11 1.59 43.75 34.85
CA THR N 11 1.30 44.87 35.74
C THR N 11 2.12 46.09 35.31
N THR N 12 1.42 47.14 34.89
CA THR N 12 2.05 48.34 34.32
C THR N 12 1.80 49.53 35.24
N SER N 13 2.32 50.68 34.83
CA SER N 13 2.37 51.98 35.49
C SER N 13 1.77 53.06 34.60
N PRO N 14 1.76 54.31 35.07
CA PRO N 14 1.36 55.43 34.21
C PRO N 14 2.41 55.68 33.12
N GLY N 15 1.96 55.66 31.86
CA GLY N 15 2.85 55.61 30.73
C GLY N 15 3.66 54.33 30.62
N GLU N 16 3.13 53.22 31.10
CA GLU N 16 3.91 52.05 31.53
C GLU N 16 4.35 51.19 30.34
N THR N 17 5.57 50.70 30.44
CA THR N 17 6.17 49.83 29.44
C THR N 17 5.59 48.43 29.60
N VAL N 18 4.69 48.07 28.70
CA VAL N 18 4.21 46.70 28.58
C VAL N 18 5.33 45.89 27.93
N THR N 19 6.10 45.19 28.76
CA THR N 19 7.15 44.30 28.31
C THR N 19 6.54 42.91 28.24
N LEU N 20 5.81 42.65 27.17
CA LEU N 20 5.08 41.41 26.98
C LEU N 20 6.10 40.29 26.75
N THR N 21 6.40 39.60 27.83
CA THR N 21 7.38 38.54 27.79
C THR N 21 6.70 37.32 27.21
N CYS N 22 7.39 36.66 26.29
CA CYS N 22 7.12 35.27 25.99
C CYS N 22 8.41 34.67 25.45
N ARG N 23 9.23 34.07 26.31
CA ARG N 23 10.35 33.25 25.87
C ARG N 23 9.74 31.96 25.36
N SER N 24 10.37 31.34 24.36
CA SER N 24 9.81 30.12 23.79
C SER N 24 9.97 28.97 24.77
N ASN N 25 8.83 28.35 25.12
CA ASN N 25 8.82 27.22 26.05
C ASN N 25 9.45 25.98 25.43
N ILE N 26 9.42 25.86 24.11
CA ILE N 26 10.20 24.84 23.43
C ILE N 26 11.65 25.29 23.23
N GLY N 27 11.92 26.59 23.19
CA GLY N 27 13.27 27.05 22.90
C GLY N 27 13.27 28.41 22.22
N ALA N 28 13.83 28.42 21.00
CA ALA N 28 14.24 29.66 20.36
C ALA N 28 13.27 30.10 19.28
N VAL N 29 13.19 31.42 19.08
CA VAL N 29 12.21 32.03 18.17
C VAL N 29 12.73 32.01 16.74
N THR N 30 11.83 32.33 15.82
CA THR N 30 12.14 32.64 14.43
C THR N 30 10.99 33.44 13.85
N SER N 31 11.20 34.00 12.67
CA SER N 31 10.16 34.74 11.95
C SER N 31 9.24 33.82 11.15
N SER N 32 9.64 32.56 10.93
CA SER N 32 8.77 31.56 10.34
C SER N 32 7.78 31.02 11.35
N ASN N 33 8.13 31.01 12.64
CA ASN N 33 7.21 30.68 13.72
C ASN N 33 6.43 31.90 14.22
N CYS N 34 6.89 33.11 13.88
CA CYS N 34 6.18 34.35 14.11
C CYS N 34 6.00 34.67 15.59
N ALA N 35 7.11 34.83 16.29
CA ALA N 35 7.06 35.31 17.67
C ALA N 35 6.69 36.80 17.69
N ASN N 36 5.41 37.08 17.97
CA ASN N 36 4.93 38.44 17.91
C ASN N 36 4.08 38.74 19.14
N TRP N 37 3.85 40.03 19.38
CA TRP N 37 3.05 40.50 20.50
C TRP N 37 2.40 41.82 20.12
N VAL N 38 1.08 41.83 20.01
CA VAL N 38 0.34 43.04 19.73
C VAL N 38 -0.66 43.29 20.84
N GLN N 39 -0.80 44.56 21.22
CA GLN N 39 -1.57 44.95 22.39
C GLN N 39 -3.05 44.83 22.10
N GLU N 40 -3.85 44.59 23.13
CA GLU N 40 -5.26 44.25 22.94
C GLU N 40 -6.14 45.21 23.72
N LYS N 41 -7.10 45.80 23.02
CA LYS N 41 -8.01 46.88 23.38
C LYS N 41 -9.21 46.33 24.13
N PRO N 42 -10.15 47.21 24.48
CA PRO N 42 -11.19 46.86 25.46
C PRO N 42 -12.26 45.95 24.90
N ASP N 43 -12.85 45.15 25.79
CA ASP N 43 -13.82 44.13 25.42
C ASP N 43 -13.15 42.89 24.83
N HIS N 44 -11.85 42.72 25.08
CA HIS N 44 -11.10 41.59 24.54
C HIS N 44 -10.85 41.74 23.05
N PHE N 45 -10.56 42.97 22.63
CA PHE N 45 -10.35 43.33 21.23
C PHE N 45 -8.85 43.36 20.97
N PHE N 46 -8.28 42.19 20.77
CA PHE N 46 -6.90 42.04 20.39
C PHE N 46 -6.73 42.54 18.97
N THR N 47 -5.86 43.51 18.81
CA THR N 47 -5.47 43.99 17.50
C THR N 47 -3.95 43.98 17.46
N GLY N 48 -3.42 43.03 16.69
CA GLY N 48 -2.00 42.75 16.66
C GLY N 48 -1.22 43.84 15.96
N LEU N 49 -0.32 44.46 16.71
CA LEU N 49 0.58 45.45 16.16
C LEU N 49 1.97 44.85 15.94
N ILE N 50 2.60 44.37 17.01
CA ILE N 50 4.02 44.03 16.97
C ILE N 50 4.16 42.66 16.34
N GLY N 51 4.17 42.66 15.02
CA GLY N 51 3.69 41.51 14.27
C GLY N 51 4.80 40.58 13.86
N ASP N 52 4.84 39.43 14.53
CA ASP N 52 5.58 38.25 14.06
C ASP N 52 7.08 38.39 14.22
N THR N 53 7.51 39.41 14.98
CA THR N 53 8.91 39.80 15.01
C THR N 53 9.33 40.72 13.88
N ASN N 54 8.38 41.44 13.26
CA ASN N 54 8.79 42.30 12.15
C ASN N 54 8.17 43.69 12.11
N ASN N 55 7.15 43.99 12.90
CA ASN N 55 6.32 45.16 12.66
C ASN N 55 6.06 45.92 13.95
N ARG N 56 5.61 47.16 13.83
CA ARG N 56 5.04 47.91 14.94
C ARG N 56 3.54 48.06 14.76
N ARG N 57 2.90 48.89 15.58
CA ARG N 57 1.45 49.02 15.56
C ARG N 57 1.01 50.19 14.70
N SER N 58 -0.15 50.05 14.08
CA SER N 58 -0.66 51.08 13.18
C SER N 58 -1.52 52.08 13.93
N GLY N 59 -0.93 53.22 14.28
CA GLY N 59 -1.64 54.26 14.98
C GLY N 59 -1.49 54.24 16.48
N VAL N 60 -0.64 53.37 17.01
CA VAL N 60 -0.50 53.17 18.46
C VAL N 60 0.61 54.07 18.95
N PRO N 61 0.98 54.00 20.23
CA PRO N 61 2.22 54.64 20.67
C PRO N 61 3.40 53.96 20.01
N ALA N 62 4.42 54.76 19.68
CA ALA N 62 5.50 54.27 18.82
C ALA N 62 6.50 53.38 19.55
N ARG N 63 6.42 53.30 20.88
CA ARG N 63 7.39 52.53 21.65
C ARG N 63 7.12 51.03 21.63
N PHE N 64 6.09 50.56 20.93
CA PHE N 64 5.64 49.18 21.00
C PHE N 64 6.18 48.38 19.82
N SER N 65 6.91 47.32 20.13
CA SER N 65 7.45 46.41 19.14
C SER N 65 7.47 45.00 19.72
N GLY N 66 6.69 44.12 19.10
CA GLY N 66 6.72 42.69 19.40
C GLY N 66 7.72 42.03 18.49
N SER N 67 8.86 41.62 19.04
CA SER N 67 10.01 41.21 18.25
C SER N 67 10.65 40.02 18.95
N LEU N 68 11.86 39.68 18.52
CA LEU N 68 12.64 38.61 19.13
C LEU N 68 13.19 39.11 20.46
N ILE N 69 12.71 38.53 21.56
CA ILE N 69 13.23 38.78 22.90
C ILE N 69 13.33 37.43 23.58
N GLY N 70 14.47 37.16 24.20
CA GLY N 70 14.77 35.82 24.68
C GLY N 70 14.92 34.86 23.52
N ASP N 71 14.14 33.79 23.55
CA ASP N 71 13.93 32.93 22.39
C ASP N 71 12.46 32.92 21.97
N LYS N 72 11.76 34.04 22.14
CA LYS N 72 10.34 34.09 21.86
C LYS N 72 9.95 35.51 21.45
N ALA N 73 8.66 35.77 21.55
CA ALA N 73 8.13 37.10 21.36
C ALA N 73 8.37 37.94 22.61
N ALA N 74 9.42 38.76 22.57
CA ALA N 74 9.62 39.81 23.54
C ALA N 74 9.05 41.08 22.94
N LEU N 75 8.04 41.63 23.61
CA LEU N 75 7.33 42.81 23.10
C LEU N 75 7.65 43.98 24.01
N THR N 76 8.58 44.81 23.59
CA THR N 76 8.95 45.99 24.35
C THR N 76 8.01 47.10 23.95
N ILE N 77 7.21 47.60 24.90
CA ILE N 77 6.25 48.66 24.63
C ILE N 77 6.46 49.77 25.65
N THR N 78 7.12 50.86 25.26
CA THR N 78 7.43 51.96 26.16
C THR N 78 6.53 53.15 25.85
N GLY N 79 5.78 53.61 26.85
CA GLY N 79 4.94 54.79 26.65
C GLY N 79 3.48 54.49 26.50
N ALA N 80 2.96 53.57 27.32
CA ALA N 80 1.57 53.12 27.20
C ALA N 80 0.57 54.15 27.71
N GLN N 81 -0.69 53.75 27.76
CA GLN N 81 -1.78 54.66 28.08
C GLN N 81 -2.08 54.64 29.57
N THR N 82 -2.94 55.57 29.99
CA THR N 82 -3.40 55.57 31.37
C THR N 82 -4.56 54.60 31.57
N GLU N 83 -5.45 54.53 30.58
CA GLU N 83 -6.55 53.57 30.64
C GLU N 83 -6.52 52.55 29.52
N ASP N 84 -5.35 52.07 29.13
CA ASP N 84 -5.27 51.13 28.02
C ASP N 84 -5.33 49.67 28.45
N GLU N 85 -6.06 49.32 29.50
CA GLU N 85 -6.01 47.99 30.10
C GLU N 85 -6.64 46.97 29.16
N ALA N 86 -5.86 45.97 28.77
CA ALA N 86 -6.25 45.07 27.69
C ALA N 86 -5.21 43.96 27.59
N ILE N 87 -5.47 42.99 26.73
CA ILE N 87 -4.65 41.78 26.65
C ILE N 87 -3.59 41.96 25.56
N TYR N 88 -2.34 42.16 25.96
CA TYR N 88 -1.23 42.19 25.02
C TYR N 88 -0.97 40.76 24.59
N PHE N 89 -1.43 40.42 23.40
CA PHE N 89 -1.46 39.04 22.95
C PHE N 89 -0.13 38.66 22.30
N CYS N 90 0.43 37.55 22.77
CA CYS N 90 1.59 36.93 22.16
C CYS N 90 1.13 35.86 21.17
N ALA N 91 1.15 36.24 19.90
CA ALA N 91 0.73 35.36 18.83
C ALA N 91 1.96 34.63 18.31
N LEU N 92 1.78 33.34 18.02
CA LEU N 92 2.78 32.52 17.33
C LEU N 92 2.14 32.05 16.03
N TRP N 93 2.72 32.42 14.90
CA TRP N 93 2.15 32.10 13.60
C TRP N 93 3.16 31.32 12.77
N TYR N 94 3.01 29.99 12.77
CA TYR N 94 4.07 29.07 12.36
C TYR N 94 4.02 28.81 10.86
N ASN N 95 4.07 29.88 10.07
CA ASN N 95 4.19 29.76 8.62
C ASN N 95 2.88 29.39 7.93
N ASN N 96 1.78 29.31 8.68
CA ASN N 96 0.46 29.20 8.07
C ASN N 96 -0.55 30.19 8.66
N LEU N 97 -0.53 30.38 9.97
CA LEU N 97 -1.52 31.26 10.57
C LEU N 97 -1.27 31.39 12.07
N TRP N 98 -1.81 32.46 12.62
CA TRP N 98 -1.54 32.91 13.98
C TRP N 98 -2.41 32.14 14.96
N VAL N 99 -1.76 31.33 15.80
CA VAL N 99 -2.39 30.67 16.94
C VAL N 99 -1.87 31.35 18.20
N PHE N 100 -2.73 31.44 19.21
CA PHE N 100 -2.40 32.18 20.41
C PHE N 100 -1.87 31.25 21.48
N GLY N 101 -0.96 31.78 22.30
CA GLY N 101 -0.70 31.21 23.60
C GLY N 101 -1.64 31.80 24.64
N GLY N 102 -1.03 32.35 25.68
CA GLY N 102 -1.82 33.02 26.71
C GLY N 102 -2.07 34.50 26.48
N GLY N 103 -1.00 35.28 26.32
CA GLY N 103 -1.09 36.72 26.19
C GLY N 103 -1.24 37.41 27.53
N THR N 104 -0.39 38.39 27.77
CA THR N 104 -0.28 39.03 29.07
C THR N 104 -1.32 40.15 29.16
N LYS N 105 -2.29 39.99 30.05
CA LYS N 105 -3.27 41.04 30.26
C LYS N 105 -2.61 42.15 31.07
N LEU N 106 -2.66 43.38 30.57
CA LEU N 106 -1.94 44.50 31.14
C LEU N 106 -2.91 45.55 31.65
N THR N 107 -2.79 45.86 32.94
CA THR N 107 -3.60 46.88 33.61
C THR N 107 -2.67 47.76 34.43
N VAL N 108 -2.75 49.07 34.24
CA VAL N 108 -1.68 49.99 34.63
C VAL N 108 -2.21 51.08 35.55
N LEU N 109 -1.31 51.98 35.95
CA LEU N 109 -1.68 53.15 36.72
C LEU N 109 -1.95 54.33 35.79
N GLY N 110 -2.30 55.46 36.38
CA GLY N 110 -2.75 56.62 35.65
C GLY N 110 -4.26 56.62 35.57
N GLN N 111 -4.84 57.68 36.14
CA GLN N 111 -6.28 57.87 36.18
C GLN N 111 -7.01 56.79 36.96
N PRO N 112 -6.85 56.73 38.27
CA PRO N 112 -7.75 55.89 39.09
C PRO N 112 -9.12 56.55 39.26
N LYS N 113 -10.14 55.70 39.38
CA LYS N 113 -11.54 56.14 39.52
C LYS N 113 -11.87 56.67 40.92
N SER N 114 -13.16 56.71 41.25
CA SER N 114 -13.64 57.37 42.46
C SER N 114 -14.42 56.37 43.29
N SER N 115 -15.25 56.85 44.20
CA SER N 115 -16.28 55.99 44.75
C SER N 115 -17.38 55.78 43.71
N PRO N 116 -18.28 54.82 43.94
CA PRO N 116 -19.37 54.62 42.99
C PRO N 116 -20.41 55.72 43.07
N SER N 117 -20.63 56.39 41.92
CA SER N 117 -21.51 57.56 41.81
C SER N 117 -22.95 57.09 41.97
N VAL N 118 -23.64 57.64 42.96
CA VAL N 118 -24.77 56.98 43.59
C VAL N 118 -26.03 57.17 42.75
N THR N 119 -26.55 56.06 42.24
CA THR N 119 -27.91 56.01 41.71
C THR N 119 -28.63 54.98 42.56
N LEU N 120 -29.22 55.44 43.67
CA LEU N 120 -29.77 54.53 44.66
C LEU N 120 -31.15 54.98 45.10
N PHE N 121 -32.18 54.50 44.37
CA PHE N 121 -33.56 54.88 44.61
C PHE N 121 -34.51 53.70 44.43
N PRO N 122 -35.59 53.65 45.21
CA PRO N 122 -36.62 52.64 45.00
C PRO N 122 -37.46 52.99 43.79
N PRO N 123 -37.46 52.15 42.76
CA PRO N 123 -37.89 52.59 41.43
C PRO N 123 -39.40 52.62 41.31
N SER N 124 -39.86 52.98 40.09
CA SER N 124 -41.24 53.35 39.81
C SER N 124 -42.18 52.16 39.95
N SER N 125 -43.48 52.47 40.02
CA SER N 125 -44.46 51.57 40.61
C SER N 125 -44.90 50.41 39.72
N GLU N 126 -44.14 50.09 38.65
CA GLU N 126 -44.47 49.00 37.76
C GLU N 126 -44.34 47.63 38.42
N GLU N 127 -43.43 47.50 39.38
CA GLU N 127 -43.31 46.24 40.10
C GLU N 127 -44.33 46.12 41.21
N LEU N 128 -44.81 47.26 41.74
CA LEU N 128 -45.75 47.29 42.85
C LEU N 128 -47.18 46.91 42.45
N GLU N 129 -47.47 46.80 41.16
CA GLU N 129 -48.72 46.22 40.69
C GLU N 129 -48.62 44.72 40.47
N THR N 130 -47.42 44.18 40.38
CA THR N 130 -47.22 42.75 40.31
C THR N 130 -47.13 42.09 41.69
N ASN N 131 -47.19 42.88 42.76
CA ASN N 131 -46.90 42.37 44.10
C ASN N 131 -45.41 42.15 44.26
N LYS N 132 -44.61 43.06 43.68
CA LYS N 132 -43.16 42.94 43.71
C LYS N 132 -42.56 44.30 44.00
N ALA N 133 -41.24 44.33 44.17
CA ALA N 133 -40.54 45.59 44.39
C ALA N 133 -39.07 45.35 44.11
N THR N 134 -38.51 46.12 43.17
CA THR N 134 -37.11 46.01 42.81
C THR N 134 -36.54 47.42 42.77
N LEU N 135 -36.06 47.89 43.91
CA LEU N 135 -35.41 49.19 43.99
C LEU N 135 -34.02 49.05 43.39
N VAL N 136 -33.52 50.11 42.76
CA VAL N 136 -32.24 50.09 42.06
C VAL N 136 -31.24 50.90 42.86
N CYS N 137 -30.25 50.22 43.43
CA CYS N 137 -29.17 50.84 44.22
C CYS N 137 -27.84 50.48 43.56
N THR N 138 -27.10 51.50 43.14
CA THR N 138 -25.85 51.23 42.44
C THR N 138 -24.88 52.41 42.50
N ILE N 139 -23.67 52.15 42.01
CA ILE N 139 -22.65 53.17 41.79
C ILE N 139 -22.41 53.27 40.29
N THR N 140 -21.74 54.36 39.90
CA THR N 140 -21.26 54.58 38.53
C THR N 140 -19.81 55.06 38.58
N ASP N 141 -18.93 54.29 37.95
CA ASP N 141 -17.51 54.64 37.76
C ASP N 141 -16.67 54.60 39.05
N PHE N 142 -16.89 53.59 39.88
CA PHE N 142 -16.16 53.44 41.13
C PHE N 142 -14.77 52.87 40.88
N TYR N 143 -13.77 53.38 41.62
CA TYR N 143 -12.39 52.96 41.43
C TYR N 143 -11.49 53.27 42.64
N PRO N 144 -10.78 52.29 43.22
CA PRO N 144 -10.63 50.84 43.01
C PRO N 144 -11.88 50.09 43.45
N GLY N 145 -12.60 49.53 42.48
CA GLY N 145 -13.94 49.06 42.73
C GLY N 145 -14.02 47.73 43.46
N VAL N 146 -13.69 47.74 44.75
CA VAL N 146 -13.88 46.56 45.59
C VAL N 146 -15.15 46.81 46.38
N VAL N 147 -16.26 46.33 45.84
CA VAL N 147 -17.59 46.75 46.27
C VAL N 147 -18.03 45.87 47.42
N THR N 148 -18.38 46.54 48.52
CA THR N 148 -19.05 45.91 49.65
C THR N 148 -20.48 46.39 49.56
N VAL N 149 -21.41 45.45 49.41
CA VAL N 149 -22.82 45.76 49.20
C VAL N 149 -23.62 45.07 50.29
N ASP N 150 -24.27 45.86 51.14
CA ASP N 150 -25.21 45.36 52.12
C ASP N 150 -26.60 45.61 51.54
N TRP N 151 -27.23 44.54 51.10
CA TRP N 151 -28.50 44.62 50.39
C TRP N 151 -29.58 43.96 51.21
N LYS N 152 -30.38 44.79 51.89
CA LYS N 152 -31.47 44.33 52.72
C LYS N 152 -32.46 45.49 52.85
N VAL N 153 -33.61 45.35 52.22
CA VAL N 153 -34.72 46.28 52.39
C VAL N 153 -35.25 46.11 53.81
N ASP N 154 -35.75 47.19 54.39
CA ASP N 154 -36.01 47.25 55.82
C ASP N 154 -34.75 47.59 56.61
N GLY N 155 -33.75 48.14 55.94
CA GLY N 155 -32.59 48.74 56.56
C GLY N 155 -31.44 47.79 56.81
N THR N 156 -31.69 46.63 57.41
CA THR N 156 -30.63 45.73 57.82
C THR N 156 -30.33 44.75 56.71
N PRO N 157 -29.07 44.52 56.39
CA PRO N 157 -28.75 43.55 55.34
C PRO N 157 -28.93 42.10 55.77
N VAL N 158 -30.02 41.50 55.26
CA VAL N 158 -30.20 40.04 55.29
C VAL N 158 -29.91 39.48 53.89
N THR N 159 -29.65 38.17 53.84
CA THR N 159 -29.09 37.52 52.66
C THR N 159 -30.06 37.36 51.49
N GLN N 160 -31.35 37.58 51.76
CA GLN N 160 -32.40 37.61 50.75
C GLN N 160 -32.89 39.04 50.65
N GLY N 161 -33.64 39.32 49.59
CA GLY N 161 -34.12 40.64 49.27
C GLY N 161 -33.14 41.42 48.39
N MET N 162 -31.87 41.39 48.73
CA MET N 162 -30.85 42.12 48.00
C MET N 162 -30.57 41.45 46.66
N GLU N 163 -29.84 42.17 45.82
CA GLU N 163 -29.40 41.64 44.54
C GLU N 163 -28.34 42.59 44.03
N THR N 164 -27.31 42.04 43.41
CA THR N 164 -26.27 42.85 42.78
C THR N 164 -26.32 42.58 41.29
N THR N 165 -26.28 43.64 40.50
CA THR N 165 -26.17 43.51 39.06
C THR N 165 -24.70 43.49 38.68
N GLN N 166 -24.44 43.62 37.40
CA GLN N 166 -23.04 43.52 37.03
C GLN N 166 -22.33 44.86 37.24
N PRO N 167 -21.42 44.92 38.20
CA PRO N 167 -20.54 46.08 38.31
C PRO N 167 -19.38 45.94 37.33
N SER N 168 -19.41 46.75 36.27
CA SER N 168 -18.58 46.57 35.08
C SER N 168 -17.61 47.73 34.96
N LYS N 169 -16.35 47.39 34.66
CA LYS N 169 -15.27 48.37 34.54
C LYS N 169 -15.10 48.79 33.09
N GLN N 170 -14.60 50.01 32.88
CA GLN N 170 -14.27 50.48 31.54
C GLN N 170 -12.77 50.29 31.27
N SER N 171 -12.28 50.94 30.22
CA SER N 171 -10.85 50.95 29.95
C SER N 171 -10.11 51.83 30.93
N ASN N 172 -10.70 52.98 31.29
CA ASN N 172 -10.07 53.97 32.15
C ASN N 172 -10.26 53.72 33.64
N ASN N 173 -10.59 52.49 34.04
CA ASN N 173 -10.71 52.08 35.44
C ASN N 173 -11.96 52.57 36.15
N LYS N 174 -13.03 52.86 35.42
CA LYS N 174 -14.28 53.26 36.05
C LYS N 174 -15.23 52.08 36.11
N TYR N 175 -15.48 51.59 37.33
CA TYR N 175 -16.20 50.35 37.56
C TYR N 175 -17.21 50.54 38.68
N MET N 176 -18.36 51.09 38.31
CA MET N 176 -19.52 51.15 39.19
C MET N 176 -20.69 50.57 38.43
N ALA N 177 -21.57 49.89 39.16
CA ALA N 177 -22.66 49.16 38.57
C ALA N 177 -23.78 49.06 39.58
N SER N 178 -24.85 48.39 39.19
CA SER N 178 -26.11 48.48 39.92
C SER N 178 -26.39 47.22 40.72
N SER N 179 -27.55 47.24 41.36
CA SER N 179 -28.19 46.08 41.95
C SER N 179 -29.57 46.54 42.38
N TYR N 180 -30.30 45.66 43.06
CA TYR N 180 -31.66 45.96 43.49
C TYR N 180 -31.91 45.45 44.90
N LEU N 181 -33.02 45.92 45.47
CA LEU N 181 -33.70 45.24 46.57
C LEU N 181 -34.95 44.64 45.93
N THR N 182 -35.06 43.31 45.96
CA THR N 182 -36.10 42.60 45.23
C THR N 182 -36.98 41.79 46.19
N LEU N 183 -38.06 42.42 46.66
CA LEU N 183 -39.02 41.86 47.60
C LEU N 183 -40.45 42.08 47.06
N THR N 184 -41.43 41.96 47.95
CA THR N 184 -42.85 42.00 47.59
C THR N 184 -43.33 43.41 47.26
N ALA N 185 -44.65 43.51 47.04
CA ALA N 185 -45.26 44.79 46.70
C ALA N 185 -45.88 45.43 47.93
N ARG N 186 -46.75 44.69 48.60
CA ARG N 186 -47.12 45.04 49.96
C ARG N 186 -45.99 44.72 50.93
N ALA N 187 -45.09 43.81 50.54
CA ALA N 187 -43.85 43.60 51.27
C ALA N 187 -42.87 44.75 51.03
N TRP N 188 -42.95 45.39 49.86
CA TRP N 188 -42.21 46.63 49.63
C TRP N 188 -42.93 47.82 50.24
N GLU N 189 -44.18 47.63 50.64
CA GLU N 189 -44.86 48.60 51.48
C GLU N 189 -44.62 48.33 52.97
N ARG N 190 -44.21 47.11 53.32
CA ARG N 190 -43.97 46.72 54.71
C ARG N 190 -42.70 47.37 55.22
N HIS N 191 -41.69 47.47 54.36
CA HIS N 191 -40.53 48.27 54.66
C HIS N 191 -40.28 49.30 53.57
N SER N 192 -39.98 50.52 53.99
CA SER N 192 -39.71 51.61 53.06
C SER N 192 -38.32 52.20 53.23
N SER N 193 -37.74 52.15 54.43
CA SER N 193 -36.37 52.57 54.66
C SER N 193 -35.45 51.40 54.36
N TYR N 194 -35.35 51.03 53.09
CA TYR N 194 -34.43 50.03 52.60
C TYR N 194 -33.39 50.69 51.71
N SER N 195 -32.44 49.89 51.22
CA SER N 195 -31.44 50.43 50.31
C SER N 195 -30.51 49.32 49.84
N CYS N 196 -29.40 49.76 49.24
CA CYS N 196 -28.19 48.96 49.07
C CYS N 196 -27.02 49.85 49.47
N GLN N 197 -26.36 49.50 50.57
CA GLN N 197 -25.23 50.27 51.07
C GLN N 197 -23.97 49.75 50.43
N VAL N 198 -23.38 50.53 49.52
CA VAL N 198 -22.25 50.08 48.72
C VAL N 198 -21.03 50.88 49.13
N THR N 199 -19.85 50.32 48.92
CA THR N 199 -18.59 51.00 49.19
C THR N 199 -17.47 50.39 48.36
N HIS N 200 -16.82 51.22 47.54
CA HIS N 200 -15.65 50.82 46.77
C HIS N 200 -14.62 51.94 46.79
N GLU N 201 -13.36 51.57 47.06
CA GLU N 201 -12.20 52.44 46.91
C GLU N 201 -12.15 53.57 47.92
N GLY N 202 -12.81 53.40 49.06
CA GLY N 202 -12.91 54.44 50.06
C GLY N 202 -14.14 55.31 49.90
N HIS N 203 -14.83 55.18 48.77
CA HIS N 203 -16.02 55.96 48.50
C HIS N 203 -17.25 55.08 48.65
N THR N 204 -18.21 55.58 49.43
CA THR N 204 -19.38 54.81 49.82
C THR N 204 -20.62 55.41 49.21
N VAL N 205 -21.36 54.57 48.48
CA VAL N 205 -22.58 55.00 47.79
C VAL N 205 -23.77 54.57 48.64
N GLU N 206 -24.63 55.50 48.96
CA GLU N 206 -25.83 55.22 49.73
C GLU N 206 -26.95 54.95 48.73
N LYS N 207 -27.48 53.73 48.73
CA LYS N 207 -28.73 53.42 48.08
C LYS N 207 -29.74 53.39 49.21
N SER N 208 -30.60 54.40 49.27
CA SER N 208 -31.69 54.48 50.23
C SER N 208 -32.98 54.76 49.47
N LEU N 209 -34.09 54.27 49.99
CA LEU N 209 -35.38 54.39 49.34
C LEU N 209 -36.29 55.29 50.16
N SER N 210 -37.51 55.50 49.64
CA SER N 210 -38.55 56.26 50.32
C SER N 210 -39.88 55.74 49.81
N ARG N 211 -40.67 55.15 50.71
CA ARG N 211 -41.96 54.61 50.33
C ARG N 211 -42.92 54.56 51.52
N GLN O 1 -63.12 72.88 -1.45
CA GLN O 1 -63.85 74.14 -1.26
C GLN O 1 -65.15 74.31 -2.09
N ILE O 2 -66.18 73.54 -1.78
CA ILE O 2 -67.35 73.39 -2.64
C ILE O 2 -68.29 74.57 -2.47
N GLN O 3 -68.61 75.21 -3.59
CA GLN O 3 -69.79 76.07 -3.73
C GLN O 3 -70.74 75.40 -4.73
N LEU O 4 -71.94 75.07 -4.29
CA LEU O 4 -72.93 74.46 -5.15
C LEU O 4 -73.53 75.55 -6.04
N VAL O 5 -72.93 75.75 -7.22
CA VAL O 5 -73.50 76.61 -8.26
C VAL O 5 -74.67 75.84 -8.85
N GLN O 6 -75.87 76.18 -8.41
CA GLN O 6 -77.07 75.41 -8.67
C GLN O 6 -78.19 76.26 -9.26
N SER O 7 -79.40 75.73 -9.17
CA SER O 7 -80.58 76.49 -9.51
C SER O 7 -81.31 76.93 -8.24
N GLY O 8 -82.44 77.56 -8.45
CA GLY O 8 -83.25 78.06 -7.36
C GLY O 8 -84.50 77.26 -7.14
N ARG O 9 -85.57 77.98 -6.82
CA ARG O 9 -86.85 77.38 -6.49
C ARG O 9 -87.55 76.86 -7.73
N GLU O 10 -87.35 75.58 -8.01
CA GLU O 10 -88.05 74.91 -9.10
C GLU O 10 -89.42 74.48 -8.59
N VAL O 11 -90.32 74.19 -9.53
CA VAL O 11 -91.70 73.85 -9.22
C VAL O 11 -92.06 72.57 -9.96
N LYS O 12 -93.04 71.85 -9.43
CA LYS O 12 -93.36 70.54 -9.97
C LYS O 12 -94.85 70.26 -9.90
N ASN O 13 -95.24 69.09 -10.39
CA ASN O 13 -96.61 68.59 -10.30
C ASN O 13 -96.82 67.78 -9.01
N PRO O 14 -98.02 67.25 -8.82
CA PRO O 14 -98.22 66.26 -7.75
C PRO O 14 -97.87 64.85 -8.20
N GLY O 15 -96.74 64.35 -7.71
CA GLY O 15 -96.20 63.06 -8.12
C GLY O 15 -95.09 63.17 -9.16
N GLU O 16 -95.09 64.22 -9.98
CA GLU O 16 -94.18 64.35 -11.11
C GLU O 16 -92.74 64.65 -10.67
N THR O 17 -91.81 64.66 -11.62
CA THR O 17 -90.39 64.75 -11.29
C THR O 17 -89.78 66.02 -11.87
N VAL O 18 -88.64 66.41 -11.32
CA VAL O 18 -87.85 67.52 -11.85
C VAL O 18 -86.47 67.47 -11.21
N LYS O 19 -85.46 67.91 -11.94
CA LYS O 19 -84.07 67.82 -11.46
C LYS O 19 -83.55 69.22 -11.19
N ILE O 20 -83.19 69.49 -9.94
CA ILE O 20 -82.55 70.75 -9.57
C ILE O 20 -81.05 70.48 -9.49
N SER O 21 -80.26 71.22 -10.27
CA SER O 21 -78.84 70.94 -10.39
C SER O 21 -78.05 71.56 -9.24
N CYS O 22 -76.81 71.09 -9.08
CA CYS O 22 -75.79 71.82 -8.34
C CYS O 22 -74.45 71.37 -8.91
N LYS O 23 -73.90 72.13 -9.86
CA LYS O 23 -72.55 71.90 -10.35
C LYS O 23 -71.59 72.53 -9.33
N ALA O 24 -70.49 71.84 -9.03
CA ALA O 24 -69.62 72.24 -7.95
C ALA O 24 -68.53 73.18 -8.45
N SER O 25 -68.63 74.45 -8.09
CA SER O 25 -67.63 75.43 -8.45
C SER O 25 -66.96 75.96 -7.20
N GLY O 26 -65.71 76.36 -7.35
CA GLY O 26 -64.85 76.71 -6.24
C GLY O 26 -63.91 75.60 -5.79
N TYR O 27 -64.38 74.37 -5.64
CA TYR O 27 -63.52 73.30 -5.15
C TYR O 27 -63.68 72.04 -6.00
N THR O 28 -62.93 71.01 -5.63
CA THR O 28 -62.73 69.83 -6.47
C THR O 28 -63.72 68.76 -6.06
N PHE O 29 -64.90 68.79 -6.67
CA PHE O 29 -65.93 67.78 -6.43
C PHE O 29 -65.70 66.58 -7.34
N THR O 30 -64.71 66.67 -8.23
CA THR O 30 -64.32 65.52 -9.04
C THR O 30 -63.53 64.49 -8.25
N GLU O 31 -63.09 64.85 -7.04
CA GLU O 31 -62.71 63.89 -6.02
C GLU O 31 -63.44 64.15 -4.72
N TYR O 32 -64.49 64.97 -4.74
CA TYR O 32 -65.18 65.41 -3.53
C TYR O 32 -66.56 64.78 -3.41
N PRO O 33 -66.77 63.94 -2.40
CA PRO O 33 -68.12 63.47 -2.07
C PRO O 33 -68.82 64.52 -1.21
N MET O 34 -69.71 65.28 -1.86
CA MET O 34 -70.23 66.51 -1.32
C MET O 34 -71.73 66.41 -1.21
N LEU O 35 -72.29 67.07 -0.20
CA LEU O 35 -73.71 66.94 0.11
C LEU O 35 -74.57 67.63 -0.93
N TRP O 36 -75.54 66.90 -1.46
CA TRP O 36 -76.62 67.48 -2.24
C TRP O 36 -77.91 67.07 -1.58
N VAL O 37 -78.31 67.81 -0.55
CA VAL O 37 -79.32 67.35 0.39
C VAL O 37 -80.56 68.22 0.24
N LYS O 38 -81.63 67.79 0.89
CA LYS O 38 -82.91 68.49 0.88
C LYS O 38 -82.91 69.59 1.94
N GLN O 39 -84.08 70.15 2.21
CA GLN O 39 -84.21 71.14 3.27
C GLN O 39 -85.63 71.08 3.85
N ALA O 40 -85.78 70.40 5.00
CA ALA O 40 -86.98 70.55 5.81
C ALA O 40 -87.02 71.98 6.36
N PRO O 41 -87.99 72.81 5.91
CA PRO O 41 -87.87 74.28 6.03
C PRO O 41 -87.95 74.85 7.44
N GLY O 42 -88.60 74.13 8.35
CA GLY O 42 -88.70 74.53 9.73
C GLY O 42 -87.39 74.38 10.50
N LYS O 43 -86.66 73.29 10.27
CA LYS O 43 -85.44 73.03 11.03
C LYS O 43 -84.17 73.47 10.31
N GLY O 44 -84.22 73.58 9.00
CA GLY O 44 -83.03 73.93 8.24
C GLY O 44 -82.73 72.95 7.12
N PHE O 45 -81.57 72.29 7.24
CA PHE O 45 -81.07 71.40 6.21
C PHE O 45 -81.79 70.07 6.24
N ARG O 46 -81.57 69.25 5.21
CA ARG O 46 -82.17 67.93 5.12
C ARG O 46 -81.12 66.94 4.61
N TRP O 47 -80.92 65.85 5.35
CA TRP O 47 -79.95 64.84 4.95
C TRP O 47 -80.49 64.02 3.80
N MET O 48 -80.14 64.42 2.58
CA MET O 48 -80.67 63.77 1.39
C MET O 48 -79.61 63.04 0.60
N GLY O 49 -78.36 63.15 0.99
CA GLY O 49 -77.31 62.35 0.41
C GLY O 49 -76.11 63.19 0.05
N LEU O 50 -75.01 62.50 -0.20
CA LEU O 50 -73.80 63.12 -0.71
C LEU O 50 -73.53 62.50 -2.06
N ILE O 51 -72.63 63.13 -2.82
CA ILE O 51 -72.28 62.68 -4.16
C ILE O 51 -70.79 62.41 -4.17
N TYR O 52 -70.42 61.16 -4.44
CA TYR O 52 -69.03 60.72 -4.46
C TYR O 52 -68.25 61.38 -5.58
N THR O 53 -66.94 61.54 -5.39
CA THR O 53 -66.20 62.45 -6.25
C THR O 53 -65.84 61.87 -7.61
N ASN O 54 -65.31 60.65 -7.63
CA ASN O 54 -64.80 60.06 -8.86
C ASN O 54 -65.90 59.50 -9.74
N THR O 55 -66.74 58.64 -9.16
CA THR O 55 -67.77 57.92 -9.93
C THR O 55 -68.97 58.80 -10.30
N GLY O 56 -69.41 59.69 -9.39
CA GLY O 56 -70.53 60.59 -9.64
C GLY O 56 -71.87 60.16 -9.10
N GLU O 57 -71.95 58.98 -8.49
CA GLU O 57 -73.18 58.51 -7.88
C GLU O 57 -73.31 59.10 -6.47
N PRO O 58 -74.53 59.33 -5.98
CA PRO O 58 -74.66 59.69 -4.57
C PRO O 58 -74.71 58.48 -3.65
N THR O 59 -74.71 58.78 -2.36
CA THR O 59 -75.37 58.03 -1.32
C THR O 59 -76.58 58.86 -0.92
N TYR O 60 -77.70 58.19 -0.68
CA TYR O 60 -78.97 58.86 -0.48
C TYR O 60 -79.35 58.80 0.98
N ALA O 61 -79.95 59.89 1.46
CA ALA O 61 -80.38 59.97 2.85
C ALA O 61 -81.58 59.06 3.10
N GLU O 62 -81.83 58.77 4.38
CA GLU O 62 -82.93 57.89 4.75
C GLU O 62 -84.26 58.57 4.53
N GLU O 63 -84.40 59.81 4.99
CA GLU O 63 -85.57 60.61 4.63
C GLU O 63 -85.52 61.08 3.19
N PHE O 64 -84.34 61.06 2.55
CA PHE O 64 -84.21 61.37 1.13
C PHE O 64 -84.46 60.17 0.23
N LYS O 65 -84.56 58.96 0.77
CA LYS O 65 -85.09 57.83 0.02
C LYS O 65 -86.57 58.11 -0.24
N GLY O 66 -86.90 58.40 -1.50
CA GLY O 66 -88.08 59.19 -1.79
C GLY O 66 -87.81 60.27 -2.82
N ARG O 67 -87.86 61.54 -2.40
CA ARG O 67 -87.82 62.66 -3.33
C ARG O 67 -86.49 62.84 -4.05
N PHE O 68 -85.42 63.10 -3.32
CA PHE O 68 -84.12 63.45 -3.91
C PHE O 68 -83.46 62.23 -4.54
N VAL O 69 -82.84 62.44 -5.69
CA VAL O 69 -82.18 61.39 -6.46
C VAL O 69 -80.83 61.95 -6.88
N PHE O 70 -79.90 61.08 -7.25
CA PHE O 70 -78.53 61.49 -7.54
C PHE O 70 -78.22 61.50 -9.03
N SER O 71 -77.53 62.56 -9.48
CA SER O 71 -76.91 62.57 -10.81
C SER O 71 -75.63 63.38 -10.71
N LEU O 72 -74.76 63.23 -11.71
CA LEU O 72 -73.42 63.78 -11.60
C LEU O 72 -73.06 64.59 -12.83
N GLU O 73 -73.28 65.90 -12.75
CA GLU O 73 -72.81 66.87 -13.74
C GLU O 73 -71.36 67.19 -13.38
N ILE O 74 -70.48 66.25 -13.73
CA ILE O 74 -69.12 66.16 -13.19
C ILE O 74 -68.11 66.93 -14.04
N SER O 75 -68.59 67.84 -14.89
CA SER O 75 -67.68 68.64 -15.70
C SER O 75 -66.91 69.69 -14.89
N ALA O 76 -67.38 69.99 -13.68
CA ALA O 76 -66.56 70.66 -12.66
C ALA O 76 -66.56 69.84 -11.38
N SER O 77 -66.92 68.57 -11.47
CA SER O 77 -67.21 67.76 -10.30
C SER O 77 -68.46 68.25 -9.58
N THR O 78 -69.60 68.15 -10.27
CA THR O 78 -70.88 68.54 -9.70
C THR O 78 -71.93 67.48 -9.93
N ALA O 79 -73.16 67.75 -9.49
CA ALA O 79 -74.26 66.81 -9.57
C ALA O 79 -75.61 67.51 -9.79
N TYR O 80 -76.66 66.76 -9.54
CA TYR O 80 -78.02 67.29 -9.62
C TYR O 80 -78.93 66.37 -8.80
N LEU O 81 -79.83 67.00 -8.05
CA LEU O 81 -80.79 66.30 -7.22
C LEU O 81 -82.05 66.12 -8.04
N GLN O 82 -82.35 64.88 -8.40
CA GLN O 82 -83.57 64.53 -9.11
C GLN O 82 -84.70 64.55 -8.10
N ILE O 83 -85.93 64.74 -8.59
CA ILE O 83 -87.11 64.83 -7.75
C ILE O 83 -88.14 63.89 -8.36
N ASN O 84 -88.47 62.84 -7.62
CA ASN O 84 -89.51 61.89 -7.99
C ASN O 84 -90.47 61.73 -6.82
N ASN O 85 -91.74 61.51 -7.14
CA ASN O 85 -92.83 61.55 -6.17
C ASN O 85 -93.00 62.95 -5.59
N LEU O 86 -93.32 63.89 -6.50
CA LEU O 86 -93.47 65.30 -6.15
C LEU O 86 -94.67 65.51 -5.23
N THR O 87 -94.39 66.00 -4.02
CA THR O 87 -95.24 65.73 -2.87
C THR O 87 -96.29 66.81 -2.69
N ASN O 88 -97.17 66.55 -1.72
CA ASN O 88 -97.97 67.62 -1.14
C ASN O 88 -97.23 68.28 0.00
N GLU O 89 -96.32 67.55 0.64
CA GLU O 89 -95.49 68.05 1.73
C GLU O 89 -94.04 68.24 1.33
N ASP O 90 -93.76 68.19 0.04
CA ASP O 90 -92.40 68.31 -0.46
C ASP O 90 -91.94 69.74 -0.72
N THR O 91 -92.74 70.74 -0.37
CA THR O 91 -92.36 72.14 -0.61
C THR O 91 -91.35 72.59 0.44
N ALA O 92 -90.09 72.76 0.01
CA ALA O 92 -89.02 73.03 0.98
C ALA O 92 -87.66 73.24 0.30
N THR O 93 -86.65 73.60 1.09
CA THR O 93 -85.37 74.11 0.57
C THR O 93 -84.52 72.98 0.03
N TYR O 94 -83.32 73.33 -0.47
CA TYR O 94 -82.35 72.34 -0.89
C TYR O 94 -80.97 72.98 -0.95
N PHE O 95 -79.92 72.18 -0.70
CA PHE O 95 -78.58 72.71 -0.54
C PHE O 95 -77.54 71.77 -1.14
N CYS O 96 -76.35 72.32 -1.38
CA CYS O 96 -75.13 71.61 -1.72
C CYS O 96 -73.99 72.01 -0.78
N VAL O 97 -72.93 71.22 -0.80
CA VAL O 97 -71.73 71.48 0.00
C VAL O 97 -70.63 70.53 -0.45
N ARG O 98 -69.38 70.95 -0.26
CA ARG O 98 -68.22 70.13 -0.56
C ARG O 98 -67.00 70.58 0.26
N ASP O 99 -66.40 69.64 0.99
CA ASP O 99 -65.10 69.88 1.63
C ASP O 99 -64.45 68.54 2.00
N TYR O 100 -63.46 68.61 2.90
CA TYR O 100 -62.74 67.45 3.42
C TYR O 100 -63.02 67.39 4.91
N PHE O 101 -62.40 66.42 5.62
CA PHE O 101 -62.58 66.29 7.07
C PHE O 101 -64.01 65.95 7.48
N ILE O 102 -64.37 64.67 7.42
CA ILE O 102 -65.62 64.07 6.88
C ILE O 102 -66.96 64.81 6.92
N SER O 103 -67.11 65.79 7.80
CA SER O 103 -68.09 66.85 7.57
C SER O 103 -67.82 67.57 6.23
N LEU O 104 -68.89 68.02 5.58
CA LEU O 104 -68.80 68.86 4.40
C LEU O 104 -68.23 70.19 4.84
N ASP O 105 -67.19 70.64 4.17
CA ASP O 105 -66.40 71.78 4.61
C ASP O 105 -66.90 73.12 4.11
N TYR O 106 -67.71 73.13 3.06
CA TYR O 106 -68.32 74.34 2.55
C TYR O 106 -69.76 74.03 2.18
N TRP O 107 -70.66 74.99 2.41
CA TRP O 107 -72.09 74.79 2.18
C TRP O 107 -72.59 75.72 1.09
N GLY O 108 -72.84 75.15 -0.08
CA GLY O 108 -73.25 75.91 -1.24
C GLY O 108 -74.73 76.30 -1.21
N GLN O 109 -75.27 76.56 -2.39
CA GLN O 109 -76.59 77.17 -2.42
C GLN O 109 -77.75 76.18 -2.36
N GLY O 110 -77.97 75.41 -3.41
CA GLY O 110 -79.25 74.76 -3.58
C GLY O 110 -80.35 75.77 -3.91
N THR O 111 -81.59 75.31 -3.79
CA THR O 111 -82.75 76.14 -4.15
C THR O 111 -84.01 75.53 -3.54
N THR O 112 -85.10 76.27 -3.57
CA THR O 112 -86.35 75.85 -2.94
C THR O 112 -87.17 75.00 -3.90
N LEU O 113 -88.10 74.24 -3.35
CA LEU O 113 -88.95 73.36 -4.14
C LEU O 113 -90.42 73.68 -3.87
N THR O 114 -91.14 74.01 -4.96
CA THR O 114 -92.57 74.32 -4.95
C THR O 114 -93.29 73.17 -5.66
N VAL O 115 -93.60 72.13 -4.88
CA VAL O 115 -94.37 71.00 -5.39
C VAL O 115 -95.84 71.28 -5.13
N SER O 116 -96.47 71.99 -6.07
CA SER O 116 -97.86 72.40 -5.88
C SER O 116 -98.45 72.94 -7.19
N SER O 117 -99.78 72.94 -7.28
CA SER O 117 -100.45 73.45 -8.46
C SER O 117 -100.53 74.97 -8.41
N ALA O 118 -100.88 75.56 -9.54
CA ALA O 118 -100.82 77.01 -9.73
C ALA O 118 -101.64 77.41 -10.95
N LYS O 119 -101.51 78.67 -11.36
CA LYS O 119 -102.17 79.12 -12.57
C LYS O 119 -101.22 78.96 -13.76
N THR O 120 -101.51 79.64 -14.86
CA THR O 120 -100.61 79.69 -16.01
C THR O 120 -100.29 81.15 -16.31
N THR O 121 -99.38 81.73 -15.53
CA THR O 121 -99.01 83.14 -15.69
C THR O 121 -97.87 83.48 -14.73
N ALA O 122 -97.24 84.63 -14.95
CA ALA O 122 -96.18 85.07 -14.06
C ALA O 122 -96.52 86.47 -13.54
N PRO O 123 -95.68 87.03 -12.68
CA PRO O 123 -95.91 88.40 -12.22
C PRO O 123 -95.56 89.41 -13.30
N SER O 124 -96.24 90.55 -13.23
CA SER O 124 -96.25 91.57 -14.29
C SER O 124 -96.08 92.96 -13.66
N VAL O 125 -95.48 93.87 -14.40
CA VAL O 125 -94.86 95.08 -13.86
C VAL O 125 -95.92 96.14 -13.58
N TYR O 126 -96.03 96.56 -12.31
CA TYR O 126 -96.74 97.77 -11.93
C TYR O 126 -95.78 98.63 -11.12
N PRO O 127 -95.57 99.90 -11.50
CA PRO O 127 -94.50 100.68 -10.88
C PRO O 127 -94.99 101.51 -9.71
N LEU O 128 -94.16 101.60 -8.67
CA LEU O 128 -94.41 102.45 -7.52
C LEU O 128 -93.20 103.38 -7.47
N ALA O 129 -93.25 104.43 -8.25
CA ALA O 129 -92.25 105.44 -8.48
C ALA O 129 -92.68 106.75 -7.83
N PRO O 130 -91.82 107.78 -7.89
CA PRO O 130 -92.09 109.04 -7.18
C PRO O 130 -93.20 109.83 -7.85
N VAL O 131 -93.94 110.56 -7.00
CA VAL O 131 -95.27 111.05 -7.35
C VAL O 131 -95.20 112.26 -8.28
N CYS O 132 -96.38 112.69 -8.76
CA CYS O 132 -96.48 113.94 -9.51
C CYS O 132 -96.14 115.16 -8.66
N GLY O 133 -96.36 115.07 -7.34
CA GLY O 133 -95.77 115.99 -6.39
C GLY O 133 -94.70 115.28 -5.59
N GLY O 134 -93.53 115.91 -5.48
CA GLY O 134 -92.38 115.28 -4.85
C GLY O 134 -91.69 114.23 -5.68
N THR O 135 -91.29 113.13 -5.05
CA THR O 135 -90.50 112.08 -5.69
C THR O 135 -89.05 112.55 -5.87
N THR O 136 -88.65 113.42 -4.94
CA THR O 136 -87.36 114.09 -4.98
C THR O 136 -86.96 114.46 -3.55
N GLY O 137 -85.69 114.25 -3.25
CA GLY O 137 -85.08 114.69 -2.02
C GLY O 137 -83.59 114.83 -2.26
N SER O 138 -82.82 114.27 -1.34
CA SER O 138 -81.52 113.77 -1.74
C SER O 138 -81.68 112.64 -2.75
N SER O 139 -82.67 111.77 -2.53
CA SER O 139 -83.12 110.85 -3.57
C SER O 139 -84.64 110.72 -3.52
N VAL O 140 -85.22 110.06 -4.50
CA VAL O 140 -86.66 109.87 -4.56
C VAL O 140 -86.94 108.45 -4.15
N THR O 141 -88.22 108.12 -4.02
CA THR O 141 -88.66 106.75 -3.78
C THR O 141 -88.94 106.11 -5.13
N LEU O 142 -88.45 104.89 -5.32
CA LEU O 142 -88.76 104.11 -6.51
C LEU O 142 -89.08 102.68 -6.11
N GLY O 143 -89.67 101.94 -7.04
CA GLY O 143 -89.84 100.52 -6.84
C GLY O 143 -90.84 99.95 -7.82
N CYS O 144 -91.10 98.66 -7.66
CA CYS O 144 -92.01 97.99 -8.58
C CYS O 144 -92.66 96.81 -7.88
N LEU O 145 -93.66 96.22 -8.53
CA LEU O 145 -94.21 94.93 -8.15
C LEU O 145 -94.62 94.19 -9.42
N VAL O 146 -93.92 93.11 -9.74
CA VAL O 146 -94.39 92.11 -10.68
C VAL O 146 -95.41 91.27 -9.90
N LYS O 147 -96.67 91.65 -10.01
CA LYS O 147 -97.73 91.01 -9.25
C LYS O 147 -98.33 89.89 -10.09
N GLY O 148 -98.70 88.78 -9.42
CA GLY O 148 -99.46 87.73 -10.09
C GLY O 148 -98.64 86.56 -10.57
N TYR O 149 -97.59 86.19 -9.84
CA TYR O 149 -96.80 85.01 -10.16
C TYR O 149 -97.56 83.75 -9.76
N PHE O 150 -98.28 83.19 -10.71
CA PHE O 150 -99.11 82.05 -10.42
C PHE O 150 -99.14 81.22 -11.68
N PRO O 151 -98.28 80.19 -11.81
CA PRO O 151 -97.20 79.69 -10.94
C PRO O 151 -95.95 80.58 -10.90
N GLU O 152 -95.53 80.93 -9.69
CA GLU O 152 -94.50 81.94 -9.47
C GLU O 152 -93.10 81.37 -9.71
N PRO O 153 -92.06 82.15 -9.40
CA PRO O 153 -91.96 83.53 -8.91
C PRO O 153 -91.27 84.45 -9.90
N VAL O 154 -91.33 85.76 -9.65
CA VAL O 154 -90.55 86.74 -10.39
C VAL O 154 -89.52 87.32 -9.44
N THR O 155 -88.27 87.42 -9.91
CA THR O 155 -87.20 88.03 -9.14
C THR O 155 -86.99 89.47 -9.58
N LEU O 156 -86.98 90.40 -8.62
CA LEU O 156 -87.04 91.82 -8.94
C LEU O 156 -85.90 92.59 -8.29
N THR O 157 -84.97 93.03 -9.13
CA THR O 157 -83.85 93.88 -8.73
C THR O 157 -84.06 95.26 -9.33
N TRP O 158 -83.23 96.21 -8.94
CA TRP O 158 -83.45 97.62 -9.22
C TRP O 158 -82.35 98.15 -10.11
N ASN O 159 -82.70 98.54 -11.33
CA ASN O 159 -81.75 98.89 -12.37
C ASN O 159 -81.32 97.70 -13.24
N SER O 160 -81.95 96.54 -12.99
CA SER O 160 -82.14 95.42 -13.94
C SER O 160 -80.87 94.84 -14.55
N GLY O 161 -79.73 94.99 -13.86
CA GLY O 161 -78.43 94.66 -14.39
C GLY O 161 -77.49 95.84 -14.53
N SER O 162 -78.01 97.01 -14.92
CA SER O 162 -77.21 98.22 -14.91
C SER O 162 -77.08 98.81 -13.51
N LEU O 163 -77.90 98.35 -12.58
CA LEU O 163 -77.84 98.70 -11.17
C LEU O 163 -78.16 97.43 -10.39
N SER O 164 -77.38 97.17 -9.34
CA SER O 164 -77.64 96.09 -8.40
C SER O 164 -77.80 96.57 -6.97
N SER O 165 -76.95 97.46 -6.49
CA SER O 165 -77.16 98.05 -5.18
C SER O 165 -78.23 99.13 -5.26
N GLY O 166 -78.89 99.39 -4.12
CA GLY O 166 -79.86 100.47 -4.05
C GLY O 166 -81.28 100.05 -4.34
N VAL O 167 -81.47 98.92 -5.00
CA VAL O 167 -82.78 98.30 -5.15
C VAL O 167 -82.93 97.32 -4.01
N HIS O 168 -83.88 97.59 -3.11
CA HIS O 168 -84.22 96.71 -2.01
C HIS O 168 -85.40 95.88 -2.50
N THR O 169 -85.09 94.77 -3.17
CA THR O 169 -86.07 93.89 -3.79
C THR O 169 -86.55 92.88 -2.76
N PHE O 170 -87.86 92.91 -2.44
CA PHE O 170 -88.50 92.09 -1.43
C PHE O 170 -88.91 90.76 -2.04
N PRO O 171 -89.34 89.80 -1.24
CA PRO O 171 -89.66 88.47 -1.78
C PRO O 171 -91.05 88.44 -2.43
N ALA O 172 -91.25 87.42 -3.26
CA ALA O 172 -92.58 87.15 -3.81
C ALA O 172 -93.50 86.69 -2.69
N LEU O 173 -94.69 87.27 -2.64
CA LEU O 173 -95.64 87.01 -1.56
C LEU O 173 -96.80 86.20 -2.11
N LEU O 174 -97.48 85.47 -1.23
CA LEU O 174 -98.57 84.60 -1.65
C LEU O 174 -99.91 85.25 -1.30
N GLN O 175 -100.51 85.90 -2.28
CA GLN O 175 -101.75 86.64 -2.06
C GLN O 175 -102.59 86.59 -3.31
N SER O 176 -103.89 86.33 -3.13
CA SER O 176 -104.87 86.37 -4.22
C SER O 176 -104.69 85.24 -5.23
N GLY O 177 -104.06 84.16 -4.79
CA GLY O 177 -103.66 83.12 -5.71
C GLY O 177 -102.52 83.51 -6.61
N LEU O 178 -101.63 84.40 -6.17
CA LEU O 178 -100.45 84.74 -6.95
C LEU O 178 -99.24 84.92 -6.04
N TYR O 179 -98.07 84.96 -6.66
CA TYR O 179 -96.86 85.47 -6.05
C TYR O 179 -96.66 86.91 -6.50
N THR O 180 -96.29 87.77 -5.57
CA THR O 180 -96.04 89.18 -5.85
C THR O 180 -94.56 89.44 -5.61
N LEU O 181 -93.79 89.54 -6.70
CA LEU O 181 -92.35 89.73 -6.60
C LEU O 181 -91.99 91.12 -7.10
N SER O 182 -91.34 91.89 -6.23
CA SER O 182 -91.18 93.32 -6.45
C SER O 182 -90.18 93.85 -5.43
N SER O 183 -90.11 95.18 -5.32
CA SER O 183 -89.35 95.77 -4.22
C SER O 183 -89.54 97.27 -4.16
N SER O 184 -88.82 97.89 -3.22
CA SER O 184 -88.67 99.33 -3.14
C SER O 184 -87.21 99.69 -3.43
N VAL O 185 -86.90 100.97 -3.37
CA VAL O 185 -85.53 101.45 -3.52
C VAL O 185 -85.48 102.94 -3.23
N THR O 186 -84.41 103.38 -2.59
CA THR O 186 -84.08 104.80 -2.53
C THR O 186 -83.50 105.17 -3.89
N VAL O 187 -84.38 105.50 -4.84
CA VAL O 187 -84.01 105.70 -6.23
C VAL O 187 -83.47 107.12 -6.37
N THR O 188 -82.89 107.41 -7.54
CA THR O 188 -82.11 108.62 -7.71
C THR O 188 -82.98 109.88 -7.75
N SER O 189 -82.56 110.88 -6.99
CA SER O 189 -83.04 112.26 -7.11
C SER O 189 -81.98 113.18 -7.69
N ASN O 190 -80.71 112.87 -7.50
CA ASN O 190 -79.64 113.50 -8.27
C ASN O 190 -79.33 112.71 -9.52
N THR O 191 -79.94 111.52 -9.66
CA THR O 191 -79.97 110.83 -10.95
C THR O 191 -81.27 111.14 -11.68
N TRP O 192 -82.41 110.96 -11.00
CA TRP O 192 -83.73 111.17 -11.54
C TRP O 192 -84.04 112.66 -11.54
N PRO O 193 -85.13 113.09 -12.20
CA PRO O 193 -86.15 112.40 -13.01
C PRO O 193 -85.72 112.25 -14.46
N SER O 194 -84.45 112.54 -14.74
CA SER O 194 -83.91 112.29 -16.07
C SER O 194 -83.44 110.83 -16.20
N GLN O 195 -82.53 110.41 -15.33
CA GLN O 195 -81.93 109.09 -15.43
C GLN O 195 -82.36 108.20 -14.27
N THR O 196 -82.89 107.02 -14.60
CA THR O 196 -83.38 106.13 -13.58
C THR O 196 -82.75 104.75 -13.72
N ILE O 197 -83.02 103.88 -12.76
CA ILE O 197 -82.62 102.49 -12.84
C ILE O 197 -83.82 101.72 -13.36
N THR O 198 -83.61 100.91 -14.40
CA THR O 198 -84.67 100.10 -15.00
C THR O 198 -84.88 98.83 -14.19
N CYS O 199 -85.71 98.92 -13.15
CA CYS O 199 -85.93 97.83 -12.19
C CYS O 199 -86.70 96.70 -12.83
N ASN O 200 -86.17 95.49 -12.74
CA ASN O 200 -86.66 94.37 -13.53
C ASN O 200 -87.09 93.22 -12.62
N VAL O 201 -88.16 92.55 -13.03
CA VAL O 201 -88.65 91.32 -12.41
C VAL O 201 -88.74 90.27 -13.51
N ALA O 202 -88.07 89.15 -13.31
CA ALA O 202 -87.89 88.11 -14.32
C ALA O 202 -88.31 86.76 -13.75
N HIS O 203 -89.18 86.05 -14.46
CA HIS O 203 -89.71 84.75 -14.06
C HIS O 203 -90.29 84.04 -15.27
N PRO O 204 -89.51 83.18 -15.94
CA PRO O 204 -90.02 82.55 -17.17
C PRO O 204 -90.80 81.29 -16.94
N ALA O 205 -90.95 80.86 -15.68
CA ALA O 205 -91.87 79.76 -15.37
C ALA O 205 -93.32 80.19 -15.52
N SER O 206 -93.59 81.49 -15.42
CA SER O 206 -94.84 82.07 -15.85
C SER O 206 -94.71 83.03 -17.02
N SER O 207 -93.51 83.25 -17.55
CA SER O 207 -93.31 84.07 -18.74
C SER O 207 -93.52 85.56 -18.48
N THR O 208 -92.93 86.05 -17.38
CA THR O 208 -92.97 87.47 -17.05
C THR O 208 -91.54 88.03 -17.09
N LYS O 209 -91.38 89.19 -17.72
CA LYS O 209 -90.10 89.87 -17.77
C LYS O 209 -90.38 91.35 -17.95
N VAL O 210 -90.38 92.10 -16.85
CA VAL O 210 -90.80 93.49 -16.87
C VAL O 210 -89.74 94.34 -16.20
N ASP O 211 -89.14 95.25 -16.97
CA ASP O 211 -88.22 96.26 -16.47
C ASP O 211 -88.90 97.62 -16.64
N LYS O 212 -88.88 98.41 -15.58
CA LYS O 212 -89.45 99.77 -15.59
C LYS O 212 -88.32 100.76 -15.35
N LYS O 213 -88.19 101.72 -16.25
CA LYS O 213 -87.10 102.70 -16.20
C LYS O 213 -87.41 103.82 -15.22
N ILE O 214 -86.69 104.93 -15.35
CA ILE O 214 -87.06 106.14 -14.63
C ILE O 214 -88.32 106.66 -15.31
N GLU O 215 -89.48 106.27 -14.79
CA GLU O 215 -90.77 106.59 -15.36
C GLU O 215 -91.46 107.67 -14.53
N SER O 216 -92.18 108.55 -15.23
CA SER O 216 -92.81 109.70 -14.57
C SER O 216 -94.04 109.25 -13.78
N ARG O 217 -94.22 109.84 -12.60
CA ARG O 217 -95.42 109.60 -11.81
C ARG O 217 -96.58 110.47 -12.28
N ARG O 218 -96.30 111.56 -12.98
CA ARG O 218 -97.32 112.43 -13.55
C ARG O 218 -96.70 113.46 -14.50
N GLN P 1 -82.11 58.44 15.65
CA GLN P 1 -80.82 58.08 16.21
C GLN P 1 -80.39 59.02 17.34
N ALA P 2 -79.62 60.04 16.98
CA ALA P 2 -79.00 60.93 17.96
C ALA P 2 -79.79 62.23 18.10
N VAL P 3 -79.30 63.09 18.98
CA VAL P 3 -79.79 64.46 19.13
C VAL P 3 -78.60 65.32 19.50
N VAL P 4 -78.68 66.61 19.18
CA VAL P 4 -77.79 67.61 19.76
C VAL P 4 -78.51 68.19 20.99
N THR P 5 -78.35 67.54 22.14
CA THR P 5 -79.04 67.94 23.35
C THR P 5 -78.27 69.09 23.96
N GLN P 6 -78.49 70.28 23.45
CA GLN P 6 -77.75 71.43 23.93
C GLN P 6 -78.47 72.71 23.59
N GLU P 7 -77.65 73.75 23.41
CA GLU P 7 -78.17 74.98 22.84
C GLU P 7 -78.56 74.75 21.39
N SER P 8 -79.87 74.79 21.14
CA SER P 8 -80.42 75.05 19.83
C SER P 8 -80.48 76.55 19.57
N ALA P 9 -80.14 77.35 20.57
CA ALA P 9 -79.83 78.75 20.45
C ALA P 9 -78.45 78.98 21.06
N LEU P 10 -77.91 80.17 20.87
CA LEU P 10 -76.63 80.55 21.44
C LEU P 10 -76.79 81.94 22.02
N THR P 11 -75.85 82.32 22.88
CA THR P 11 -75.92 83.60 23.58
C THR P 11 -74.62 84.37 23.39
N THR P 12 -74.52 85.11 22.29
CA THR P 12 -73.34 85.89 21.99
C THR P 12 -73.69 87.37 22.11
N SER P 13 -72.70 88.15 22.55
CA SER P 13 -72.94 89.55 22.86
C SER P 13 -71.71 90.41 22.60
N PRO P 14 -71.86 91.73 22.65
CA PRO P 14 -70.74 92.63 22.32
C PRO P 14 -69.72 92.69 23.44
N GLY P 15 -68.46 92.50 23.06
CA GLY P 15 -67.39 92.20 23.98
C GLY P 15 -67.06 90.73 24.08
N GLU P 16 -67.90 89.85 23.53
CA GLU P 16 -67.74 88.41 23.65
C GLU P 16 -68.29 87.67 22.43
N THR P 17 -68.54 86.38 22.63
CA THR P 17 -69.22 85.52 21.67
C THR P 17 -69.78 84.33 22.44
N VAL P 18 -70.78 83.67 21.85
CA VAL P 18 -71.50 82.58 22.50
C VAL P 18 -70.99 81.25 21.98
N THR P 19 -70.54 80.41 22.90
CA THR P 19 -70.13 79.05 22.61
C THR P 19 -71.23 78.11 23.08
N LEU P 20 -72.03 77.61 22.15
CA LEU P 20 -73.05 76.62 22.43
C LEU P 20 -72.39 75.31 22.78
N THR P 21 -72.59 74.90 24.03
CA THR P 21 -72.21 73.59 24.50
C THR P 21 -73.33 72.64 24.15
N CYS P 22 -73.33 72.20 22.90
CA CYS P 22 -74.39 71.35 22.37
C CYS P 22 -74.13 69.97 22.92
N ARG P 23 -74.69 69.68 24.11
CA ARG P 23 -74.37 68.51 24.91
C ARG P 23 -74.79 67.23 24.19
N SER P 24 -74.19 66.12 24.59
CA SER P 24 -74.33 64.85 23.91
C SER P 24 -75.71 64.27 24.15
N ASN P 25 -76.51 64.25 23.09
CA ASN P 25 -77.59 63.29 22.98
C ASN P 25 -77.17 62.12 22.11
N ILE P 26 -76.00 62.22 21.49
CA ILE P 26 -75.42 61.12 20.74
C ILE P 26 -74.40 60.35 21.58
N GLY P 27 -73.58 61.04 22.35
CA GLY P 27 -72.61 60.37 23.21
C GLY P 27 -71.73 61.38 23.90
N ALA P 28 -70.44 61.11 23.88
CA ALA P 28 -69.48 62.15 24.16
C ALA P 28 -69.25 62.98 22.90
N VAL P 29 -68.63 64.13 23.08
CA VAL P 29 -68.21 64.95 21.94
C VAL P 29 -66.99 64.33 21.30
N THR P 30 -66.78 64.63 20.03
CA THR P 30 -65.59 64.16 19.33
C THR P 30 -65.44 64.87 18.00
N SER P 31 -64.22 64.80 17.46
CA SER P 31 -63.97 65.23 16.10
C SER P 31 -64.29 64.16 15.09
N SER P 32 -64.44 62.91 15.52
CA SER P 32 -64.80 61.81 14.64
C SER P 32 -66.28 61.79 14.33
N ASN P 33 -67.12 62.19 15.29
CA ASN P 33 -68.49 62.53 15.02
C ASN P 33 -68.62 63.89 14.31
N CYS P 34 -67.56 64.71 14.34
CA CYS P 34 -67.44 65.91 13.54
C CYS P 34 -68.43 66.98 13.96
N ALA P 35 -68.56 67.14 15.28
CA ALA P 35 -69.50 68.08 15.87
C ALA P 35 -69.03 69.49 15.59
N ASN P 36 -69.74 70.17 14.69
CA ASN P 36 -69.28 71.42 14.12
C ASN P 36 -70.30 72.53 14.35
N TRP P 37 -69.86 73.76 14.08
CA TRP P 37 -70.76 74.91 14.08
C TRP P 37 -70.73 75.54 12.70
N VAL P 38 -71.73 75.24 11.88
CA VAL P 38 -71.81 75.84 10.56
C VAL P 38 -72.68 77.07 10.65
N GLN P 39 -72.06 78.24 10.52
CA GLN P 39 -72.74 79.51 10.78
C GLN P 39 -73.61 79.89 9.59
N GLU P 40 -74.67 80.64 9.85
CA GLU P 40 -75.60 81.07 8.82
C GLU P 40 -76.20 82.42 9.23
N LYS P 41 -76.94 83.01 8.33
CA LYS P 41 -77.56 84.32 8.42
C LYS P 41 -78.88 84.33 7.66
N PRO P 42 -79.56 85.48 7.59
CA PRO P 42 -80.56 85.69 6.53
C PRO P 42 -79.92 85.52 5.16
N ASP P 43 -80.69 84.92 4.24
CA ASP P 43 -80.15 84.22 3.07
C ASP P 43 -79.79 82.76 3.37
N HIS P 44 -79.96 82.34 4.63
CA HIS P 44 -80.35 80.96 4.99
C HIS P 44 -79.32 79.86 4.71
N PHE P 45 -78.10 80.26 4.36
CA PHE P 45 -77.07 79.31 3.95
C PHE P 45 -76.14 79.07 5.14
N PHE P 46 -75.97 77.79 5.51
CA PHE P 46 -75.05 77.39 6.56
C PHE P 46 -73.63 77.34 5.99
N THR P 47 -72.69 77.97 6.69
CA THR P 47 -71.33 78.09 6.19
C THR P 47 -70.34 77.81 7.32
N GLY P 48 -69.20 77.25 6.94
CA GLY P 48 -68.28 76.61 7.88
C GLY P 48 -67.23 77.54 8.44
N LEU P 49 -67.17 77.59 9.78
CA LEU P 49 -66.19 78.38 10.50
C LEU P 49 -65.38 77.50 11.44
N ILE P 50 -65.99 76.44 11.96
CA ILE P 50 -65.35 75.49 12.86
C ILE P 50 -65.99 74.12 12.67
N GLY P 51 -65.17 73.15 12.28
CA GLY P 51 -65.69 71.86 11.86
C GLY P 51 -64.66 70.77 11.95
N ASP P 52 -65.15 69.54 12.11
CA ASP P 52 -64.31 68.34 12.19
C ASP P 52 -63.67 68.17 13.58
N THR P 53 -64.13 68.99 14.52
CA THR P 53 -63.67 68.97 15.91
C THR P 53 -62.31 69.61 16.18
N ASN P 54 -61.56 69.99 15.15
CA ASN P 54 -60.35 70.74 15.41
C ASN P 54 -60.07 71.80 14.35
N ASN P 55 -60.87 71.86 13.29
CA ASN P 55 -60.55 72.64 12.11
C ASN P 55 -61.23 73.99 12.24
N ARG P 56 -60.60 75.00 11.67
CA ARG P 56 -61.22 76.31 11.50
C ARG P 56 -61.90 76.34 10.14
N ARG P 57 -62.49 77.49 9.81
CA ARG P 57 -63.11 77.66 8.51
C ARG P 57 -62.46 78.80 7.73
N SER P 58 -62.61 78.75 6.42
CA SER P 58 -61.95 79.70 5.54
C SER P 58 -62.87 80.88 5.26
N GLY P 59 -62.29 82.08 5.28
CA GLY P 59 -63.08 83.30 5.29
C GLY P 59 -63.54 83.71 6.67
N VAL P 60 -63.19 82.94 7.69
CA VAL P 60 -63.64 83.18 9.06
C VAL P 60 -62.63 84.12 9.71
N PRO P 61 -63.08 85.10 10.48
CA PRO P 61 -62.19 85.82 11.40
C PRO P 61 -61.96 85.02 12.67
N ALA P 62 -61.52 85.70 13.73
CA ALA P 62 -61.34 85.05 15.03
C ALA P 62 -62.64 84.80 15.81
N ARG P 63 -63.81 84.85 15.14
CA ARG P 63 -65.10 84.76 15.78
C ARG P 63 -65.56 83.34 16.07
N PHE P 64 -64.77 82.31 15.82
CA PHE P 64 -65.28 80.93 15.87
C PHE P 64 -64.34 79.97 16.60
N SER P 65 -64.87 78.79 16.95
CA SER P 65 -64.11 77.69 17.54
C SER P 65 -64.90 76.39 17.45
N GLY P 66 -64.29 75.36 16.86
CA GLY P 66 -65.02 74.14 16.56
C GLY P 66 -64.43 72.88 17.17
N SER P 67 -65.20 72.19 18.01
CA SER P 67 -64.64 71.10 18.81
C SER P 67 -65.80 70.30 19.39
N LEU P 68 -65.48 69.47 20.39
CA LEU P 68 -66.45 68.98 21.36
C LEU P 68 -66.27 69.80 22.63
N ILE P 69 -67.37 70.35 23.15
CA ILE P 69 -67.35 71.32 24.26
C ILE P 69 -68.38 70.87 25.29
N GLY P 70 -68.05 71.08 26.56
CA GLY P 70 -68.93 70.65 27.64
C GLY P 70 -68.95 69.14 27.76
N ASP P 71 -70.06 68.55 27.33
CA ASP P 71 -70.18 67.12 27.11
C ASP P 71 -70.90 66.80 25.80
N LYS P 72 -70.57 67.51 24.72
CA LYS P 72 -71.17 67.29 23.42
C LYS P 72 -70.28 67.92 22.35
N ALA P 73 -70.88 68.18 21.20
CA ALA P 73 -70.27 69.07 20.23
C ALA P 73 -70.21 70.48 20.84
N ALA P 74 -69.15 71.21 20.52
CA ALA P 74 -68.95 72.56 21.04
C ALA P 74 -68.75 73.48 19.85
N LEU P 75 -69.68 74.42 19.70
CA LEU P 75 -69.69 75.34 18.57
C LEU P 75 -69.61 76.75 19.12
N THR P 76 -68.47 77.40 18.91
CA THR P 76 -68.25 78.74 19.42
C THR P 76 -68.41 79.73 18.28
N ILE P 77 -69.45 80.55 18.36
CA ILE P 77 -69.46 81.83 17.69
C ILE P 77 -68.83 82.77 18.71
N THR P 78 -67.49 82.76 18.77
CA THR P 78 -66.74 83.29 19.91
C THR P 78 -65.84 84.41 19.43
N GLY P 79 -66.32 85.65 19.58
CA GLY P 79 -65.81 86.77 18.83
C GLY P 79 -66.96 87.39 18.07
N ALA P 80 -68.12 87.38 18.71
CA ALA P 80 -69.33 87.94 18.13
C ALA P 80 -69.25 89.45 18.10
N GLN P 81 -69.46 89.98 16.90
CA GLN P 81 -69.58 91.39 16.59
C GLN P 81 -70.80 91.54 15.70
N THR P 82 -70.87 92.65 14.98
CA THR P 82 -71.80 92.75 13.85
C THR P 82 -71.45 91.79 12.71
N GLU P 83 -70.18 91.38 12.61
CA GLU P 83 -69.79 90.35 11.65
C GLU P 83 -69.45 89.02 12.31
N ASP P 84 -69.79 88.83 13.58
CA ASP P 84 -69.28 87.67 14.30
C ASP P 84 -70.36 86.77 14.87
N GLU P 85 -71.63 87.06 14.63
CA GLU P 85 -72.72 86.21 15.11
C GLU P 85 -73.34 85.45 13.93
N ALA P 86 -74.05 84.36 14.20
CA ALA P 86 -74.78 83.65 13.15
C ALA P 86 -75.61 82.55 13.79
N ILE P 87 -76.51 81.96 13.01
CA ILE P 87 -77.25 80.77 13.42
C ILE P 87 -76.56 79.56 12.81
N TYR P 88 -76.01 78.70 13.65
CA TYR P 88 -75.16 77.61 13.19
C TYR P 88 -75.94 76.31 13.26
N PHE P 89 -75.78 75.51 12.21
CA PHE P 89 -76.22 74.11 12.19
C PHE P 89 -75.20 73.27 12.94
N CYS P 90 -75.69 72.27 13.65
CA CYS P 90 -74.89 71.41 14.50
C CYS P 90 -74.35 70.27 13.67
N ALA P 91 -73.05 70.35 13.41
CA ALA P 91 -72.36 69.43 12.53
C ALA P 91 -72.24 68.09 13.22
N LEU P 92 -72.84 67.09 12.57
CA LEU P 92 -72.72 65.71 12.99
C LEU P 92 -72.36 64.91 11.76
N TRP P 93 -71.16 64.34 11.76
CA TRP P 93 -70.72 63.46 10.70
C TRP P 93 -69.78 62.40 11.25
N TYR P 94 -70.35 61.26 11.63
CA TYR P 94 -69.64 60.19 12.34
C TYR P 94 -69.05 59.27 11.28
N ASN P 95 -68.10 59.84 10.52
CA ASN P 95 -67.46 59.21 9.38
C ASN P 95 -68.41 59.05 8.20
N ASN P 96 -69.47 59.87 8.14
CA ASN P 96 -70.35 59.80 6.98
C ASN P 96 -70.47 61.13 6.24
N LEU P 97 -71.01 62.14 6.91
CA LEU P 97 -71.02 63.48 6.37
C LEU P 97 -71.69 64.40 7.38
N TRP P 98 -71.24 65.64 7.42
CA TRP P 98 -71.71 66.61 8.40
C TRP P 98 -73.07 67.13 8.01
N VAL P 99 -74.09 66.61 8.67
CA VAL P 99 -75.47 67.06 8.51
C VAL P 99 -75.85 67.80 9.77
N PHE P 100 -77.05 68.37 9.78
CA PHE P 100 -77.52 69.24 10.84
C PHE P 100 -77.94 68.44 12.07
N GLY P 101 -77.55 68.96 13.24
CA GLY P 101 -78.12 68.52 14.49
C GLY P 101 -79.11 69.54 15.05
N GLY P 102 -78.78 70.05 16.25
CA GLY P 102 -79.49 71.17 16.85
C GLY P 102 -79.09 72.53 16.36
N GLY P 103 -77.82 72.90 16.56
CA GLY P 103 -77.25 74.11 15.97
C GLY P 103 -77.58 75.35 16.78
N THR P 104 -76.52 76.06 17.17
CA THR P 104 -76.63 77.12 18.17
C THR P 104 -76.66 78.46 17.45
N LYS P 105 -77.62 79.30 17.82
CA LYS P 105 -77.76 80.62 17.20
C LYS P 105 -77.00 81.65 18.04
N LEU P 106 -75.70 81.76 17.82
CA LEU P 106 -74.85 82.64 18.62
C LEU P 106 -75.02 84.08 18.18
N THR P 107 -75.14 84.99 19.13
CA THR P 107 -75.41 86.40 18.86
C THR P 107 -74.10 87.17 18.71
N VAL P 108 -74.20 88.48 18.54
CA VAL P 108 -73.07 89.39 18.50
C VAL P 108 -73.59 90.80 18.73
N LEU P 109 -72.71 91.69 19.20
CA LEU P 109 -73.14 93.05 19.47
C LEU P 109 -73.17 93.86 18.18
N GLY P 110 -74.27 94.54 17.96
CA GLY P 110 -74.41 95.36 16.77
C GLY P 110 -75.88 95.55 16.42
N GLN P 111 -76.10 95.98 15.17
CA GLN P 111 -77.39 96.24 14.55
C GLN P 111 -78.20 97.28 15.33
N PRO P 112 -77.77 98.53 15.36
CA PRO P 112 -78.56 99.57 16.04
C PRO P 112 -79.80 99.95 15.25
N LYS P 113 -80.93 99.96 15.94
CA LYS P 113 -82.21 100.24 15.31
C LYS P 113 -82.45 101.72 15.00
N SER P 114 -82.86 102.00 13.77
CA SER P 114 -83.11 103.36 13.31
C SER P 114 -84.23 103.28 12.29
N SER P 115 -85.13 104.28 12.31
CA SER P 115 -86.51 104.26 11.84
C SER P 115 -86.64 103.86 10.37
N PRO P 116 -87.80 103.34 9.98
CA PRO P 116 -87.93 102.61 8.71
C PRO P 116 -87.86 103.55 7.51
N SER P 117 -86.97 103.18 6.58
CA SER P 117 -86.66 104.00 5.42
C SER P 117 -87.86 103.89 4.49
N VAL P 118 -88.78 104.85 4.63
CA VAL P 118 -90.06 104.80 3.96
C VAL P 118 -89.91 105.47 2.60
N THR P 119 -90.31 104.74 1.56
CA THR P 119 -90.35 105.24 0.20
C THR P 119 -91.82 105.36 -0.17
N LEU P 120 -92.23 106.54 -0.62
CA LEU P 120 -93.63 106.89 -0.74
C LEU P 120 -93.96 107.21 -2.19
N PHE P 121 -94.59 106.26 -2.86
CA PHE P 121 -95.07 106.56 -4.19
C PHE P 121 -96.54 106.15 -4.31
N PRO P 122 -97.24 106.66 -5.32
CA PRO P 122 -98.63 106.25 -5.50
C PRO P 122 -98.69 104.91 -6.19
N PRO P 123 -99.89 104.35 -6.33
CA PRO P 123 -100.02 103.13 -7.12
C PRO P 123 -100.00 103.44 -8.61
N SER P 124 -100.14 102.39 -9.42
CA SER P 124 -99.99 102.53 -10.86
C SER P 124 -101.23 103.19 -11.47
N SER P 125 -101.01 103.89 -12.58
CA SER P 125 -102.11 104.54 -13.27
C SER P 125 -102.92 103.53 -14.06
N GLU P 126 -102.24 102.54 -14.66
CA GLU P 126 -102.92 101.39 -15.24
C GLU P 126 -103.48 100.48 -14.16
N GLU P 127 -102.97 100.57 -12.93
CA GLU P 127 -103.69 100.02 -11.79
C GLU P 127 -104.97 100.80 -11.52
N LEU P 128 -104.92 102.13 -11.62
CA LEU P 128 -106.12 102.94 -11.44
C LEU P 128 -107.05 102.89 -12.64
N GLU P 129 -106.51 102.77 -13.85
CA GLU P 129 -107.30 102.55 -15.06
C GLU P 129 -107.66 101.07 -15.26
N THR P 130 -107.21 100.18 -14.39
CA THR P 130 -107.61 98.78 -14.41
C THR P 130 -108.44 98.38 -13.20
N ASN P 131 -109.01 99.33 -12.47
CA ASN P 131 -109.83 99.01 -11.32
C ASN P 131 -109.06 98.53 -10.10
N LYS P 132 -107.97 99.21 -9.73
CA LYS P 132 -107.27 98.91 -8.49
C LYS P 132 -106.54 100.14 -7.98
N ALA P 133 -105.92 100.01 -6.82
CA ALA P 133 -104.92 100.98 -6.35
C ALA P 133 -104.14 100.34 -5.21
N THR P 134 -102.81 100.38 -5.28
CA THR P 134 -101.96 99.85 -4.22
C THR P 134 -100.82 100.83 -3.98
N LEU P 135 -101.06 101.78 -3.09
CA LEU P 135 -100.17 102.93 -2.93
C LEU P 135 -99.02 102.54 -2.03
N VAL P 136 -97.79 102.69 -2.54
CA VAL P 136 -96.62 102.01 -1.98
C VAL P 136 -95.98 102.90 -0.94
N CYS P 137 -96.05 102.46 0.32
CA CYS P 137 -95.18 102.92 1.39
C CYS P 137 -94.29 101.75 1.73
N THR P 138 -93.02 101.85 1.38
CA THR P 138 -92.06 100.77 1.61
C THR P 138 -91.20 101.11 2.80
N ILE P 139 -90.94 100.14 3.66
CA ILE P 139 -90.13 100.35 4.85
C ILE P 139 -88.85 99.53 4.73
N THR P 140 -87.83 100.10 4.10
CA THR P 140 -86.58 99.41 3.84
C THR P 140 -85.45 100.08 4.61
N ASP P 141 -84.42 99.27 4.92
CA ASP P 141 -83.25 99.72 5.67
C ASP P 141 -83.61 100.05 7.12
N PHE P 142 -84.66 99.42 7.62
CA PHE P 142 -85.30 99.86 8.85
C PHE P 142 -84.69 99.13 10.03
N TYR P 143 -84.79 99.78 11.17
CA TYR P 143 -84.35 99.18 12.43
C TYR P 143 -85.26 99.73 13.52
N PRO P 144 -85.51 98.95 14.58
CA PRO P 144 -85.22 97.54 14.84
C PRO P 144 -86.28 96.70 14.18
N GLY P 145 -86.57 95.54 14.77
CA GLY P 145 -87.68 94.74 14.30
C GLY P 145 -89.04 95.30 14.68
N VAL P 146 -89.42 96.41 14.05
CA VAL P 146 -90.70 97.08 14.29
C VAL P 146 -91.16 97.67 12.96
N VAL P 147 -92.29 97.19 12.47
CA VAL P 147 -92.89 97.69 11.24
C VAL P 147 -94.28 98.20 11.58
N THR P 148 -94.55 99.44 11.17
CA THR P 148 -95.86 100.05 11.39
C THR P 148 -96.49 100.33 10.04
N VAL P 149 -97.68 99.78 9.83
CA VAL P 149 -98.47 100.00 8.62
C VAL P 149 -99.76 100.67 9.03
N ASP P 150 -100.02 101.84 8.47
CA ASP P 150 -101.26 102.58 8.69
C ASP P 150 -101.94 102.70 7.34
N TRP P 151 -102.69 101.67 6.97
CA TRP P 151 -103.36 101.63 5.68
C TRP P 151 -104.58 102.52 5.75
N LYS P 152 -104.38 103.80 5.45
CA LYS P 152 -105.41 104.83 5.58
C LYS P 152 -106.43 104.58 4.47
N VAL P 153 -107.42 103.74 4.77
CA VAL P 153 -108.39 103.29 3.78
C VAL P 153 -109.67 104.10 3.95
N ASP P 154 -109.98 104.93 2.93
CA ASP P 154 -111.01 105.96 3.02
C ASP P 154 -110.50 107.22 3.75
N GLY P 155 -109.17 107.35 3.80
CA GLY P 155 -108.53 108.42 4.52
C GLY P 155 -108.10 108.06 5.93
N THR P 156 -109.00 107.53 6.75
CA THR P 156 -108.68 107.04 8.08
C THR P 156 -108.21 105.60 7.94
N PRO P 157 -107.59 104.98 8.96
CA PRO P 157 -107.04 103.63 8.78
C PRO P 157 -108.09 102.54 8.64
N VAL P 158 -108.31 102.14 7.39
CA VAL P 158 -109.28 101.10 7.08
C VAL P 158 -108.61 100.00 6.26
N THR P 159 -108.89 98.76 6.65
CA THR P 159 -108.19 97.61 6.09
C THR P 159 -109.00 96.91 5.00
N GLN P 160 -109.68 97.69 4.17
CA GLN P 160 -110.50 97.13 3.10
C GLN P 160 -109.65 96.89 1.87
N GLY P 161 -108.91 95.78 1.85
CA GLY P 161 -108.24 95.28 0.68
C GLY P 161 -106.76 95.59 0.59
N MET P 162 -106.17 96.13 1.66
CA MET P 162 -104.78 96.57 1.65
C MET P 162 -103.80 95.40 1.67
N GLU P 163 -102.57 95.68 1.23
CA GLU P 163 -101.56 94.63 1.05
C GLU P 163 -100.23 95.11 1.60
N THR P 164 -99.51 94.20 2.24
CA THR P 164 -98.20 94.45 2.82
C THR P 164 -97.13 93.85 1.91
N THR P 165 -95.90 94.35 2.04
CA THR P 165 -94.75 93.71 1.44
C THR P 165 -94.17 92.66 2.39
N GLN P 166 -92.99 92.15 2.04
CA GLN P 166 -92.53 91.04 2.87
C GLN P 166 -91.31 91.44 3.70
N PRO P 167 -91.25 90.92 4.92
CA PRO P 167 -90.06 91.13 5.77
C PRO P 167 -88.90 90.25 5.31
N SER P 168 -87.72 90.86 5.19
CA SER P 168 -86.55 90.20 4.63
C SER P 168 -85.28 90.82 5.19
N LYS P 169 -84.20 90.03 5.20
CA LYS P 169 -82.86 90.51 5.53
C LYS P 169 -82.23 91.13 4.28
N GLN P 170 -82.39 92.44 4.11
CA GLN P 170 -82.11 93.15 2.87
C GLN P 170 -80.75 93.86 2.91
N SER P 171 -80.56 94.76 1.94
CA SER P 171 -79.28 95.47 1.79
C SER P 171 -79.12 96.59 2.81
N ASN P 172 -80.19 96.90 3.56
CA ASN P 172 -80.07 97.70 4.77
C ASN P 172 -79.55 96.90 5.95
N ASN P 173 -79.43 95.56 5.82
CA ASN P 173 -78.98 94.64 6.85
C ASN P 173 -80.05 94.31 7.89
N LYS P 174 -81.26 94.84 7.69
CA LYS P 174 -82.31 94.88 8.71
C LYS P 174 -83.67 94.68 8.07
N TYR P 175 -84.70 95.07 8.83
CA TYR P 175 -86.10 94.93 8.45
C TYR P 175 -86.44 95.87 7.29
N MET P 176 -87.32 95.38 6.43
CA MET P 176 -87.65 96.06 5.18
C MET P 176 -88.82 95.34 4.55
N ALA P 177 -89.58 96.07 3.74
CA ALA P 177 -90.75 95.52 3.07
C ALA P 177 -91.37 96.60 2.21
N SER P 178 -92.48 96.26 1.56
CA SER P 178 -93.33 97.23 0.87
C SER P 178 -94.65 97.34 1.61
N SER P 179 -95.56 98.17 1.10
CA SER P 179 -96.95 98.11 1.51
C SER P 179 -97.81 98.94 0.57
N TYR P 180 -98.66 98.28 -0.20
CA TYR P 180 -99.61 98.95 -1.08
C TYR P 180 -100.94 99.08 -0.34
N LEU P 181 -101.30 100.31 0.01
CA LEU P 181 -102.60 100.62 0.60
C LEU P 181 -103.60 100.37 -0.51
N THR P 182 -104.66 99.62 -0.19
CA THR P 182 -105.44 98.92 -1.21
C THR P 182 -106.81 99.55 -1.35
N LEU P 183 -107.05 100.16 -2.50
CA LEU P 183 -108.38 100.58 -2.95
C LEU P 183 -108.58 100.08 -4.37
N THR P 184 -109.82 100.13 -4.83
CA THR P 184 -110.19 99.78 -6.20
C THR P 184 -109.99 100.97 -7.13
N ALA P 185 -110.56 100.87 -8.33
CA ALA P 185 -110.61 102.02 -9.23
C ALA P 185 -111.69 102.98 -8.77
N ARG P 186 -112.88 102.45 -8.48
CA ARG P 186 -113.95 103.29 -7.95
C ARG P 186 -114.03 103.16 -6.43
N ALA P 187 -113.64 102.00 -5.89
CA ALA P 187 -113.62 101.81 -4.44
C ALA P 187 -112.50 102.62 -3.81
N TRP P 188 -111.39 102.76 -4.52
CA TRP P 188 -110.38 103.76 -4.19
C TRP P 188 -110.35 104.85 -5.26
N GLU P 189 -111.49 105.08 -5.90
CA GLU P 189 -111.57 106.13 -6.91
C GLU P 189 -112.54 107.23 -6.51
N ARG P 190 -113.61 106.90 -5.79
CA ARG P 190 -114.54 107.91 -5.30
C ARG P 190 -113.86 108.63 -4.15
N HIS P 191 -113.16 107.86 -3.32
CA HIS P 191 -112.20 108.43 -2.40
C HIS P 191 -110.80 108.30 -2.98
N SER P 192 -110.17 109.45 -3.20
CA SER P 192 -108.75 109.52 -3.50
C SER P 192 -107.90 109.76 -2.27
N SER P 193 -108.51 109.73 -1.08
CA SER P 193 -107.80 109.85 0.19
C SER P 193 -107.31 108.46 0.58
N TYR P 194 -106.11 108.12 0.14
CA TYR P 194 -105.41 106.91 0.51
C TYR P 194 -104.25 107.28 1.41
N SER P 195 -104.00 106.44 2.43
CA SER P 195 -102.96 106.74 3.39
C SER P 195 -102.06 105.52 3.55
N CYS P 196 -100.75 105.76 3.55
CA CYS P 196 -99.75 104.80 3.98
C CYS P 196 -99.00 105.43 5.15
N GLN P 197 -99.13 104.85 6.32
CA GLN P 197 -98.41 105.30 7.50
C GLN P 197 -97.26 104.33 7.77
N VAL P 198 -96.04 104.84 7.72
CA VAL P 198 -94.84 104.04 7.96
C VAL P 198 -94.40 104.28 9.40
N THR P 199 -94.20 103.20 10.13
CA THR P 199 -93.84 103.28 11.53
C THR P 199 -92.52 102.57 11.76
N HIS P 200 -91.55 103.29 12.34
CA HIS P 200 -90.29 102.74 12.76
C HIS P 200 -90.24 102.73 14.28
N GLU P 201 -90.07 101.53 14.85
CA GLU P 201 -89.71 101.30 16.26
C GLU P 201 -90.70 101.85 17.28
N GLY P 202 -91.99 101.71 17.02
CA GLY P 202 -92.98 102.23 17.94
C GLY P 202 -93.39 103.66 17.65
N HIS P 203 -92.73 104.28 16.67
CA HIS P 203 -93.12 105.62 16.22
C HIS P 203 -93.80 105.53 14.85
N THR P 204 -94.86 106.32 14.70
CA THR P 204 -95.63 106.33 13.46
C THR P 204 -95.29 107.58 12.66
N VAL P 205 -95.58 107.52 11.35
CA VAL P 205 -95.49 108.68 10.46
C VAL P 205 -96.49 108.46 9.34
N GLU P 206 -97.02 109.55 8.78
CA GLU P 206 -98.13 109.49 7.82
C GLU P 206 -97.68 109.90 6.43
N LYS P 207 -98.31 109.32 5.41
CA LYS P 207 -98.19 109.75 4.01
C LYS P 207 -99.58 109.62 3.39
N SER P 208 -100.06 110.72 2.80
CA SER P 208 -101.34 110.74 2.12
C SER P 208 -101.10 110.65 0.62
N LEU P 209 -102.18 110.50 -0.14
CA LEU P 209 -102.10 110.28 -1.59
C LEU P 209 -101.83 111.57 -2.36
N SER P 210 -101.37 111.40 -3.60
CA SER P 210 -101.30 112.48 -4.59
C SER P 210 -102.01 112.04 -5.86
N ARG P 211 -103.17 112.61 -6.13
CA ARG P 211 -103.91 112.33 -7.36
C ARG P 211 -104.94 111.23 -7.18
#